data_8DBM
#
_entry.id   8DBM
#
_cell.length_a   1.00
_cell.length_b   1.00
_cell.length_c   1.00
_cell.angle_alpha   90.00
_cell.angle_beta   90.00
_cell.angle_gamma   90.00
#
_symmetry.space_group_name_H-M   'P 1'
#
loop_
_entity.id
_entity.type
_entity.pdbx_description
1 polymer 'Ribose-phosphate pyrophosphokinase 1'
2 non-polymer 1-O-pyrophosphono-5-O-phosphono-alpha-D-ribofuranose
3 non-polymer 'PHOSPHATE ION'
4 non-polymer 'MAGNESIUM ION'
5 water water
#
_entity_poly.entity_id   1
_entity_poly.type   'polypeptide(L)'
_entity_poly.pdbx_seq_one_letter_code
;SPNIKIFSGSSHQDLSQKIADRLGLELGKVVTKKFSNQETCVEIGESVRGEDVYIVQSGCGEINDNLMELLIMINACKIA
SASRVTAVIPCFPYARQDKKDKSRAPISAKLVANMLSVAGADHIITMDLHASQIQGFFDIPVDNLYAEPAVLKWIRENIS
EWRNCTIVSPDAGGAKRVTSIADRLNVDFALIHKERKKANEVDRMVLVGDVKDRVAILVDDMADTCGTICHAADKLLSAG
ATRVYAILTHGIFSGPAISRINNACFEAVVVTNTIPQEDKMKHCSKIQVIDISMILAEAIRRTHNGESVSYLFSHVPL
;
_entity_poly.pdbx_strand_id   A,B,C,D,E,F,G,H,I,J,K,L
#
# COMPACT_ATOMS: atom_id res chain seq x y z
N PRO A 2 -3.81 -3.93 -5.78
CA PRO A 2 -4.67 -4.94 -6.41
C PRO A 2 -6.07 -4.42 -6.68
N ASN A 3 -6.54 -4.61 -7.90
CA ASN A 3 -7.87 -4.16 -8.30
C ASN A 3 -8.81 -5.36 -8.46
N ILE A 4 -10.10 -5.07 -8.38
CA ILE A 4 -11.12 -6.10 -8.53
C ILE A 4 -11.20 -6.50 -10.00
N LYS A 5 -11.16 -7.80 -10.26
CA LYS A 5 -11.47 -8.35 -11.56
C LYS A 5 -12.64 -9.31 -11.40
N ILE A 6 -13.70 -9.08 -12.15
CA ILE A 6 -14.90 -9.91 -12.08
C ILE A 6 -14.93 -10.75 -13.35
N PHE A 7 -14.95 -12.06 -13.19
CA PHE A 7 -15.05 -12.97 -14.32
C PHE A 7 -16.33 -13.77 -14.21
N SER A 8 -16.96 -14.00 -15.34
CA SER A 8 -18.21 -14.74 -15.41
C SER A 8 -17.96 -16.12 -15.99
N GLY A 9 -18.56 -17.13 -15.40
CA GLY A 9 -18.69 -18.40 -16.06
C GLY A 9 -19.85 -18.39 -17.02
N SER A 10 -20.10 -19.55 -17.62
CA SER A 10 -21.22 -19.66 -18.54
C SER A 10 -22.55 -19.85 -17.84
N SER A 11 -22.56 -20.22 -16.56
CA SER A 11 -23.81 -20.62 -15.91
C SER A 11 -24.79 -19.46 -15.79
N HIS A 12 -24.33 -18.33 -15.24
CA HIS A 12 -25.22 -17.21 -14.94
C HIS A 12 -24.55 -15.91 -15.39
N GLN A 13 -24.70 -15.58 -16.66
CA GLN A 13 -24.05 -14.39 -17.20
C GLN A 13 -24.80 -13.12 -16.81
N ASP A 14 -26.13 -13.20 -16.67
CA ASP A 14 -26.91 -12.04 -16.26
C ASP A 14 -26.54 -11.59 -14.85
N LEU A 15 -26.40 -12.56 -13.93
CA LEU A 15 -26.04 -12.21 -12.56
C LEU A 15 -24.66 -11.55 -12.52
N SER A 16 -23.71 -12.10 -13.28
CA SER A 16 -22.38 -11.53 -13.30
C SER A 16 -22.38 -10.12 -13.88
N GLN A 17 -23.15 -9.89 -14.94
CA GLN A 17 -23.23 -8.55 -15.50
C GLN A 17 -23.84 -7.58 -14.50
N LYS A 18 -24.88 -8.00 -13.79
CA LYS A 18 -25.46 -7.15 -12.76
C LYS A 18 -24.46 -6.81 -11.67
N ILE A 19 -23.73 -7.82 -11.20
CA ILE A 19 -22.73 -7.59 -10.15
C ILE A 19 -21.66 -6.63 -10.63
N ALA A 20 -21.18 -6.81 -11.85
CA ALA A 20 -20.16 -5.91 -12.38
C ALA A 20 -20.70 -4.50 -12.54
N ASP A 21 -21.97 -4.37 -12.91
CA ASP A 21 -22.59 -3.05 -12.98
C ASP A 21 -22.59 -2.37 -11.63
N ARG A 22 -22.94 -3.10 -10.57
CA ARG A 22 -23.05 -2.45 -9.27
C ARG A 22 -21.69 -2.17 -8.66
N LEU A 23 -20.63 -2.69 -9.25
CA LEU A 23 -19.28 -2.36 -8.81
C LEU A 23 -18.61 -1.34 -9.72
N GLY A 24 -19.29 -0.85 -10.74
CA GLY A 24 -18.68 0.05 -11.68
C GLY A 24 -17.55 -0.54 -12.48
N LEU A 25 -17.66 -1.80 -12.88
CA LEU A 25 -16.62 -2.49 -13.60
C LEU A 25 -17.17 -3.11 -14.86
N GLU A 26 -16.26 -3.52 -15.73
CA GLU A 26 -16.58 -4.37 -16.86
C GLU A 26 -16.17 -5.79 -16.55
N LEU A 27 -16.94 -6.75 -17.05
CA LEU A 27 -16.60 -8.14 -16.86
C LEU A 27 -15.24 -8.43 -17.47
N GLY A 28 -14.45 -9.25 -16.79
CA GLY A 28 -13.15 -9.59 -17.30
C GLY A 28 -13.22 -10.35 -18.61
N LYS A 29 -12.20 -10.16 -19.43
CA LYS A 29 -12.18 -10.77 -20.75
C LYS A 29 -11.79 -12.23 -20.64
N VAL A 30 -12.76 -13.13 -20.77
CA VAL A 30 -12.49 -14.56 -20.71
C VAL A 30 -13.33 -15.26 -21.77
N VAL A 31 -12.71 -16.23 -22.42
CA VAL A 31 -13.39 -17.08 -23.39
C VAL A 31 -13.58 -18.44 -22.75
N THR A 32 -14.84 -18.86 -22.61
CA THR A 32 -15.18 -20.15 -22.03
C THR A 32 -16.03 -20.91 -23.03
N LYS A 33 -15.43 -21.88 -23.69
CA LYS A 33 -16.17 -22.67 -24.67
C LYS A 33 -15.94 -24.15 -24.46
N LYS A 34 -16.40 -24.96 -25.40
CA LYS A 34 -16.14 -26.39 -25.40
C LYS A 34 -15.40 -26.77 -26.67
N PHE A 35 -14.40 -27.62 -26.53
CA PHE A 35 -13.85 -28.29 -27.68
C PHE A 35 -14.88 -29.27 -28.24
N SER A 36 -14.55 -29.86 -29.38
CA SER A 36 -15.47 -30.79 -30.03
C SER A 36 -15.74 -32.02 -29.17
N ASN A 37 -14.77 -32.41 -28.35
CA ASN A 37 -14.91 -33.58 -27.51
C ASN A 37 -15.50 -33.27 -26.15
N GLN A 38 -16.25 -32.19 -26.02
CA GLN A 38 -16.94 -31.81 -24.78
C GLN A 38 -15.98 -31.41 -23.68
N GLU A 39 -14.78 -30.98 -24.02
CA GLU A 39 -13.80 -30.56 -23.03
C GLU A 39 -13.87 -29.05 -22.83
N THR A 40 -13.84 -28.62 -21.57
CA THR A 40 -13.89 -27.21 -21.26
C THR A 40 -12.63 -26.50 -21.71
N CYS A 41 -12.79 -25.40 -22.46
CA CYS A 41 -11.69 -24.55 -22.87
C CYS A 41 -11.87 -23.20 -22.20
N VAL A 42 -10.86 -22.78 -21.44
CA VAL A 42 -10.89 -21.51 -20.74
C VAL A 42 -9.65 -20.72 -21.14
N GLU A 43 -9.85 -19.47 -21.56
CA GLU A 43 -8.74 -18.59 -21.91
C GLU A 43 -8.98 -17.23 -21.27
N ILE A 44 -8.15 -16.87 -20.31
CA ILE A 44 -8.19 -15.54 -19.72
C ILE A 44 -7.58 -14.57 -20.72
N GLY A 45 -8.38 -13.63 -21.20
CA GLY A 45 -7.95 -12.71 -22.22
C GLY A 45 -7.26 -11.46 -21.73
N GLU A 46 -7.12 -11.30 -20.42
CA GLU A 46 -6.43 -10.15 -19.87
C GLU A 46 -5.55 -10.62 -18.73
N SER A 47 -4.48 -9.87 -18.50
CA SER A 47 -3.58 -10.18 -17.39
C SER A 47 -4.30 -9.99 -16.06
N VAL A 48 -4.17 -10.97 -15.17
CA VAL A 48 -4.71 -10.89 -13.84
C VAL A 48 -3.60 -10.83 -12.80
N ARG A 49 -2.37 -10.55 -13.23
CA ARG A 49 -1.22 -10.58 -12.34
C ARG A 49 -1.36 -9.55 -11.23
N GLY A 50 -1.32 -10.01 -9.99
CA GLY A 50 -1.41 -9.12 -8.86
C GLY A 50 -2.79 -8.53 -8.62
N GLU A 51 -3.83 -9.13 -9.16
CA GLU A 51 -5.18 -8.60 -9.06
C GLU A 51 -6.02 -9.42 -8.09
N ASP A 52 -7.15 -8.86 -7.71
CA ASP A 52 -8.11 -9.52 -6.82
C ASP A 52 -9.23 -10.07 -7.68
N VAL A 53 -9.11 -11.33 -8.06
CA VAL A 53 -10.00 -11.96 -9.04
C VAL A 53 -11.20 -12.55 -8.33
N TYR A 54 -12.39 -12.26 -8.86
CA TYR A 54 -13.64 -12.86 -8.40
C TYR A 54 -14.30 -13.55 -9.58
N ILE A 55 -14.57 -14.84 -9.44
CA ILE A 55 -15.18 -15.63 -10.49
C ILE A 55 -16.60 -15.96 -10.05
N VAL A 56 -17.58 -15.57 -10.85
CA VAL A 56 -18.98 -15.77 -10.54
C VAL A 56 -19.47 -16.97 -11.35
N GLN A 57 -19.95 -17.99 -10.64
CA GLN A 57 -20.41 -19.21 -11.27
C GLN A 57 -21.34 -19.91 -10.30
N SER A 58 -22.54 -20.25 -10.75
CA SER A 58 -23.51 -20.86 -9.86
C SER A 58 -23.68 -22.33 -10.20
N GLY A 59 -23.90 -23.13 -9.16
CA GLY A 59 -24.09 -24.55 -9.32
C GLY A 59 -25.46 -24.89 -9.86
N CYS A 60 -25.69 -24.56 -11.12
CA CYS A 60 -26.98 -24.69 -11.76
C CYS A 60 -26.77 -25.23 -13.17
N GLY A 61 -27.87 -25.41 -13.89
CA GLY A 61 -27.79 -25.86 -15.27
C GLY A 61 -27.13 -27.22 -15.35
N GLU A 62 -26.22 -27.36 -16.30
CA GLU A 62 -25.40 -28.56 -16.42
C GLU A 62 -24.30 -28.46 -15.38
N ILE A 63 -24.52 -29.13 -14.25
CA ILE A 63 -23.79 -28.81 -13.03
C ILE A 63 -22.33 -29.22 -13.13
N ASN A 64 -22.05 -30.42 -13.64
CA ASN A 64 -20.67 -30.87 -13.68
C ASN A 64 -19.85 -30.03 -14.65
N ASP A 65 -20.48 -29.60 -15.74
CA ASP A 65 -19.78 -28.77 -16.71
C ASP A 65 -19.44 -27.42 -16.12
N ASN A 66 -20.41 -26.81 -15.41
CA ASN A 66 -20.17 -25.53 -14.77
C ASN A 66 -19.11 -25.63 -13.68
N LEU A 67 -19.15 -26.71 -12.90
CA LEU A 67 -18.15 -26.87 -11.85
C LEU A 67 -16.76 -27.05 -12.44
N MET A 68 -16.65 -27.83 -13.52
CA MET A 68 -15.36 -27.99 -14.17
C MET A 68 -14.84 -26.66 -14.73
N GLU A 69 -15.73 -25.89 -15.36
CA GLU A 69 -15.35 -24.57 -15.86
C GLU A 69 -14.87 -23.68 -14.72
N LEU A 70 -15.57 -23.72 -13.58
CA LEU A 70 -15.18 -22.90 -12.45
C LEU A 70 -13.81 -23.30 -11.91
N LEU A 71 -13.56 -24.59 -11.76
CA LEU A 71 -12.27 -25.05 -11.26
C LEU A 71 -11.16 -24.69 -12.23
N ILE A 72 -11.42 -24.84 -13.53
CA ILE A 72 -10.41 -24.52 -14.53
C ILE A 72 -10.10 -23.02 -14.54
N MET A 73 -11.12 -22.18 -14.39
CA MET A 73 -10.90 -20.74 -14.31
C MET A 73 -10.11 -20.37 -13.05
N ILE A 74 -10.44 -20.99 -11.92
CA ILE A 74 -9.72 -20.71 -10.69
C ILE A 74 -8.25 -21.06 -10.86
N ASN A 75 -7.97 -22.24 -11.41
CA ASN A 75 -6.60 -22.67 -11.59
C ASN A 75 -5.87 -21.77 -12.58
N ALA A 76 -6.56 -21.36 -13.66
CA ALA A 76 -5.94 -20.48 -14.63
C ALA A 76 -5.56 -19.15 -14.01
N CYS A 77 -6.42 -18.58 -13.18
CA CYS A 77 -6.10 -17.31 -12.54
C CYS A 77 -5.02 -17.49 -11.48
N LYS A 78 -4.99 -18.65 -10.82
CA LYS A 78 -3.99 -18.89 -9.79
C LYS A 78 -2.59 -19.01 -10.39
N ILE A 79 -2.44 -19.78 -11.49
CA ILE A 79 -1.12 -19.89 -12.09
C ILE A 79 -0.81 -18.75 -13.03
N ALA A 80 -1.72 -17.81 -13.21
CA ALA A 80 -1.44 -16.55 -13.87
C ALA A 80 -1.06 -15.46 -12.87
N SER A 81 -0.78 -15.84 -11.62
CA SER A 81 -0.20 -14.96 -10.61
C SER A 81 -1.18 -13.89 -10.13
N ALA A 82 -2.46 -14.26 -10.03
CA ALA A 82 -3.40 -13.41 -9.33
C ALA A 82 -3.04 -13.36 -7.86
N SER A 83 -3.19 -12.19 -7.24
CA SER A 83 -2.87 -12.09 -5.82
C SER A 83 -3.82 -12.93 -4.99
N ARG A 84 -5.09 -12.96 -5.36
CA ARG A 84 -6.10 -13.67 -4.60
C ARG A 84 -7.23 -14.04 -5.54
N VAL A 85 -7.73 -15.26 -5.40
CA VAL A 85 -8.81 -15.76 -6.24
C VAL A 85 -9.98 -16.14 -5.34
N THR A 86 -11.14 -15.57 -5.63
CA THR A 86 -12.37 -15.83 -4.88
C THR A 86 -13.40 -16.46 -5.81
N ALA A 87 -14.01 -17.55 -5.36
CA ALA A 87 -15.09 -18.17 -6.10
C ALA A 87 -16.41 -17.68 -5.54
N VAL A 88 -17.16 -16.95 -6.35
CA VAL A 88 -18.47 -16.46 -5.98
C VAL A 88 -19.46 -17.49 -6.52
N ILE A 89 -20.01 -18.30 -5.62
CA ILE A 89 -20.82 -19.44 -6.00
C ILE A 89 -22.20 -19.27 -5.39
N PRO A 90 -23.12 -18.55 -6.04
CA PRO A 90 -24.39 -18.24 -5.39
C PRO A 90 -25.20 -19.46 -4.97
N CYS A 91 -25.21 -20.51 -5.78
CA CYS A 91 -25.80 -21.78 -5.39
C CYS A 91 -24.70 -22.83 -5.40
N PHE A 92 -24.40 -23.40 -4.24
CA PHE A 92 -23.27 -24.29 -4.11
C PHE A 92 -23.60 -25.66 -4.69
N PRO A 93 -22.81 -26.17 -5.62
CA PRO A 93 -23.12 -27.48 -6.21
C PRO A 93 -22.85 -28.61 -5.25
N TYR A 94 -23.71 -29.62 -5.30
CA TYR A 94 -23.66 -30.82 -4.47
C TYR A 94 -23.84 -30.51 -2.99
N ALA A 95 -24.43 -29.36 -2.67
CA ALA A 95 -24.61 -28.97 -1.27
C ALA A 95 -25.50 -29.95 -0.53
N ARG A 96 -26.41 -30.63 -1.23
CA ARG A 96 -27.28 -31.58 -0.55
C ARG A 96 -26.61 -32.91 -0.27
N GLN A 97 -25.41 -33.13 -0.78
CA GLN A 97 -24.63 -34.32 -0.44
C GLN A 97 -23.69 -34.01 0.72
N ASP A 98 -24.26 -33.62 1.85
CA ASP A 98 -23.49 -33.15 2.98
C ASP A 98 -23.30 -34.19 4.07
N LYS A 99 -23.87 -35.37 3.92
CA LYS A 99 -23.80 -36.36 5.00
C LYS A 99 -23.99 -37.75 4.41
N LYS A 100 -23.55 -38.76 5.17
CA LYS A 100 -23.65 -40.14 4.73
C LYS A 100 -24.96 -40.78 5.19
N ASP A 101 -25.23 -40.80 6.49
CA ASP A 101 -26.52 -41.18 7.05
C ASP A 101 -26.89 -42.61 6.67
N LYS A 102 -26.11 -43.56 7.20
CA LYS A 102 -26.39 -44.98 7.11
C LYS A 102 -26.35 -45.50 5.67
N SER A 103 -25.52 -44.91 4.84
CA SER A 103 -25.38 -45.33 3.46
C SER A 103 -23.92 -45.20 3.04
N ARG A 104 -23.51 -46.04 2.09
CA ARG A 104 -22.15 -45.99 1.56
C ARG A 104 -22.10 -44.92 0.46
N ALA A 105 -22.56 -43.74 0.83
CA ALA A 105 -22.69 -42.63 -0.08
C ALA A 105 -21.51 -41.68 0.08
N PRO A 106 -21.07 -41.06 -0.99
CA PRO A 106 -20.04 -40.03 -0.88
C PRO A 106 -20.61 -38.74 -0.33
N ILE A 107 -19.80 -38.06 0.45
CA ILE A 107 -20.10 -36.70 0.88
C ILE A 107 -19.57 -35.81 -0.24
N SER A 108 -20.37 -35.64 -1.28
CA SER A 108 -19.89 -34.98 -2.49
C SER A 108 -19.60 -33.51 -2.26
N ALA A 109 -20.28 -32.89 -1.29
CA ALA A 109 -20.01 -31.49 -1.00
C ALA A 109 -18.59 -31.31 -0.48
N LYS A 110 -18.12 -32.24 0.35
CA LYS A 110 -16.75 -32.19 0.82
C LYS A 110 -15.77 -32.37 -0.33
N LEU A 111 -16.09 -33.25 -1.28
CA LEU A 111 -15.25 -33.42 -2.45
C LEU A 111 -15.18 -32.14 -3.28
N VAL A 112 -16.31 -31.46 -3.44
CA VAL A 112 -16.33 -30.19 -4.16
C VAL A 112 -15.48 -29.15 -3.43
N ALA A 113 -15.59 -29.10 -2.11
CA ALA A 113 -14.76 -28.17 -1.34
C ALA A 113 -13.28 -28.47 -1.52
N ASN A 114 -12.91 -29.75 -1.49
CA ASN A 114 -11.53 -30.15 -1.69
C ASN A 114 -11.03 -29.76 -3.07
N MET A 115 -11.85 -29.96 -4.09
CA MET A 115 -11.45 -29.61 -5.45
C MET A 115 -11.31 -28.10 -5.61
N LEU A 116 -12.21 -27.32 -4.98
CA LEU A 116 -12.06 -25.87 -5.01
C LEU A 116 -10.79 -25.43 -4.32
N SER A 117 -10.45 -26.08 -3.21
CA SER A 117 -9.22 -25.75 -2.51
C SER A 117 -7.99 -26.08 -3.34
N VAL A 118 -7.98 -27.25 -3.99
CA VAL A 118 -6.80 -27.66 -4.73
C VAL A 118 -6.68 -26.92 -6.06
N ALA A 119 -7.79 -26.41 -6.60
CA ALA A 119 -7.70 -25.53 -7.76
C ALA A 119 -7.04 -24.21 -7.41
N GLY A 120 -7.14 -23.79 -6.16
CA GLY A 120 -6.41 -22.62 -5.70
C GLY A 120 -7.27 -21.50 -5.19
N ALA A 121 -8.54 -21.77 -4.91
CA ALA A 121 -9.41 -20.74 -4.37
C ALA A 121 -8.98 -20.36 -2.97
N ASP A 122 -8.91 -19.06 -2.71
CA ASP A 122 -8.56 -18.54 -1.40
C ASP A 122 -9.77 -18.12 -0.58
N HIS A 123 -10.92 -17.97 -1.22
CA HIS A 123 -12.09 -17.42 -0.57
C HIS A 123 -13.31 -17.88 -1.33
N ILE A 124 -14.35 -18.22 -0.58
CA ILE A 124 -15.63 -18.62 -1.15
C ILE A 124 -16.69 -17.64 -0.67
N ILE A 125 -17.48 -17.13 -1.60
CA ILE A 125 -18.69 -16.36 -1.28
C ILE A 125 -19.87 -17.14 -1.84
N THR A 126 -20.81 -17.47 -0.98
CA THR A 126 -21.97 -18.26 -1.37
C THR A 126 -23.19 -17.69 -0.66
N MET A 127 -24.37 -18.12 -1.09
CA MET A 127 -25.62 -17.61 -0.56
C MET A 127 -26.49 -18.76 -0.09
N ASP A 128 -26.88 -18.72 1.18
CA ASP A 128 -27.82 -19.68 1.77
C ASP A 128 -27.40 -21.12 1.49
N LEU A 129 -26.25 -21.49 2.06
CA LEU A 129 -25.80 -22.87 1.99
C LEU A 129 -26.86 -23.79 2.57
N HIS A 130 -27.02 -24.96 1.94
CA HIS A 130 -28.04 -25.89 2.38
C HIS A 130 -27.81 -26.32 3.83
N ALA A 131 -26.57 -26.58 4.18
CA ALA A 131 -26.18 -26.81 5.56
C ALA A 131 -25.03 -25.87 5.90
N SER A 132 -25.14 -25.18 7.03
CA SER A 132 -24.07 -24.30 7.46
C SER A 132 -22.77 -25.05 7.72
N GLN A 133 -22.86 -26.33 8.05
CA GLN A 133 -21.65 -27.12 8.32
C GLN A 133 -20.77 -27.24 7.10
N ILE A 134 -21.29 -26.93 5.92
CA ILE A 134 -20.45 -26.95 4.72
C ILE A 134 -19.34 -25.91 4.83
N GLN A 135 -19.55 -24.85 5.62
CA GLN A 135 -18.48 -23.91 5.87
C GLN A 135 -17.27 -24.61 6.50
N GLY A 136 -17.52 -25.63 7.30
CA GLY A 136 -16.45 -26.43 7.88
C GLY A 136 -15.79 -27.39 6.93
N PHE A 137 -16.37 -27.63 5.75
CA PHE A 137 -15.73 -28.48 4.76
C PHE A 137 -14.48 -27.84 4.17
N PHE A 138 -14.37 -26.52 4.24
CA PHE A 138 -13.24 -25.79 3.70
C PHE A 138 -12.24 -25.48 4.80
N ASP A 139 -10.99 -25.27 4.40
CA ASP A 139 -10.00 -24.68 5.28
C ASP A 139 -9.72 -23.22 4.96
N ILE A 140 -10.38 -22.67 3.94
CA ILE A 140 -10.27 -21.26 3.59
C ILE A 140 -11.50 -20.54 4.14
N PRO A 141 -11.50 -19.22 4.23
CA PRO A 141 -12.71 -18.53 4.68
C PRO A 141 -13.85 -18.67 3.69
N VAL A 142 -15.05 -18.84 4.23
CA VAL A 142 -16.27 -18.94 3.44
C VAL A 142 -17.27 -17.95 4.00
N ASP A 143 -17.78 -17.08 3.14
CA ASP A 143 -18.81 -16.11 3.52
C ASP A 143 -20.14 -16.64 3.03
N ASN A 144 -21.04 -16.93 3.97
CA ASN A 144 -22.33 -17.52 3.65
C ASN A 144 -23.40 -16.43 3.82
N LEU A 145 -23.73 -15.76 2.74
CA LEU A 145 -24.69 -14.68 2.77
C LEU A 145 -26.11 -15.23 2.88
N TYR A 146 -27.02 -14.38 3.32
CA TYR A 146 -28.41 -14.75 3.54
C TYR A 146 -29.30 -13.89 2.66
N ALA A 147 -30.30 -14.52 2.06
CA ALA A 147 -31.27 -13.76 1.28
C ALA A 147 -32.36 -13.16 2.15
N GLU A 148 -32.33 -13.41 3.46
CA GLU A 148 -33.38 -12.92 4.35
C GLU A 148 -33.64 -11.42 4.25
N PRO A 149 -32.64 -10.53 4.19
CA PRO A 149 -32.97 -9.12 4.00
C PRO A 149 -33.84 -8.85 2.77
N ALA A 150 -33.44 -9.37 1.62
CA ALA A 150 -34.22 -9.18 0.40
C ALA A 150 -35.57 -9.86 0.50
N VAL A 151 -35.65 -10.99 1.18
CA VAL A 151 -36.92 -11.70 1.34
C VAL A 151 -37.89 -10.86 2.15
N LEU A 152 -37.42 -10.30 3.26
CA LEU A 152 -38.27 -9.45 4.10
C LEU A 152 -38.71 -8.21 3.33
N LYS A 153 -37.80 -7.62 2.55
CA LYS A 153 -38.17 -6.48 1.74
C LYS A 153 -39.29 -6.84 0.77
N TRP A 154 -39.16 -7.99 0.09
CA TRP A 154 -40.21 -8.42 -0.84
C TRP A 154 -41.52 -8.66 -0.11
N ILE A 155 -41.47 -9.32 1.04
CA ILE A 155 -42.69 -9.61 1.78
C ILE A 155 -43.40 -8.33 2.17
N ARG A 156 -42.65 -7.36 2.67
CA ARG A 156 -43.25 -6.11 3.10
C ARG A 156 -43.82 -5.31 1.93
N GLU A 157 -43.14 -5.33 0.78
CA GLU A 157 -43.62 -4.56 -0.35
C GLU A 157 -44.57 -5.32 -1.25
N ASN A 158 -44.92 -6.56 -0.93
CA ASN A 158 -45.76 -7.36 -1.82
C ASN A 158 -46.94 -8.05 -1.15
N ILE A 159 -46.93 -8.21 0.17
CA ILE A 159 -48.01 -8.86 0.87
C ILE A 159 -48.61 -7.83 1.82
N SER A 160 -49.71 -7.20 1.41
CA SER A 160 -50.28 -6.12 2.20
C SER A 160 -50.74 -6.58 3.57
N GLU A 161 -51.00 -7.88 3.73
CA GLU A 161 -51.46 -8.45 4.97
C GLU A 161 -50.33 -9.08 5.78
N TRP A 162 -49.11 -8.55 5.64
CA TRP A 162 -47.95 -9.22 6.20
C TRP A 162 -47.85 -9.08 7.71
N ARG A 163 -48.59 -8.15 8.31
CA ARG A 163 -48.54 -8.02 9.76
C ARG A 163 -49.35 -9.11 10.46
N ASN A 164 -50.30 -9.72 9.76
CA ASN A 164 -51.10 -10.80 10.32
C ASN A 164 -50.76 -12.14 9.68
N CYS A 165 -49.79 -12.17 8.77
CA CYS A 165 -49.47 -13.36 8.00
C CYS A 165 -48.80 -14.41 8.87
N THR A 166 -48.41 -15.51 8.23
CA THR A 166 -47.76 -16.63 8.90
C THR A 166 -46.54 -17.06 8.08
N ILE A 167 -45.47 -17.43 8.77
CA ILE A 167 -44.26 -17.92 8.14
C ILE A 167 -44.14 -19.41 8.43
N VAL A 168 -44.21 -20.23 7.38
CA VAL A 168 -44.34 -21.67 7.52
C VAL A 168 -43.11 -22.34 6.96
N SER A 169 -42.63 -23.34 7.64
CA SER A 169 -41.53 -24.12 7.11
C SER A 169 -42.06 -25.38 6.43
N PRO A 170 -41.52 -25.76 5.27
CA PRO A 170 -42.03 -26.97 4.60
C PRO A 170 -41.59 -28.25 5.28
N ASP A 171 -40.47 -28.25 5.97
CA ASP A 171 -40.00 -29.43 6.68
C ASP A 171 -39.43 -29.00 8.01
N ALA A 172 -39.00 -29.99 8.80
CA ALA A 172 -38.35 -29.68 10.07
C ALA A 172 -37.04 -28.92 9.89
N GLY A 173 -36.25 -29.27 8.87
CA GLY A 173 -34.91 -28.71 8.76
C GLY A 173 -34.91 -27.24 8.39
N GLY A 174 -36.07 -26.68 8.06
CA GLY A 174 -36.15 -25.27 7.73
C GLY A 174 -36.56 -24.37 8.87
N ALA A 175 -36.53 -24.88 10.11
CA ALA A 175 -37.12 -24.16 11.22
C ALA A 175 -36.40 -22.83 11.50
N LYS A 176 -35.08 -22.86 11.51
CA LYS A 176 -34.32 -21.69 11.95
C LYS A 176 -34.58 -20.48 11.06
N ARG A 177 -34.58 -20.71 9.74
CA ARG A 177 -34.74 -19.63 8.79
C ARG A 177 -36.09 -18.95 8.95
N VAL A 178 -37.16 -19.75 9.06
CA VAL A 178 -38.49 -19.18 9.19
C VAL A 178 -38.64 -18.48 10.53
N THR A 179 -38.03 -19.03 11.59
CA THR A 179 -38.12 -18.36 12.88
C THR A 179 -37.44 -17.01 12.83
N SER A 180 -36.28 -16.92 12.18
CA SER A 180 -35.62 -15.63 12.04
C SER A 180 -36.48 -14.65 11.25
N ILE A 181 -37.08 -15.11 10.15
CA ILE A 181 -37.93 -14.24 9.34
C ILE A 181 -39.10 -13.75 10.16
N ALA A 182 -39.75 -14.64 10.90
CA ALA A 182 -40.89 -14.27 11.73
C ALA A 182 -40.49 -13.27 12.79
N ASP A 183 -39.34 -13.48 13.43
CA ASP A 183 -38.89 -12.55 14.46
C ASP A 183 -38.66 -11.17 13.88
N ARG A 184 -37.99 -11.08 12.73
CA ARG A 184 -37.77 -9.78 12.13
C ARG A 184 -39.06 -9.13 11.64
N LEU A 185 -40.08 -9.92 11.31
CA LEU A 185 -41.37 -9.37 10.94
C LEU A 185 -42.33 -9.23 12.11
N ASN A 186 -42.05 -9.90 13.24
CA ASN A 186 -42.96 -9.96 14.38
C ASN A 186 -44.31 -10.53 13.95
N VAL A 187 -44.28 -11.79 13.52
CA VAL A 187 -45.47 -12.51 13.09
C VAL A 187 -45.44 -13.90 13.69
N ASP A 188 -46.60 -14.54 13.70
CA ASP A 188 -46.69 -15.92 14.13
C ASP A 188 -46.09 -16.83 13.07
N PHE A 189 -45.48 -17.92 13.52
CA PHE A 189 -44.83 -18.84 12.61
C PHE A 189 -45.37 -20.25 12.81
N ALA A 190 -45.92 -20.80 11.74
CA ALA A 190 -46.46 -22.15 11.74
C ALA A 190 -45.35 -23.13 11.34
N LEU A 191 -45.66 -24.41 11.42
CA LEU A 191 -44.75 -25.44 10.95
C LEU A 191 -45.53 -26.57 10.29
N ILE A 192 -44.83 -27.31 9.43
CA ILE A 192 -45.41 -28.40 8.65
C ILE A 192 -44.42 -29.54 8.64
N HIS A 193 -44.92 -30.77 8.83
CA HIS A 193 -44.07 -31.92 8.56
C HIS A 193 -44.93 -33.12 8.24
N LYS A 194 -44.46 -33.97 7.34
CA LYS A 194 -45.19 -35.16 6.94
C LYS A 194 -45.11 -36.20 8.05
N GLU A 195 -46.00 -37.19 7.97
CA GLU A 195 -46.02 -38.28 8.94
C GLU A 195 -45.58 -39.59 8.29
N ASP A 203 -47.86 -40.45 4.07
CA ASP A 203 -48.31 -39.59 2.98
C ASP A 203 -49.05 -38.37 3.51
N ARG A 204 -49.29 -38.36 4.82
CA ARG A 204 -49.99 -37.25 5.47
C ARG A 204 -48.99 -36.31 6.11
N MET A 205 -49.43 -35.06 6.31
CA MET A 205 -48.65 -34.04 7.00
C MET A 205 -49.50 -33.36 8.05
N VAL A 206 -48.83 -32.82 9.06
CA VAL A 206 -49.46 -32.05 10.13
C VAL A 206 -48.92 -30.64 10.10
N LEU A 207 -49.82 -29.67 10.22
CA LEU A 207 -49.52 -28.26 10.31
C LEU A 207 -49.89 -27.76 11.69
N VAL A 208 -48.95 -27.06 12.34
CA VAL A 208 -49.14 -26.52 13.67
C VAL A 208 -49.06 -25.01 13.57
N GLY A 209 -50.06 -24.32 14.11
CA GLY A 209 -50.11 -22.86 14.01
C GLY A 209 -51.36 -22.42 13.27
N ASP A 210 -52.09 -21.50 13.88
CA ASP A 210 -53.37 -21.06 13.32
C ASP A 210 -53.13 -20.30 12.01
N VAL A 211 -53.84 -20.73 10.97
CA VAL A 211 -53.67 -20.17 9.63
C VAL A 211 -54.98 -19.78 8.98
N LYS A 212 -56.12 -20.10 9.60
CA LYS A 212 -57.42 -19.81 8.99
C LYS A 212 -57.57 -18.32 8.74
N ASP A 213 -58.02 -17.98 7.54
CA ASP A 213 -58.18 -16.61 7.06
C ASP A 213 -56.87 -15.83 7.07
N ARG A 214 -55.75 -16.50 7.34
CA ARG A 214 -54.44 -15.86 7.38
C ARG A 214 -53.58 -16.38 6.23
N VAL A 215 -52.84 -15.47 5.62
CA VAL A 215 -51.93 -15.83 4.56
C VAL A 215 -50.80 -16.67 5.13
N ALA A 216 -50.52 -17.80 4.49
CA ALA A 216 -49.37 -18.63 4.81
C ALA A 216 -48.23 -18.28 3.86
N ILE A 217 -47.01 -18.26 4.40
CA ILE A 217 -45.82 -17.99 3.61
C ILE A 217 -44.87 -19.16 3.83
N LEU A 218 -44.78 -20.06 2.87
CA LEU A 218 -43.73 -21.07 2.90
C LEU A 218 -42.39 -20.41 2.59
N VAL A 219 -41.41 -20.66 3.45
CA VAL A 219 -40.07 -20.18 3.27
C VAL A 219 -39.13 -21.37 3.34
N ASP A 220 -38.26 -21.50 2.34
CA ASP A 220 -37.37 -22.65 2.28
C ASP A 220 -36.14 -22.25 1.49
N ASP A 221 -35.08 -23.04 1.63
CA ASP A 221 -33.83 -22.73 0.97
C ASP A 221 -33.83 -23.06 -0.53
N MET A 222 -34.42 -24.18 -0.95
CA MET A 222 -34.40 -24.47 -2.37
C MET A 222 -35.62 -25.28 -2.74
N ALA A 223 -35.96 -25.24 -4.03
CA ALA A 223 -36.99 -26.09 -4.60
C ALA A 223 -36.40 -26.76 -5.82
N ASP A 224 -36.21 -28.07 -5.75
CA ASP A 224 -35.62 -28.82 -6.87
C ASP A 224 -36.73 -29.42 -7.72
N THR A 225 -37.49 -30.35 -7.15
CA THR A 225 -38.62 -30.95 -7.82
C THR A 225 -39.95 -30.41 -7.31
N CYS A 226 -39.90 -29.53 -6.32
CA CYS A 226 -41.05 -28.85 -5.75
C CYS A 226 -42.06 -29.80 -5.15
N GLY A 227 -41.64 -31.02 -4.81
CA GLY A 227 -42.52 -31.90 -4.06
C GLY A 227 -42.76 -31.40 -2.66
N THR A 228 -41.72 -30.89 -2.01
CA THR A 228 -41.83 -30.41 -0.64
C THR A 228 -42.81 -29.25 -0.54
N ILE A 229 -42.61 -28.21 -1.35
CA ILE A 229 -43.48 -27.05 -1.25
C ILE A 229 -44.89 -27.38 -1.73
N CYS A 230 -45.03 -28.29 -2.69
CA CYS A 230 -46.36 -28.62 -3.17
C CYS A 230 -47.16 -29.37 -2.11
N HIS A 231 -46.53 -30.34 -1.43
CA HIS A 231 -47.21 -31.02 -0.35
C HIS A 231 -47.54 -30.04 0.79
N ALA A 232 -46.61 -29.14 1.10
CA ALA A 232 -46.86 -28.16 2.14
C ALA A 232 -48.04 -27.26 1.78
N ALA A 233 -48.11 -26.82 0.53
CA ALA A 233 -49.23 -25.99 0.11
C ALA A 233 -50.55 -26.75 0.14
N ASP A 234 -50.52 -28.02 -0.25
CA ASP A 234 -51.73 -28.83 -0.16
C ASP A 234 -52.25 -28.87 1.28
N LYS A 235 -51.35 -29.15 2.24
CA LYS A 235 -51.80 -29.18 3.62
C LYS A 235 -52.25 -27.81 4.11
N LEU A 236 -51.55 -26.75 3.71
CA LEU A 236 -51.95 -25.41 4.13
C LEU A 236 -53.35 -25.08 3.64
N LEU A 237 -53.69 -25.50 2.42
CA LEU A 237 -55.05 -25.28 1.96
C LEU A 237 -56.04 -26.22 2.63
N SER A 238 -55.58 -27.38 3.12
CA SER A 238 -56.47 -28.23 3.92
C SER A 238 -56.88 -27.52 5.20
N ALA A 239 -55.97 -26.79 5.83
CA ALA A 239 -56.25 -26.06 7.06
C ALA A 239 -56.92 -24.72 6.81
N GLY A 240 -57.43 -24.49 5.61
CA GLY A 240 -58.25 -23.33 5.34
C GLY A 240 -57.54 -22.02 5.23
N ALA A 241 -56.23 -22.01 4.98
CA ALA A 241 -55.53 -20.76 4.76
C ALA A 241 -56.04 -20.08 3.50
N THR A 242 -56.09 -18.75 3.54
CA THR A 242 -56.68 -18.00 2.44
C THR A 242 -55.80 -18.06 1.19
N ARG A 243 -54.57 -17.58 1.28
CA ARG A 243 -53.63 -17.61 0.18
C ARG A 243 -52.31 -18.20 0.66
N VAL A 244 -51.58 -18.82 -0.26
CA VAL A 244 -50.33 -19.49 0.04
C VAL A 244 -49.23 -18.92 -0.84
N TYR A 245 -48.10 -18.62 -0.22
CA TYR A 245 -46.90 -18.12 -0.86
C TYR A 245 -45.74 -19.07 -0.61
N ALA A 246 -44.87 -19.21 -1.61
CA ALA A 246 -43.64 -19.95 -1.44
C ALA A 246 -42.49 -19.00 -1.74
N ILE A 247 -41.50 -18.96 -0.87
CA ILE A 247 -40.33 -18.10 -1.06
C ILE A 247 -39.10 -18.97 -0.91
N LEU A 248 -38.18 -18.84 -1.87
CA LEU A 248 -37.01 -19.70 -2.00
C LEU A 248 -35.83 -18.88 -2.47
N THR A 249 -34.64 -19.22 -1.97
CA THR A 249 -33.47 -18.52 -2.48
C THR A 249 -32.93 -19.20 -3.72
N HIS A 250 -33.10 -20.52 -3.87
CA HIS A 250 -32.59 -21.23 -5.05
C HIS A 250 -33.74 -21.93 -5.76
N GLY A 251 -34.07 -21.44 -6.94
CA GLY A 251 -35.08 -22.03 -7.79
C GLY A 251 -34.52 -22.99 -8.82
N ILE A 252 -34.09 -24.17 -8.40
CA ILE A 252 -33.52 -25.12 -9.36
C ILE A 252 -34.57 -25.53 -10.39
N PHE A 253 -35.76 -25.89 -9.92
CA PHE A 253 -36.91 -26.16 -10.79
C PHE A 253 -36.58 -27.22 -11.84
N SER A 254 -36.22 -28.40 -11.38
CA SER A 254 -35.83 -29.46 -12.29
C SER A 254 -36.94 -30.51 -12.40
N GLY A 255 -36.99 -31.17 -13.55
CA GLY A 255 -37.94 -32.23 -13.78
C GLY A 255 -39.38 -31.77 -13.79
N PRO A 256 -40.19 -32.37 -12.93
CA PRO A 256 -41.63 -32.09 -12.95
C PRO A 256 -42.01 -30.82 -12.20
N ALA A 257 -41.02 -29.98 -11.89
CA ALA A 257 -41.27 -28.84 -11.01
C ALA A 257 -42.25 -27.85 -11.62
N ILE A 258 -42.08 -27.51 -12.89
CA ILE A 258 -42.91 -26.47 -13.48
C ILE A 258 -44.36 -26.93 -13.59
N SER A 259 -44.57 -28.19 -13.99
CA SER A 259 -45.92 -28.71 -14.05
C SER A 259 -46.56 -28.74 -12.66
N ARG A 260 -45.79 -29.15 -11.65
CA ARG A 260 -46.34 -29.19 -10.29
C ARG A 260 -46.73 -27.79 -9.81
N ILE A 261 -45.88 -26.80 -10.08
CA ILE A 261 -46.20 -25.43 -9.65
C ILE A 261 -47.40 -24.91 -10.39
N ASN A 262 -47.52 -25.24 -11.69
CA ASN A 262 -48.66 -24.81 -12.46
C ASN A 262 -49.95 -25.45 -11.96
N ASN A 263 -49.88 -26.71 -11.54
CA ASN A 263 -51.05 -27.41 -11.02
C ASN A 263 -51.28 -27.16 -9.54
N ALA A 264 -50.36 -26.48 -8.86
CA ALA A 264 -50.50 -26.23 -7.45
C ALA A 264 -51.38 -25.02 -7.19
N CYS A 265 -51.46 -24.63 -5.92
CA CYS A 265 -52.33 -23.56 -5.48
C CYS A 265 -51.58 -22.37 -4.89
N PHE A 266 -50.33 -22.16 -5.31
CA PHE A 266 -49.59 -21.00 -4.83
C PHE A 266 -50.16 -19.72 -5.40
N GLU A 267 -50.18 -18.67 -4.58
CA GLU A 267 -50.43 -17.34 -5.12
C GLU A 267 -49.19 -16.78 -5.78
N ALA A 268 -48.01 -17.20 -5.31
CA ALA A 268 -46.75 -16.83 -5.91
C ALA A 268 -45.67 -17.77 -5.43
N VAL A 269 -44.73 -18.07 -6.33
CA VAL A 269 -43.49 -18.75 -6.00
C VAL A 269 -42.38 -17.75 -6.28
N VAL A 270 -41.81 -17.20 -5.23
CA VAL A 270 -40.78 -16.19 -5.34
C VAL A 270 -39.43 -16.86 -5.15
N VAL A 271 -38.49 -16.57 -6.02
CA VAL A 271 -37.15 -17.12 -5.91
C VAL A 271 -36.15 -15.98 -6.08
N THR A 272 -34.94 -16.19 -5.53
CA THR A 272 -33.87 -15.20 -5.76
C THR A 272 -33.10 -15.64 -7.00
N ASN A 273 -32.49 -14.70 -7.73
CA ASN A 273 -31.80 -14.99 -8.98
C ASN A 273 -30.40 -15.52 -8.75
N THR A 274 -30.24 -16.48 -7.84
CA THR A 274 -28.97 -17.19 -7.76
C THR A 274 -28.83 -18.17 -8.91
N ILE A 275 -29.93 -18.51 -9.54
CA ILE A 275 -29.99 -19.39 -10.70
C ILE A 275 -30.76 -18.61 -11.76
N PRO A 276 -30.38 -18.67 -13.03
CA PRO A 276 -31.17 -18.00 -14.07
C PRO A 276 -32.59 -18.56 -14.12
N GLN A 277 -33.59 -17.67 -14.23
CA GLN A 277 -34.99 -18.16 -14.18
C GLN A 277 -35.79 -17.76 -15.42
N GLU A 278 -35.18 -17.03 -16.36
CA GLU A 278 -35.94 -16.52 -17.55
C GLU A 278 -36.71 -17.66 -18.22
N ASP A 279 -36.05 -18.79 -18.49
CA ASP A 279 -36.68 -19.94 -19.13
C ASP A 279 -37.79 -20.53 -18.27
N LYS A 280 -37.55 -20.64 -16.97
CA LYS A 280 -38.59 -21.17 -16.09
C LYS A 280 -39.77 -20.22 -15.99
N MET A 281 -39.50 -18.91 -15.94
CA MET A 281 -40.58 -17.94 -15.90
C MET A 281 -41.37 -17.93 -17.20
N LYS A 282 -40.77 -18.42 -18.29
CA LYS A 282 -41.51 -18.52 -19.54
C LYS A 282 -42.69 -19.47 -19.42
N HIS A 283 -42.50 -20.60 -18.75
CA HIS A 283 -43.52 -21.65 -18.68
C HIS A 283 -44.26 -21.69 -17.36
N CYS A 284 -44.06 -20.71 -16.49
CA CYS A 284 -44.76 -20.66 -15.20
C CYS A 284 -45.00 -19.20 -14.85
N SER A 285 -46.26 -18.78 -14.88
CA SER A 285 -46.57 -17.37 -14.72
C SER A 285 -46.46 -16.92 -13.27
N LYS A 286 -46.43 -17.86 -12.33
CA LYS A 286 -46.46 -17.52 -10.92
C LYS A 286 -45.07 -17.47 -10.29
N ILE A 287 -44.01 -17.59 -11.07
CA ILE A 287 -42.66 -17.45 -10.53
C ILE A 287 -42.25 -15.98 -10.61
N GLN A 288 -41.85 -15.43 -9.47
CA GLN A 288 -41.30 -14.09 -9.38
C GLN A 288 -39.85 -14.19 -8.90
N VAL A 289 -39.06 -13.19 -9.24
CA VAL A 289 -37.63 -13.21 -8.96
C VAL A 289 -37.24 -12.02 -8.12
N ILE A 290 -36.57 -12.28 -7.00
CA ILE A 290 -35.92 -11.25 -6.19
C ILE A 290 -34.49 -11.10 -6.65
N ASP A 291 -34.09 -9.88 -6.96
CA ASP A 291 -32.69 -9.60 -7.26
C ASP A 291 -31.87 -9.64 -5.99
N ILE A 292 -30.82 -10.47 -5.98
CA ILE A 292 -29.85 -10.46 -4.89
C ILE A 292 -28.48 -10.04 -5.38
N SER A 293 -28.39 -9.48 -6.58
CA SER A 293 -27.08 -9.07 -7.10
C SER A 293 -26.47 -7.96 -6.28
N MET A 294 -27.30 -7.15 -5.61
CA MET A 294 -26.74 -6.09 -4.78
C MET A 294 -26.04 -6.66 -3.55
N ILE A 295 -26.59 -7.73 -2.96
CA ILE A 295 -25.93 -8.36 -1.82
C ILE A 295 -24.60 -8.96 -2.25
N LEU A 296 -24.57 -9.64 -3.39
CA LEU A 296 -23.33 -10.23 -3.88
C LEU A 296 -22.31 -9.15 -4.21
N ALA A 297 -22.73 -8.08 -4.87
CA ALA A 297 -21.81 -6.99 -5.20
C ALA A 297 -21.27 -6.34 -3.93
N GLU A 298 -22.14 -6.13 -2.94
CA GLU A 298 -21.70 -5.54 -1.69
C GLU A 298 -20.73 -6.44 -0.95
N ALA A 299 -20.98 -7.74 -0.96
CA ALA A 299 -20.05 -8.67 -0.32
C ALA A 299 -18.70 -8.68 -1.03
N ILE A 300 -18.70 -8.67 -2.36
CA ILE A 300 -17.44 -8.64 -3.09
C ILE A 300 -16.67 -7.37 -2.76
N ARG A 301 -17.38 -6.24 -2.76
CA ARG A 301 -16.74 -4.96 -2.50
C ARG A 301 -16.22 -4.86 -1.07
N ARG A 302 -16.95 -5.41 -0.10
CA ARG A 302 -16.53 -5.36 1.28
C ARG A 302 -15.37 -6.30 1.56
N THR A 303 -15.34 -7.48 0.92
CA THR A 303 -14.17 -8.33 1.08
C THR A 303 -12.95 -7.69 0.44
N HIS A 304 -13.14 -7.02 -0.70
CA HIS A 304 -12.00 -6.35 -1.33
C HIS A 304 -11.46 -5.21 -0.46
N ASN A 305 -12.35 -4.40 0.11
CA ASN A 305 -11.92 -3.25 0.88
C ASN A 305 -11.64 -3.59 2.35
N GLY A 306 -11.84 -4.84 2.76
CA GLY A 306 -11.60 -5.18 4.14
C GLY A 306 -12.63 -4.71 5.12
N GLU A 307 -13.79 -4.28 4.64
CA GLU A 307 -14.89 -3.87 5.51
C GLU A 307 -15.66 -5.09 5.99
N SER A 308 -16.50 -4.86 7.00
CA SER A 308 -17.24 -5.96 7.60
C SER A 308 -18.26 -6.52 6.63
N VAL A 309 -18.25 -7.84 6.46
CA VAL A 309 -19.21 -8.52 5.59
C VAL A 309 -20.44 -8.95 6.37
N SER A 310 -20.26 -9.25 7.66
CA SER A 310 -21.38 -9.70 8.53
C SER A 310 -22.38 -8.56 8.70
N TYR A 311 -22.02 -7.34 8.27
CA TYR A 311 -22.97 -6.20 8.32
C TYR A 311 -24.17 -6.55 7.44
N LEU A 312 -23.91 -7.16 6.28
CA LEU A 312 -24.99 -7.49 5.31
C LEU A 312 -26.00 -8.45 5.93
N PHE A 313 -25.61 -9.24 6.94
CA PHE A 313 -26.56 -10.21 7.46
C PHE A 313 -27.86 -9.55 7.92
N SER A 314 -27.82 -8.24 8.20
CA SER A 314 -28.99 -7.56 8.75
C SER A 314 -29.41 -6.32 7.97
N HIS A 315 -28.73 -5.98 6.88
CA HIS A 315 -28.99 -4.73 6.19
C HIS A 315 -28.99 -4.93 4.69
N VAL A 316 -29.99 -4.36 4.01
CA VAL A 316 -30.06 -4.34 2.55
C VAL A 316 -29.20 -3.19 2.04
N PRO A 317 -28.21 -3.46 1.17
CA PRO A 317 -27.35 -2.41 0.63
C PRO A 317 -28.04 -1.61 -0.47
N PRO B 2 -6.92 -58.76 1.10
CA PRO B 2 -7.64 -57.86 0.20
C PRO B 2 -7.90 -58.49 -1.16
N ASN B 3 -9.13 -58.40 -1.62
CA ASN B 3 -9.53 -58.96 -2.90
C ASN B 3 -9.78 -57.85 -3.91
N ILE B 4 -9.71 -58.21 -5.19
CA ILE B 4 -9.95 -57.26 -6.27
C ILE B 4 -11.44 -56.97 -6.34
N LYS B 5 -11.79 -55.70 -6.38
CA LYS B 5 -13.14 -55.25 -6.70
C LYS B 5 -13.05 -54.37 -7.93
N ILE B 6 -13.81 -54.72 -8.97
CA ILE B 6 -13.82 -53.96 -10.21
C ILE B 6 -15.14 -53.22 -10.27
N PHE B 7 -15.08 -51.89 -10.37
CA PHE B 7 -16.26 -51.07 -10.50
C PHE B 7 -16.22 -50.35 -11.84
N SER B 8 -17.39 -50.25 -12.46
CA SER B 8 -17.53 -49.60 -13.75
C SER B 8 -18.20 -48.25 -13.57
N GLY B 9 -17.67 -47.25 -14.26
CA GLY B 9 -18.43 -46.03 -14.46
C GLY B 9 -19.41 -46.17 -15.60
N SER B 10 -20.09 -45.08 -15.89
CA SER B 10 -21.04 -45.10 -17.00
C SER B 10 -20.38 -44.96 -18.36
N SER B 11 -19.13 -44.51 -18.42
CA SER B 11 -18.53 -44.15 -19.71
C SER B 11 -18.34 -45.36 -20.61
N HIS B 12 -17.72 -46.43 -20.09
CA HIS B 12 -17.36 -47.58 -20.92
C HIS B 12 -17.71 -48.86 -20.15
N GLN B 13 -18.96 -49.27 -20.25
CA GLN B 13 -19.40 -50.45 -19.52
C GLN B 13 -18.93 -51.73 -20.19
N ASP B 14 -18.84 -51.73 -21.52
CA ASP B 14 -18.36 -52.91 -22.23
C ASP B 14 -16.92 -53.24 -21.87
N LEU B 15 -16.05 -52.23 -21.82
CA LEU B 15 -14.67 -52.46 -21.45
C LEU B 15 -14.55 -53.01 -20.04
N SER B 16 -15.33 -52.45 -19.11
CA SER B 16 -15.28 -52.93 -17.74
C SER B 16 -15.76 -54.37 -17.64
N GLN B 17 -16.82 -54.72 -18.38
CA GLN B 17 -17.29 -56.09 -18.35
C GLN B 17 -16.24 -57.04 -18.92
N LYS B 18 -15.58 -56.64 -20.00
CA LYS B 18 -14.51 -57.47 -20.56
C LYS B 18 -13.38 -57.66 -19.56
N ILE B 19 -12.97 -56.57 -18.90
CA ILE B 19 -11.89 -56.66 -17.92
C ILE B 19 -12.28 -57.59 -16.78
N ALA B 20 -13.50 -57.45 -16.27
CA ALA B 20 -13.96 -58.31 -15.19
C ALA B 20 -14.02 -59.76 -15.64
N ASP B 21 -14.41 -60.01 -16.89
CA ASP B 21 -14.40 -61.36 -17.40
C ASP B 21 -13.00 -61.95 -17.40
N ARG B 22 -12.01 -61.18 -17.83
CA ARG B 22 -10.67 -61.75 -17.92
C ARG B 22 -10.01 -61.91 -16.56
N LEU B 23 -10.62 -61.34 -15.52
CA LEU B 23 -10.14 -61.55 -14.17
C LEU B 23 -10.95 -62.58 -13.40
N GLY B 24 -11.95 -63.18 -14.02
CA GLY B 24 -12.81 -64.11 -13.33
C GLY B 24 -13.63 -63.49 -12.23
N LEU B 25 -14.12 -62.28 -12.42
CA LEU B 25 -14.87 -61.57 -11.41
C LEU B 25 -16.19 -61.07 -11.96
N GLU B 26 -17.06 -60.65 -11.06
CA GLU B 26 -18.25 -59.91 -11.41
C GLU B 26 -18.02 -58.44 -11.10
N LEU B 27 -18.60 -57.58 -11.93
CA LEU B 27 -18.50 -56.16 -11.68
C LEU B 27 -19.11 -55.82 -10.33
N GLY B 28 -18.46 -54.91 -9.61
CA GLY B 28 -18.97 -54.51 -8.31
C GLY B 28 -20.32 -53.84 -8.42
N LYS B 29 -21.11 -54.01 -7.36
CA LYS B 29 -22.47 -53.50 -7.36
C LYS B 29 -22.46 -52.01 -7.06
N VAL B 30 -22.66 -51.19 -8.09
CA VAL B 30 -22.69 -49.74 -7.91
C VAL B 30 -23.81 -49.17 -8.77
N VAL B 31 -24.52 -48.21 -8.20
CA VAL B 31 -25.56 -47.47 -8.90
C VAL B 31 -25.01 -46.09 -9.21
N THR B 32 -24.93 -45.74 -10.49
CA THR B 32 -24.43 -44.45 -10.93
C THR B 32 -25.50 -43.81 -11.81
N LYS B 33 -26.22 -42.84 -11.25
CA LYS B 33 -27.26 -42.18 -12.02
C LYS B 33 -27.14 -40.67 -11.89
N LYS B 34 -28.15 -39.96 -12.38
CA LYS B 34 -28.24 -38.52 -12.22
C LYS B 34 -29.52 -38.17 -11.48
N PHE B 35 -29.41 -37.25 -10.53
CA PHE B 35 -30.61 -36.62 -10.01
C PHE B 35 -31.24 -35.75 -11.09
N SER B 36 -32.42 -35.20 -10.77
CA SER B 36 -33.14 -34.40 -11.73
C SER B 36 -32.37 -33.14 -12.10
N ASN B 37 -31.56 -32.63 -11.17
CA ASN B 37 -30.80 -31.42 -11.41
C ASN B 37 -29.44 -31.67 -12.02
N GLN B 38 -29.24 -32.79 -12.69
CA GLN B 38 -28.00 -33.14 -13.37
C GLN B 38 -26.85 -33.40 -12.41
N GLU B 39 -27.15 -33.76 -11.18
CA GLU B 39 -26.11 -34.05 -10.21
C GLU B 39 -25.81 -35.55 -10.18
N THR B 40 -24.53 -35.88 -10.15
CA THR B 40 -24.13 -37.28 -10.12
C THR B 40 -24.51 -37.93 -8.81
N CYS B 41 -25.17 -39.08 -8.88
CA CYS B 41 -25.51 -39.89 -7.71
C CYS B 41 -24.75 -41.20 -7.82
N VAL B 42 -23.95 -41.50 -6.80
CA VAL B 42 -23.16 -42.72 -6.76
C VAL B 42 -23.49 -43.45 -5.48
N GLU B 43 -23.82 -44.73 -5.58
CA GLU B 43 -24.09 -45.56 -4.41
C GLU B 43 -23.37 -46.89 -4.58
N ILE B 44 -22.37 -47.12 -3.74
CA ILE B 44 -21.70 -48.41 -3.70
C ILE B 44 -22.61 -49.41 -3.00
N GLY B 45 -23.05 -50.42 -3.73
CA GLY B 45 -24.00 -51.38 -3.22
C GLY B 45 -23.41 -52.54 -2.48
N GLU B 46 -22.09 -52.61 -2.34
CA GLU B 46 -21.45 -53.67 -1.59
C GLU B 46 -20.32 -53.07 -0.77
N SER B 47 -20.02 -53.73 0.34
CA SER B 47 -18.92 -53.29 1.18
C SER B 47 -17.60 -53.44 0.45
N VAL B 48 -16.78 -52.40 0.50
CA VAL B 48 -15.44 -52.44 -0.08
C VAL B 48 -14.37 -52.34 1.01
N ARG B 49 -14.77 -52.57 2.27
CA ARG B 49 -13.87 -52.40 3.39
C ARG B 49 -12.70 -53.37 3.30
N GLY B 50 -11.49 -52.82 3.29
CA GLY B 50 -10.30 -53.64 3.22
C GLY B 50 -10.05 -54.30 1.89
N GLU B 51 -10.65 -53.81 0.81
CA GLU B 51 -10.54 -54.42 -0.50
C GLU B 51 -9.64 -53.59 -1.41
N ASP B 52 -9.24 -54.20 -2.51
CA ASP B 52 -8.42 -53.56 -3.54
C ASP B 52 -9.33 -53.14 -4.67
N VAL B 53 -9.80 -51.89 -4.63
CA VAL B 53 -10.83 -51.40 -5.52
C VAL B 53 -10.19 -50.84 -6.78
N TYR B 54 -10.72 -51.24 -7.94
CA TYR B 54 -10.32 -50.70 -9.23
C TYR B 54 -11.57 -50.14 -9.90
N ILE B 55 -11.52 -48.86 -10.25
CA ILE B 55 -12.63 -48.19 -10.91
C ILE B 55 -12.23 -47.92 -12.35
N VAL B 56 -13.02 -48.43 -13.27
CA VAL B 56 -12.75 -48.29 -14.70
C VAL B 56 -13.65 -47.19 -15.26
N GLN B 57 -13.03 -46.16 -15.81
CA GLN B 57 -13.75 -45.01 -16.33
C GLN B 57 -12.84 -44.32 -17.33
N SER B 58 -13.32 -44.09 -18.53
CA SER B 58 -12.49 -43.48 -19.56
C SER B 58 -12.93 -42.05 -19.83
N GLY B 59 -11.96 -41.21 -20.12
CA GLY B 59 -12.21 -39.81 -20.40
C GLY B 59 -12.81 -39.62 -21.78
N CYS B 60 -14.05 -40.04 -21.94
CA CYS B 60 -14.72 -40.03 -23.23
C CYS B 60 -16.16 -39.58 -23.02
N GLY B 61 -16.90 -39.53 -24.12
CA GLY B 61 -18.31 -39.16 -24.03
C GLY B 61 -18.48 -37.77 -23.46
N GLU B 62 -19.42 -37.62 -22.54
CA GLU B 62 -19.60 -36.37 -21.81
C GLU B 62 -18.52 -36.34 -20.72
N ILE B 63 -17.45 -35.61 -21.02
CA ILE B 63 -16.20 -35.80 -20.29
C ILE B 63 -16.31 -35.30 -18.86
N ASN B 64 -16.88 -34.13 -18.64
CA ASN B 64 -16.94 -33.59 -17.29
C ASN B 64 -17.83 -34.44 -16.41
N ASP B 65 -18.90 -34.97 -16.97
CA ASP B 65 -19.80 -35.82 -16.21
C ASP B 65 -19.11 -37.11 -15.79
N ASN B 66 -18.38 -37.71 -16.73
CA ASN B 66 -17.66 -38.94 -16.43
C ASN B 66 -16.55 -38.71 -15.40
N LEU B 67 -15.85 -37.58 -15.52
CA LEU B 67 -14.80 -37.29 -14.56
C LEU B 67 -15.37 -37.05 -13.17
N MET B 68 -16.49 -36.34 -13.09
CA MET B 68 -17.13 -36.14 -11.80
C MET B 68 -17.59 -37.46 -11.19
N GLU B 69 -18.18 -38.33 -12.01
CA GLU B 69 -18.58 -39.64 -11.54
C GLU B 69 -17.38 -40.43 -11.02
N LEU B 70 -16.25 -40.36 -11.74
CA LEU B 70 -15.06 -41.06 -11.33
C LEU B 70 -14.53 -40.55 -10.00
N LEU B 71 -14.46 -39.23 -9.84
CA LEU B 71 -13.97 -38.66 -8.59
C LEU B 71 -14.90 -39.02 -7.43
N ILE B 72 -16.20 -38.97 -7.67
CA ILE B 72 -17.16 -39.28 -6.62
C ILE B 72 -17.06 -40.74 -6.22
N MET B 73 -16.88 -41.65 -7.20
CA MET B 73 -16.69 -43.06 -6.87
C MET B 73 -15.41 -43.29 -6.10
N ILE B 74 -14.32 -42.63 -6.49
CA ILE B 74 -13.06 -42.78 -5.77
C ILE B 74 -13.23 -42.34 -4.33
N ASN B 75 -13.85 -41.18 -4.13
CA ASN B 75 -14.03 -40.68 -2.77
C ASN B 75 -14.95 -41.58 -1.97
N ALA B 76 -16.00 -42.11 -2.60
CA ALA B 76 -16.91 -43.01 -1.91
C ALA B 76 -16.19 -44.27 -1.44
N CYS B 77 -15.35 -44.84 -2.30
CA CYS B 77 -14.61 -46.04 -1.90
C CYS B 77 -13.54 -45.71 -0.86
N LYS B 78 -12.96 -44.51 -0.93
CA LYS B 78 -11.93 -44.15 0.04
C LYS B 78 -12.52 -43.97 1.44
N ILE B 79 -13.65 -43.27 1.55
CA ILE B 79 -14.24 -43.10 2.88
C ILE B 79 -15.10 -44.29 3.30
N ALA B 80 -15.23 -45.29 2.44
CA ALA B 80 -15.79 -46.58 2.82
C ALA B 80 -14.72 -47.56 3.25
N SER B 81 -13.50 -47.09 3.48
CA SER B 81 -12.42 -47.86 4.09
C SER B 81 -11.88 -48.95 3.17
N ALA B 82 -11.83 -48.67 1.88
CA ALA B 82 -11.10 -49.53 0.97
C ALA B 82 -9.62 -49.46 1.29
N SER B 83 -8.92 -50.60 1.21
CA SER B 83 -7.50 -50.58 1.51
C SER B 83 -6.74 -49.75 0.48
N ARG B 84 -7.14 -49.82 -0.78
CA ARG B 84 -6.44 -49.14 -1.85
C ARG B 84 -7.42 -48.91 -2.99
N VAL B 85 -7.39 -47.71 -3.56
CA VAL B 85 -8.27 -47.35 -4.66
C VAL B 85 -7.42 -47.00 -5.86
N THR B 86 -7.70 -47.65 -6.99
CA THR B 86 -6.99 -47.42 -8.23
C THR B 86 -7.97 -46.94 -9.28
N ALA B 87 -7.61 -45.86 -9.97
CA ALA B 87 -8.41 -45.35 -11.07
C ALA B 87 -7.84 -45.90 -12.37
N VAL B 88 -8.62 -46.73 -13.05
CA VAL B 88 -8.25 -47.27 -14.34
C VAL B 88 -8.86 -46.35 -15.39
N ILE B 89 -8.04 -45.53 -16.01
CA ILE B 89 -8.50 -44.46 -16.89
C ILE B 89 -7.91 -44.68 -18.27
N PRO B 90 -8.53 -45.51 -19.12
CA PRO B 90 -7.89 -45.87 -20.38
C PRO B 90 -7.56 -44.68 -21.26
N CYS B 91 -8.44 -43.68 -21.34
CA CYS B 91 -8.15 -42.43 -22.02
C CYS B 91 -8.21 -41.31 -20.98
N PHE B 92 -7.07 -40.66 -20.76
CA PHE B 92 -6.98 -39.68 -19.69
C PHE B 92 -7.67 -38.38 -20.09
N PRO B 93 -8.62 -37.88 -19.31
CA PRO B 93 -9.31 -36.64 -19.70
C PRO B 93 -8.41 -35.43 -19.52
N TYR B 94 -8.55 -34.48 -20.44
CA TYR B 94 -7.79 -33.24 -20.48
C TYR B 94 -6.30 -33.46 -20.68
N ALA B 95 -5.92 -34.62 -21.21
CA ALA B 95 -4.51 -34.92 -21.39
C ALA B 95 -3.84 -33.96 -22.37
N ARG B 96 -4.60 -33.39 -23.30
CA ARG B 96 -4.01 -32.46 -24.25
C ARG B 96 -3.80 -31.07 -23.67
N GLN B 97 -4.30 -30.80 -22.47
CA GLN B 97 -4.03 -29.54 -21.78
C GLN B 97 -2.83 -29.71 -20.84
N ASP B 98 -1.69 -30.07 -21.42
CA ASP B 98 -0.52 -30.41 -20.64
C ASP B 98 0.49 -29.29 -20.54
N LYS B 99 0.26 -28.16 -21.20
CA LYS B 99 1.27 -27.10 -21.21
C LYS B 99 0.59 -25.77 -21.48
N LYS B 100 1.29 -24.68 -21.13
CA LYS B 100 0.76 -23.35 -21.31
C LYS B 100 1.14 -22.76 -22.67
N ASP B 101 2.43 -22.68 -22.96
CA ASP B 101 2.95 -22.34 -24.28
C ASP B 101 2.46 -20.97 -24.75
N LYS B 102 2.94 -19.94 -24.03
CA LYS B 102 2.75 -18.54 -24.41
C LYS B 102 1.29 -18.12 -24.37
N SER B 103 0.51 -18.71 -23.48
CA SER B 103 -0.90 -18.37 -23.34
C SER B 103 -1.28 -18.44 -21.86
N ARG B 104 -2.27 -17.63 -21.49
CA ARG B 104 -2.78 -17.62 -20.12
C ARG B 104 -3.79 -18.76 -19.98
N ALA B 105 -3.36 -19.94 -20.37
CA ALA B 105 -4.20 -21.12 -20.39
C ALA B 105 -3.94 -21.99 -19.17
N PRO B 106 -4.97 -22.63 -18.65
CA PRO B 106 -4.77 -23.58 -17.57
C PRO B 106 -4.14 -24.86 -18.07
N ILE B 107 -3.30 -25.45 -17.22
CA ILE B 107 -2.79 -26.79 -17.45
C ILE B 107 -3.84 -27.71 -16.83
N SER B 108 -4.88 -28.00 -17.60
CA SER B 108 -6.03 -28.70 -17.05
C SER B 108 -5.69 -30.13 -16.67
N ALA B 109 -4.72 -30.74 -17.33
CA ALA B 109 -4.31 -32.10 -16.98
C ALA B 109 -3.75 -32.14 -15.56
N LYS B 110 -2.98 -31.13 -15.18
CA LYS B 110 -2.49 -31.05 -13.81
C LYS B 110 -3.64 -30.89 -12.82
N LEU B 111 -4.64 -30.10 -13.17
CA LEU B 111 -5.80 -29.94 -12.32
C LEU B 111 -6.54 -31.26 -12.14
N VAL B 112 -6.67 -32.03 -13.23
CA VAL B 112 -7.31 -33.34 -13.14
C VAL B 112 -6.50 -34.27 -12.25
N ALA B 113 -5.18 -34.25 -12.38
CA ALA B 113 -4.34 -35.07 -11.52
C ALA B 113 -4.51 -34.67 -10.05
N ASN B 114 -4.56 -33.38 -9.77
CA ASN B 114 -4.75 -32.90 -8.40
C ASN B 114 -6.09 -33.35 -7.85
N MET B 115 -7.14 -33.27 -8.67
CA MET B 115 -8.46 -33.69 -8.21
C MET B 115 -8.52 -35.19 -7.97
N LEU B 116 -7.86 -35.97 -8.82
CA LEU B 116 -7.79 -37.41 -8.59
C LEU B 116 -7.05 -37.72 -7.31
N SER B 117 -5.98 -36.99 -7.03
CA SER B 117 -5.23 -37.19 -5.80
C SER B 117 -6.05 -36.82 -4.58
N VAL B 118 -6.79 -35.71 -4.62
CA VAL B 118 -7.53 -35.26 -3.46
C VAL B 118 -8.80 -36.08 -3.26
N ALA B 119 -9.32 -36.69 -4.32
CA ALA B 119 -10.42 -37.64 -4.15
C ALA B 119 -9.97 -38.89 -3.41
N GLY B 120 -8.70 -39.23 -3.51
CA GLY B 120 -8.15 -40.31 -2.72
C GLY B 120 -7.58 -41.47 -3.51
N ALA B 121 -7.35 -41.26 -4.81
CA ALA B 121 -6.76 -42.31 -5.62
C ALA B 121 -5.32 -42.57 -5.19
N ASP B 122 -4.97 -43.83 -5.06
CA ASP B 122 -3.62 -44.23 -4.70
C ASP B 122 -2.80 -44.69 -5.88
N HIS B 123 -3.45 -44.97 -7.01
CA HIS B 123 -2.78 -45.54 -8.16
C HIS B 123 -3.60 -45.21 -9.40
N ILE B 124 -2.90 -44.90 -10.48
CA ILE B 124 -3.52 -44.62 -11.76
C ILE B 124 -2.98 -45.63 -12.77
N ILE B 125 -3.89 -46.27 -13.49
CA ILE B 125 -3.55 -47.08 -14.66
C ILE B 125 -4.19 -46.43 -15.87
N THR B 126 -3.37 -46.10 -16.86
CA THR B 126 -3.83 -45.42 -18.05
C THR B 126 -3.10 -46.01 -19.25
N MET B 127 -3.59 -45.69 -20.44
CA MET B 127 -3.04 -46.25 -21.68
C MET B 127 -2.67 -45.14 -22.63
N ASP B 128 -1.41 -45.11 -23.05
CA ASP B 128 -0.90 -44.19 -24.05
C ASP B 128 -1.27 -42.74 -23.73
N LEU B 129 -0.70 -42.27 -22.62
CA LEU B 129 -0.85 -40.86 -22.26
C LEU B 129 -0.37 -39.98 -23.39
N HIS B 130 -1.08 -38.87 -23.61
CA HIS B 130 -0.71 -37.97 -24.70
C HIS B 130 0.70 -37.44 -24.54
N ALA B 131 1.06 -37.08 -23.32
CA ALA B 131 2.43 -36.73 -22.97
C ALA B 131 2.85 -37.57 -21.78
N SER B 132 4.02 -38.19 -21.87
CA SER B 132 4.53 -38.96 -20.75
C SER B 132 4.77 -38.12 -19.52
N GLN B 133 5.02 -36.82 -19.68
CA GLN B 133 5.25 -35.94 -18.54
C GLN B 133 4.05 -35.84 -17.64
N ILE B 134 2.87 -36.26 -18.11
CA ILE B 134 1.69 -36.26 -17.25
C ILE B 134 1.90 -37.22 -16.07
N GLN B 135 2.74 -38.23 -16.24
CA GLN B 135 3.08 -39.08 -15.10
C GLN B 135 3.68 -38.26 -13.97
N GLY B 136 4.41 -37.21 -14.29
CA GLY B 136 4.95 -36.31 -13.30
C GLY B 136 3.95 -35.36 -12.68
N PHE B 137 2.75 -35.24 -13.24
CA PHE B 137 1.72 -34.42 -12.64
C PHE B 137 1.19 -35.02 -11.34
N PHE B 138 1.35 -36.32 -11.14
CA PHE B 138 0.88 -37.00 -9.96
C PHE B 138 2.02 -37.17 -8.97
N ASP B 139 1.66 -37.33 -7.69
CA ASP B 139 2.60 -37.79 -6.69
C ASP B 139 2.38 -39.24 -6.31
N ILE B 140 1.39 -39.90 -6.90
CA ILE B 140 1.13 -41.32 -6.70
C ILE B 140 1.71 -42.08 -7.89
N PRO B 141 1.88 -43.40 -7.80
CA PRO B 141 2.37 -44.14 -8.98
C PRO B 141 1.35 -44.13 -10.11
N VAL B 142 1.85 -44.00 -11.33
CA VAL B 142 1.02 -44.04 -12.52
C VAL B 142 1.64 -45.06 -13.47
N ASP B 143 0.83 -46.03 -13.90
CA ASP B 143 1.25 -47.02 -14.87
C ASP B 143 0.71 -46.61 -16.23
N ASN B 144 1.59 -46.33 -17.16
CA ASN B 144 1.22 -45.85 -18.49
C ASN B 144 1.45 -46.99 -19.49
N LEU B 145 0.40 -47.76 -19.73
CA LEU B 145 0.49 -48.89 -20.63
C LEU B 145 0.54 -48.43 -22.08
N TYR B 146 1.02 -49.31 -22.94
CA TYR B 146 1.18 -49.02 -24.36
C TYR B 146 0.34 -49.98 -25.16
N ALA B 147 -0.31 -49.48 -26.20
CA ALA B 147 -1.06 -50.33 -27.11
C ALA B 147 -0.17 -50.96 -28.17
N GLU B 148 1.12 -50.62 -28.19
CA GLU B 148 2.02 -51.12 -29.22
C GLU B 148 2.02 -52.63 -29.38
N PRO B 149 2.04 -53.45 -28.33
CA PRO B 149 1.94 -54.91 -28.56
C PRO B 149 0.72 -55.31 -29.38
N ALA B 150 -0.46 -54.84 -28.98
CA ALA B 150 -1.68 -55.15 -29.72
C ALA B 150 -1.65 -54.56 -31.12
N VAL B 151 -1.05 -53.39 -31.29
CA VAL B 151 -0.97 -52.77 -32.60
C VAL B 151 -0.11 -53.62 -33.54
N LEU B 152 1.04 -54.07 -33.05
CA LEU B 152 1.91 -54.92 -33.86
C LEU B 152 1.22 -56.23 -34.20
N LYS B 153 0.50 -56.80 -33.25
CA LYS B 153 -0.25 -58.02 -33.52
C LYS B 153 -1.25 -57.80 -34.64
N TRP B 154 -2.01 -56.69 -34.57
CA TRP B 154 -2.98 -56.40 -35.61
C TRP B 154 -2.29 -56.19 -36.97
N ILE B 155 -1.19 -55.47 -36.99
CA ILE B 155 -0.49 -55.20 -38.24
C ILE B 155 -0.03 -56.50 -38.88
N ARG B 156 0.54 -57.39 -38.07
CA ARG B 156 1.05 -58.65 -38.59
C ARG B 156 -0.08 -59.54 -39.08
N GLU B 157 -1.20 -59.56 -38.38
CA GLU B 157 -2.29 -60.43 -38.79
C GLU B 157 -3.27 -59.80 -39.77
N ASN B 158 -3.03 -58.56 -40.21
CA ASN B 158 -3.99 -57.89 -41.07
C ASN B 158 -3.39 -57.24 -42.30
N ILE B 159 -2.09 -56.98 -42.32
CA ILE B 159 -1.45 -56.36 -43.48
C ILE B 159 -0.44 -57.36 -44.02
N SER B 160 -0.84 -58.10 -45.07
CA SER B 160 0.01 -59.17 -45.59
C SER B 160 1.34 -58.64 -46.10
N GLU B 161 1.41 -57.35 -46.45
CA GLU B 161 2.60 -56.73 -46.99
C GLU B 161 3.39 -55.98 -45.91
N TRP B 162 3.31 -56.43 -44.66
CA TRP B 162 3.85 -55.65 -43.56
C TRP B 162 5.36 -55.68 -43.48
N ARG B 163 6.01 -56.62 -44.17
CA ARG B 163 7.46 -56.65 -44.16
C ARG B 163 8.07 -55.57 -45.04
N ASN B 164 7.32 -55.08 -46.02
CA ASN B 164 7.78 -54.01 -46.90
C ASN B 164 7.07 -52.70 -46.63
N CYS B 165 6.17 -52.67 -45.65
CA CYS B 165 5.33 -51.51 -45.39
C CYS B 165 6.14 -50.36 -44.81
N THR B 166 5.44 -49.28 -44.48
CA THR B 166 6.04 -48.08 -43.91
C THR B 166 5.23 -47.64 -42.71
N ILE B 167 5.91 -47.14 -41.69
CA ILE B 167 5.25 -46.62 -40.49
C ILE B 167 5.45 -45.11 -40.48
N VAL B 168 4.36 -44.36 -40.57
CA VAL B 168 4.39 -42.93 -40.81
C VAL B 168 3.80 -42.22 -39.60
N SER B 169 4.42 -41.14 -39.21
CA SER B 169 3.87 -40.33 -38.14
C SER B 169 3.10 -39.15 -38.74
N PRO B 170 1.92 -38.81 -38.20
CA PRO B 170 1.18 -37.69 -38.78
C PRO B 170 1.76 -36.34 -38.44
N ASP B 171 2.47 -36.23 -37.33
CA ASP B 171 3.10 -34.97 -36.96
C ASP B 171 4.48 -35.28 -36.38
N ALA B 172 5.21 -34.21 -36.04
CA ALA B 172 6.51 -34.38 -35.41
C ALA B 172 6.40 -35.06 -34.05
N GLY B 173 5.38 -34.73 -33.26
CA GLY B 173 5.32 -35.20 -31.89
C GLY B 173 5.06 -36.70 -31.77
N GLY B 174 4.75 -37.34 -32.89
CA GLY B 174 4.52 -38.77 -32.86
C GLY B 174 5.71 -39.63 -33.24
N ALA B 175 6.90 -39.05 -33.28
CA ALA B 175 8.06 -39.73 -33.85
C ALA B 175 8.44 -40.98 -33.06
N LYS B 176 8.47 -40.87 -31.73
CA LYS B 176 9.00 -41.95 -30.91
C LYS B 176 8.18 -43.22 -31.07
N ARG B 177 6.85 -43.08 -31.06
CA ARG B 177 5.97 -44.24 -31.11
C ARG B 177 6.14 -44.99 -32.43
N VAL B 178 6.19 -44.26 -33.54
CA VAL B 178 6.33 -44.91 -34.84
C VAL B 178 7.71 -45.52 -34.98
N THR B 179 8.73 -44.88 -34.43
CA THR B 179 10.07 -45.45 -34.51
C THR B 179 10.13 -46.77 -33.73
N SER B 180 9.50 -46.81 -32.56
CA SER B 180 9.47 -48.07 -31.81
C SER B 180 8.73 -49.15 -32.58
N ILE B 181 7.59 -48.79 -33.19
CA ILE B 181 6.83 -49.77 -33.96
C ILE B 181 7.66 -50.30 -35.12
N ALA B 182 8.32 -49.39 -35.84
CA ALA B 182 9.15 -49.80 -36.97
C ALA B 182 10.29 -50.69 -36.53
N ASP B 183 10.93 -50.36 -35.42
CA ASP B 183 12.03 -51.18 -34.93
C ASP B 183 11.55 -52.58 -34.59
N ARG B 184 10.42 -52.70 -33.88
CA ARG B 184 9.91 -54.04 -33.58
C ARG B 184 9.44 -54.79 -34.81
N LEU B 185 9.04 -54.09 -35.87
CA LEU B 185 8.68 -54.76 -37.11
C LEU B 185 9.84 -54.87 -38.09
N ASN B 186 10.93 -54.12 -37.88
CA ASN B 186 12.04 -54.04 -38.82
C ASN B 186 11.55 -53.59 -40.20
N VAL B 187 11.04 -52.36 -40.24
CA VAL B 187 10.54 -51.75 -41.46
C VAL B 187 11.05 -50.33 -41.54
N ASP B 188 10.99 -49.77 -42.74
CA ASP B 188 11.32 -48.37 -42.93
C ASP B 188 10.22 -47.50 -42.36
N PHE B 189 10.61 -46.35 -41.83
CA PHE B 189 9.65 -45.44 -41.22
C PHE B 189 9.75 -44.06 -41.85
N ALA B 190 8.63 -43.62 -42.42
CA ALA B 190 8.52 -42.31 -43.04
C ALA B 190 8.08 -41.29 -42.00
N LEU B 191 8.08 -40.03 -42.40
CA LEU B 191 7.55 -38.98 -41.54
C LEU B 191 6.80 -37.95 -42.37
N ILE B 192 5.90 -37.22 -41.71
CA ILE B 192 5.05 -36.23 -42.33
C ILE B 192 4.97 -35.02 -41.42
N HIS B 193 5.08 -33.82 -41.99
CA HIS B 193 4.74 -32.63 -41.23
C HIS B 193 4.33 -31.52 -42.16
N LYS B 194 3.38 -30.70 -41.72
CA LYS B 194 2.90 -29.59 -42.51
C LYS B 194 3.92 -28.47 -42.53
N GLU B 195 3.77 -27.55 -43.48
CA GLU B 195 4.66 -26.41 -43.60
C GLU B 195 3.93 -25.12 -43.22
N ASP B 203 -0.39 -24.69 -45.46
CA ASP B 203 -1.42 -25.65 -45.82
C ASP B 203 -0.82 -26.88 -46.50
N ARG B 204 0.48 -26.82 -46.77
CA ARG B 204 1.18 -27.93 -47.40
C ARG B 204 1.92 -28.77 -46.36
N MET B 205 2.19 -30.01 -46.72
CA MET B 205 2.95 -30.94 -45.90
C MET B 205 4.03 -31.61 -46.73
N VAL B 206 5.09 -32.02 -46.04
CA VAL B 206 6.19 -32.76 -46.65
C VAL B 206 6.27 -34.13 -46.01
N LEU B 207 6.44 -35.15 -46.86
CA LEU B 207 6.62 -36.53 -46.46
C LEU B 207 8.04 -36.96 -46.84
N VAL B 208 8.74 -37.55 -45.87
CA VAL B 208 10.12 -38.01 -46.06
C VAL B 208 10.12 -39.52 -45.87
N GLY B 209 10.68 -40.23 -46.84
CA GLY B 209 10.68 -41.69 -46.78
C GLY B 209 9.94 -42.27 -47.98
N ASP B 210 10.60 -43.20 -48.67
CA ASP B 210 10.05 -43.76 -49.89
C ASP B 210 8.80 -44.58 -49.59
N VAL B 211 7.71 -44.27 -50.30
CA VAL B 211 6.42 -44.91 -50.06
C VAL B 211 5.78 -45.43 -51.33
N LYS B 212 6.34 -45.15 -52.50
CA LYS B 212 5.73 -45.55 -53.76
C LYS B 212 5.59 -47.07 -53.81
N ASP B 213 4.39 -47.52 -54.21
CA ASP B 213 4.01 -48.92 -54.26
C ASP B 213 4.09 -49.60 -52.91
N ARG B 214 4.34 -48.85 -51.84
CA ARG B 214 4.45 -49.39 -50.50
C ARG B 214 3.29 -48.90 -49.65
N VAL B 215 2.75 -49.81 -48.84
CA VAL B 215 1.69 -49.45 -47.92
C VAL B 215 2.22 -48.50 -46.86
N ALA B 216 1.51 -47.39 -46.64
CA ALA B 216 1.80 -46.47 -45.55
C ALA B 216 0.91 -46.80 -44.38
N ILE B 217 1.45 -46.71 -43.18
CA ILE B 217 0.71 -46.94 -41.94
C ILE B 217 0.87 -45.70 -41.08
N LEU B 218 -0.15 -44.87 -41.03
CA LEU B 218 -0.17 -43.80 -40.05
C LEU B 218 -0.40 -44.37 -38.66
N VAL B 219 0.45 -44.00 -37.72
CA VAL B 219 0.32 -44.41 -36.34
C VAL B 219 0.33 -43.15 -35.49
N ASP B 220 -0.65 -43.03 -34.61
CA ASP B 220 -0.77 -41.84 -33.79
C ASP B 220 -1.51 -42.20 -32.52
N ASP B 221 -1.40 -41.32 -31.52
CA ASP B 221 -2.02 -41.60 -30.23
C ASP B 221 -3.54 -41.37 -30.22
N MET B 222 -4.05 -40.33 -30.88
CA MET B 222 -5.48 -40.13 -30.83
C MET B 222 -5.93 -39.43 -32.11
N ALA B 223 -7.21 -39.58 -32.41
CA ALA B 223 -7.86 -38.84 -33.48
C ALA B 223 -9.11 -38.21 -32.90
N ASP B 224 -9.13 -36.89 -32.79
CA ASP B 224 -10.28 -36.17 -32.24
C ASP B 224 -11.20 -35.71 -33.36
N THR B 225 -10.70 -34.80 -34.20
CA THR B 225 -11.43 -34.31 -35.35
C THR B 225 -10.92 -34.92 -36.64
N CYS B 226 -9.86 -35.72 -36.56
CA CYS B 226 -9.27 -36.44 -37.68
C CYS B 226 -8.75 -35.51 -38.76
N GLY B 227 -8.50 -34.24 -38.44
CA GLY B 227 -7.81 -33.37 -39.39
C GLY B 227 -6.39 -33.82 -39.63
N THR B 228 -5.69 -34.21 -38.56
CA THR B 228 -4.29 -34.60 -38.69
C THR B 228 -4.13 -35.81 -39.59
N ILE B 229 -4.87 -36.89 -39.30
CA ILE B 229 -4.71 -38.10 -40.09
C ILE B 229 -5.23 -37.90 -41.50
N CYS B 230 -6.26 -37.06 -41.68
CA CYS B 230 -6.78 -36.85 -43.03
C CYS B 230 -5.79 -36.09 -43.89
N HIS B 231 -5.16 -35.04 -43.34
CA HIS B 231 -4.13 -34.33 -44.10
C HIS B 231 -2.95 -35.25 -44.38
N ALA B 232 -2.56 -36.06 -43.40
CA ALA B 232 -1.45 -37.00 -43.62
C ALA B 232 -1.78 -37.98 -44.73
N ALA B 233 -3.00 -38.51 -44.74
CA ALA B 233 -3.39 -39.45 -45.79
C ALA B 233 -3.43 -38.77 -47.15
N ASP B 234 -3.91 -37.53 -47.20
CA ASP B 234 -3.88 -36.79 -48.46
C ASP B 234 -2.47 -36.70 -49.01
N LYS B 235 -1.51 -36.30 -48.17
CA LYS B 235 -0.14 -36.21 -48.64
C LYS B 235 0.42 -37.58 -49.01
N LEU B 236 0.11 -38.61 -48.23
CA LEU B 236 0.62 -39.93 -48.56
C LEU B 236 0.12 -40.39 -49.93
N LEU B 237 -1.12 -40.08 -50.26
CA LEU B 237 -1.61 -40.41 -51.60
C LEU B 237 -1.01 -39.50 -52.67
N SER B 238 -0.59 -38.28 -52.29
CA SER B 238 0.14 -37.45 -53.24
C SER B 238 1.45 -38.10 -53.64
N ALA B 239 2.14 -38.71 -52.69
CA ALA B 239 3.41 -39.38 -52.96
C ALA B 239 3.24 -40.78 -53.53
N GLY B 240 2.05 -41.12 -53.99
CA GLY B 240 1.85 -42.35 -54.74
C GLY B 240 1.83 -43.62 -53.94
N ALA B 241 1.60 -43.55 -52.63
CA ALA B 241 1.49 -44.77 -51.84
C ALA B 241 0.26 -45.56 -52.27
N THR B 242 0.39 -46.88 -52.23
CA THR B 242 -0.67 -47.74 -52.75
C THR B 242 -1.89 -47.70 -51.86
N ARG B 243 -1.75 -48.09 -50.60
CA ARG B 243 -2.83 -48.07 -49.63
C ARG B 243 -2.37 -47.37 -48.37
N VAL B 244 -3.32 -46.76 -47.66
CA VAL B 244 -3.04 -45.98 -46.46
C VAL B 244 -3.85 -46.54 -45.31
N TYR B 245 -3.20 -46.72 -44.17
CA TYR B 245 -3.79 -47.19 -42.93
C TYR B 245 -3.57 -46.15 -41.83
N ALA B 246 -4.56 -46.02 -40.97
CA ALA B 246 -4.42 -45.18 -39.78
C ALA B 246 -4.63 -46.08 -38.58
N ILE B 247 -3.73 -45.99 -37.59
CA ILE B 247 -3.86 -46.77 -36.37
C ILE B 247 -3.75 -45.82 -35.20
N LEU B 248 -4.67 -45.96 -34.25
CA LEU B 248 -4.84 -45.03 -33.14
C LEU B 248 -5.23 -45.80 -31.89
N THR B 249 -4.73 -45.34 -30.75
CA THR B 249 -5.17 -45.99 -29.53
C THR B 249 -6.45 -45.36 -28.98
N HIS B 250 -6.69 -44.08 -29.24
CA HIS B 250 -7.89 -43.41 -28.75
C HIS B 250 -8.68 -42.84 -29.93
N GLY B 251 -9.83 -43.43 -30.21
CA GLY B 251 -10.72 -42.95 -31.24
C GLY B 251 -11.81 -42.04 -30.72
N ILE B 252 -11.47 -40.80 -30.37
CA ILE B 252 -12.48 -39.88 -29.84
C ILE B 252 -13.55 -39.61 -30.89
N PHE B 253 -13.13 -39.31 -32.12
CA PHE B 253 -14.04 -39.16 -33.25
C PHE B 253 -15.14 -38.16 -32.98
N SER B 254 -14.76 -36.92 -32.69
CA SER B 254 -15.74 -35.91 -32.37
C SER B 254 -15.94 -34.95 -33.53
N GLY B 255 -17.13 -34.36 -33.60
CA GLY B 255 -17.45 -33.38 -34.60
C GLY B 255 -17.46 -33.94 -36.02
N PRO B 256 -16.65 -33.34 -36.89
CA PRO B 256 -16.68 -33.73 -38.31
C PRO B 256 -15.86 -34.97 -38.61
N ALA B 257 -15.47 -35.71 -37.58
CA ALA B 257 -14.52 -36.80 -37.77
C ALA B 257 -15.08 -37.89 -38.67
N ILE B 258 -16.33 -38.31 -38.45
CA ILE B 258 -16.85 -39.44 -39.20
C ILE B 258 -17.02 -39.08 -40.67
N SER B 259 -17.51 -37.88 -40.96
CA SER B 259 -17.62 -37.43 -42.34
C SER B 259 -16.25 -37.36 -43.01
N ARG B 260 -15.26 -36.84 -42.29
CA ARG B 260 -13.92 -36.76 -42.88
C ARG B 260 -13.36 -38.13 -43.18
N ILE B 261 -13.54 -39.09 -42.26
CA ILE B 261 -13.02 -40.43 -42.50
C ILE B 261 -13.76 -41.10 -43.66
N ASN B 262 -15.07 -40.85 -43.75
CA ASN B 262 -15.84 -41.42 -44.86
C ASN B 262 -15.40 -40.83 -46.19
N ASN B 263 -15.07 -39.54 -46.22
CA ASN B 263 -14.62 -38.88 -47.44
C ASN B 263 -13.13 -39.04 -47.69
N ALA B 264 -12.39 -39.62 -46.74
CA ALA B 264 -10.96 -39.78 -46.89
C ALA B 264 -10.64 -41.04 -47.71
N CYS B 265 -9.35 -41.34 -47.78
CA CYS B 265 -8.85 -42.44 -48.60
C CYS B 265 -8.18 -43.53 -47.78
N PHE B 266 -8.55 -43.70 -46.52
CA PHE B 266 -7.97 -44.76 -45.71
C PHE B 266 -8.48 -46.12 -46.18
N GLU B 267 -7.59 -47.10 -46.15
CA GLU B 267 -8.04 -48.47 -46.31
C GLU B 267 -8.64 -48.99 -45.01
N ALA B 268 -8.18 -48.47 -43.88
CA ALA B 268 -8.73 -48.80 -42.58
C ALA B 268 -8.30 -47.75 -41.57
N VAL B 269 -9.20 -47.45 -40.64
CA VAL B 269 -8.89 -46.67 -39.46
C VAL B 269 -9.08 -47.61 -38.27
N VAL B 270 -7.99 -48.04 -37.69
CA VAL B 270 -7.99 -49.00 -36.59
C VAL B 270 -7.83 -48.21 -35.30
N VAL B 271 -8.67 -48.50 -34.31
CA VAL B 271 -8.57 -47.87 -33.01
C VAL B 271 -8.65 -48.93 -31.94
N THR B 272 -8.09 -48.62 -30.77
CA THR B 272 -8.23 -49.54 -29.62
C THR B 272 -9.48 -49.13 -28.85
N ASN B 273 -10.13 -50.08 -28.18
CA ASN B 273 -11.39 -49.83 -27.47
C ASN B 273 -11.16 -49.19 -26.12
N THR B 274 -10.32 -48.17 -26.04
CA THR B 274 -10.26 -47.37 -24.82
C THR B 274 -11.47 -46.46 -24.72
N ILE B 275 -12.15 -46.23 -25.83
CA ILE B 275 -13.37 -45.44 -25.92
C ILE B 275 -14.38 -46.34 -26.60
N PRO B 276 -15.65 -46.34 -26.21
CA PRO B 276 -16.65 -47.12 -26.92
C PRO B 276 -16.77 -46.67 -28.37
N GLN B 277 -16.84 -47.63 -29.31
CA GLN B 277 -16.84 -47.23 -30.74
C GLN B 277 -18.07 -47.77 -31.49
N GLU B 278 -18.95 -48.51 -30.81
CA GLU B 278 -20.11 -49.14 -31.50
C GLU B 278 -20.87 -48.11 -32.33
N ASP B 279 -21.21 -46.95 -31.74
CA ASP B 279 -21.94 -45.89 -32.42
C ASP B 279 -21.14 -45.33 -33.59
N LYS B 280 -19.84 -45.11 -33.39
CA LYS B 280 -19.02 -44.59 -34.48
C LYS B 280 -18.88 -45.62 -35.60
N MET B 281 -18.73 -46.90 -35.24
CA MET B 281 -18.65 -47.93 -36.26
C MET B 281 -19.97 -48.08 -37.02
N LYS B 282 -21.07 -47.62 -36.44
CA LYS B 282 -22.34 -47.65 -37.14
C LYS B 282 -22.31 -46.78 -38.39
N HIS B 283 -21.72 -45.59 -38.29
CA HIS B 283 -21.73 -44.62 -39.37
C HIS B 283 -20.43 -44.54 -40.15
N CYS B 284 -19.50 -45.45 -39.91
CA CYS B 284 -18.22 -45.45 -40.62
C CYS B 284 -17.78 -46.91 -40.78
N SER B 285 -17.79 -47.41 -42.01
CA SER B 285 -17.55 -48.82 -42.23
C SER B 285 -16.07 -49.16 -42.13
N LYS B 286 -15.19 -48.17 -42.18
CA LYS B 286 -13.76 -48.41 -42.22
C LYS B 286 -13.11 -48.33 -40.85
N ILE B 287 -13.87 -48.19 -39.77
CA ILE B 287 -13.31 -48.21 -38.43
C ILE B 287 -13.27 -49.64 -37.92
N GLN B 288 -12.09 -50.09 -37.52
CA GLN B 288 -11.90 -51.39 -36.88
C GLN B 288 -11.40 -51.16 -35.46
N VAL B 289 -11.66 -52.13 -34.59
CA VAL B 289 -11.36 -51.98 -33.18
C VAL B 289 -10.43 -53.10 -32.73
N ILE B 290 -9.32 -52.72 -32.10
CA ILE B 290 -8.43 -53.65 -31.41
C ILE B 290 -8.85 -53.73 -29.95
N ASP B 291 -9.07 -54.94 -29.47
CA ASP B 291 -9.33 -55.14 -28.05
C ASP B 291 -8.04 -54.96 -27.26
N ILE B 292 -8.07 -54.07 -26.27
CA ILE B 292 -6.97 -53.94 -25.33
C ILE B 292 -7.39 -54.30 -23.92
N SER B 293 -8.56 -54.92 -23.76
CA SER B 293 -9.03 -55.27 -22.43
C SER B 293 -8.12 -56.29 -21.76
N MET B 294 -7.41 -57.12 -22.54
CA MET B 294 -6.50 -58.08 -21.95
C MET B 294 -5.31 -57.38 -21.31
N ILE B 295 -4.79 -56.32 -21.94
CA ILE B 295 -3.69 -55.57 -21.35
C ILE B 295 -4.13 -54.90 -20.05
N LEU B 296 -5.32 -54.31 -20.05
CA LEU B 296 -5.82 -53.67 -18.83
C LEU B 296 -6.06 -54.69 -17.72
N ALA B 297 -6.65 -55.83 -18.07
CA ALA B 297 -6.88 -56.87 -17.07
C ALA B 297 -5.57 -57.41 -16.53
N GLU B 298 -4.59 -57.60 -17.40
CA GLU B 298 -3.29 -58.09 -16.95
C GLU B 298 -2.59 -57.07 -16.05
N ALA B 299 -2.69 -55.79 -16.38
CA ALA B 299 -2.11 -54.77 -15.53
C ALA B 299 -2.78 -54.71 -14.18
N ILE B 300 -4.11 -54.81 -14.14
CA ILE B 300 -4.82 -54.80 -12.87
C ILE B 300 -4.38 -56.00 -12.03
N ARG B 301 -4.32 -57.17 -12.65
CA ARG B 301 -3.96 -58.38 -11.94
C ARG B 301 -2.52 -58.35 -11.46
N ARG B 302 -1.61 -57.79 -12.25
CA ARG B 302 -0.21 -57.72 -11.85
C ARG B 302 0.02 -56.69 -10.76
N THR B 303 -0.70 -55.55 -10.79
CA THR B 303 -0.57 -54.62 -9.68
C THR B 303 -1.15 -55.22 -8.41
N HIS B 304 -2.24 -55.98 -8.53
CA HIS B 304 -2.80 -56.60 -7.34
C HIS B 304 -1.85 -57.64 -6.74
N ASN B 305 -1.24 -58.47 -7.59
CA ASN B 305 -0.38 -59.53 -7.10
C ASN B 305 1.06 -59.09 -6.88
N GLY B 306 1.39 -57.84 -7.16
CA GLY B 306 2.74 -57.38 -6.98
C GLY B 306 3.73 -57.87 -8.01
N GLU B 307 3.26 -58.39 -9.13
CA GLU B 307 4.13 -58.82 -10.20
C GLU B 307 4.53 -57.63 -11.08
N SER B 308 5.53 -57.84 -11.92
CA SER B 308 6.03 -56.76 -12.75
C SER B 308 5.00 -56.33 -13.77
N VAL B 309 4.75 -55.02 -13.84
CA VAL B 309 3.82 -54.47 -14.82
C VAL B 309 4.54 -54.07 -16.10
N SER B 310 5.81 -53.67 -15.97
CA SER B 310 6.63 -53.25 -17.13
C SER B 310 6.85 -54.44 -18.07
N TYR B 311 6.52 -55.65 -17.62
CA TYR B 311 6.63 -56.85 -18.49
C TYR B 311 5.70 -56.65 -19.69
N LEU B 312 4.51 -56.09 -19.44
CA LEU B 312 3.51 -55.90 -20.52
C LEU B 312 4.03 -54.97 -21.61
N PHE B 313 5.01 -54.10 -21.30
CA PHE B 313 5.44 -53.16 -22.33
C PHE B 313 5.92 -53.87 -23.58
N SER B 314 6.28 -55.14 -23.47
CA SER B 314 6.85 -55.86 -24.59
C SER B 314 6.15 -57.18 -24.91
N HIS B 315 5.11 -57.55 -24.18
CA HIS B 315 4.49 -58.86 -24.36
C HIS B 315 2.97 -58.76 -24.33
N VAL B 316 2.33 -59.44 -25.28
CA VAL B 316 0.87 -59.55 -25.31
C VAL B 316 0.45 -60.66 -24.35
N PRO B 317 -0.41 -60.39 -23.38
CA PRO B 317 -0.88 -61.42 -22.44
C PRO B 317 -1.92 -62.34 -23.05
N PRO C 2 7.07 -3.60 0.05
CA PRO C 2 8.11 -4.61 -0.23
C PRO C 2 9.01 -4.19 -1.37
N ASN C 3 10.31 -4.29 -1.16
CA ASN C 3 11.29 -3.93 -2.16
C ASN C 3 11.96 -5.18 -2.74
N ILE C 4 12.52 -5.02 -3.93
CA ILE C 4 13.22 -6.12 -4.59
C ILE C 4 14.54 -6.35 -3.90
N LYS C 5 14.81 -7.60 -3.56
CA LYS C 5 16.13 -8.04 -3.11
C LYS C 5 16.61 -9.10 -4.08
N ILE C 6 17.79 -8.89 -4.66
CA ILE C 6 18.37 -9.83 -5.61
C ILE C 6 19.52 -10.53 -4.90
N PHE C 7 19.46 -11.85 -4.82
CA PHE C 7 20.53 -12.64 -4.23
C PHE C 7 21.11 -13.55 -5.28
N SER C 8 22.42 -13.72 -5.24
CA SER C 8 23.14 -14.56 -6.19
C SER C 8 23.58 -15.83 -5.50
N GLY C 9 23.42 -16.95 -6.18
CA GLY C 9 24.12 -18.15 -5.79
C GLY C 9 25.53 -18.14 -6.32
N SER C 10 26.24 -19.25 -6.09
CA SER C 10 27.60 -19.36 -6.59
C SER C 10 27.67 -19.74 -8.06
N SER C 11 26.59 -20.24 -8.64
CA SER C 11 26.66 -20.82 -9.98
C SER C 11 26.98 -19.78 -11.04
N HIS C 12 26.23 -18.68 -11.06
CA HIS C 12 26.36 -17.68 -12.13
C HIS C 12 26.34 -16.29 -11.50
N GLN C 13 27.51 -15.83 -11.04
CA GLN C 13 27.60 -14.54 -10.39
C GLN C 13 27.56 -13.40 -11.39
N ASP C 14 28.11 -13.61 -12.59
CA ASP C 14 28.09 -12.58 -13.62
C ASP C 14 26.66 -12.26 -14.05
N LEU C 15 25.85 -13.29 -14.26
CA LEU C 15 24.47 -13.07 -14.65
C LEU C 15 23.70 -12.31 -13.58
N SER C 16 23.92 -12.67 -12.32
CA SER C 16 23.24 -11.98 -11.23
C SER C 16 23.68 -10.52 -11.14
N GLN C 17 24.96 -10.25 -11.32
CA GLN C 17 25.42 -8.87 -11.29
C GLN C 17 24.81 -8.07 -12.43
N LYS C 18 24.73 -8.66 -13.62
CA LYS C 18 24.10 -7.98 -14.74
C LYS C 18 22.64 -7.68 -14.45
N ILE C 19 21.92 -8.67 -13.92
CA ILE C 19 20.50 -8.47 -13.61
C ILE C 19 20.33 -7.36 -12.58
N ALA C 20 21.15 -7.36 -11.54
CA ALA C 20 21.06 -6.32 -10.51
C ALA C 20 21.39 -4.96 -11.10
N ASP C 21 22.35 -4.90 -12.03
CA ASP C 21 22.65 -3.64 -12.69
C ASP C 21 21.45 -3.12 -13.46
N ARG C 22 20.74 -3.99 -14.18
CA ARG C 22 19.64 -3.50 -15.00
C ARG C 22 18.42 -3.16 -14.17
N LEU C 23 18.43 -3.52 -12.89
CA LEU C 23 17.36 -3.12 -11.99
C LEU C 23 17.74 -1.95 -11.10
N GLY C 24 18.95 -1.42 -11.25
CA GLY C 24 19.41 -0.36 -10.39
C GLY C 24 19.57 -0.76 -8.94
N LEU C 25 20.03 -1.97 -8.68
CA LEU C 25 20.18 -2.48 -7.33
C LEU C 25 21.57 -3.01 -7.10
N GLU C 26 21.89 -3.23 -5.83
CA GLU C 26 23.07 -3.98 -5.44
C GLU C 26 22.65 -5.39 -5.06
N LEU C 27 23.53 -6.35 -5.35
CA LEU C 27 23.26 -7.72 -4.97
C LEU C 27 23.13 -7.81 -3.45
N GLY C 28 22.19 -8.63 -3.01
CA GLY C 28 21.98 -8.79 -1.58
C GLY C 28 23.19 -9.41 -0.91
N LYS C 29 23.38 -9.05 0.35
CA LYS C 29 24.55 -9.49 1.09
C LYS C 29 24.33 -10.92 1.58
N VAL C 30 24.96 -11.88 0.92
CA VAL C 30 24.85 -13.27 1.32
C VAL C 30 26.22 -13.93 1.21
N VAL C 31 26.52 -14.77 2.19
CA VAL C 31 27.74 -15.57 2.20
C VAL C 31 27.36 -17.00 1.88
N THR C 32 27.88 -17.54 0.80
CA THR C 32 27.61 -18.91 0.38
C THR C 32 28.94 -19.62 0.25
N LYS C 33 29.27 -20.46 1.23
CA LYS C 33 30.52 -21.21 1.17
C LYS C 33 30.30 -22.68 1.46
N LYS C 34 31.39 -23.42 1.64
CA LYS C 34 31.32 -24.81 2.04
C LYS C 34 32.07 -24.98 3.35
N PHE C 35 31.48 -25.75 4.26
CA PHE C 35 32.25 -26.24 5.39
C PHE C 35 33.29 -27.24 4.91
N SER C 36 34.14 -27.67 5.83
CA SER C 36 35.21 -28.60 5.48
C SER C 36 34.66 -29.92 4.99
N ASN C 37 33.49 -30.32 5.46
CA ASN C 37 32.88 -31.59 5.09
C ASN C 37 31.99 -31.48 3.87
N GLN C 38 32.20 -30.48 3.02
CA GLN C 38 31.45 -30.30 1.78
C GLN C 38 30.00 -29.95 2.01
N GLU C 39 29.67 -29.38 3.15
CA GLU C 39 28.31 -28.98 3.44
C GLU C 39 28.09 -27.52 3.10
N THR C 40 26.97 -27.23 2.45
CA THR C 40 26.66 -25.86 2.06
C THR C 40 26.39 -24.99 3.28
N CYS C 41 27.05 -23.85 3.35
CA CYS C 41 26.82 -22.86 4.39
C CYS C 41 26.26 -21.61 3.73
N VAL C 42 25.08 -21.19 4.17
CA VAL C 42 24.42 -20.00 3.63
C VAL C 42 24.12 -19.07 4.79
N GLU C 43 24.51 -17.81 4.66
CA GLU C 43 24.21 -16.80 5.66
C GLU C 43 23.72 -15.55 4.96
N ILE C 44 22.46 -15.21 5.17
CA ILE C 44 21.90 -13.96 4.67
C ILE C 44 22.41 -12.84 5.56
N GLY C 45 23.18 -11.94 4.98
CA GLY C 45 23.80 -10.86 5.73
C GLY C 45 22.98 -9.62 5.90
N GLU C 46 21.76 -9.60 5.37
CA GLU C 46 20.88 -8.46 5.54
C GLU C 46 19.47 -8.96 5.80
N SER C 47 18.70 -8.16 6.51
CA SER C 47 17.31 -8.50 6.78
C SER C 47 16.52 -8.52 5.49
N VAL C 48 15.72 -9.57 5.29
CA VAL C 48 14.84 -9.68 4.15
C VAL C 48 13.38 -9.64 4.59
N ARG C 49 13.13 -9.21 5.82
CA ARG C 49 11.79 -9.24 6.39
C ARG C 49 10.85 -8.35 5.59
N GLY C 50 9.78 -8.93 5.08
CA GLY C 50 8.80 -8.18 4.31
C GLY C 50 9.25 -7.75 2.95
N GLU C 51 10.27 -8.38 2.39
CA GLU C 51 10.83 -7.99 1.11
C GLU C 51 10.45 -8.99 0.03
N ASP C 52 10.66 -8.57 -1.22
CA ASP C 52 10.40 -9.40 -2.39
C ASP C 52 11.74 -9.96 -2.87
N VAL C 53 12.07 -11.16 -2.41
CA VAL C 53 13.39 -11.76 -2.60
C VAL C 53 13.41 -12.53 -3.91
N TYR C 54 14.45 -12.29 -4.71
CA TYR C 54 14.70 -13.05 -5.94
C TYR C 54 16.08 -13.66 -5.83
N ILE C 55 16.16 -14.98 -5.96
CA ILE C 55 17.42 -15.70 -5.87
C ILE C 55 17.76 -16.20 -7.26
N VAL C 56 18.92 -15.81 -7.76
CA VAL C 56 19.36 -16.18 -9.10
C VAL C 56 20.36 -17.32 -8.97
N GLN C 57 20.05 -18.44 -9.59
CA GLN C 57 20.89 -19.63 -9.51
C GLN C 57 20.54 -20.51 -10.70
N SER C 58 21.54 -20.91 -11.47
CA SER C 58 21.29 -21.70 -12.66
C SER C 58 21.74 -23.14 -12.46
N GLY C 59 20.99 -24.06 -13.04
CA GLY C 59 21.30 -25.48 -12.94
C GLY C 59 22.47 -25.86 -13.81
N CYS C 60 23.66 -25.42 -13.43
CA CYS C 60 24.86 -25.60 -14.21
C CYS C 60 26.00 -25.96 -13.26
N GLY C 61 27.19 -26.15 -13.84
CA GLY C 61 28.36 -26.44 -13.02
C GLY C 61 28.16 -27.72 -12.24
N GLU C 62 28.53 -27.67 -10.97
CA GLU C 62 28.30 -28.78 -10.04
C GLU C 62 26.83 -28.69 -9.62
N ILE C 63 26.00 -29.50 -10.27
CA ILE C 63 24.57 -29.25 -10.29
C ILE C 63 23.94 -29.51 -8.92
N ASN C 64 24.31 -30.62 -8.28
CA ASN C 64 23.68 -30.94 -7.00
C ASN C 64 24.06 -29.92 -5.95
N ASP C 65 25.30 -29.43 -5.99
CA ASP C 65 25.75 -28.45 -5.04
C ASP C 65 25.00 -27.13 -5.22
N ASN C 66 24.84 -26.71 -6.47
CA ASN C 66 24.10 -25.48 -6.75
C ASN C 66 22.65 -25.60 -6.36
N LEU C 67 22.03 -26.75 -6.63
CA LEU C 67 20.64 -26.94 -6.26
C LEU C 67 20.46 -26.93 -4.75
N MET C 68 21.38 -27.56 -4.03
CA MET C 68 21.30 -27.55 -2.58
C MET C 68 21.46 -26.13 -2.04
N GLU C 69 22.41 -25.37 -2.59
CA GLU C 69 22.58 -23.98 -2.20
C GLU C 69 21.31 -23.18 -2.47
N LEU C 70 20.68 -23.41 -3.61
CA LEU C 70 19.46 -22.68 -3.94
C LEU C 70 18.34 -23.00 -2.97
N LEU C 71 18.15 -24.29 -2.67
CA LEU C 71 17.10 -24.67 -1.73
C LEU C 71 17.36 -24.10 -0.35
N ILE C 72 18.61 -24.13 0.09
CA ILE C 72 18.96 -23.62 1.40
C ILE C 72 18.74 -22.12 1.47
N MET C 73 19.09 -21.38 0.40
CA MET C 73 18.82 -19.95 0.37
C MET C 73 17.34 -19.65 0.38
N ILE C 74 16.55 -20.41 -0.37
CA ILE C 74 15.11 -20.20 -0.39
C ILE C 74 14.54 -20.41 1.01
N ASN C 75 14.93 -21.49 1.66
CA ASN C 75 14.42 -21.76 3.00
C ASN C 75 14.87 -20.70 3.99
N ALA C 76 16.12 -20.24 3.87
CA ALA C 76 16.62 -19.20 4.76
C ALA C 76 15.82 -17.92 4.61
N CYS C 77 15.51 -17.52 3.38
CA CYS C 77 14.73 -16.31 3.19
C CYS C 77 13.28 -16.52 3.62
N LYS C 78 12.76 -17.73 3.46
CA LYS C 78 11.37 -17.99 3.87
C LYS C 78 11.21 -17.92 5.38
N ILE C 79 12.11 -18.54 6.14
CA ILE C 79 11.98 -18.47 7.59
C ILE C 79 12.57 -17.20 8.17
N ALA C 80 13.15 -16.35 7.34
CA ALA C 80 13.52 -14.99 7.74
C ALA C 80 12.41 -13.99 7.43
N SER C 81 11.21 -14.47 7.12
CA SER C 81 10.00 -13.66 7.00
C SER C 81 10.02 -12.76 5.78
N ALA C 82 10.59 -13.24 4.68
CA ALA C 82 10.41 -12.55 3.41
C ALA C 82 8.95 -12.64 2.99
N SER C 83 8.44 -11.56 2.41
CA SER C 83 7.05 -11.58 1.97
C SER C 83 6.84 -12.60 0.86
N ARG C 84 7.80 -12.71 -0.05
CA ARG C 84 7.68 -13.58 -1.20
C ARG C 84 9.08 -13.94 -1.66
N VAL C 85 9.28 -15.21 -2.00
CA VAL C 85 10.56 -15.72 -2.45
C VAL C 85 10.39 -16.29 -3.85
N THR C 86 11.20 -15.81 -4.79
CA THR C 86 11.16 -16.26 -6.17
C THR C 86 12.51 -16.87 -6.52
N ALA C 87 12.49 -18.04 -7.12
CA ALA C 87 13.69 -18.69 -7.61
C ALA C 87 13.85 -18.38 -9.09
N VAL C 88 14.90 -17.64 -9.42
CA VAL C 88 15.21 -17.31 -10.81
C VAL C 88 16.22 -18.36 -11.26
N ILE C 89 15.76 -19.31 -12.07
CA ILE C 89 16.55 -20.47 -12.43
C ILE C 89 16.70 -20.50 -13.94
N PRO C 90 17.68 -19.79 -14.50
CA PRO C 90 17.74 -19.67 -15.96
C PRO C 90 17.84 -21.00 -16.69
N CYS C 91 18.60 -21.95 -16.17
CA CYS C 91 18.63 -23.31 -16.70
C CYS C 91 18.13 -24.24 -15.61
N PHE C 92 17.00 -24.90 -15.85
CA PHE C 92 16.37 -25.70 -14.82
C PHE C 92 17.11 -27.02 -14.64
N PRO C 93 17.54 -27.35 -13.44
CA PRO C 93 18.27 -28.61 -13.24
C PRO C 93 17.36 -29.82 -13.32
N TYR C 94 17.89 -30.89 -13.91
CA TYR C 94 17.19 -32.16 -14.11
C TYR C 94 16.00 -32.02 -15.02
N ALA C 95 15.95 -30.98 -15.85
CA ALA C 95 14.82 -30.76 -16.73
C ALA C 95 14.67 -31.90 -17.74
N ARG C 96 15.77 -32.57 -18.09
CA ARG C 96 15.67 -33.66 -19.05
C ARG C 96 15.15 -34.95 -18.44
N GLN C 97 15.00 -35.01 -17.11
CA GLN C 97 14.38 -36.15 -16.45
C GLN C 97 12.88 -35.88 -16.25
N ASP C 98 12.18 -35.67 -17.36
CA ASP C 98 10.79 -35.26 -17.30
C ASP C 98 9.81 -36.40 -17.53
N LYS C 99 10.28 -37.60 -17.81
CA LYS C 99 9.36 -38.69 -18.13
C LYS C 99 10.03 -40.02 -17.82
N LYS C 100 9.21 -41.06 -17.70
CA LYS C 100 9.71 -42.38 -17.38
C LYS C 100 10.01 -43.19 -18.64
N ASP C 101 9.00 -43.38 -19.50
CA ASP C 101 9.18 -43.93 -20.84
C ASP C 101 9.77 -45.35 -20.79
N LYS C 102 8.97 -46.26 -20.25
CA LYS C 102 9.26 -47.70 -20.26
C LYS C 102 10.50 -48.04 -19.46
N SER C 103 10.78 -47.29 -18.39
CA SER C 103 11.93 -47.55 -17.54
C SER C 103 11.56 -47.23 -16.11
N ARG C 104 12.20 -47.93 -15.18
CA ARG C 104 11.99 -47.70 -13.74
C ARG C 104 12.86 -46.51 -13.32
N ALA C 105 12.71 -45.43 -14.05
CA ALA C 105 13.50 -44.24 -13.86
C ALA C 105 12.73 -43.21 -13.06
N PRO C 106 13.41 -42.44 -12.22
CA PRO C 106 12.74 -41.34 -11.53
C PRO C 106 12.49 -40.18 -12.46
N ILE C 107 11.37 -39.51 -12.24
CA ILE C 107 11.09 -38.24 -12.88
C ILE C 107 11.74 -37.19 -11.99
N SER C 108 13.04 -36.98 -12.21
CA SER C 108 13.81 -36.16 -11.29
C SER C 108 13.40 -34.70 -11.34
N ALA C 109 12.88 -34.24 -12.48
CA ALA C 109 12.41 -32.87 -12.58
C ALA C 109 11.25 -32.62 -11.63
N LYS C 110 10.34 -33.59 -11.51
CA LYS C 110 9.24 -33.47 -10.56
C LYS C 110 9.76 -33.43 -9.14
N LEU C 111 10.79 -34.23 -8.84
CA LEU C 111 11.39 -34.19 -7.51
C LEU C 111 11.99 -32.83 -7.21
N VAL C 112 12.67 -32.24 -8.20
CA VAL C 112 13.24 -30.91 -8.02
C VAL C 112 12.14 -29.88 -7.79
N ALA C 113 11.04 -29.99 -8.54
CA ALA C 113 9.92 -29.07 -8.33
C ALA C 113 9.35 -29.22 -6.93
N ASN C 114 9.20 -30.45 -6.45
CA ASN C 114 8.70 -30.70 -5.11
C ASN C 114 9.63 -30.12 -4.05
N MET C 115 10.94 -30.28 -4.24
CA MET C 115 11.88 -29.74 -3.27
C MET C 115 11.89 -28.23 -3.28
N LEU C 116 11.74 -27.61 -4.45
CA LEU C 116 11.63 -26.16 -4.51
C LEU C 116 10.37 -25.68 -3.81
N SER C 117 9.27 -26.41 -3.98
CA SER C 117 8.03 -26.04 -3.31
C SER C 117 8.15 -26.18 -1.80
N VAL C 118 8.76 -27.26 -1.31
CA VAL C 118 8.84 -27.48 0.13
C VAL C 118 9.89 -26.60 0.77
N ALA C 119 10.89 -26.13 0.02
CA ALA C 119 11.81 -25.13 0.55
C ALA C 119 11.10 -23.79 0.77
N GLY C 120 10.04 -23.52 0.02
CA GLY C 120 9.23 -22.35 0.27
C GLY C 120 9.16 -21.36 -0.88
N ALA C 121 9.58 -21.78 -2.07
CA ALA C 121 9.50 -20.90 -3.23
C ALA C 121 8.04 -20.63 -3.59
N ASP C 122 7.73 -19.38 -3.83
CA ASP C 122 6.38 -18.98 -4.24
C ASP C 122 6.26 -18.76 -5.73
N HIS C 123 7.38 -18.63 -6.44
CA HIS C 123 7.38 -18.27 -7.84
C HIS C 123 8.68 -18.76 -8.45
N ILE C 124 8.57 -19.27 -9.68
CA ILE C 124 9.72 -19.72 -10.43
C ILE C 124 9.78 -18.90 -11.73
N ILE C 125 10.95 -18.36 -12.02
CA ILE C 125 11.24 -17.74 -13.30
C ILE C 125 12.35 -18.56 -13.94
N THR C 126 12.09 -19.07 -15.14
CA THR C 126 13.06 -19.91 -15.84
C THR C 126 13.02 -19.55 -17.31
N MET C 127 14.01 -20.02 -18.07
CA MET C 127 14.15 -19.69 -19.47
C MET C 127 14.24 -20.95 -20.30
N ASP C 128 13.32 -21.10 -21.26
CA ASP C 128 13.33 -22.19 -22.23
C ASP C 128 13.44 -23.55 -21.54
N LEU C 129 12.39 -23.86 -20.78
CA LEU C 129 12.28 -25.19 -20.18
C LEU C 129 12.37 -26.26 -21.25
N HIS C 130 13.05 -27.36 -20.93
CA HIS C 130 13.23 -28.43 -21.90
C HIS C 130 11.88 -28.98 -22.35
N ALA C 131 10.97 -29.16 -21.42
CA ALA C 131 9.59 -29.51 -21.73
C ALA C 131 8.68 -28.52 -21.03
N SER C 132 7.72 -27.96 -21.77
CA SER C 132 6.77 -27.04 -21.17
C SER C 132 5.93 -27.69 -20.09
N GLN C 133 5.74 -29.01 -20.16
CA GLN C 133 4.96 -29.71 -19.15
C GLN C 133 5.57 -29.62 -17.77
N ILE C 134 6.84 -29.23 -17.67
CA ILE C 134 7.46 -29.04 -16.37
C ILE C 134 6.76 -27.92 -15.60
N GLN C 135 6.13 -26.99 -16.31
CA GLN C 135 5.33 -25.98 -15.63
C GLN C 135 4.22 -26.63 -14.81
N GLY C 136 3.70 -27.75 -15.28
CA GLY C 136 2.70 -28.51 -14.54
C GLY C 136 3.24 -29.30 -13.37
N PHE C 137 4.56 -29.46 -13.27
CA PHE C 137 5.14 -30.14 -12.11
C PHE C 137 5.00 -29.32 -10.84
N PHE C 138 4.82 -28.01 -10.96
CA PHE C 138 4.68 -27.13 -9.81
C PHE C 138 3.21 -26.85 -9.53
N ASP C 139 2.93 -26.48 -8.28
CA ASP C 139 1.64 -25.91 -7.94
C ASP C 139 1.70 -24.41 -7.74
N ILE C 140 2.87 -23.81 -7.88
CA ILE C 140 3.07 -22.36 -7.80
C ILE C 140 3.16 -21.83 -9.22
N PRO C 141 3.03 -20.53 -9.44
CA PRO C 141 3.20 -20.00 -10.79
C PRO C 141 4.64 -20.14 -11.28
N VAL C 142 4.79 -20.47 -12.55
CA VAL C 142 6.09 -20.59 -13.20
C VAL C 142 6.05 -19.76 -14.47
N ASP C 143 7.00 -18.85 -14.61
CA ASP C 143 7.14 -18.03 -15.80
C ASP C 143 8.26 -18.63 -16.64
N ASN C 144 7.91 -19.09 -17.83
CA ASN C 144 8.86 -19.76 -18.72
C ASN C 144 9.19 -18.81 -19.86
N LEU C 145 10.26 -18.04 -19.69
CA LEU C 145 10.66 -17.06 -20.70
C LEU C 145 11.29 -17.76 -21.90
N TYR C 146 11.32 -17.04 -23.01
CA TYR C 146 11.86 -17.56 -24.25
C TYR C 146 13.01 -16.69 -24.70
N ALA C 147 14.07 -17.33 -25.19
CA ALA C 147 15.19 -16.60 -25.75
C ALA C 147 14.96 -16.18 -27.19
N GLU C 148 13.82 -16.57 -27.77
CA GLU C 148 13.55 -16.28 -29.18
C GLU C 148 13.70 -14.81 -29.56
N PRO C 149 13.20 -13.84 -28.79
CA PRO C 149 13.47 -12.44 -29.17
C PRO C 149 14.94 -12.12 -29.35
N ALA C 150 15.76 -12.47 -28.36
CA ALA C 150 17.20 -12.23 -28.46
C ALA C 150 17.83 -13.03 -29.58
N VAL C 151 17.32 -14.24 -29.84
CA VAL C 151 17.87 -15.06 -30.91
C VAL C 151 17.60 -14.41 -32.27
N LEU C 152 16.38 -13.94 -32.48
CA LEU C 152 16.04 -13.25 -33.73
C LEU C 152 16.86 -11.99 -33.90
N LYS C 153 17.05 -11.25 -32.81
CA LYS C 153 17.88 -10.06 -32.89
C LYS C 153 19.30 -10.42 -33.32
N TRP C 154 19.88 -11.46 -32.73
CA TRP C 154 21.22 -11.87 -33.12
C TRP C 154 21.27 -12.32 -34.58
N ILE C 155 20.27 -13.08 -35.00
CA ILE C 155 20.26 -13.58 -36.38
C ILE C 155 20.22 -12.41 -37.35
N ARG C 156 19.36 -11.42 -37.08
CA ARG C 156 19.23 -10.29 -37.98
C ARG C 156 20.49 -9.44 -38.00
N GLU C 157 21.13 -9.27 -36.85
CA GLU C 157 22.31 -8.42 -36.81
C GLU C 157 23.61 -9.16 -37.09
N ASN C 158 23.57 -10.46 -37.38
CA ASN C 158 24.79 -11.23 -37.56
C ASN C 158 24.83 -12.08 -38.81
N ILE C 159 23.71 -12.40 -39.42
CA ILE C 159 23.68 -13.20 -40.62
C ILE C 159 23.10 -12.35 -41.74
N SER C 160 23.97 -11.77 -42.56
CA SER C 160 23.52 -10.83 -43.58
C SER C 160 22.59 -11.49 -44.59
N GLU C 161 22.65 -12.82 -44.72
CA GLU C 161 21.83 -13.57 -45.66
C GLU C 161 20.59 -14.17 -44.99
N TRP C 162 20.08 -13.53 -43.94
CA TRP C 162 19.05 -14.15 -43.13
C TRP C 162 17.68 -14.16 -43.81
N ARG C 163 17.49 -13.37 -44.86
CA ARG C 163 16.21 -13.40 -45.55
C ARG C 163 16.06 -14.62 -46.44
N ASN C 164 17.17 -15.25 -46.84
CA ASN C 164 17.15 -16.44 -47.65
C ASN C 164 17.59 -17.67 -46.86
N CYS C 165 17.90 -17.51 -45.58
CA CYS C 165 18.46 -18.58 -44.77
C CYS C 165 17.43 -19.65 -44.48
N THR C 166 17.84 -20.64 -43.69
CA THR C 166 16.98 -21.76 -43.30
C THR C 166 17.11 -21.98 -41.80
N ILE C 167 15.99 -22.32 -41.17
CA ILE C 167 15.97 -22.63 -39.74
C ILE C 167 15.72 -24.12 -39.59
N VAL C 168 16.70 -24.83 -39.02
CA VAL C 168 16.73 -26.29 -39.03
C VAL C 168 16.63 -26.77 -37.59
N SER C 169 15.85 -27.80 -37.38
CA SER C 169 15.79 -28.41 -36.07
C SER C 169 16.70 -29.63 -36.02
N PRO C 170 17.46 -29.84 -34.94
CA PRO C 170 18.35 -31.01 -34.89
C PRO C 170 17.61 -32.31 -34.68
N ASP C 171 16.45 -32.28 -34.05
CA ASP C 171 15.67 -33.47 -33.82
C ASP C 171 14.20 -33.14 -34.05
N ALA C 172 13.36 -34.16 -33.94
CA ALA C 172 11.92 -33.95 -34.04
C ALA C 172 11.39 -33.06 -32.93
N GLY C 173 11.88 -33.22 -31.70
CA GLY C 173 11.29 -32.54 -30.57
C GLY C 173 11.52 -31.04 -30.58
N GLY C 174 12.36 -30.56 -31.49
CA GLY C 174 12.62 -29.14 -31.59
C GLY C 174 11.80 -28.40 -32.62
N ALA C 175 10.74 -29.03 -33.14
CA ALA C 175 10.04 -28.49 -34.29
C ALA C 175 9.36 -27.15 -33.98
N LYS C 176 8.70 -27.05 -32.83
CA LYS C 176 7.88 -25.88 -32.55
C LYS C 176 8.72 -24.61 -32.50
N ARG C 177 9.88 -24.70 -31.83
CA ARG C 177 10.72 -23.53 -31.64
C ARG C 177 11.24 -23.00 -32.97
N VAL C 178 11.70 -23.90 -33.83
CA VAL C 178 12.23 -23.47 -35.13
C VAL C 178 11.12 -22.94 -36.01
N THR C 179 9.92 -23.54 -35.92
CA THR C 179 8.81 -23.03 -36.72
C THR C 179 8.44 -21.62 -36.29
N SER C 180 8.43 -21.36 -34.99
CA SER C 180 8.15 -20.00 -34.52
C SER C 180 9.22 -19.02 -35.01
N ILE C 181 10.49 -19.43 -34.92
CA ILE C 181 11.57 -18.55 -35.36
C ILE C 181 11.42 -18.25 -36.85
N ALA C 182 11.16 -19.29 -37.65
CA ALA C 182 10.99 -19.11 -39.08
C ALA C 182 9.82 -18.19 -39.40
N ASP C 183 8.70 -18.37 -38.70
CA ASP C 183 7.55 -17.52 -38.93
C ASP C 183 7.85 -16.07 -38.63
N ARG C 184 8.51 -15.80 -37.51
CA ARG C 184 8.86 -14.41 -37.20
C ARG C 184 9.90 -13.84 -38.15
N LEU C 185 10.73 -14.68 -38.77
CA LEU C 185 11.67 -14.21 -39.77
C LEU C 185 11.13 -14.29 -41.18
N ASN C 186 10.05 -15.04 -41.40
CA ASN C 186 9.52 -15.32 -42.75
C ASN C 186 10.60 -15.96 -43.63
N VAL C 187 11.01 -17.16 -43.22
CA VAL C 187 12.02 -17.93 -43.93
C VAL C 187 11.55 -19.37 -44.03
N ASP C 188 12.16 -20.11 -44.94
CA ASP C 188 11.90 -21.53 -45.05
C ASP C 188 12.56 -22.26 -43.89
N PHE C 189 11.92 -23.33 -43.44
CA PHE C 189 12.42 -24.08 -42.31
C PHE C 189 12.59 -25.54 -42.68
N ALA C 190 13.82 -26.03 -42.56
CA ALA C 190 14.16 -27.41 -42.83
C ALA C 190 13.99 -28.23 -41.57
N LEU C 191 14.14 -29.55 -41.71
CA LEU C 191 14.15 -30.43 -40.56
C LEU C 191 15.17 -31.54 -40.75
N ILE C 192 15.60 -32.12 -39.63
CA ILE C 192 16.61 -33.16 -39.60
C ILE C 192 16.18 -34.21 -38.59
N HIS C 193 16.32 -35.48 -38.94
CA HIS C 193 16.19 -36.52 -37.93
C HIS C 193 16.96 -37.75 -38.36
N LYS C 194 17.55 -38.45 -37.39
CA LYS C 194 18.31 -39.65 -37.68
C LYS C 194 17.37 -40.80 -38.00
N GLU C 195 17.93 -41.85 -38.61
CA GLU C 195 17.16 -43.03 -38.95
C GLU C 195 17.56 -44.22 -38.07
N ASP C 203 22.40 -44.82 -37.86
CA ASP C 203 23.52 -43.89 -37.83
C ASP C 203 23.37 -42.81 -38.89
N ARG C 204 22.36 -42.96 -39.74
CA ARG C 204 22.09 -41.99 -40.80
C ARG C 204 20.99 -41.03 -40.39
N MET C 205 20.98 -39.87 -41.03
CA MET C 205 19.95 -38.86 -40.82
C MET C 205 19.42 -38.38 -42.16
N VAL C 206 18.18 -37.90 -42.16
CA VAL C 206 17.54 -37.31 -43.32
C VAL C 206 17.23 -35.86 -43.02
N LEU C 207 17.52 -35.00 -44.00
CA LEU C 207 17.24 -33.58 -43.97
C LEU C 207 16.19 -33.27 -45.04
N VAL C 208 15.13 -32.57 -44.64
CA VAL C 208 14.04 -32.19 -45.53
C VAL C 208 14.01 -30.67 -45.61
N GLY C 209 14.02 -30.15 -46.83
CA GLY C 209 14.05 -28.69 -47.01
C GLY C 209 15.30 -28.29 -47.77
N ASP C 210 15.09 -27.51 -48.84
CA ASP C 210 16.18 -27.12 -49.71
C ASP C 210 17.17 -26.22 -48.98
N VAL C 211 18.45 -26.59 -49.01
CA VAL C 211 19.48 -25.87 -48.29
C VAL C 211 20.69 -25.53 -49.15
N LYS C 212 20.74 -26.02 -50.39
CA LYS C 212 21.89 -25.79 -51.25
C LYS C 212 22.12 -24.30 -51.46
N ASP C 213 23.36 -23.87 -51.30
CA ASP C 213 23.79 -22.48 -51.37
C ASP C 213 23.09 -21.58 -50.37
N ARG C 214 22.33 -22.18 -49.44
CA ARG C 214 21.61 -21.43 -48.41
C ARG C 214 22.20 -21.74 -47.05
N VAL C 215 22.31 -20.69 -46.23
CA VAL C 215 22.79 -20.86 -44.87
C VAL C 215 21.77 -21.66 -44.07
N ALA C 216 22.24 -22.68 -43.37
CA ALA C 216 21.42 -23.43 -42.42
C ALA C 216 21.65 -22.88 -41.02
N ILE C 217 20.59 -22.80 -40.24
CA ILE C 217 20.65 -22.35 -38.85
C ILE C 217 20.05 -23.45 -38.00
N LEU C 218 20.89 -24.22 -37.33
CA LEU C 218 20.39 -25.12 -36.31
C LEU C 218 19.94 -24.32 -35.09
N VAL C 219 18.73 -24.58 -34.64
CA VAL C 219 18.19 -23.96 -33.44
C VAL C 219 17.72 -25.06 -32.51
N ASP C 220 18.16 -25.00 -31.27
CA ASP C 220 17.81 -26.05 -30.32
C ASP C 220 17.87 -25.46 -28.92
N ASP C 221 17.25 -26.17 -27.97
CA ASP C 221 17.18 -25.66 -26.60
C ASP C 221 18.50 -25.83 -25.83
N MET C 222 19.21 -26.94 -25.99
CA MET C 222 20.44 -27.07 -25.22
C MET C 222 21.42 -27.94 -26.00
N ALA C 223 22.69 -27.79 -25.67
CA ALA C 223 23.75 -28.67 -26.16
C ALA C 223 24.54 -29.14 -24.96
N ASP C 224 24.45 -30.43 -24.64
CA ASP C 224 25.16 -31.00 -23.50
C ASP C 224 26.49 -31.61 -23.95
N THR C 225 26.42 -32.65 -24.77
CA THR C 225 27.59 -33.28 -25.33
C THR C 225 27.79 -32.92 -26.79
N CYS C 226 26.85 -32.15 -27.36
CA CYS C 226 26.91 -31.64 -28.72
C CYS C 226 26.94 -32.75 -29.76
N GLY C 227 26.51 -33.96 -29.40
CA GLY C 227 26.33 -34.99 -30.41
C GLY C 227 25.22 -34.65 -31.38
N THR C 228 24.11 -34.12 -30.85
CA THR C 228 22.95 -33.82 -31.69
C THR C 228 23.30 -32.77 -32.75
N ILE C 229 23.85 -31.64 -32.31
CA ILE C 229 24.14 -30.57 -33.27
C ILE C 229 25.28 -30.98 -34.18
N CYS C 230 26.23 -31.77 -33.72
CA CYS C 230 27.32 -32.18 -34.60
C CYS C 230 26.84 -33.11 -35.69
N HIS C 231 25.98 -34.08 -35.36
CA HIS C 231 25.42 -34.94 -36.39
C HIS C 231 24.56 -34.12 -37.35
N ALA C 232 23.78 -33.19 -36.82
CA ALA C 232 22.95 -32.35 -37.69
C ALA C 232 23.81 -31.53 -38.65
N ALA C 233 24.91 -30.96 -38.15
CA ALA C 233 25.79 -30.19 -39.02
C ALA C 233 26.45 -31.07 -40.06
N ASP C 234 26.84 -32.29 -39.68
CA ASP C 234 27.39 -33.21 -40.66
C ASP C 234 26.43 -33.45 -41.81
N LYS C 235 25.17 -33.74 -41.48
CA LYS C 235 24.19 -33.97 -42.53
C LYS C 235 23.93 -32.70 -43.34
N LEU C 236 23.88 -31.55 -42.68
CA LEU C 236 23.64 -30.31 -43.41
C LEU C 236 24.75 -30.05 -44.43
N LEU C 237 26.00 -30.36 -44.06
CA LEU C 237 27.06 -30.22 -45.04
C LEU C 237 27.03 -31.31 -46.10
N SER C 238 26.43 -32.47 -45.78
CA SER C 238 26.22 -33.48 -46.82
C SER C 238 25.29 -32.95 -47.91
N ALA C 239 24.24 -32.22 -47.51
CA ALA C 239 23.29 -31.67 -48.47
C ALA C 239 23.77 -30.36 -49.09
N GLY C 240 25.06 -30.05 -48.97
CA GLY C 240 25.65 -28.95 -49.71
C GLY C 240 25.32 -27.57 -49.21
N ALA C 241 24.88 -27.42 -47.97
CA ALA C 241 24.65 -26.09 -47.42
C ALA C 241 25.97 -25.33 -47.33
N THR C 242 25.89 -24.02 -47.56
CA THR C 242 27.11 -23.21 -47.64
C THR C 242 27.75 -23.06 -46.27
N ARG C 243 27.03 -22.48 -45.31
CA ARG C 243 27.51 -22.31 -43.95
C ARG C 243 26.47 -22.83 -42.98
N VAL C 244 26.93 -23.27 -41.81
CA VAL C 244 26.07 -23.86 -40.79
C VAL C 244 26.25 -23.09 -39.50
N TYR C 245 25.14 -22.76 -38.87
CA TYR C 245 25.08 -22.09 -37.58
C TYR C 245 24.32 -22.94 -36.58
N ALA C 246 24.76 -22.89 -35.33
CA ALA C 246 24.04 -23.54 -34.24
C ALA C 246 23.67 -22.46 -33.24
N ILE C 247 22.42 -22.43 -32.82
CA ILE C 247 21.96 -21.46 -31.83
C ILE C 247 21.26 -22.21 -30.71
N LEU C 248 21.62 -21.90 -29.47
CA LEU C 248 21.19 -22.64 -28.29
C LEU C 248 20.96 -21.66 -27.15
N THR C 249 19.96 -21.95 -26.33
CA THR C 249 19.78 -21.10 -25.17
C THR C 249 20.62 -21.58 -23.99
N HIS C 250 20.90 -22.88 -23.90
CA HIS C 250 21.69 -23.42 -22.79
C HIS C 250 22.91 -24.12 -23.33
N GLY C 251 24.08 -23.54 -23.11
CA GLY C 251 25.34 -24.14 -23.49
C GLY C 251 26.01 -24.91 -22.37
N ILE C 252 25.49 -26.09 -22.04
CA ILE C 252 26.08 -26.87 -20.96
C ILE C 252 27.51 -27.27 -21.30
N PHE C 253 27.73 -27.78 -22.51
CA PHE C 253 29.06 -28.07 -23.04
C PHE C 253 29.86 -28.96 -22.10
N SER C 254 29.34 -30.15 -21.84
CA SER C 254 29.99 -31.06 -20.94
C SER C 254 30.68 -32.18 -21.69
N GLY C 255 31.73 -32.72 -21.08
CA GLY C 255 32.46 -33.84 -21.65
C GLY C 255 33.17 -33.51 -22.95
N PRO C 256 32.85 -34.27 -23.99
CA PRO C 256 33.58 -34.11 -25.26
C PRO C 256 33.06 -32.97 -26.11
N ALA C 257 32.25 -32.08 -25.53
CA ALA C 257 31.56 -31.08 -26.32
C ALA C 257 32.53 -30.12 -27.01
N ILE C 258 33.54 -29.63 -26.28
CA ILE C 258 34.40 -28.61 -26.85
C ILE C 258 35.24 -29.18 -27.98
N SER C 259 35.76 -30.40 -27.80
CA SER C 259 36.51 -31.05 -28.87
C SER C 259 35.63 -31.29 -30.09
N ARG C 260 34.39 -31.73 -29.88
CA ARG C 260 33.49 -31.96 -31.00
C ARG C 260 33.20 -30.67 -31.76
N ILE C 261 32.96 -29.57 -31.03
CA ILE C 261 32.67 -28.31 -31.69
C ILE C 261 33.91 -27.81 -32.44
N ASN C 262 35.09 -28.01 -31.86
CA ASN C 262 36.32 -27.60 -32.52
C ASN C 262 36.56 -28.41 -33.79
N ASN C 263 36.23 -29.69 -33.77
CA ASN C 263 36.39 -30.55 -34.93
C ASN C 263 35.21 -30.49 -35.90
N ALA C 264 34.13 -29.80 -35.53
CA ALA C 264 32.96 -29.72 -36.37
C ALA C 264 33.12 -28.63 -37.42
N CYS C 265 32.05 -28.39 -38.16
CA CYS C 265 32.04 -27.46 -39.28
C CYS C 265 31.11 -26.27 -39.07
N PHE C 266 30.84 -25.91 -37.82
CA PHE C 266 29.98 -24.75 -37.57
C PHE C 266 30.70 -23.47 -37.95
N GLU C 267 29.95 -22.52 -38.51
CA GLU C 267 30.48 -21.17 -38.64
C GLU C 267 30.40 -20.43 -37.31
N ALA C 268 29.43 -20.78 -36.49
CA ALA C 268 29.30 -20.24 -35.14
C ALA C 268 28.40 -21.13 -34.32
N VAL C 269 28.72 -21.24 -33.04
CA VAL C 269 27.84 -21.84 -32.04
C VAL C 269 27.48 -20.72 -31.08
N VAL C 270 26.26 -20.24 -31.17
CA VAL C 270 25.79 -19.13 -30.37
C VAL C 270 24.98 -19.70 -29.22
N VAL C 271 25.25 -19.23 -28.01
CA VAL C 271 24.51 -19.65 -26.84
C VAL C 271 24.10 -18.43 -26.04
N THR C 272 23.04 -18.59 -25.25
CA THR C 272 22.65 -17.48 -24.34
C THR C 272 23.36 -17.71 -23.01
N ASN C 273 23.64 -16.64 -22.27
CA ASN C 273 24.39 -16.73 -21.01
C ASN C 273 23.51 -17.16 -19.85
N THR C 274 22.69 -18.19 -20.03
CA THR C 274 22.02 -18.79 -18.88
C THR C 274 23.00 -19.62 -18.07
N ILE C 275 24.12 -19.99 -18.66
CA ILE C 275 25.19 -20.73 -18.03
C ILE C 275 26.46 -19.92 -18.27
N PRO C 276 27.36 -19.81 -17.30
CA PRO C 276 28.62 -19.11 -17.57
C PRO C 276 29.40 -19.77 -18.69
N GLN C 277 29.95 -18.98 -19.61
CA GLN C 277 30.64 -19.60 -20.80
C GLN C 277 32.09 -19.13 -20.93
N GLU C 278 32.56 -18.26 -20.04
CA GLU C 278 33.94 -17.70 -20.16
C GLU C 278 34.96 -18.82 -20.35
N ASP C 279 34.92 -19.85 -19.51
CA ASP C 279 35.85 -20.97 -19.57
C ASP C 279 35.69 -21.74 -20.87
N LYS C 280 34.45 -21.98 -21.30
CA LYS C 280 34.23 -22.69 -22.55
C LYS C 280 34.69 -21.86 -23.74
N MET C 281 34.44 -20.55 -23.71
CA MET C 281 34.91 -19.69 -24.79
C MET C 281 36.42 -19.62 -24.83
N LYS C 282 37.09 -19.92 -23.72
CA LYS C 282 38.54 -19.96 -23.72
C LYS C 282 39.09 -21.02 -24.68
N HIS C 283 38.47 -22.20 -24.69
CA HIS C 283 38.97 -23.33 -25.46
C HIS C 283 38.20 -23.58 -26.74
N CYS C 284 37.29 -22.68 -27.13
CA CYS C 284 36.53 -22.84 -28.36
C CYS C 284 36.27 -21.46 -28.93
N SER C 285 36.91 -21.16 -30.06
CA SER C 285 36.85 -19.81 -30.59
C SER C 285 35.52 -19.51 -31.28
N LYS C 286 34.74 -20.54 -31.59
CA LYS C 286 33.51 -20.35 -32.35
C LYS C 286 32.27 -20.26 -31.47
N ILE C 287 32.43 -20.19 -30.16
CA ILE C 287 31.28 -19.98 -29.27
C ILE C 287 31.07 -18.49 -29.08
N GLN C 288 29.86 -18.02 -29.37
CA GLN C 288 29.44 -16.66 -29.11
C GLN C 288 28.31 -16.68 -28.09
N VAL C 289 28.15 -15.58 -27.37
CA VAL C 289 27.20 -15.51 -26.28
C VAL C 289 26.22 -14.37 -26.51
N ILE C 290 24.93 -14.69 -26.45
CA ILE C 290 23.85 -13.71 -26.43
C ILE C 290 23.53 -13.38 -24.99
N ASP C 291 23.53 -12.10 -24.66
CA ASP C 291 23.08 -11.67 -23.34
C ASP C 291 21.57 -11.77 -23.24
N ILE C 292 21.08 -12.49 -22.25
CA ILE C 292 19.66 -12.52 -21.94
C ILE C 292 19.36 -11.92 -20.58
N SER C 293 20.33 -11.23 -19.98
CA SER C 293 20.11 -10.66 -18.66
C SER C 293 19.04 -9.59 -18.68
N MET C 294 18.83 -8.93 -19.82
CA MET C 294 17.78 -7.92 -19.90
C MET C 294 16.40 -8.57 -19.81
N ILE C 295 16.22 -9.73 -20.44
CA ILE C 295 14.93 -10.42 -20.35
C ILE C 295 14.67 -10.85 -18.91
N LEU C 296 15.68 -11.39 -18.24
CA LEU C 296 15.50 -11.81 -16.85
C LEU C 296 15.23 -10.62 -15.94
N ALA C 297 15.96 -9.52 -16.13
CA ALA C 297 15.73 -8.33 -15.33
C ALA C 297 14.34 -7.76 -15.57
N GLU C 298 13.89 -7.75 -16.82
CA GLU C 298 12.57 -7.26 -17.15
C GLU C 298 11.48 -8.15 -16.55
N ALA C 299 11.69 -9.46 -16.58
CA ALA C 299 10.71 -10.36 -15.97
C ALA C 299 10.64 -10.17 -14.46
N ILE C 300 11.80 -10.02 -13.81
CA ILE C 300 11.80 -9.79 -12.37
C ILE C 300 11.06 -8.50 -12.04
N ARG C 301 11.36 -7.45 -12.80
CA ARG C 301 10.75 -6.15 -12.54
C ARG C 301 9.25 -6.16 -12.82
N ARG C 302 8.82 -6.88 -13.85
CA ARG C 302 7.39 -6.93 -14.17
C ARG C 302 6.63 -7.80 -13.18
N THR C 303 7.23 -8.89 -12.69
CA THR C 303 6.54 -9.65 -11.64
C THR C 303 6.46 -8.83 -10.36
N HIS C 304 7.50 -8.06 -10.05
CA HIS C 304 7.44 -7.23 -8.86
C HIS C 304 6.36 -6.15 -8.97
N ASN C 305 6.28 -5.49 -10.12
CA ASN C 305 5.34 -4.39 -10.28
C ASN C 305 3.96 -4.86 -10.71
N GLY C 306 3.76 -6.15 -10.93
CA GLY C 306 2.46 -6.63 -11.34
C GLY C 306 2.10 -6.36 -12.78
N GLU C 307 3.08 -5.99 -13.61
CA GLU C 307 2.86 -5.77 -15.02
C GLU C 307 2.88 -7.10 -15.77
N SER C 308 2.42 -7.07 -17.01
CA SER C 308 2.33 -8.28 -17.80
C SER C 308 3.71 -8.83 -18.13
N VAL C 309 3.91 -10.12 -17.86
CA VAL C 309 5.16 -10.78 -18.17
C VAL C 309 5.14 -11.40 -19.55
N SER C 310 3.95 -11.83 -19.99
CA SER C 310 3.78 -12.46 -21.32
C SER C 310 4.07 -11.44 -22.42
N TYR C 311 4.20 -10.16 -22.07
CA TYR C 311 4.58 -9.13 -23.05
C TYR C 311 5.96 -9.49 -23.61
N LEU C 312 6.86 -9.94 -22.73
CA LEU C 312 8.25 -10.25 -23.14
C LEU C 312 8.27 -11.36 -24.20
N PHE C 313 7.24 -12.22 -24.26
CA PHE C 313 7.32 -13.32 -25.21
C PHE C 313 7.53 -12.83 -26.63
N SER C 314 7.21 -11.58 -26.91
CA SER C 314 7.28 -11.06 -28.27
C SER C 314 8.10 -9.78 -28.41
N HIS C 315 8.69 -9.26 -27.33
CA HIS C 315 9.37 -7.97 -27.39
C HIS C 315 10.67 -8.01 -26.63
N VAL C 316 11.72 -7.46 -27.24
CA VAL C 316 13.02 -7.29 -26.58
C VAL C 316 12.97 -6.03 -25.74
N PRO C 317 13.24 -6.11 -24.43
CA PRO C 317 13.24 -4.93 -23.56
C PRO C 317 14.48 -4.07 -23.72
N PRO D 2 5.42 -58.91 1.29
CA PRO D 2 6.51 -57.99 0.99
C PRO D 2 7.86 -58.49 1.52
N ASN D 3 8.87 -58.47 0.67
CA ASN D 3 10.20 -58.91 1.02
C ASN D 3 11.14 -57.73 1.16
N ILE D 4 12.23 -57.93 1.90
CA ILE D 4 13.23 -56.90 2.09
C ILE D 4 14.03 -56.74 0.81
N LYS D 5 14.18 -55.51 0.35
CA LYS D 5 15.10 -55.15 -0.70
C LYS D 5 16.08 -54.14 -0.15
N ILE D 6 17.37 -54.43 -0.25
CA ILE D 6 18.42 -53.56 0.25
C ILE D 6 19.09 -52.93 -0.96
N PHE D 7 19.08 -51.60 -1.03
CA PHE D 7 19.74 -50.87 -2.09
C PHE D 7 20.84 -50.02 -1.50
N SER D 8 21.96 -49.95 -2.22
CA SER D 8 23.11 -49.18 -1.78
C SER D 8 23.23 -47.92 -2.63
N GLY D 9 23.50 -46.81 -1.98
CA GLY D 9 23.99 -45.65 -2.69
C GLY D 9 25.47 -45.75 -2.96
N SER D 10 26.03 -44.70 -3.54
CA SER D 10 27.45 -44.69 -3.81
C SER D 10 28.30 -44.35 -2.59
N SER D 11 27.69 -43.78 -1.54
CA SER D 11 28.49 -43.22 -0.44
C SER D 11 29.23 -44.31 0.32
N HIS D 12 28.53 -45.37 0.74
CA HIS D 12 29.12 -46.39 1.62
C HIS D 12 28.70 -47.76 1.11
N GLN D 13 29.42 -48.28 0.12
CA GLN D 13 29.08 -49.56 -0.46
C GLN D 13 29.49 -50.72 0.44
N ASP D 14 30.59 -50.57 1.18
CA ASP D 14 31.02 -51.61 2.10
C ASP D 14 30.01 -51.85 3.21
N LEU D 15 29.47 -50.77 3.78
CA LEU D 15 28.48 -50.91 4.84
C LEU D 15 27.24 -51.60 4.32
N SER D 16 26.78 -51.22 3.12
CA SER D 16 25.60 -51.84 2.54
C SER D 16 25.83 -53.32 2.28
N GLN D 17 27.01 -53.68 1.77
CA GLN D 17 27.30 -55.09 1.54
C GLN D 17 27.31 -55.86 2.84
N LYS D 18 27.90 -55.30 3.90
CA LYS D 18 27.88 -55.96 5.20
C LYS D 18 26.46 -56.15 5.70
N ILE D 19 25.63 -55.12 5.59
CA ILE D 19 24.25 -55.21 6.05
C ILE D 19 23.50 -56.29 5.28
N ALA D 20 23.67 -56.32 3.96
CA ALA D 20 23.00 -57.33 3.15
C ALA D 20 23.49 -58.73 3.51
N ASP D 21 24.78 -58.86 3.82
CA ASP D 21 25.29 -60.15 4.26
C ASP D 21 24.62 -60.61 5.55
N ARG D 22 24.45 -59.70 6.50
CA ARG D 22 23.89 -60.13 7.78
C ARG D 22 22.40 -60.38 7.70
N LEU D 23 21.77 -59.99 6.60
CA LEU D 23 20.37 -60.30 6.36
C LEU D 23 20.16 -61.48 5.43
N GLY D 24 21.24 -62.09 4.95
CA GLY D 24 21.12 -63.17 3.99
C GLY D 24 20.54 -62.75 2.66
N LEU D 25 20.89 -61.57 2.18
CA LEU D 25 20.35 -61.05 0.94
C LEU D 25 21.47 -60.61 0.02
N GLU D 26 21.11 -60.38 -1.24
CA GLU D 26 21.96 -59.71 -2.19
C GLU D 26 21.51 -58.27 -2.33
N LEU D 27 22.47 -57.38 -2.54
CA LEU D 27 22.13 -55.99 -2.77
C LEU D 27 21.25 -55.86 -4.00
N GLY D 28 20.26 -54.97 -3.91
CA GLY D 28 19.37 -54.77 -5.04
C GLY D 28 20.10 -54.22 -6.24
N LYS D 29 19.59 -54.56 -7.42
CA LYS D 29 20.25 -54.18 -8.66
C LYS D 29 19.91 -52.74 -8.99
N VAL D 30 20.86 -51.83 -8.78
CA VAL D 30 20.65 -50.43 -9.07
C VAL D 30 21.91 -49.86 -9.70
N VAL D 31 21.74 -49.04 -10.72
CA VAL D 31 22.83 -48.33 -11.36
C VAL D 31 22.74 -46.87 -10.91
N THR D 32 23.80 -46.38 -10.27
CA THR D 32 23.87 -45.00 -9.80
C THR D 32 25.12 -44.38 -10.37
N LYS D 33 24.95 -43.55 -11.39
CA LYS D 33 26.10 -42.90 -12.00
C LYS D 33 25.87 -41.41 -12.17
N LYS D 34 26.76 -40.75 -12.89
CA LYS D 34 26.59 -39.35 -13.23
C LYS D 34 26.57 -39.20 -14.74
N PHE D 35 25.65 -38.37 -15.24
CA PHE D 35 25.77 -37.92 -16.60
C PHE D 35 26.97 -36.99 -16.73
N SER D 36 27.25 -36.60 -17.98
CA SER D 36 28.41 -35.76 -18.24
C SER D 36 28.27 -34.40 -17.56
N ASN D 37 27.05 -33.93 -17.38
CA ASN D 37 26.81 -32.63 -16.78
C ASN D 37 26.66 -32.69 -15.27
N GLN D 38 27.21 -33.72 -14.62
CA GLN D 38 27.20 -33.87 -13.17
C GLN D 38 25.81 -34.13 -12.62
N GLU D 39 24.90 -34.65 -13.42
CA GLU D 39 23.56 -34.95 -12.97
C GLU D 39 23.46 -36.41 -12.53
N THR D 40 22.81 -36.63 -11.39
CA THR D 40 22.65 -37.98 -10.87
C THR D 40 21.74 -38.80 -11.76
N CYS D 41 22.19 -39.99 -12.14
CA CYS D 41 21.39 -40.95 -12.90
C CYS D 41 21.17 -42.17 -12.02
N VAL D 42 19.91 -42.50 -11.78
CA VAL D 42 19.54 -43.64 -10.98
C VAL D 42 18.63 -44.53 -11.79
N GLU D 43 18.95 -45.81 -11.86
CA GLU D 43 18.11 -46.78 -12.55
C GLU D 43 17.97 -48.01 -11.67
N ILE D 44 16.75 -48.26 -11.19
CA ILE D 44 16.44 -49.48 -10.46
C ILE D 44 16.35 -50.62 -11.45
N GLY D 45 17.25 -51.59 -11.33
CA GLY D 45 17.33 -52.68 -12.28
C GLY D 45 16.45 -53.86 -11.99
N GLU D 46 15.67 -53.82 -10.91
CA GLU D 46 14.76 -54.90 -10.58
C GLU D 46 13.46 -54.29 -10.09
N SER D 47 12.37 -55.02 -10.30
CA SER D 47 11.07 -54.59 -9.82
C SER D 47 11.06 -54.54 -8.30
N VAL D 48 10.55 -53.45 -7.75
CA VAL D 48 10.38 -53.29 -6.31
C VAL D 48 8.90 -53.23 -5.94
N ARG D 49 8.03 -53.62 -6.86
CA ARG D 49 6.59 -53.49 -6.67
C ARG D 49 6.14 -54.33 -5.48
N GLY D 50 5.53 -53.69 -4.51
CA GLY D 50 5.03 -54.38 -3.34
C GLY D 50 6.08 -54.87 -2.39
N GLU D 51 7.28 -54.31 -2.44
CA GLU D 51 8.39 -54.77 -1.62
C GLU D 51 8.69 -53.77 -0.51
N ASP D 52 9.48 -54.22 0.45
CA ASP D 52 9.92 -53.39 1.58
C ASP D 52 11.34 -52.93 1.29
N VAL D 53 11.47 -51.75 0.70
CA VAL D 53 12.74 -51.26 0.18
C VAL D 53 13.48 -50.50 1.29
N TYR D 54 14.76 -50.83 1.44
CA TYR D 54 15.65 -50.12 2.35
C TYR D 54 16.83 -49.60 1.55
N ILE D 55 17.04 -48.29 1.59
CA ILE D 55 18.13 -47.65 0.86
C ILE D 55 19.16 -47.19 1.87
N VAL D 56 20.39 -47.67 1.71
CA VAL D 56 21.48 -47.35 2.62
C VAL D 56 22.35 -46.28 1.98
N GLN D 57 22.47 -45.15 2.65
CA GLN D 57 23.23 -44.02 2.14
C GLN D 57 23.60 -43.14 3.31
N SER D 58 24.88 -42.83 3.46
CA SER D 58 25.32 -42.04 4.59
C SER D 58 25.70 -40.64 4.16
N GLY D 59 25.42 -39.68 5.02
CA GLY D 59 25.72 -38.29 4.76
C GLY D 59 27.19 -38.00 4.90
N CYS D 60 27.99 -38.51 3.96
CA CYS D 60 29.43 -38.42 4.01
C CYS D 60 29.94 -38.13 2.61
N GLY D 61 31.27 -38.03 2.50
CA GLY D 61 31.87 -37.80 1.20
C GLY D 61 31.39 -36.50 0.60
N GLU D 62 31.06 -36.54 -0.69
CA GLU D 62 30.45 -35.40 -1.38
C GLU D 62 28.98 -35.39 -0.99
N ILE D 63 28.66 -34.53 -0.01
CA ILE D 63 27.41 -34.68 0.73
C ILE D 63 26.20 -34.36 -0.12
N ASN D 64 26.25 -33.27 -0.88
CA ASN D 64 25.08 -32.89 -1.66
C ASN D 64 24.80 -33.91 -2.75
N ASP D 65 25.85 -34.47 -3.33
CA ASP D 65 25.68 -35.48 -4.37
C ASP D 65 25.04 -36.74 -3.80
N ASN D 66 25.52 -37.17 -2.63
CA ASN D 66 24.96 -38.35 -2.00
C ASN D 66 23.51 -38.13 -1.58
N LEU D 67 23.20 -36.94 -1.06
CA LEU D 67 21.84 -36.66 -0.67
C LEU D 67 20.91 -36.62 -1.87
N MET D 68 21.37 -36.04 -2.97
CA MET D 68 20.55 -36.03 -4.18
C MET D 68 20.33 -37.45 -4.70
N GLU D 69 21.37 -38.27 -4.69
CA GLU D 69 21.22 -39.66 -5.09
C GLU D 69 20.21 -40.39 -4.20
N LEU D 70 20.28 -40.14 -2.90
CA LEU D 70 19.36 -40.77 -1.97
C LEU D 70 17.92 -40.37 -2.25
N LEU D 71 17.68 -39.06 -2.43
CA LEU D 71 16.32 -38.60 -2.70
C LEU D 71 15.81 -39.16 -4.01
N ILE D 72 16.67 -39.20 -5.03
CA ILE D 72 16.25 -39.71 -6.33
C ILE D 72 15.92 -41.19 -6.24
N MET D 73 16.72 -41.97 -5.50
CA MET D 73 16.42 -43.38 -5.31
C MET D 73 15.12 -43.58 -4.55
N ILE D 74 14.89 -42.78 -3.51
CA ILE D 74 13.64 -42.90 -2.75
C ILE D 74 12.45 -42.63 -3.67
N ASN D 75 12.53 -41.56 -4.45
CA ASN D 75 11.43 -41.23 -5.33
C ASN D 75 11.23 -42.31 -6.40
N ALA D 76 12.33 -42.85 -6.92
CA ALA D 76 12.24 -43.90 -7.93
C ALA D 76 11.53 -45.13 -7.37
N CYS D 77 11.87 -45.53 -6.14
CA CYS D 77 11.22 -46.68 -5.55
C CYS D 77 9.77 -46.38 -5.19
N LYS D 78 9.49 -45.13 -4.80
CA LYS D 78 8.12 -44.79 -4.45
C LYS D 78 7.19 -44.81 -5.66
N ILE D 79 7.62 -44.24 -6.79
CA ILE D 79 6.76 -44.27 -7.97
C ILE D 79 6.89 -45.57 -8.75
N ALA D 80 7.75 -46.48 -8.31
CA ALA D 80 7.76 -47.83 -8.82
C ALA D 80 6.91 -48.77 -7.96
N SER D 81 6.07 -48.21 -7.09
CA SER D 81 5.04 -48.94 -6.36
C SER D 81 5.62 -49.88 -5.30
N ALA D 82 6.71 -49.45 -4.66
CA ALA D 82 7.16 -50.14 -3.46
C ALA D 82 6.14 -49.97 -2.36
N SER D 83 5.92 -51.03 -1.58
CA SER D 83 4.96 -50.91 -0.49
C SER D 83 5.42 -49.91 0.56
N ARG D 84 6.71 -49.88 0.83
CA ARG D 84 7.26 -49.03 1.87
C ARG D 84 8.71 -48.76 1.55
N VAL D 85 9.14 -47.51 1.71
CA VAL D 85 10.51 -47.11 1.43
C VAL D 85 11.11 -46.55 2.71
N THR D 86 12.25 -47.10 3.11
CA THR D 86 12.96 -46.68 4.31
C THR D 86 14.33 -46.17 3.91
N ALA D 87 14.70 -45.00 4.41
CA ALA D 87 16.02 -44.44 4.20
C ALA D 87 16.89 -44.80 5.40
N VAL D 88 17.91 -45.61 5.17
CA VAL D 88 18.87 -45.99 6.20
C VAL D 88 20.03 -45.02 6.05
N ILE D 89 20.12 -44.05 6.96
CA ILE D 89 21.06 -42.94 6.85
C ILE D 89 21.96 -42.96 8.06
N PRO D 90 23.04 -43.73 8.05
CA PRO D 90 23.84 -43.90 9.29
C PRO D 90 24.38 -42.59 9.84
N CYS D 91 24.84 -41.68 8.99
CA CYS D 91 25.21 -40.33 9.40
C CYS D 91 24.30 -39.35 8.70
N PHE D 92 23.50 -38.63 9.47
CA PHE D 92 22.48 -37.77 8.89
C PHE D 92 23.11 -36.50 8.34
N PRO D 93 22.88 -36.17 7.06
CA PRO D 93 23.50 -34.97 6.50
C PRO D 93 22.83 -33.70 7.02
N TYR D 94 23.66 -32.67 7.23
CA TYR D 94 23.25 -31.37 7.74
C TYR D 94 22.69 -31.44 9.14
N ALA D 95 23.01 -32.50 9.89
CA ALA D 95 22.47 -32.64 11.24
C ALA D 95 22.94 -31.53 12.16
N ARG D 96 24.09 -30.93 11.88
CA ARG D 96 24.58 -29.85 12.74
C ARG D 96 23.90 -28.52 12.45
N GLN D 97 23.11 -28.42 11.40
CA GLN D 97 22.31 -27.23 11.12
C GLN D 97 20.91 -27.39 11.73
N ASP D 98 20.86 -27.58 13.03
CA ASP D 98 19.61 -27.90 13.70
C ASP D 98 18.96 -26.71 14.38
N LYS D 99 19.59 -25.54 14.36
CA LYS D 99 19.04 -24.40 15.09
C LYS D 99 19.55 -23.11 14.46
N LYS D 100 18.85 -22.02 14.75
CA LYS D 100 19.20 -20.72 14.20
C LYS D 100 20.15 -19.96 15.11
N ASP D 101 19.75 -19.73 16.36
CA ASP D 101 20.63 -19.21 17.41
C ASP D 101 21.20 -17.84 17.04
N LYS D 102 20.29 -16.87 16.96
CA LYS D 102 20.64 -15.45 16.80
C LYS D 102 21.33 -15.17 15.46
N SER D 103 20.97 -15.93 14.43
CA SER D 103 21.53 -15.72 13.11
C SER D 103 20.45 -15.98 12.07
N ARG D 104 20.58 -15.31 10.92
CA ARG D 104 19.66 -15.51 9.80
C ARG D 104 20.09 -16.74 9.02
N ALA D 105 20.26 -17.82 9.74
CA ALA D 105 20.77 -19.07 9.19
C ALA D 105 19.63 -20.03 8.92
N PRO D 106 19.73 -20.82 7.87
CA PRO D 106 18.73 -21.86 7.64
C PRO D 106 18.92 -23.02 8.59
N ILE D 107 17.80 -23.61 8.98
CA ILE D 107 17.81 -24.87 9.70
C ILE D 107 17.84 -25.94 8.62
N SER D 108 19.04 -26.23 8.14
CA SER D 108 19.18 -27.09 6.97
C SER D 108 18.75 -28.53 7.26
N ALA D 109 18.87 -28.97 8.52
CA ALA D 109 18.42 -30.31 8.86
C ALA D 109 16.93 -30.46 8.65
N LYS D 110 16.15 -29.43 8.99
CA LYS D 110 14.71 -29.46 8.74
C LYS D 110 14.42 -29.50 7.25
N LEU D 111 15.20 -28.78 6.46
CA LEU D 111 15.04 -28.82 5.02
C LEU D 111 15.32 -30.21 4.47
N VAL D 112 16.36 -30.87 4.99
CA VAL D 112 16.67 -32.23 4.56
C VAL D 112 15.54 -33.18 4.95
N ALA D 113 14.99 -33.02 6.15
CA ALA D 113 13.86 -33.85 6.56
C ALA D 113 12.66 -33.63 5.64
N ASN D 114 12.37 -32.38 5.29
CA ASN D 114 11.27 -32.09 4.39
C ASN D 114 11.49 -32.71 3.02
N MET D 115 12.72 -32.64 2.51
CA MET D 115 12.99 -33.22 1.21
C MET D 115 12.90 -34.74 1.24
N LEU D 116 13.33 -35.36 2.33
CA LEU D 116 13.17 -36.80 2.45
C LEU D 116 11.70 -37.19 2.52
N SER D 117 10.90 -36.39 3.21
CA SER D 117 9.46 -36.65 3.27
C SER D 117 8.80 -36.49 1.91
N VAL D 118 9.16 -35.46 1.16
CA VAL D 118 8.50 -35.22 -0.11
C VAL D 118 9.01 -36.16 -1.20
N ALA D 119 10.21 -36.70 -1.06
CA ALA D 119 10.66 -37.75 -1.96
C ALA D 119 9.85 -39.02 -1.76
N GLY D 120 9.32 -39.24 -0.57
CA GLY D 120 8.42 -40.35 -0.34
C GLY D 120 8.89 -41.35 0.69
N ALA D 121 9.87 -40.99 1.50
CA ALA D 121 10.34 -41.88 2.55
C ALA D 121 9.25 -42.05 3.61
N ASP D 122 9.03 -43.30 4.01
CA ASP D 122 8.06 -43.60 5.04
C ASP D 122 8.70 -43.85 6.40
N HIS D 123 10.01 -44.06 6.42
CA HIS D 123 10.71 -44.45 7.64
C HIS D 123 12.16 -44.05 7.50
N ILE D 124 12.73 -43.57 8.59
CA ILE D 124 14.14 -43.21 8.65
C ILE D 124 14.80 -44.05 9.73
N ILE D 125 15.91 -44.68 9.39
CA ILE D 125 16.78 -45.33 10.36
C ILE D 125 18.12 -44.61 10.33
N THR D 126 18.54 -44.10 11.48
CA THR D 126 19.78 -43.34 11.58
C THR D 126 20.48 -43.73 12.87
N MET D 127 21.74 -43.33 12.99
CA MET D 127 22.56 -43.70 14.14
C MET D 127 23.15 -42.46 14.78
N ASP D 128 22.87 -42.28 16.07
CA ASP D 128 23.44 -41.20 16.88
C ASP D 128 23.27 -39.84 16.20
N LEU D 129 22.00 -39.44 16.08
CA LEU D 129 21.70 -38.11 15.59
C LEU D 129 22.39 -37.06 16.45
N HIS D 130 22.88 -36.00 15.80
CA HIS D 130 23.60 -34.97 16.53
C HIS D 130 22.72 -34.33 17.59
N ALA D 131 21.47 -34.07 17.26
CA ALA D 131 20.47 -33.64 18.22
C ALA D 131 19.28 -34.56 18.11
N SER D 132 18.79 -35.05 19.25
CA SER D 132 17.61 -35.90 19.24
C SER D 132 16.38 -35.17 18.73
N GLN D 133 16.33 -33.85 18.85
CA GLN D 133 15.19 -33.09 18.38
C GLN D 133 15.01 -33.19 16.88
N ILE D 134 16.02 -33.66 16.16
CA ILE D 134 15.87 -33.87 14.73
C ILE D 134 14.80 -34.92 14.45
N GLN D 135 14.57 -35.83 15.39
CA GLN D 135 13.46 -36.76 15.24
C GLN D 135 12.13 -36.03 15.09
N GLY D 136 12.01 -34.87 15.74
CA GLY D 136 10.83 -34.05 15.60
C GLY D 136 10.73 -33.28 14.31
N PHE D 137 11.82 -33.19 13.54
CA PHE D 137 11.77 -32.54 12.24
C PHE D 137 10.95 -33.32 11.23
N PHE D 138 10.77 -34.61 11.45
CA PHE D 138 10.00 -35.47 10.55
C PHE D 138 8.58 -35.64 11.07
N ASP D 139 7.67 -35.96 10.15
CA ASP D 139 6.36 -36.44 10.53
C ASP D 139 6.21 -37.95 10.35
N ILE D 140 7.25 -38.63 9.88
CA ILE D 140 7.27 -40.07 9.74
C ILE D 140 8.05 -40.64 10.92
N PRO D 141 7.96 -41.94 11.21
CA PRO D 141 8.77 -42.50 12.29
C PRO D 141 10.26 -42.46 11.96
N VAL D 142 11.05 -42.16 12.97
CA VAL D 142 12.50 -42.14 12.86
C VAL D 142 13.07 -43.00 13.98
N ASP D 143 13.89 -43.97 13.63
CA ASP D 143 14.57 -44.81 14.60
C ASP D 143 15.99 -44.31 14.74
N ASN D 144 16.34 -43.85 15.94
CA ASN D 144 17.65 -43.26 16.19
C ASN D 144 18.46 -44.26 17.02
N LEU D 145 19.24 -45.10 16.35
CA LEU D 145 20.03 -46.11 17.01
C LEU D 145 21.23 -45.49 17.71
N TYR D 146 21.78 -46.22 18.67
CA TYR D 146 22.91 -45.76 19.46
C TYR D 146 24.07 -46.71 19.26
N ALA D 147 25.26 -46.15 19.13
CA ALA D 147 26.46 -46.97 19.05
C ALA D 147 26.97 -47.39 20.42
N GLU D 148 26.33 -46.93 21.49
CA GLU D 148 26.79 -47.23 22.84
C GLU D 148 27.01 -48.72 23.12
N PRO D 149 26.13 -49.65 22.73
CA PRO D 149 26.46 -51.06 22.95
C PRO D 149 27.79 -51.48 22.35
N ALA D 150 28.02 -51.16 21.08
CA ALA D 150 29.27 -51.51 20.44
C ALA D 150 30.45 -50.78 21.06
N VAL D 151 30.23 -49.54 21.51
CA VAL D 151 31.29 -48.77 22.14
C VAL D 151 31.72 -49.43 23.46
N LEU D 152 30.74 -49.83 24.27
CA LEU D 152 31.05 -50.50 25.53
C LEU D 152 31.76 -51.83 25.28
N LYS D 153 31.31 -52.57 24.26
CA LYS D 153 31.99 -53.81 23.92
C LYS D 153 33.45 -53.56 23.55
N TRP D 154 33.70 -52.53 22.74
CA TRP D 154 35.09 -52.22 22.37
C TRP D 154 35.90 -51.81 23.59
N ILE D 155 35.32 -50.98 24.46
CA ILE D 155 36.05 -50.51 25.64
C ILE D 155 36.44 -51.70 26.52
N ARG D 156 35.49 -52.61 26.73
CA ARG D 156 35.77 -53.75 27.60
C ARG D 156 36.79 -54.69 26.99
N GLU D 157 36.74 -54.88 25.67
CA GLU D 157 37.68 -55.81 25.05
C GLU D 157 38.99 -55.16 24.61
N ASN D 158 39.19 -53.86 24.86
CA ASN D 158 40.38 -53.19 24.37
C ASN D 158 41.11 -52.36 25.40
N ILE D 159 40.48 -51.99 26.50
CA ILE D 159 41.12 -51.19 27.54
C ILE D 159 41.14 -52.03 28.81
N SER D 160 42.27 -52.68 29.08
CA SER D 160 42.35 -53.60 30.20
C SER D 160 42.11 -52.90 31.53
N GLU D 161 42.31 -51.59 31.58
CA GLU D 161 42.14 -50.80 32.80
C GLU D 161 40.79 -50.11 32.85
N TRP D 162 39.76 -50.70 32.22
CA TRP D 162 38.51 -49.99 32.04
C TRP D 162 37.68 -49.90 33.31
N ARG D 163 38.00 -50.70 34.34
CA ARG D 163 37.27 -50.60 35.58
C ARG D 163 37.68 -49.38 36.40
N ASN D 164 38.87 -48.84 36.17
CA ASN D 164 39.34 -47.65 36.85
C ASN D 164 39.41 -46.44 35.94
N CYS D 165 39.00 -46.60 34.68
CA CYS D 165 39.13 -45.57 33.67
C CYS D 165 38.17 -44.42 33.93
N THR D 166 38.19 -43.44 33.03
CA THR D 166 37.34 -42.27 33.11
C THR D 166 36.69 -42.03 31.75
N ILE D 167 35.43 -41.60 31.78
CA ILE D 167 34.70 -41.26 30.56
C ILE D 167 34.51 -39.75 30.52
N VAL D 168 35.10 -39.11 29.52
CA VAL D 168 35.23 -37.66 29.48
C VAL D 168 34.44 -37.13 28.29
N SER D 169 33.73 -36.05 28.48
CA SER D 169 33.04 -35.41 27.38
C SER D 169 33.89 -34.26 26.85
N PRO D 170 34.00 -34.08 25.54
CA PRO D 170 34.81 -32.98 25.01
C PRO D 170 34.17 -31.63 25.19
N ASP D 171 32.84 -31.57 25.24
CA ASP D 171 32.13 -30.31 25.43
C ASP D 171 30.97 -30.55 26.37
N ALA D 172 30.26 -29.47 26.69
CA ALA D 172 29.07 -29.60 27.52
C ALA D 172 27.98 -30.43 26.86
N GLY D 173 27.79 -30.27 25.55
CA GLY D 173 26.65 -30.90 24.90
C GLY D 173 26.76 -32.40 24.80
N GLY D 174 27.92 -32.96 25.16
CA GLY D 174 28.08 -34.40 25.15
C GLY D 174 27.86 -35.09 26.46
N ALA D 175 27.26 -34.40 27.44
CA ALA D 175 27.22 -34.91 28.80
C ALA D 175 26.40 -36.20 28.90
N LYS D 176 25.23 -36.24 28.26
CA LYS D 176 24.31 -37.35 28.47
C LYS D 176 24.91 -38.67 28.01
N ARG D 177 25.56 -38.64 26.84
CA ARG D 177 26.12 -39.86 26.27
C ARG D 177 27.21 -40.46 27.16
N VAL D 178 28.11 -39.61 27.65
CA VAL D 178 29.19 -40.09 28.48
C VAL D 178 28.65 -40.56 29.83
N THR D 179 27.63 -39.88 30.36
CA THR D 179 27.05 -40.32 31.62
C THR D 179 26.42 -41.70 31.47
N SER D 180 25.73 -41.94 30.36
CA SER D 180 25.16 -43.26 30.12
C SER D 180 26.25 -44.32 30.01
N ILE D 181 27.32 -44.00 29.28
CA ILE D 181 28.43 -44.95 29.13
C ILE D 181 29.04 -45.27 30.48
N ALA D 182 29.29 -44.23 31.29
CA ALA D 182 29.87 -44.44 32.61
C ALA D 182 28.96 -45.27 33.49
N ASP D 183 27.66 -45.01 33.46
CA ASP D 183 26.73 -45.78 34.27
C ASP D 183 26.74 -47.25 33.88
N ARG D 184 26.72 -47.54 32.58
CA ARG D 184 26.76 -48.93 32.16
C ARG D 184 28.11 -49.59 32.46
N LEU D 185 29.18 -48.83 32.55
CA LEU D 185 30.48 -49.37 32.93
C LEU D 185 30.74 -49.28 34.43
N ASN D 186 29.97 -48.46 35.16
CA ASN D 186 30.23 -48.18 36.56
C ASN D 186 31.64 -47.62 36.77
N VAL D 187 31.87 -46.45 36.18
CA VAL D 187 33.15 -45.77 36.26
C VAL D 187 32.90 -44.30 36.56
N ASP D 188 33.93 -43.62 37.01
CA ASP D 188 33.86 -42.18 37.22
C ASP D 188 33.88 -41.49 35.87
N PHE D 189 33.17 -40.37 35.79
CA PHE D 189 33.08 -39.63 34.54
C PHE D 189 33.52 -38.18 34.76
N ALA D 190 34.53 -37.77 34.01
CA ALA D 190 35.05 -36.42 34.05
C ALA D 190 34.32 -35.57 33.03
N LEU D 191 34.61 -34.28 33.04
CA LEU D 191 34.08 -33.37 32.04
C LEU D 191 35.12 -32.33 31.66
N ILE D 192 34.95 -31.76 30.46
CA ILE D 192 35.88 -30.79 29.90
C ILE D 192 35.07 -29.70 29.23
N HIS D 193 35.46 -28.44 29.45
CA HIS D 193 34.89 -27.39 28.63
C HIS D 193 35.85 -26.21 28.58
N LYS D 194 35.90 -25.54 27.43
CA LYS D 194 36.79 -24.40 27.27
C LYS D 194 36.22 -23.19 28.00
N GLU D 195 37.08 -22.20 28.22
CA GLU D 195 36.68 -20.97 28.89
C GLU D 195 36.65 -19.80 27.91
N ASP D 203 40.72 -19.52 25.23
CA ASP D 203 41.60 -20.53 24.64
C ASP D 203 41.94 -21.61 25.66
N ARG D 204 41.53 -21.42 26.90
CA ARG D 204 41.77 -22.37 27.97
C ARG D 204 40.56 -23.25 28.19
N MET D 205 40.80 -24.42 28.77
CA MET D 205 39.75 -25.35 29.15
C MET D 205 39.95 -25.83 30.57
N VAL D 206 38.86 -26.23 31.22
CA VAL D 206 38.87 -26.78 32.56
C VAL D 206 38.34 -28.22 32.49
N LEU D 207 39.04 -29.10 33.18
CA LEU D 207 38.68 -30.51 33.33
C LEU D 207 38.31 -30.77 34.79
N VAL D 208 37.15 -31.39 35.01
CA VAL D 208 36.65 -31.70 36.33
C VAL D 208 36.57 -33.22 36.44
N GLY D 209 37.16 -33.76 37.51
CA GLY D 209 37.19 -35.21 37.66
C GLY D 209 38.62 -35.71 37.69
N ASP D 210 38.93 -36.50 38.72
CA ASP D 210 40.29 -36.97 38.91
C ASP D 210 40.70 -37.93 37.80
N VAL D 211 41.84 -37.65 37.17
CA VAL D 211 42.30 -38.42 36.03
C VAL D 211 43.76 -38.85 36.16
N LYS D 212 44.46 -38.39 37.19
CA LYS D 212 45.88 -38.72 37.33
C LYS D 212 46.07 -40.22 37.43
N ASP D 213 47.04 -40.73 36.66
CA ASP D 213 47.35 -42.16 36.54
C ASP D 213 46.16 -42.97 36.04
N ARG D 214 45.08 -42.32 35.63
CA ARG D 214 43.89 -42.99 35.14
C ARG D 214 43.71 -42.69 33.65
N VAL D 215 43.33 -43.73 32.91
CA VAL D 215 43.05 -43.57 31.50
C VAL D 215 41.82 -42.70 31.32
N ALA D 216 41.93 -41.69 30.45
CA ALA D 216 40.80 -40.88 30.04
C ALA D 216 40.24 -41.41 28.74
N ILE D 217 38.92 -41.40 28.61
CA ILE D 217 38.24 -41.84 27.40
C ILE D 217 37.35 -40.69 26.95
N LEU D 218 37.78 -39.96 25.93
CA LEU D 218 36.89 -39.00 25.30
C LEU D 218 35.83 -39.75 24.49
N VAL D 219 34.58 -39.40 24.72
CA VAL D 219 33.46 -39.98 23.99
C VAL D 219 32.66 -38.82 23.41
N ASP D 220 32.39 -38.89 22.11
CA ASP D 220 31.68 -37.80 21.44
C ASP D 220 30.97 -38.37 20.23
N ASP D 221 30.01 -37.60 19.73
CA ASP D 221 29.21 -38.07 18.59
C ASP D 221 29.95 -37.99 17.26
N MET D 222 30.72 -36.92 17.00
CA MET D 222 31.39 -36.86 15.72
C MET D 222 32.68 -36.07 15.86
N ALA D 223 33.60 -36.30 14.92
CA ALA D 223 34.80 -35.50 14.79
C ALA D 223 34.89 -35.06 13.35
N ASP D 224 34.75 -33.76 13.11
CA ASP D 224 34.81 -33.22 11.75
C ASP D 224 36.22 -32.72 11.44
N THR D 225 36.64 -31.69 12.16
CA THR D 225 37.98 -31.14 12.03
C THR D 225 38.87 -31.55 13.19
N CYS D 226 38.32 -32.26 14.16
CA CYS D 226 39.02 -32.80 15.31
C CYS D 226 39.66 -31.71 16.17
N GLY D 227 39.18 -30.47 16.07
CA GLY D 227 39.62 -29.46 17.00
C GLY D 227 39.14 -29.73 18.41
N THR D 228 37.89 -30.17 18.54
CA THR D 228 37.31 -30.42 19.85
C THR D 228 38.08 -31.51 20.60
N ILE D 229 38.24 -32.67 19.96
CA ILE D 229 38.92 -33.77 20.65
C ILE D 229 40.38 -33.46 20.86
N CYS D 230 41.01 -32.71 19.96
CA CYS D 230 42.41 -32.40 20.14
C CYS D 230 42.64 -31.46 21.32
N HIS D 231 41.80 -30.42 21.44
CA HIS D 231 41.89 -29.56 22.60
C HIS D 231 41.60 -30.32 23.89
N ALA D 232 40.59 -31.19 23.85
CA ALA D 232 40.28 -32.00 25.03
C ALA D 232 41.45 -32.88 25.43
N ALA D 233 42.10 -33.51 24.45
CA ALA D 233 43.24 -34.37 24.76
C ALA D 233 44.41 -33.56 25.31
N ASP D 234 44.63 -32.36 24.76
CA ASP D 234 45.66 -31.49 25.29
C ASP D 234 45.44 -31.21 26.77
N LYS D 235 44.21 -30.82 27.12
CA LYS D 235 43.93 -30.56 28.53
C LYS D 235 44.04 -31.82 29.38
N LEU D 236 43.57 -32.96 28.86
CA LEU D 236 43.66 -34.19 29.63
C LEU D 236 45.11 -34.52 29.94
N LEU D 237 46.01 -34.29 28.99
CA LEU D 237 47.42 -34.52 29.27
C LEU D 237 47.99 -33.45 30.19
N SER D 238 47.41 -32.25 30.19
CA SER D 238 47.83 -31.26 31.18
C SER D 238 47.55 -31.73 32.60
N ALA D 239 46.41 -32.39 32.81
CA ALA D 239 46.04 -32.90 34.12
C ALA D 239 46.69 -34.24 34.44
N GLY D 240 47.71 -34.64 33.69
CA GLY D 240 48.52 -35.78 34.04
C GLY D 240 47.89 -37.14 33.81
N ALA D 241 46.86 -37.23 32.96
CA ALA D 241 46.30 -38.53 32.63
C ALA D 241 47.33 -39.38 31.89
N THR D 242 47.29 -40.68 32.17
CA THR D 242 48.32 -41.57 31.62
C THR D 242 48.15 -41.74 30.11
N ARG D 243 47.01 -42.25 29.68
CA ARG D 243 46.72 -42.43 28.26
C ARG D 243 45.36 -41.83 27.95
N VAL D 244 45.20 -41.39 26.71
CA VAL D 244 43.97 -40.73 26.26
C VAL D 244 43.41 -41.48 25.06
N TYR D 245 42.11 -41.73 25.10
CA TYR D 245 41.35 -42.38 24.04
C TYR D 245 40.25 -41.45 23.55
N ALA D 246 39.99 -41.50 22.26
CA ALA D 246 38.85 -40.79 21.68
C ALA D 246 37.95 -41.82 21.02
N ILE D 247 36.65 -41.77 21.32
CA ILE D 247 35.71 -42.69 20.71
C ILE D 247 34.58 -41.86 20.10
N LEU D 248 34.23 -42.18 18.86
CA LEU D 248 33.30 -41.40 18.05
C LEU D 248 32.46 -42.33 17.20
N THR D 249 31.20 -41.96 17.01
CA THR D 249 30.40 -42.78 16.12
C THR D 249 30.54 -42.33 14.67
N HIS D 250 30.82 -41.05 14.42
CA HIS D 250 30.96 -40.55 13.05
C HIS D 250 32.34 -39.93 12.88
N GLY D 251 33.19 -40.59 12.10
CA GLY D 251 34.50 -40.08 11.77
C GLY D 251 34.56 -39.33 10.46
N ILE D 252 34.02 -38.11 10.41
CA ILE D 252 34.02 -37.35 9.17
C ILE D 252 35.45 -37.07 8.72
N PHE D 253 36.28 -36.59 9.65
CA PHE D 253 37.71 -36.41 9.40
C PHE D 253 37.97 -35.55 8.17
N SER D 254 37.48 -34.33 8.20
CA SER D 254 37.63 -33.44 7.07
C SER D 254 38.70 -32.38 7.34
N GLY D 255 39.32 -31.90 6.27
CA GLY D 255 40.29 -30.84 6.36
C GLY D 255 41.54 -31.25 7.12
N PRO D 256 41.87 -30.49 8.16
CA PRO D 256 43.12 -30.72 8.89
C PRO D 256 43.05 -31.84 9.90
N ALA D 257 42.00 -32.65 9.83
CA ALA D 257 41.75 -33.62 10.89
C ALA D 257 42.86 -34.65 11.00
N ILE D 258 43.31 -35.20 9.87
CA ILE D 258 44.28 -36.29 9.93
C ILE D 258 45.62 -35.79 10.46
N SER D 259 46.04 -34.61 10.01
CA SER D 259 47.28 -34.03 10.54
C SER D 259 47.17 -33.76 12.03
N ARG D 260 46.03 -33.23 12.48
CA ARG D 260 45.85 -32.96 13.91
C ARG D 260 45.90 -34.24 14.72
N ILE D 261 45.26 -35.31 14.25
CA ILE D 261 45.26 -36.57 14.98
C ILE D 261 46.66 -37.16 15.00
N ASN D 262 47.40 -37.03 13.89
CA ASN D 262 48.76 -37.54 13.84
C ASN D 262 49.67 -36.77 14.79
N ASN D 263 49.46 -35.46 14.93
CA ASN D 263 50.26 -34.64 15.83
C ASN D 263 49.73 -34.63 17.24
N ALA D 264 48.58 -35.24 17.49
CA ALA D 264 47.99 -35.26 18.83
C ALA D 264 48.60 -36.38 19.66
N CYS D 265 48.04 -36.56 20.85
CA CYS D 265 48.55 -37.51 21.84
C CYS D 265 47.57 -38.62 22.15
N PHE D 266 46.66 -38.95 21.24
CA PHE D 266 45.73 -40.05 21.48
C PHE D 266 46.45 -41.38 21.45
N GLU D 267 46.04 -42.28 22.34
CA GLU D 267 46.46 -43.67 22.20
C GLU D 267 45.67 -44.37 21.12
N ALA D 268 44.43 -43.94 20.90
CA ALA D 268 43.60 -44.46 19.82
C ALA D 268 42.46 -43.49 19.56
N VAL D 269 42.09 -43.37 18.29
CA VAL D 269 40.87 -42.70 17.87
C VAL D 269 39.99 -43.77 17.25
N VAL D 270 38.96 -44.17 17.97
CA VAL D 270 38.07 -45.24 17.54
C VAL D 270 36.83 -44.58 16.96
N VAL D 271 36.42 -45.07 15.79
CA VAL D 271 35.21 -44.56 15.15
C VAL D 271 34.36 -45.75 14.70
N THR D 272 33.06 -45.50 14.56
CA THR D 272 32.18 -46.56 14.01
C THR D 272 32.12 -46.36 12.49
N ASN D 273 31.91 -47.42 11.73
CA ASN D 273 31.92 -47.36 10.27
C ASN D 273 30.59 -46.85 9.71
N THR D 274 30.06 -45.78 10.26
CA THR D 274 28.95 -45.11 9.61
C THR D 274 29.41 -44.34 8.40
N ILE D 275 30.70 -44.05 8.33
CA ILE D 275 31.35 -43.36 7.21
C ILE D 275 32.50 -44.27 6.80
N PRO D 276 32.78 -44.42 5.51
CA PRO D 276 33.94 -45.22 5.10
C PRO D 276 35.23 -44.62 5.65
N GLN D 277 36.12 -45.47 6.18
CA GLN D 277 37.34 -44.92 6.83
C GLN D 277 38.63 -45.48 6.20
N GLU D 278 38.52 -46.37 5.21
CA GLU D 278 39.73 -47.03 4.63
C GLU D 278 40.78 -45.98 4.24
N ASP D 279 40.37 -44.93 3.51
CA ASP D 279 41.28 -43.87 3.08
C ASP D 279 41.86 -43.11 4.27
N LYS D 280 41.03 -42.80 5.26
CA LYS D 280 41.54 -42.10 6.43
C LYS D 280 42.48 -42.98 7.23
N MET D 281 42.17 -44.27 7.37
CA MET D 281 43.06 -45.18 8.07
C MET D 281 44.37 -45.36 7.33
N LYS D 282 44.39 -45.07 6.03
CA LYS D 282 45.65 -45.14 5.28
C LYS D 282 46.66 -44.14 5.81
N HIS D 283 46.23 -42.91 6.11
CA HIS D 283 47.12 -41.83 6.49
C HIS D 283 47.13 -41.56 7.99
N CYS D 284 46.50 -42.40 8.79
CA CYS D 284 46.49 -42.21 10.25
C CYS D 284 46.47 -43.59 10.89
N SER D 285 47.57 -43.96 11.54
CA SER D 285 47.71 -45.31 12.06
C SER D 285 46.89 -45.53 13.33
N LYS D 286 46.46 -44.46 13.98
CA LYS D 286 45.79 -44.57 15.26
C LYS D 286 44.27 -44.57 15.15
N ILE D 287 43.71 -44.62 13.94
CA ILE D 287 42.28 -44.74 13.77
C ILE D 287 41.88 -46.21 13.74
N GLN D 288 40.96 -46.59 14.61
CA GLN D 288 40.39 -47.92 14.63
C GLN D 288 38.90 -47.80 14.35
N VAL D 289 38.32 -48.88 13.82
CA VAL D 289 36.94 -48.86 13.36
C VAL D 289 36.14 -49.94 14.09
N ILE D 290 35.03 -49.53 14.70
CA ILE D 290 34.04 -50.44 15.25
C ILE D 290 32.99 -50.72 14.19
N ASP D 291 32.74 -51.99 13.92
CA ASP D 291 31.66 -52.37 13.03
C ASP D 291 30.32 -52.16 13.73
N ILE D 292 29.43 -51.39 13.10
CA ILE D 292 28.06 -51.26 13.56
C ILE D 292 27.07 -51.81 12.56
N SER D 293 27.55 -52.55 11.56
CA SER D 293 26.65 -53.09 10.54
C SER D 293 25.67 -54.10 11.13
N MET D 294 26.03 -54.75 12.23
CA MET D 294 25.10 -55.68 12.85
C MET D 294 23.93 -54.96 13.49
N ILE D 295 24.17 -53.80 14.09
CA ILE D 295 23.06 -53.02 14.66
C ILE D 295 22.13 -52.55 13.56
N LEU D 296 22.69 -52.05 12.45
CA LEU D 296 21.85 -51.61 11.34
C LEU D 296 21.07 -52.76 10.73
N ALA D 297 21.72 -53.90 10.53
CA ALA D 297 21.03 -55.06 9.98
C ALA D 297 19.93 -55.53 10.91
N GLU D 298 20.18 -55.54 12.21
CA GLU D 298 19.18 -55.96 13.18
C GLU D 298 18.01 -54.99 13.20
N ALA D 299 18.28 -53.69 13.10
CA ALA D 299 17.20 -52.71 13.06
C ALA D 299 16.36 -52.87 11.81
N ILE D 300 16.99 -53.08 10.66
CA ILE D 300 16.25 -53.28 9.42
C ILE D 300 15.37 -54.52 9.55
N ARG D 301 15.93 -55.61 10.07
CA ARG D 301 15.20 -56.85 10.18
C ARG D 301 14.06 -56.74 11.18
N ARG D 302 14.26 -56.02 12.28
CA ARG D 302 13.21 -55.87 13.28
C ARG D 302 12.11 -54.94 12.81
N THR D 303 12.43 -53.89 12.06
CA THR D 303 11.36 -53.07 11.49
C THR D 303 10.58 -53.85 10.45
N HIS D 304 11.26 -54.69 9.67
CA HIS D 304 10.55 -55.49 8.69
C HIS D 304 9.62 -56.49 9.35
N ASN D 305 10.09 -57.16 10.40
CA ASN D 305 9.28 -58.19 11.05
C ASN D 305 8.35 -57.65 12.11
N GLY D 306 8.37 -56.35 12.37
CA GLY D 306 7.51 -55.79 13.39
C GLY D 306 7.93 -56.07 14.81
N GLU D 307 9.16 -56.53 15.02
CA GLU D 307 9.69 -56.75 16.36
C GLU D 307 10.18 -55.44 16.96
N SER D 308 10.41 -55.46 18.26
CA SER D 308 10.82 -54.25 18.97
C SER D 308 12.21 -53.80 18.53
N VAL D 309 12.32 -52.53 18.18
CA VAL D 309 13.61 -51.96 17.78
C VAL D 309 14.33 -51.36 18.98
N SER D 310 13.56 -50.87 19.94
CA SER D 310 14.14 -50.24 21.18
C SER D 310 14.90 -51.30 21.98
N TYR D 311 14.73 -52.58 21.63
CA TYR D 311 15.50 -53.66 22.31
C TYR D 311 16.98 -53.41 22.07
N LEU D 312 17.34 -53.00 20.85
CA LEU D 312 18.76 -52.78 20.48
C LEU D 312 19.39 -51.70 21.36
N PHE D 313 18.60 -50.78 21.93
CA PHE D 313 19.22 -49.70 22.67
C PHE D 313 20.10 -50.22 23.80
N SER D 314 19.89 -51.47 24.23
CA SER D 314 20.60 -52.01 25.36
C SER D 314 21.30 -53.34 25.09
N HIS D 315 21.22 -53.87 23.88
CA HIS D 315 21.74 -55.22 23.60
C HIS D 315 22.47 -55.25 22.28
N VAL D 316 23.64 -55.87 22.27
CA VAL D 316 24.40 -56.12 21.05
C VAL D 316 23.85 -57.37 20.37
N PRO D 317 23.41 -57.28 19.11
CA PRO D 317 22.88 -58.44 18.39
C PRO D 317 23.99 -59.37 17.90
N PRO E 2 -3.41 -2.93 6.55
CA PRO E 2 -3.62 -3.81 7.71
C PRO E 2 -3.11 -3.19 8.99
N ASN E 3 -3.94 -3.19 10.03
CA ASN E 3 -3.58 -2.63 11.32
C ASN E 3 -3.35 -3.75 12.33
N ILE E 4 -2.62 -3.41 13.38
CA ILE E 4 -2.34 -4.36 14.45
C ILE E 4 -3.58 -4.56 15.29
N LYS E 5 -3.95 -5.81 15.52
CA LYS E 5 -4.98 -6.17 16.49
C LYS E 5 -4.33 -7.07 17.52
N ILE E 6 -4.42 -6.70 18.79
CA ILE E 6 -3.84 -7.47 19.89
C ILE E 6 -5.00 -8.13 20.62
N PHE E 7 -4.97 -9.45 20.71
CA PHE E 7 -5.98 -10.20 21.43
C PHE E 7 -5.31 -10.94 22.58
N SER E 8 -6.00 -10.98 23.72
CA SER E 8 -5.49 -11.65 24.90
C SER E 8 -6.25 -12.94 25.12
N GLY E 9 -5.52 -13.99 25.45
CA GLY E 9 -6.14 -15.16 26.03
C GLY E 9 -6.39 -14.97 27.51
N SER E 10 -6.89 -16.02 28.15
CA SER E 10 -7.14 -15.96 29.57
C SER E 10 -5.88 -16.16 30.41
N SER E 11 -4.80 -16.70 29.83
CA SER E 11 -3.67 -17.12 30.62
C SER E 11 -2.96 -15.94 31.28
N HIS E 12 -2.61 -14.91 30.50
CA HIS E 12 -1.81 -13.80 31.01
C HIS E 12 -2.42 -12.49 30.50
N GLN E 13 -3.41 -12.00 31.22
CA GLN E 13 -4.09 -10.77 30.80
C GLN E 13 -3.26 -9.53 31.11
N ASP E 14 -2.49 -9.56 32.21
CA ASP E 14 -1.64 -8.43 32.55
C ASP E 14 -0.57 -8.20 31.49
N LEU E 15 0.07 -9.27 31.02
CA LEU E 15 1.09 -9.13 29.99
C LEU E 15 0.51 -8.56 28.71
N SER E 16 -0.68 -9.04 28.33
CA SER E 16 -1.31 -8.53 27.11
C SER E 16 -1.68 -7.07 27.25
N GLN E 17 -2.18 -6.67 28.41
CA GLN E 17 -2.50 -5.26 28.61
C GLN E 17 -1.25 -4.40 28.54
N LYS E 18 -0.16 -4.86 29.14
CA LYS E 18 1.09 -4.12 29.06
C LYS E 18 1.56 -3.99 27.61
N ILE E 19 1.51 -5.08 26.85
CA ILE E 19 1.94 -5.05 25.46
C ILE E 19 1.08 -4.08 24.67
N ALA E 20 -0.23 -4.13 24.86
CA ALA E 20 -1.12 -3.22 24.15
C ALA E 20 -0.85 -1.77 24.53
N ASP E 21 -0.52 -1.53 25.80
CA ASP E 21 -0.16 -0.17 26.22
C ASP E 21 1.07 0.32 25.49
N ARG E 22 2.09 -0.53 25.35
CA ARG E 22 3.32 -0.05 24.74
C ARG E 22 3.20 0.08 23.24
N LEU E 23 2.11 -0.41 22.66
CA LEU E 23 1.84 -0.21 21.25
C LEU E 23 0.83 0.87 20.99
N GLY E 24 0.33 1.54 22.03
CA GLY E 24 -0.71 2.53 21.86
C GLY E 24 -2.01 1.99 21.34
N LEU E 25 -2.41 0.80 21.78
CA LEU E 25 -3.62 0.17 21.30
C LEU E 25 -4.49 -0.26 22.47
N GLU E 26 -5.73 -0.59 22.15
CA GLU E 26 -6.63 -1.26 23.08
C GLU E 26 -6.68 -2.74 22.72
N LEU E 27 -6.82 -3.58 23.74
CA LEU E 27 -6.95 -5.00 23.50
C LEU E 27 -8.19 -5.27 22.66
N GLY E 28 -8.06 -6.21 21.73
CA GLY E 28 -9.19 -6.54 20.88
C GLY E 28 -10.34 -7.13 21.67
N LYS E 29 -11.54 -6.88 21.17
CA LYS E 29 -12.74 -7.31 21.88
C LYS E 29 -12.98 -8.79 21.64
N VAL E 30 -12.69 -9.61 22.63
CA VAL E 30 -12.90 -11.05 22.53
C VAL E 30 -13.46 -11.55 23.84
N VAL E 31 -14.42 -12.46 23.74
CA VAL E 31 -14.99 -13.14 24.90
C VAL E 31 -14.46 -14.57 24.90
N THR E 32 -13.76 -14.93 25.96
CA THR E 32 -13.19 -16.27 26.11
C THR E 32 -13.70 -16.85 27.42
N LYS E 33 -14.67 -17.76 27.33
CA LYS E 33 -15.21 -18.36 28.53
C LYS E 33 -15.28 -19.87 28.40
N LYS E 34 -15.94 -20.53 29.34
CA LYS E 34 -16.18 -21.95 29.27
C LYS E 34 -17.69 -22.20 29.30
N PHE E 35 -18.14 -23.11 28.44
CA PHE E 35 -19.47 -23.65 28.63
C PHE E 35 -19.53 -24.50 29.89
N SER E 36 -20.73 -24.94 30.23
CA SER E 36 -20.92 -25.73 31.44
C SER E 36 -20.15 -27.05 31.39
N ASN E 37 -19.97 -27.59 30.19
CA ASN E 37 -19.28 -28.85 30.03
C ASN E 37 -17.78 -28.70 29.84
N GLN E 38 -17.18 -27.60 30.30
CA GLN E 38 -15.75 -27.36 30.25
C GLN E 38 -15.25 -27.16 28.83
N GLU E 39 -16.10 -26.75 27.91
CA GLU E 39 -15.68 -26.51 26.54
C GLU E 39 -15.36 -25.04 26.34
N THR E 40 -14.25 -24.78 25.65
CA THR E 40 -13.82 -23.41 25.39
C THR E 40 -14.78 -22.72 24.44
N CYS E 41 -15.23 -21.53 24.83
CA CYS E 41 -16.07 -20.69 23.99
C CYS E 41 -15.28 -19.43 23.66
N VAL E 42 -15.09 -19.17 22.38
CA VAL E 42 -14.36 -17.99 21.92
C VAL E 42 -15.25 -17.22 20.96
N GLU E 43 -15.40 -15.93 21.20
CA GLU E 43 -16.17 -15.06 20.31
C GLU E 43 -15.37 -13.79 20.07
N ILE E 44 -14.94 -13.60 18.84
CA ILE E 44 -14.29 -12.35 18.42
C ILE E 44 -15.37 -11.30 18.29
N GLY E 45 -15.29 -10.27 19.12
CA GLY E 45 -16.30 -9.23 19.15
C GLY E 45 -16.11 -8.09 18.18
N GLU E 46 -15.05 -8.12 17.39
CA GLU E 46 -14.81 -7.09 16.40
C GLU E 46 -14.31 -7.75 15.12
N SER E 47 -14.58 -7.10 14.00
CA SER E 47 -14.10 -7.59 12.72
C SER E 47 -12.58 -7.55 12.67
N VAL E 48 -11.96 -8.63 12.23
CA VAL E 48 -10.53 -8.70 12.04
C VAL E 48 -10.18 -8.84 10.56
N ARG E 49 -11.14 -8.57 9.68
CA ARG E 49 -10.96 -8.78 8.25
C ARG E 49 -9.84 -7.89 7.72
N GLY E 50 -8.83 -8.52 7.12
CA GLY E 50 -7.73 -7.79 6.55
C GLY E 50 -6.78 -7.16 7.55
N GLU E 51 -6.79 -7.63 8.80
CA GLU E 51 -5.98 -7.05 9.84
C GLU E 51 -4.80 -7.95 10.19
N ASP E 52 -3.85 -7.39 10.92
CA ASP E 52 -2.67 -8.12 11.39
C ASP E 52 -2.90 -8.50 12.84
N VAL E 53 -3.40 -9.70 13.06
CA VAL E 53 -3.86 -10.15 14.37
C VAL E 53 -2.70 -10.76 15.13
N TYR E 54 -2.54 -10.35 16.39
CA TYR E 54 -1.57 -10.94 17.31
C TYR E 54 -2.32 -11.44 18.53
N ILE E 55 -2.18 -12.72 18.83
CA ILE E 55 -2.84 -13.33 19.97
C ILE E 55 -1.79 -13.64 21.01
N VAL E 56 -1.95 -13.10 22.21
CA VAL E 56 -1.01 -13.28 23.29
C VAL E 56 -1.57 -14.32 24.24
N GLN E 57 -0.81 -15.40 24.42
CA GLN E 57 -1.24 -16.52 25.27
C GLN E 57 0.00 -17.29 25.67
N SER E 58 0.19 -17.50 26.96
CA SER E 58 1.38 -18.18 27.43
C SER E 58 1.04 -19.59 27.90
N GLY E 59 1.98 -20.50 27.67
CA GLY E 59 1.80 -21.88 28.07
C GLY E 59 1.99 -22.07 29.56
N CYS E 60 1.04 -21.56 30.34
CA CYS E 60 1.12 -21.55 31.78
C CYS E 60 -0.24 -21.90 32.35
N GLY E 61 -0.32 -21.92 33.67
CA GLY E 61 -1.59 -22.19 34.32
C GLY E 61 -2.12 -23.56 33.95
N GLU E 62 -3.41 -23.62 33.64
CA GLU E 62 -4.03 -24.84 33.11
C GLU E 62 -3.67 -24.93 31.64
N ILE E 63 -2.64 -25.73 31.36
CA ILE E 63 -1.93 -25.62 30.09
C ILE E 63 -2.79 -26.08 28.91
N ASN E 64 -3.48 -27.21 29.06
CA ASN E 64 -4.25 -27.72 27.94
C ASN E 64 -5.40 -26.80 27.62
N ASP E 65 -6.00 -26.21 28.64
CA ASP E 65 -7.10 -25.29 28.42
C ASP E 65 -6.64 -24.04 27.69
N ASN E 66 -5.50 -23.49 28.11
CA ASN E 66 -4.95 -22.31 27.45
C ASN E 66 -4.55 -22.61 26.02
N LEU E 67 -3.95 -23.78 25.78
CA LEU E 67 -3.56 -24.12 24.42
C LEU E 67 -4.78 -24.30 23.53
N MET E 68 -5.83 -24.93 24.05
CA MET E 68 -7.06 -25.06 23.27
C MET E 68 -7.66 -23.71 22.96
N GLU E 69 -7.69 -22.81 23.95
CA GLU E 69 -8.20 -21.46 23.71
C GLU E 69 -7.37 -20.75 22.65
N LEU E 70 -6.05 -20.91 22.69
CA LEU E 70 -5.20 -20.27 21.71
C LEU E 70 -5.46 -20.80 20.31
N LEU E 71 -5.56 -22.11 20.16
CA LEU E 71 -5.83 -22.70 18.86
C LEU E 71 -7.18 -22.26 18.33
N ILE E 72 -8.18 -22.22 19.20
CA ILE E 72 -9.52 -21.82 18.78
C ILE E 72 -9.54 -20.36 18.36
N MET E 73 -8.83 -19.50 19.08
CA MET E 73 -8.75 -18.10 18.69
C MET E 73 -8.02 -17.93 17.36
N ILE E 74 -6.93 -18.68 17.16
CA ILE E 74 -6.21 -18.60 15.89
C ILE E 74 -7.12 -19.00 14.74
N ASN E 75 -7.84 -20.11 14.91
CA ASN E 75 -8.72 -20.57 13.85
C ASN E 75 -9.86 -19.59 13.61
N ALA E 76 -10.40 -19.01 14.68
CA ALA E 76 -11.47 -18.03 14.54
C ALA E 76 -11.01 -16.81 13.75
N CYS E 77 -9.81 -16.32 14.03
CA CYS E 77 -9.30 -15.17 13.30
C CYS E 77 -8.95 -15.55 11.87
N LYS E 78 -8.49 -16.78 11.65
CA LYS E 78 -8.13 -17.20 10.30
C LYS E 78 -9.37 -17.32 9.40
N ILE E 79 -10.45 -17.92 9.89
CA ILE E 79 -11.64 -18.04 9.05
C ILE E 79 -12.50 -16.79 9.11
N ALA E 80 -12.11 -15.79 9.90
CA ALA E 80 -12.70 -14.47 9.84
C ALA E 80 -11.93 -13.54 8.91
N SER E 81 -11.04 -14.09 8.09
CA SER E 81 -10.37 -13.38 6.99
C SER E 81 -9.37 -12.35 7.49
N ALA E 82 -8.69 -12.66 8.58
CA ALA E 82 -7.53 -11.86 8.96
C ALA E 82 -6.43 -12.04 7.93
N SER E 83 -5.73 -10.95 7.63
CA SER E 83 -4.66 -11.04 6.65
C SER E 83 -3.54 -11.95 7.15
N ARG E 84 -3.23 -11.87 8.44
CA ARG E 84 -2.13 -12.62 9.02
C ARG E 84 -2.41 -12.81 10.49
N VAL E 85 -2.16 -14.00 11.00
CA VAL E 85 -2.38 -14.34 12.39
C VAL E 85 -1.06 -14.77 13.00
N THR E 86 -0.67 -14.12 14.09
CA THR E 86 0.56 -14.42 14.80
C THR E 86 0.23 -14.86 16.22
N ALA E 87 0.81 -15.96 16.65
CA ALA E 87 0.65 -16.44 18.01
C ALA E 87 1.84 -15.95 18.82
N VAL E 88 1.58 -15.09 19.79
CA VAL E 88 2.60 -14.59 20.70
C VAL E 88 2.54 -15.48 21.93
N ILE E 89 3.51 -16.38 22.05
CA ILE E 89 3.49 -17.43 23.06
C ILE E 89 4.72 -17.27 23.94
N PRO E 90 4.69 -16.42 24.96
CA PRO E 90 5.91 -16.13 25.72
C PRO E 90 6.55 -17.35 26.34
N CYS E 91 5.78 -18.28 26.87
CA CYS E 91 6.29 -19.57 27.32
C CYS E 91 5.63 -20.66 26.49
N PHE E 92 6.44 -21.39 25.73
CA PHE E 92 5.91 -22.35 24.78
C PHE E 92 5.44 -23.61 25.50
N PRO E 93 4.20 -24.04 25.33
CA PRO E 93 3.73 -25.23 26.03
C PRO E 93 4.32 -26.50 25.45
N TYR E 94 4.62 -27.44 26.33
CA TYR E 94 5.20 -28.74 26.00
C TYR E 94 6.59 -28.62 25.40
N ALA E 95 7.26 -27.49 25.63
CA ALA E 95 8.59 -27.30 25.06
C ALA E 95 9.59 -28.31 25.57
N ARG E 96 9.38 -28.86 26.77
CA ARG E 96 10.31 -29.84 27.30
C ARG E 96 10.11 -31.23 26.73
N GLN E 97 9.04 -31.45 25.97
CA GLN E 97 8.84 -32.70 25.24
C GLN E 97 9.39 -32.60 23.83
N ASP E 98 10.69 -32.32 23.74
CA ASP E 98 11.32 -32.04 22.45
C ASP E 98 12.06 -33.23 21.87
N LYS E 99 12.12 -34.36 22.57
CA LYS E 99 12.92 -35.48 22.08
C LYS E 99 12.38 -36.76 22.69
N LYS E 100 12.73 -37.88 22.05
CA LYS E 100 12.29 -39.20 22.50
C LYS E 100 13.26 -39.82 23.48
N ASP E 101 14.51 -40.00 23.07
CA ASP E 101 15.61 -40.39 23.95
C ASP E 101 15.34 -41.74 24.63
N LYS E 102 15.32 -42.78 23.78
CA LYS E 102 15.26 -44.17 24.23
C LYS E 102 13.95 -44.50 24.96
N SER E 103 12.86 -43.83 24.57
CA SER E 103 11.56 -44.08 25.18
C SER E 103 10.49 -43.97 24.12
N ARG E 104 9.40 -44.70 24.31
CA ARG E 104 8.26 -44.64 23.40
C ARG E 104 7.39 -43.44 23.77
N ALA E 105 8.05 -42.29 23.86
CA ALA E 105 7.43 -41.06 24.30
C ALA E 105 7.07 -40.20 23.11
N PRO E 106 5.97 -39.47 23.17
CA PRO E 106 5.65 -38.52 22.11
C PRO E 106 6.53 -37.28 22.20
N ILE E 107 6.85 -36.75 21.04
CA ILE E 107 7.50 -35.45 20.95
C ILE E 107 6.35 -34.46 20.93
N SER E 108 5.86 -34.10 22.12
CA SER E 108 4.65 -33.31 22.24
C SER E 108 4.84 -31.90 21.70
N ALA E 109 6.05 -31.37 21.76
CA ALA E 109 6.30 -30.05 21.22
C ALA E 109 6.05 -30.01 19.72
N LYS E 110 6.45 -31.07 19.01
CA LYS E 110 6.17 -31.14 17.58
C LYS E 110 4.67 -31.22 17.32
N LEU E 111 3.95 -31.95 18.17
CA LEU E 111 2.49 -32.00 18.03
C LEU E 111 1.87 -30.63 18.23
N VAL E 112 2.35 -29.88 19.21
CA VAL E 112 1.85 -28.54 19.44
C VAL E 112 2.15 -27.64 18.25
N ALA E 113 3.35 -27.76 17.68
CA ALA E 113 3.68 -26.98 16.49
C ALA E 113 2.77 -27.33 15.33
N ASN E 114 2.49 -28.62 15.13
CA ASN E 114 1.59 -29.05 14.07
C ASN E 114 0.19 -28.51 14.28
N MET E 115 -0.30 -28.52 15.52
CA MET E 115 -1.64 -28.02 15.79
C MET E 115 -1.71 -26.51 15.59
N LEU E 116 -0.65 -25.78 15.96
CA LEU E 116 -0.62 -24.35 15.70
C LEU E 116 -0.62 -24.07 14.21
N SER E 117 0.12 -24.87 13.44
CA SER E 117 0.13 -24.70 12.00
C SER E 117 -1.22 -24.98 11.38
N VAL E 118 -1.89 -26.05 11.82
CA VAL E 118 -3.17 -26.42 11.20
C VAL E 118 -4.30 -25.52 11.67
N ALA E 119 -4.17 -24.88 12.84
CA ALA E 119 -5.14 -23.87 13.23
C ALA E 119 -5.04 -22.64 12.34
N GLY E 120 -3.87 -22.38 11.77
CA GLY E 120 -3.74 -21.32 10.79
C GLY E 120 -2.76 -20.23 11.16
N ALA E 121 -1.91 -20.48 12.15
CA ALA E 121 -0.92 -19.49 12.54
C ALA E 121 0.10 -19.32 11.43
N ASP E 122 0.41 -18.06 11.10
CA ASP E 122 1.41 -17.75 10.10
C ASP E 122 2.76 -17.38 10.70
N HIS E 123 2.80 -17.08 11.99
CA HIS E 123 3.99 -16.57 12.62
C HIS E 123 3.90 -16.87 14.10
N ILE E 124 5.04 -17.25 14.68
CA ILE E 124 5.15 -17.50 16.11
C ILE E 124 6.19 -16.56 16.68
N ILE E 125 5.82 -15.87 17.76
CA ILE E 125 6.76 -15.11 18.57
C ILE E 125 6.81 -15.74 19.94
N THR E 126 7.99 -16.14 20.37
CA THR E 126 8.16 -16.80 21.66
C THR E 126 9.44 -16.29 22.30
N MET E 127 9.61 -16.59 23.58
CA MET E 127 10.75 -16.09 24.35
C MET E 127 11.48 -17.25 25.00
N ASP E 128 12.77 -17.36 24.71
CA ASP E 128 13.66 -18.35 25.33
C ASP E 128 13.07 -19.75 25.25
N LEU E 129 12.96 -20.25 24.03
CA LEU E 129 12.56 -21.62 23.82
C LEU E 129 13.50 -22.56 24.55
N HIS E 130 12.93 -23.62 25.14
CA HIS E 130 13.73 -24.56 25.91
C HIS E 130 14.82 -25.19 25.05
N ALA E 131 14.48 -25.55 23.82
CA ALA E 131 15.46 -25.98 22.83
C ALA E 131 15.26 -25.15 21.58
N SER E 132 16.36 -24.62 21.04
CA SER E 132 16.27 -23.86 19.81
C SER E 132 15.78 -24.70 18.64
N GLN E 133 15.99 -26.01 18.68
CA GLN E 133 15.56 -26.87 17.60
C GLN E 133 14.05 -26.89 17.44
N ILE E 134 13.31 -26.39 18.44
CA ILE E 134 11.86 -26.29 18.31
C ILE E 134 11.50 -25.34 17.18
N GLN E 135 12.38 -24.38 16.86
CA GLN E 135 12.14 -23.53 15.70
C GLN E 135 12.01 -24.36 14.44
N GLY E 136 12.74 -25.48 14.36
CA GLY E 136 12.63 -26.40 13.25
C GLY E 136 11.40 -27.25 13.23
N PHE E 137 10.65 -27.30 14.35
CA PHE E 137 9.40 -28.05 14.36
C PHE E 137 8.32 -27.39 13.51
N PHE E 138 8.45 -26.10 13.24
CA PHE E 138 7.48 -25.37 12.44
C PHE E 138 7.97 -25.25 11.00
N ASP E 139 7.01 -25.05 10.10
CA ASP E 139 7.33 -24.64 8.75
C ASP E 139 7.05 -23.16 8.50
N ILE E 140 6.55 -22.45 9.50
CA ILE E 140 6.32 -21.01 9.43
C ILE E 140 7.47 -20.32 10.14
N PRO E 141 7.67 -19.02 9.96
CA PRO E 141 8.73 -18.33 10.71
C PRO E 141 8.43 -18.30 12.20
N VAL E 142 9.48 -18.48 12.99
CA VAL E 142 9.40 -18.41 14.45
C VAL E 142 10.46 -17.44 14.93
N ASP E 143 10.06 -16.44 15.69
CA ASP E 143 10.99 -15.48 16.29
C ASP E 143 11.18 -15.89 17.74
N ASN E 144 12.41 -16.24 18.09
CA ASN E 144 12.73 -16.71 19.43
C ASN E 144 13.51 -15.62 20.15
N LEU E 145 12.80 -14.78 20.89
CA LEU E 145 13.40 -13.68 21.60
C LEU E 145 14.17 -14.17 22.82
N TYR E 146 15.08 -13.33 23.30
CA TYR E 146 15.92 -13.66 24.44
C TYR E 146 15.69 -12.66 25.54
N ALA E 147 15.62 -13.14 26.77
CA ALA E 147 15.49 -12.25 27.92
C ALA E 147 16.84 -11.71 28.36
N GLU E 148 17.93 -12.14 27.72
CA GLU E 148 19.26 -11.71 28.13
C GLU E 148 19.45 -10.21 28.26
N PRO E 149 18.98 -9.37 27.32
CA PRO E 149 19.12 -7.91 27.55
C PRO E 149 18.51 -7.46 28.87
N ALA E 150 17.27 -7.84 29.14
CA ALA E 150 16.62 -7.45 30.39
C ALA E 150 17.32 -8.06 31.59
N VAL E 151 17.85 -9.28 31.44
CA VAL E 151 18.55 -9.93 32.55
C VAL E 151 19.82 -9.17 32.89
N LEU E 152 20.59 -8.78 31.88
CA LEU E 152 21.81 -8.00 32.11
C LEU E 152 21.48 -6.65 32.74
N LYS E 153 20.41 -6.01 32.27
CA LYS E 153 20.00 -4.76 32.87
C LYS E 153 19.68 -4.93 34.35
N TRP E 154 18.94 -5.99 34.70
CA TRP E 154 18.62 -6.23 36.10
C TRP E 154 19.88 -6.50 36.91
N ILE E 155 20.79 -7.31 36.36
CA ILE E 155 22.01 -7.64 37.09
C ILE E 155 22.81 -6.39 37.38
N ARG E 156 22.95 -5.53 36.37
CA ARG E 156 23.75 -4.32 36.55
C ARG E 156 23.08 -3.36 37.53
N GLU E 157 21.77 -3.25 37.50
CA GLU E 157 21.09 -2.31 38.39
C GLU E 157 20.72 -2.89 39.75
N ASN E 158 21.06 -4.15 40.01
CA ASN E 158 20.64 -4.78 41.27
C ASN E 158 21.74 -5.49 42.03
N ILE E 159 22.85 -5.83 41.39
CA ILE E 159 23.96 -6.51 42.06
C ILE E 159 25.16 -5.59 42.00
N SER E 160 25.41 -4.85 43.08
CA SER E 160 26.47 -3.86 43.08
C SER E 160 27.84 -4.49 42.85
N GLU E 161 27.99 -5.77 43.13
CA GLU E 161 29.25 -6.48 42.99
C GLU E 161 29.32 -7.26 41.68
N TRP E 162 28.64 -6.78 40.64
CA TRP E 162 28.48 -7.58 39.43
C TRP E 162 29.73 -7.65 38.59
N ARG E 163 30.71 -6.77 38.83
CA ARG E 163 31.95 -6.83 38.07
C ARG E 163 32.85 -7.96 38.54
N ASN E 164 32.68 -8.43 39.78
CA ASN E 164 33.46 -9.54 40.31
C ASN E 164 32.61 -10.80 40.48
N CYS E 165 31.35 -10.75 40.09
CA CYS E 165 30.41 -11.84 40.32
C CYS E 165 30.73 -13.03 39.43
N THR E 166 29.89 -14.06 39.53
CA THR E 166 30.03 -15.28 38.75
C THR E 166 28.70 -15.65 38.14
N ILE E 167 28.71 -16.17 36.92
CA ILE E 167 27.51 -16.64 36.24
C ILE E 167 27.57 -18.15 36.16
N VAL E 168 26.63 -18.82 36.81
CA VAL E 168 26.69 -20.25 37.03
C VAL E 168 25.52 -20.91 36.31
N SER E 169 25.78 -22.01 35.67
CA SER E 169 24.71 -22.76 35.05
C SER E 169 24.27 -23.90 35.98
N PRO E 170 22.97 -24.15 36.13
CA PRO E 170 22.54 -25.23 37.03
C PRO E 170 22.78 -26.61 36.46
N ASP E 171 22.82 -26.75 35.14
CA ASP E 171 23.08 -28.04 34.53
C ASP E 171 23.99 -27.82 33.32
N ALA E 172 24.37 -28.92 32.67
CA ALA E 172 25.17 -28.82 31.46
C ALA E 172 24.43 -28.11 30.34
N GLY E 173 23.13 -28.36 30.19
CA GLY E 173 22.40 -27.86 29.03
C GLY E 173 22.22 -26.35 29.03
N GLY E 174 22.56 -25.70 30.14
CA GLY E 174 22.45 -24.26 30.22
C GLY E 174 23.71 -23.50 29.92
N ALA E 175 24.72 -24.16 29.35
CA ALA E 175 26.05 -23.57 29.24
C ALA E 175 26.06 -22.32 28.34
N LYS E 176 25.39 -22.42 27.18
CA LYS E 176 25.50 -21.36 26.18
C LYS E 176 24.96 -20.03 26.71
N ARG E 177 23.82 -20.08 27.39
CA ARG E 177 23.17 -18.87 27.87
C ARG E 177 24.04 -18.16 28.89
N VAL E 178 24.59 -18.91 29.84
CA VAL E 178 25.42 -18.30 30.87
C VAL E 178 26.72 -17.78 30.27
N THR E 179 27.27 -18.49 29.29
CA THR E 179 28.49 -18.00 28.65
C THR E 179 28.24 -16.69 27.94
N SER E 180 27.10 -16.57 27.25
CA SER E 180 26.77 -15.31 26.60
C SER E 180 26.61 -14.19 27.62
N ILE E 181 25.92 -14.47 28.73
CA ILE E 181 25.73 -13.46 29.77
C ILE E 181 27.06 -13.02 30.34
N ALA E 182 27.94 -13.98 30.63
CA ALA E 182 29.25 -13.66 31.17
C ALA E 182 30.06 -12.83 30.19
N ASP E 183 30.02 -13.18 28.91
CA ASP E 183 30.77 -12.42 27.91
C ASP E 183 30.28 -10.98 27.84
N ARG E 184 28.96 -10.78 27.82
CA ARG E 184 28.45 -9.42 27.78
C ARG E 184 28.73 -8.65 29.07
N LEU E 185 28.88 -9.34 30.20
CA LEU E 185 29.26 -8.68 31.44
C LEU E 185 30.76 -8.66 31.68
N ASN E 186 31.53 -9.47 30.95
CA ASN E 186 32.96 -9.64 31.20
C ASN E 186 33.22 -10.09 32.63
N VAL E 187 32.72 -11.28 32.95
CA VAL E 187 32.87 -11.87 34.28
C VAL E 187 33.26 -13.34 34.11
N ASP E 188 33.78 -13.91 35.17
CA ASP E 188 34.08 -15.33 35.19
C ASP E 188 32.78 -16.11 35.28
N PHE E 189 32.76 -17.29 34.66
CA PHE E 189 31.56 -18.10 34.65
C PHE E 189 31.89 -19.50 35.16
N ALA E 190 31.19 -19.89 36.23
CA ALA E 190 31.33 -21.19 36.84
C ALA E 190 30.35 -22.16 36.19
N LEU E 191 30.46 -23.42 36.55
CA LEU E 191 29.51 -24.43 36.11
C LEU E 191 29.22 -25.42 37.22
N ILE E 192 28.06 -26.06 37.12
CA ILE E 192 27.59 -27.02 38.13
C ILE E 192 26.98 -28.20 37.40
N HIS E 193 27.28 -29.40 37.86
CA HIS E 193 26.52 -30.56 37.39
C HIS E 193 26.56 -31.67 38.43
N LYS E 194 25.47 -32.41 38.54
CA LYS E 194 25.39 -33.49 39.50
C LYS E 194 26.20 -34.69 39.01
N GLU E 195 26.50 -35.60 39.92
CA GLU E 195 27.24 -36.81 39.59
C GLU E 195 26.34 -38.04 39.66
N ASP E 203 23.76 -38.22 43.80
CA ASP E 203 23.13 -37.20 44.63
C ASP E 203 24.07 -36.03 44.87
N ARG E 204 25.32 -36.17 44.44
CA ARG E 204 26.32 -35.14 44.61
C ARG E 204 26.47 -34.33 43.33
N MET E 205 26.97 -33.11 43.47
CA MET E 205 27.26 -32.22 42.36
C MET E 205 28.66 -31.64 42.50
N VAL E 206 29.25 -31.27 41.36
CA VAL E 206 30.55 -30.64 41.30
C VAL E 206 30.38 -29.25 40.69
N LEU E 207 31.03 -28.26 41.32
CA LEU E 207 31.08 -26.89 40.86
C LEU E 207 32.50 -26.56 40.43
N VAL E 208 32.65 -26.01 39.23
CA VAL E 208 33.94 -25.64 38.68
C VAL E 208 33.96 -24.13 38.50
N GLY E 209 34.99 -23.47 39.04
CA GLY E 209 35.05 -22.02 38.96
C GLY E 209 35.07 -21.42 40.35
N ASP E 210 36.05 -20.55 40.59
CA ASP E 210 36.24 -19.98 41.91
C ASP E 210 35.07 -19.07 42.28
N VAL E 211 34.49 -19.32 43.44
CA VAL E 211 33.30 -18.59 43.89
C VAL E 211 33.43 -18.06 45.31
N LYS E 212 34.50 -18.40 46.02
CA LYS E 212 34.64 -17.96 47.41
C LYS E 212 34.65 -16.45 47.50
N ASP E 213 33.87 -15.93 48.45
CA ASP E 213 33.65 -14.50 48.67
C ASP E 213 33.08 -13.80 47.44
N ARG E 214 32.69 -14.55 46.42
CA ARG E 214 32.14 -14.00 45.19
C ARG E 214 30.67 -14.40 45.07
N VAL E 215 29.85 -13.44 44.63
CA VAL E 215 28.45 -13.71 44.40
C VAL E 215 28.31 -14.68 43.23
N ALA E 216 27.51 -15.72 43.43
CA ALA E 216 27.14 -16.64 42.37
C ALA E 216 25.79 -16.23 41.81
N ILE E 217 25.64 -16.34 40.48
CA ILE E 217 24.39 -16.02 39.81
C ILE E 217 24.00 -17.26 39.01
N LEU E 218 23.04 -18.03 39.51
CA LEU E 218 22.45 -19.08 38.70
C LEU E 218 21.58 -18.46 37.61
N VAL E 219 21.81 -18.87 36.38
CA VAL E 219 21.01 -18.42 35.24
C VAL E 219 20.50 -19.67 34.53
N ASP E 220 19.20 -19.70 34.29
CA ASP E 220 18.60 -20.88 33.67
C ASP E 220 17.34 -20.44 32.95
N ASP E 221 16.86 -21.30 32.04
CA ASP E 221 15.69 -20.96 31.26
C ASP E 221 14.37 -21.08 32.03
N MET E 222 14.20 -22.10 32.86
CA MET E 222 12.94 -22.21 33.58
C MET E 222 13.16 -22.89 34.91
N ALA E 223 12.23 -22.67 35.82
CA ALA E 223 12.18 -23.39 37.09
C ALA E 223 10.76 -23.92 37.24
N ASP E 224 10.60 -25.24 37.18
CA ASP E 224 9.28 -25.85 37.31
C ASP E 224 9.04 -26.28 38.75
N THR E 225 9.84 -27.24 39.23
CA THR E 225 9.77 -27.69 40.60
C THR E 225 10.92 -27.16 41.44
N CYS E 226 11.83 -26.42 40.81
CA CYS E 226 12.95 -25.77 41.46
C CYS E 226 13.90 -26.74 42.14
N GLY E 227 13.86 -28.01 41.75
CA GLY E 227 14.87 -28.94 42.24
C GLY E 227 16.25 -28.61 41.70
N THR E 228 16.33 -28.24 40.43
CA THR E 228 17.61 -27.95 39.80
C THR E 228 18.29 -26.76 40.47
N ILE E 229 17.59 -25.64 40.59
CA ILE E 229 18.21 -24.46 41.17
C ILE E 229 18.47 -24.65 42.65
N CYS E 230 17.63 -25.42 43.33
CA CYS E 230 17.86 -25.62 44.77
C CYS E 230 19.09 -26.47 45.01
N HIS E 231 19.28 -27.54 44.25
CA HIS E 231 20.50 -28.32 44.37
C HIS E 231 21.72 -27.50 43.99
N ALA E 232 21.60 -26.69 42.94
CA ALA E 232 22.72 -25.84 42.54
C ALA E 232 23.08 -24.86 43.64
N ALA E 233 22.08 -24.25 44.27
CA ALA E 233 22.35 -23.30 45.35
C ALA E 233 22.97 -24.00 46.55
N ASP E 234 22.50 -25.21 46.86
CA ASP E 234 23.11 -25.97 47.95
C ASP E 234 24.60 -26.16 47.69
N LYS E 235 24.96 -26.62 46.50
CA LYS E 235 26.37 -26.80 46.19
C LYS E 235 27.14 -25.49 46.20
N LEU E 236 26.54 -24.42 45.68
CA LEU E 236 27.22 -23.13 45.67
C LEU E 236 27.54 -22.68 47.09
N LEU E 237 26.62 -22.91 48.03
CA LEU E 237 26.91 -22.56 49.41
C LEU E 237 27.90 -23.54 50.03
N SER E 238 27.98 -24.77 49.52
CA SER E 238 29.05 -25.67 49.98
C SER E 238 30.42 -25.12 49.64
N ALA E 239 30.57 -24.53 48.46
CA ALA E 239 31.84 -23.96 48.02
C ALA E 239 32.07 -22.55 48.58
N GLY E 240 31.32 -22.15 49.58
CA GLY E 240 31.61 -20.93 50.31
C GLY E 240 31.27 -19.64 49.59
N ALA E 241 30.40 -19.67 48.59
CA ALA E 241 29.98 -18.44 47.94
C ALA E 241 29.20 -17.57 48.93
N THR E 242 29.38 -16.25 48.81
CA THR E 242 28.80 -15.34 49.78
C THR E 242 27.29 -15.28 49.65
N ARG E 243 26.79 -14.88 48.48
CA ARG E 243 25.37 -14.81 48.21
C ARG E 243 25.07 -15.52 46.89
N VAL E 244 23.85 -16.05 46.80
CA VAL E 244 23.44 -16.82 45.63
C VAL E 244 22.18 -16.18 45.05
N TYR E 245 22.17 -16.03 43.73
CA TYR E 245 21.06 -15.50 42.96
C TYR E 245 20.62 -16.53 41.93
N ALA E 246 19.31 -16.58 41.70
CA ALA E 246 18.76 -17.40 40.62
C ALA E 246 18.02 -16.48 39.67
N ILE E 247 18.29 -16.60 38.38
CA ILE E 247 17.62 -15.79 37.37
C ILE E 247 17.04 -16.72 36.33
N LEU E 248 15.77 -16.52 35.98
CA LEU E 248 15.00 -17.41 35.14
C LEU E 248 14.08 -16.60 34.24
N THR E 249 13.89 -17.05 33.02
CA THR E 249 12.92 -16.36 32.18
C THR E 249 11.51 -16.89 32.38
N HIS E 250 11.36 -18.15 32.75
CA HIS E 250 10.03 -18.74 32.96
C HIS E 250 9.92 -19.28 34.38
N GLY E 251 9.12 -18.61 35.20
CA GLY E 251 8.85 -19.05 36.55
C GLY E 251 7.59 -19.88 36.68
N ILE E 252 7.61 -21.12 36.23
CA ILE E 252 6.42 -21.96 36.31
C ILE E 252 6.03 -22.19 37.76
N PHE E 253 6.99 -22.55 38.61
CA PHE E 253 6.79 -22.65 40.05
C PHE E 253 5.63 -23.57 40.40
N SER E 254 5.73 -24.82 39.98
CA SER E 254 4.65 -25.76 40.23
C SER E 254 5.02 -26.73 41.34
N GLY E 255 3.99 -27.23 42.02
CA GLY E 255 4.18 -28.21 43.06
C GLY E 255 4.93 -27.68 44.26
N PRO E 256 6.02 -28.35 44.62
CA PRO E 256 6.76 -27.99 45.84
C PRO E 256 7.70 -26.81 45.66
N ALA E 257 7.55 -26.07 44.56
CA ALA E 257 8.53 -25.05 44.22
C ALA E 257 8.59 -23.94 45.27
N ILE E 258 7.44 -23.44 45.71
CA ILE E 258 7.45 -22.30 46.60
C ILE E 258 8.03 -22.67 47.95
N SER E 259 7.67 -23.84 48.47
CA SER E 259 8.26 -24.29 49.72
C SER E 259 9.76 -24.47 49.60
N ARG E 260 10.23 -25.05 48.48
CA ARG E 260 11.65 -25.24 48.29
C ARG E 260 12.39 -23.91 48.24
N ILE E 261 11.83 -22.92 47.53
CA ILE E 261 12.48 -21.61 47.44
C ILE E 261 12.48 -20.93 48.80
N ASN E 262 11.40 -21.08 49.57
CA ASN E 262 11.34 -20.49 50.90
C ASN E 262 12.36 -21.13 51.84
N ASN E 263 12.58 -22.44 51.71
CA ASN E 263 13.54 -23.14 52.53
C ASN E 263 14.96 -23.10 51.97
N ALA E 264 15.14 -22.54 50.78
CA ALA E 264 16.46 -22.48 50.18
C ALA E 264 17.23 -21.27 50.68
N CYS E 265 18.39 -21.05 50.08
CA CYS E 265 19.31 -20.01 50.50
C CYS E 265 19.54 -18.95 49.44
N PHE E 266 18.59 -18.74 48.55
CA PHE E 266 18.73 -17.70 47.54
C PHE E 266 18.63 -16.32 48.17
N GLU E 267 19.45 -15.39 47.67
CA GLU E 267 19.23 -13.99 48.01
C GLU E 267 18.09 -13.41 47.20
N ALA E 268 17.87 -13.95 45.99
CA ALA E 268 16.75 -13.56 45.16
C ALA E 268 16.54 -14.62 44.09
N VAL E 269 15.28 -14.84 43.76
CA VAL E 269 14.88 -15.62 42.60
C VAL E 269 14.17 -14.64 41.66
N VAL E 270 14.83 -14.26 40.59
CA VAL E 270 14.32 -13.30 39.64
C VAL E 270 13.76 -14.06 38.46
N VAL E 271 12.55 -13.70 38.04
CA VAL E 271 11.92 -14.32 36.88
C VAL E 271 11.39 -13.23 35.98
N THR E 272 11.24 -13.57 34.69
CA THR E 272 10.60 -12.60 33.77
C THR E 272 9.10 -12.91 33.75
N ASN E 273 8.27 -11.91 33.48
CA ASN E 273 6.81 -12.07 33.53
C ASN E 273 6.26 -12.70 32.26
N THR E 274 6.88 -13.78 31.78
CA THR E 274 6.25 -14.56 30.73
C THR E 274 5.11 -15.38 31.27
N ILE E 275 5.07 -15.58 32.58
CA ILE E 275 4.02 -16.28 33.29
C ILE E 275 3.56 -15.35 34.39
N PRO E 276 2.28 -15.25 34.68
CA PRO E 276 1.84 -14.41 35.81
C PRO E 276 2.45 -14.88 37.12
N GLN E 277 2.93 -13.95 37.94
CA GLN E 277 3.64 -14.37 39.19
C GLN E 277 3.00 -13.75 40.44
N GLU E 278 1.96 -12.95 40.30
CA GLU E 278 1.35 -12.25 41.47
C GLU E 278 1.06 -13.25 42.60
N ASP E 279 0.39 -14.37 42.27
CA ASP E 279 0.05 -15.39 43.26
C ASP E 279 1.29 -16.02 43.86
N LYS E 280 2.29 -16.32 43.04
CA LYS E 280 3.51 -16.91 43.56
C LYS E 280 4.28 -15.93 44.43
N MET E 281 4.31 -14.65 44.03
CA MET E 281 4.97 -13.65 44.84
C MET E 281 4.24 -13.43 46.16
N LYS E 282 2.96 -13.80 46.23
CA LYS E 282 2.24 -13.69 47.48
C LYS E 282 2.86 -14.59 48.55
N HIS E 283 3.22 -15.81 48.19
CA HIS E 283 3.70 -16.80 49.14
C HIS E 283 5.21 -16.98 49.14
N CYS E 284 5.95 -16.12 48.44
CA CYS E 284 7.41 -16.22 48.41
C CYS E 284 7.96 -14.81 48.28
N SER E 285 8.60 -14.33 49.34
CA SER E 285 9.03 -12.94 49.37
C SER E 285 10.27 -12.70 48.53
N LYS E 286 10.98 -13.75 48.15
CA LYS E 286 12.24 -13.59 47.44
C LYS E 286 12.09 -13.70 45.92
N ILE E 287 10.87 -13.77 45.40
CA ILE E 287 10.67 -13.76 43.96
C ILE E 287 10.53 -12.33 43.47
N GLN E 288 11.37 -11.95 42.51
CA GLN E 288 11.29 -10.66 41.84
C GLN E 288 10.97 -10.90 40.37
N VAL E 289 10.38 -9.90 39.74
CA VAL E 289 9.89 -10.03 38.37
C VAL E 289 10.54 -8.98 37.50
N ILE E 290 11.14 -9.42 36.38
CA ILE E 290 11.61 -8.54 35.33
C ILE E 290 10.52 -8.39 34.29
N ASP E 291 10.16 -7.16 33.96
CA ASP E 291 9.22 -6.93 32.88
C ASP E 291 9.90 -7.16 31.54
N ILE E 292 9.32 -8.04 30.73
CA ILE E 292 9.77 -8.22 29.35
C ILE E 292 8.70 -7.81 28.35
N SER E 293 7.67 -7.11 28.80
CA SER E 293 6.61 -6.70 27.89
C SER E 293 7.11 -5.73 26.84
N MET E 294 8.18 -4.98 27.13
CA MET E 294 8.71 -4.08 26.13
C MET E 294 9.36 -4.84 24.99
N ILE E 295 10.05 -5.94 25.28
CA ILE E 295 10.65 -6.74 24.22
C ILE E 295 9.56 -7.35 23.35
N LEU E 296 8.49 -7.87 23.97
CA LEU E 296 7.41 -8.45 23.19
C LEU E 296 6.70 -7.40 22.34
N ALA E 297 6.44 -6.22 22.92
CA ALA E 297 5.81 -5.15 22.16
C ALA E 297 6.69 -4.70 21.02
N GLU E 298 7.99 -4.58 21.25
CA GLU E 298 8.90 -4.18 20.19
C GLU E 298 8.98 -5.22 19.09
N ALA E 299 8.97 -6.51 19.45
CA ALA E 299 8.97 -7.55 18.44
C ALA E 299 7.69 -7.53 17.61
N ILE E 300 6.54 -7.35 18.26
CA ILE E 300 5.28 -7.27 17.53
C ILE E 300 5.31 -6.10 16.56
N ARG E 301 5.76 -4.95 17.05
CA ARG E 301 5.78 -3.74 16.23
C ARG E 301 6.76 -3.87 15.08
N ARG E 302 7.91 -4.50 15.31
CA ARG E 302 8.90 -4.66 14.24
C ARG E 302 8.47 -5.69 13.21
N THR E 303 7.80 -6.76 13.63
CA THR E 303 7.27 -7.69 12.62
C THR E 303 6.17 -7.03 11.81
N HIS E 304 5.34 -6.20 12.46
CA HIS E 304 4.30 -5.52 11.71
C HIS E 304 4.88 -4.53 10.71
N ASN E 305 5.88 -3.77 11.11
CA ASN E 305 6.45 -2.76 10.22
C ASN E 305 7.53 -3.29 9.30
N GLY E 306 7.87 -4.57 9.41
CA GLY E 306 8.90 -5.10 8.56
C GLY E 306 10.31 -4.71 8.93
N GLU E 307 10.52 -4.16 10.12
CA GLU E 307 11.85 -3.82 10.59
C GLU E 307 12.54 -5.05 11.16
N SER E 308 13.85 -4.92 11.37
CA SER E 308 14.65 -6.05 11.83
C SER E 308 14.26 -6.44 13.26
N VAL E 309 14.00 -7.72 13.46
CA VAL E 309 13.66 -8.22 14.79
C VAL E 309 14.91 -8.70 15.53
N SER E 310 15.89 -9.18 14.77
CA SER E 310 17.17 -9.67 15.36
C SER E 310 17.92 -8.52 16.02
N TYR E 311 17.48 -7.28 15.79
CA TYR E 311 18.11 -6.11 16.46
C TYR E 311 17.91 -6.28 17.97
N LEU E 312 16.72 -6.74 18.38
CA LEU E 312 16.40 -6.89 19.82
C LEU E 312 17.36 -7.87 20.50
N PHE E 313 17.97 -8.79 19.75
CA PHE E 313 18.79 -9.78 20.43
C PHE E 313 19.90 -9.12 21.24
N SER E 314 20.24 -7.87 20.94
CA SER E 314 21.35 -7.21 21.60
C SER E 314 21.01 -5.87 22.21
N HIS E 315 19.75 -5.40 22.12
CA HIS E 315 19.40 -4.06 22.55
C HIS E 315 18.09 -4.07 23.32
N VAL E 316 18.07 -3.37 24.45
CA VAL E 316 16.84 -3.15 25.21
C VAL E 316 16.08 -1.99 24.59
N PRO E 317 14.81 -2.19 24.19
CA PRO E 317 14.01 -1.11 23.61
C PRO E 317 13.48 -0.14 24.66
N PRO F 2 -0.91 -57.98 11.86
CA PRO F 2 -1.24 -56.93 12.82
C PRO F 2 -2.34 -57.35 13.79
N ASN F 3 -2.11 -57.15 15.07
CA ASN F 3 -3.07 -57.52 16.10
C ASN F 3 -3.71 -56.27 16.69
N ILE F 4 -4.88 -56.46 17.29
CA ILE F 4 -5.60 -55.37 17.92
C ILE F 4 -4.90 -54.99 19.22
N LYS F 5 -4.64 -53.70 19.40
CA LYS F 5 -4.20 -53.16 20.68
C LYS F 5 -5.23 -52.13 21.11
N ILE F 6 -5.77 -52.29 22.31
CA ILE F 6 -6.77 -51.38 22.84
C ILE F 6 -6.08 -50.57 23.93
N PHE F 7 -6.09 -49.26 23.79
CA PHE F 7 -5.54 -48.36 24.79
C PHE F 7 -6.65 -47.48 25.33
N SER F 8 -6.59 -47.22 26.63
CA SER F 8 -7.58 -46.40 27.31
C SER F 8 -6.96 -45.06 27.66
N GLY F 9 -7.72 -44.00 27.43
CA GLY F 9 -7.40 -42.73 28.04
C GLY F 9 -7.91 -42.68 29.47
N SER F 10 -7.73 -41.52 30.08
CA SER F 10 -8.21 -41.34 31.44
C SER F 10 -9.70 -41.06 31.52
N SER F 11 -10.33 -40.67 30.43
CA SER F 11 -11.71 -40.17 30.49
C SER F 11 -12.68 -41.26 30.90
N HIS F 12 -12.65 -42.41 30.23
CA HIS F 12 -13.65 -43.47 30.45
C HIS F 12 -12.93 -44.81 30.51
N GLN F 13 -12.42 -45.15 31.69
CA GLN F 13 -11.68 -46.40 31.85
C GLN F 13 -12.60 -47.59 31.92
N ASP F 14 -13.80 -47.43 32.48
CA ASP F 14 -14.77 -48.52 32.55
C ASP F 14 -15.19 -48.97 31.16
N LEU F 15 -15.49 -48.01 30.28
CA LEU F 15 -15.89 -48.36 28.92
C LEU F 15 -14.78 -49.09 28.19
N SER F 16 -13.55 -48.63 28.35
CA SER F 16 -12.43 -49.28 27.69
C SER F 16 -12.24 -50.70 28.21
N GLN F 17 -12.37 -50.89 29.53
CA GLN F 17 -12.24 -52.23 30.07
C GLN F 17 -13.34 -53.16 29.54
N LYS F 18 -14.57 -52.64 29.45
CA LYS F 18 -15.65 -53.45 28.90
C LYS F 18 -15.37 -53.82 27.45
N ILE F 19 -14.91 -52.86 26.65
CA ILE F 19 -14.62 -53.12 25.25
C ILE F 19 -13.52 -54.17 25.13
N ALA F 20 -12.46 -54.04 25.93
CA ALA F 20 -11.38 -55.01 25.88
C ALA F 20 -11.87 -56.40 26.31
N ASP F 21 -12.77 -56.45 27.28
CA ASP F 21 -13.34 -57.73 27.68
C ASP F 21 -14.09 -58.39 26.53
N ARG F 22 -14.88 -57.60 25.79
CA ARG F 22 -15.69 -58.22 24.74
C ARG F 22 -14.86 -58.59 23.53
N LEU F 23 -13.61 -58.14 23.48
CA LEU F 23 -12.71 -58.55 22.43
C LEU F 23 -11.73 -59.63 22.86
N GLY F 24 -11.82 -60.09 24.11
CA GLY F 24 -10.88 -61.06 24.62
C GLY F 24 -9.46 -60.56 24.71
N LEU F 25 -9.28 -59.30 25.10
CA LEU F 25 -7.95 -58.70 25.17
C LEU F 25 -7.74 -58.06 26.53
N GLU F 26 -6.49 -57.74 26.80
CA GLU F 26 -6.13 -56.89 27.91
C GLU F 26 -5.85 -55.49 27.41
N LEU F 27 -6.18 -54.49 28.22
CA LEU F 27 -5.90 -53.12 27.86
C LEU F 27 -4.40 -52.94 27.68
N GLY F 28 -4.02 -52.16 26.67
CA GLY F 28 -2.61 -51.92 26.42
C GLY F 28 -1.96 -51.17 27.57
N LYS F 29 -0.67 -51.45 27.76
CA LYS F 29 0.06 -50.86 28.88
C LYS F 29 0.44 -49.43 28.57
N VAL F 30 -0.27 -48.48 29.15
CA VAL F 30 0.03 -47.07 28.92
C VAL F 30 -0.09 -46.34 30.25
N VAL F 31 0.83 -45.42 30.48
CA VAL F 31 0.80 -44.54 31.65
C VAL F 31 0.40 -43.16 31.17
N THR F 32 -0.72 -42.66 31.69
CA THR F 32 -1.23 -41.34 31.33
C THR F 32 -1.39 -40.54 32.62
N LYS F 33 -0.46 -39.62 32.87
CA LYS F 33 -0.54 -38.80 34.07
C LYS F 33 -0.36 -37.33 33.75
N LYS F 34 -0.21 -36.52 34.77
CA LYS F 34 0.10 -35.11 34.61
C LYS F 34 1.41 -34.80 35.31
N PHE F 35 2.26 -34.02 34.66
CA PHE F 35 3.36 -33.40 35.37
C PHE F 35 2.83 -32.36 36.35
N SER F 36 3.74 -31.82 37.15
CA SER F 36 3.35 -30.85 38.16
C SER F 36 2.76 -29.59 37.54
N ASN F 37 3.19 -29.25 36.33
CA ASN F 37 2.73 -28.06 35.65
C ASN F 37 1.50 -28.30 34.80
N GLN F 38 0.71 -29.33 35.08
CA GLN F 38 -0.53 -29.64 34.39
C GLN F 38 -0.30 -30.08 32.95
N GLU F 39 0.88 -30.59 32.64
CA GLU F 39 1.16 -31.07 31.29
C GLU F 39 0.92 -32.56 31.19
N THR F 40 0.26 -32.97 30.10
CA THR F 40 -0.04 -34.37 29.89
C THR F 40 1.23 -35.17 29.64
N CYS F 41 1.39 -36.26 30.38
CA CYS F 41 2.49 -37.19 30.19
C CYS F 41 1.91 -38.52 29.73
N VAL F 42 2.35 -38.99 28.57
CA VAL F 42 1.89 -40.25 28.01
C VAL F 42 3.10 -41.12 27.74
N GLU F 43 3.05 -42.36 28.22
CA GLU F 43 4.12 -43.32 27.96
C GLU F 43 3.50 -44.65 27.57
N ILE F 44 3.70 -45.05 26.32
CA ILE F 44 3.28 -46.37 25.85
C ILE F 44 4.24 -47.39 26.42
N GLY F 45 3.74 -48.27 27.27
CA GLY F 45 4.56 -49.24 27.94
C GLY F 45 4.81 -50.53 27.19
N GLU F 46 4.26 -50.67 25.99
CA GLU F 46 4.49 -51.85 25.19
C GLU F 46 4.69 -51.43 23.75
N SER F 47 5.45 -52.23 23.02
CA SER F 47 5.66 -51.97 21.60
C SER F 47 4.35 -52.09 20.83
N VAL F 48 4.08 -51.11 19.98
CA VAL F 48 2.92 -51.13 19.11
C VAL F 48 3.33 -51.25 17.65
N ARG F 49 4.58 -51.60 17.40
CA ARG F 49 5.12 -51.63 16.05
C ARG F 49 4.37 -52.63 15.19
N GLY F 50 3.79 -52.16 14.09
CA GLY F 50 3.07 -53.02 13.18
C GLY F 50 1.75 -53.51 13.69
N GLU F 51 1.16 -52.85 14.69
CA GLU F 51 -0.08 -53.29 15.29
C GLU F 51 -1.24 -52.39 14.87
N ASP F 52 -2.44 -52.88 15.14
CA ASP F 52 -3.68 -52.14 14.86
C ASP F 52 -4.16 -51.53 16.16
N VAL F 53 -3.78 -50.28 16.41
CA VAL F 53 -3.99 -49.61 17.69
C VAL F 53 -5.34 -48.93 17.69
N TYR F 54 -6.11 -49.14 18.75
CA TYR F 54 -7.37 -48.45 18.99
C TYR F 54 -7.29 -47.74 20.32
N ILE F 55 -7.50 -46.44 20.31
CA ILE F 55 -7.44 -45.63 21.52
C ILE F 55 -8.85 -45.20 21.86
N VAL F 56 -9.30 -45.54 23.05
CA VAL F 56 -10.65 -45.22 23.50
C VAL F 56 -10.58 -44.03 24.42
N GLN F 57 -11.28 -42.95 24.04
CA GLN F 57 -11.27 -41.71 24.81
C GLN F 57 -12.52 -40.94 24.43
N SER F 58 -13.29 -40.54 25.42
CA SER F 58 -14.54 -39.84 25.14
C SER F 58 -14.42 -38.36 25.49
N GLY F 59 -15.09 -37.53 24.69
CA GLY F 59 -15.07 -36.10 24.91
C GLY F 59 -15.94 -35.69 26.07
N CYS F 60 -15.51 -36.03 27.27
CA CYS F 60 -16.27 -35.81 28.48
C CYS F 60 -15.34 -35.33 29.57
N GLY F 61 -15.90 -35.09 30.75
CA GLY F 61 -15.10 -34.67 31.88
C GLY F 61 -14.40 -33.36 31.60
N GLU F 62 -13.11 -33.29 31.94
CA GLU F 62 -12.28 -32.15 31.60
C GLU F 62 -11.88 -32.31 30.14
N ILE F 63 -12.59 -31.59 29.28
CA ILE F 63 -12.62 -31.94 27.85
C ILE F 63 -11.28 -31.63 27.19
N ASN F 64 -10.71 -30.47 27.46
CA ASN F 64 -9.47 -30.11 26.79
C ASN F 64 -8.34 -31.03 27.21
N ASP F 65 -8.33 -31.43 28.48
CA ASP F 65 -7.30 -32.32 28.97
C ASP F 65 -7.41 -33.69 28.31
N ASN F 66 -8.63 -34.21 28.21
CA ASN F 66 -8.84 -35.50 27.56
C ASN F 66 -8.50 -35.45 26.09
N LEU F 67 -8.84 -34.36 25.41
CA LEU F 67 -8.52 -34.24 24.01
C LEU F 67 -7.02 -34.16 23.79
N MET F 68 -6.32 -33.42 24.65
CA MET F 68 -4.87 -33.36 24.54
C MET F 68 -4.24 -34.72 24.79
N GLU F 69 -4.73 -35.45 25.79
CA GLU F 69 -4.24 -36.80 26.04
C GLU F 69 -4.46 -37.69 24.83
N LEU F 70 -5.63 -37.59 24.21
CA LEU F 70 -5.95 -38.41 23.06
C LEU F 70 -5.01 -38.10 21.90
N LEU F 71 -4.80 -36.82 21.60
CA LEU F 71 -3.91 -36.44 20.51
C LEU F 71 -2.48 -36.91 20.78
N ILE F 72 -2.03 -36.76 22.02
CA ILE F 72 -0.68 -37.15 22.37
C ILE F 72 -0.52 -38.67 22.25
N MET F 73 -1.52 -39.43 22.67
CA MET F 73 -1.47 -40.88 22.51
C MET F 73 -1.46 -41.28 21.04
N ILE F 74 -2.28 -40.63 20.22
CA ILE F 74 -2.31 -40.93 18.79
C ILE F 74 -0.95 -40.68 18.18
N ASN F 75 -0.36 -39.53 18.49
CA ASN F 75 0.95 -39.21 17.93
C ASN F 75 2.02 -40.17 18.43
N ALA F 76 1.95 -40.56 19.70
CA ALA F 76 2.92 -41.50 20.25
C ALA F 76 2.85 -42.84 19.55
N CYS F 77 1.63 -43.32 19.29
CA CYS F 77 1.51 -44.60 18.59
C CYS F 77 1.90 -44.47 17.12
N LYS F 78 1.66 -43.31 16.52
CA LYS F 78 2.01 -43.12 15.12
C LYS F 78 3.53 -43.09 14.92
N ILE F 79 4.26 -42.37 15.76
CA ILE F 79 5.70 -42.35 15.60
C ILE F 79 6.38 -43.53 16.28
N ALA F 80 5.62 -44.41 16.92
CA ALA F 80 6.11 -45.70 17.35
C ALA F 80 5.85 -46.79 16.34
N SER F 81 5.49 -46.41 15.11
CA SER F 81 5.41 -47.31 13.96
C SER F 81 4.25 -48.29 14.06
N ALA F 82 3.13 -47.85 14.63
CA ALA F 82 1.91 -48.62 14.52
C ALA F 82 1.45 -48.65 13.08
N SER F 83 0.94 -49.80 12.65
CA SER F 83 0.47 -49.91 11.27
C SER F 83 -0.71 -48.98 11.02
N ARG F 84 -1.60 -48.87 11.99
CA ARG F 84 -2.81 -48.08 11.84
C ARG F 84 -3.28 -47.66 13.22
N VAL F 85 -3.69 -46.40 13.34
CA VAL F 85 -4.15 -45.84 14.61
C VAL F 85 -5.59 -45.38 14.43
N THR F 86 -6.48 -45.87 15.28
CA THR F 86 -7.89 -45.51 15.25
C THR F 86 -8.25 -44.84 16.57
N ALA F 87 -8.93 -43.70 16.48
CA ALA F 87 -9.43 -43.01 17.65
C ALA F 87 -10.88 -43.41 17.85
N VAL F 88 -11.16 -44.10 18.96
CA VAL F 88 -12.51 -44.49 19.32
C VAL F 88 -13.02 -43.42 20.27
N ILE F 89 -13.88 -42.55 19.76
CA ILE F 89 -14.31 -41.36 20.48
C ILE F 89 -15.82 -41.42 20.66
N PRO F 90 -16.31 -42.09 21.70
CA PRO F 90 -17.76 -42.31 21.81
C PRO F 90 -18.57 -41.04 21.84
N CYS F 91 -18.11 -39.99 22.52
CA CYS F 91 -18.73 -38.68 22.47
C CYS F 91 -17.71 -37.71 21.89
N PHE F 92 -18.01 -37.15 20.73
CA PHE F 92 -17.05 -36.33 20.01
C PHE F 92 -16.94 -34.95 20.66
N PRO F 93 -15.76 -34.51 21.05
CA PRO F 93 -15.63 -33.20 21.69
C PRO F 93 -15.81 -32.07 20.70
N TYR F 94 -16.45 -30.99 21.18
CA TYR F 94 -16.75 -29.80 20.40
C TYR F 94 -17.69 -30.07 19.24
N ALA F 95 -18.44 -31.17 19.28
CA ALA F 95 -19.33 -31.51 18.18
C ALA F 95 -20.41 -30.47 17.98
N ARG F 96 -20.79 -29.74 19.03
CA ARG F 96 -21.81 -28.72 18.89
C ARG F 96 -21.30 -27.43 18.27
N GLN F 97 -20.00 -27.29 18.09
CA GLN F 97 -19.42 -26.17 17.38
C GLN F 97 -19.23 -26.51 15.91
N ASP F 98 -20.32 -26.85 15.24
CA ASP F 98 -20.27 -27.35 13.88
C ASP F 98 -20.58 -26.30 12.83
N LYS F 99 -20.93 -25.08 13.22
CA LYS F 99 -21.35 -24.09 12.25
C LYS F 99 -21.12 -22.69 12.83
N LYS F 100 -21.07 -21.71 11.93
CA LYS F 100 -20.84 -20.32 12.32
C LYS F 100 -22.16 -19.59 12.60
N ASP F 101 -23.03 -19.53 11.61
CA ASP F 101 -24.41 -19.06 11.78
C ASP F 101 -24.44 -17.60 12.28
N LYS F 102 -23.97 -16.71 11.40
CA LYS F 102 -24.07 -15.26 11.60
C LYS F 102 -23.27 -14.77 12.80
N SER F 103 -22.17 -15.45 13.10
CA SER F 103 -21.30 -15.05 14.21
C SER F 103 -19.86 -15.29 13.82
N ARG F 104 -18.97 -14.49 14.41
CA ARG F 104 -17.54 -14.65 14.18
C ARG F 104 -17.01 -15.74 15.11
N ALA F 105 -17.66 -16.88 15.05
CA ALA F 105 -17.39 -18.00 15.92
C ALA F 105 -16.53 -19.03 15.20
N PRO F 106 -15.63 -19.68 15.91
CA PRO F 106 -14.88 -20.78 15.30
C PRO F 106 -15.74 -22.01 15.14
N ILE F 107 -15.48 -22.74 14.07
CA ILE F 107 -16.06 -24.07 13.89
C ILE F 107 -15.08 -25.01 14.58
N SER F 108 -15.26 -25.15 15.90
CA SER F 108 -14.27 -25.86 16.70
C SER F 108 -14.23 -27.34 16.38
N ALA F 109 -15.35 -27.90 15.92
CA ALA F 109 -15.37 -29.31 15.54
C ALA F 109 -14.43 -29.57 14.38
N LYS F 110 -14.39 -28.65 13.41
CA LYS F 110 -13.46 -28.80 12.31
C LYS F 110 -12.01 -28.71 12.79
N LEU F 111 -11.75 -27.82 13.75
CA LEU F 111 -10.42 -27.73 14.32
C LEU F 111 -10.02 -29.02 15.01
N VAL F 112 -10.95 -29.63 15.75
CA VAL F 112 -10.68 -30.91 16.40
C VAL F 112 -10.40 -31.99 15.37
N ALA F 113 -11.17 -32.01 14.28
CA ALA F 113 -10.92 -32.98 13.22
C ALA F 113 -9.54 -32.78 12.60
N ASN F 114 -9.15 -31.53 12.37
CA ASN F 114 -7.83 -31.23 11.81
C ASN F 114 -6.73 -31.67 12.76
N MET F 115 -6.90 -31.44 14.05
CA MET F 115 -5.89 -31.84 15.01
C MET F 115 -5.79 -33.36 15.11
N LEU F 116 -6.92 -34.06 15.04
CA LEU F 116 -6.88 -35.52 15.03
C LEU F 116 -6.18 -36.03 13.78
N SER F 117 -6.42 -35.39 12.64
CA SER F 117 -5.74 -35.80 11.42
C SER F 117 -4.23 -35.55 11.49
N VAL F 118 -3.82 -34.40 12.03
CA VAL F 118 -2.40 -34.08 12.05
C VAL F 118 -1.67 -34.85 13.15
N ALA F 119 -2.37 -35.30 14.19
CA ALA F 119 -1.76 -36.20 15.16
C ALA F 119 -1.46 -37.56 14.54
N GLY F 120 -2.22 -37.95 13.52
CA GLY F 120 -1.91 -39.15 12.78
C GLY F 120 -2.99 -40.21 12.80
N ALA F 121 -4.19 -39.85 13.21
CA ALA F 121 -5.29 -40.80 13.21
C ALA F 121 -5.66 -41.19 11.79
N ASP F 122 -5.83 -42.48 11.56
CA ASP F 122 -6.23 -43.00 10.26
C ASP F 122 -7.70 -43.32 10.18
N HIS F 123 -8.38 -43.42 11.32
CA HIS F 123 -9.75 -43.87 11.38
C HIS F 123 -10.38 -43.34 12.65
N ILE F 124 -11.64 -42.92 12.54
CA ILE F 124 -12.40 -42.44 13.68
C ILE F 124 -13.62 -43.33 13.82
N ILE F 125 -13.86 -43.82 15.03
CA ILE F 125 -15.10 -44.49 15.40
C ILE F 125 -15.78 -43.65 16.46
N THR F 126 -17.00 -43.23 16.20
CA THR F 126 -17.74 -42.38 17.11
C THR F 126 -19.19 -42.84 17.13
N MET F 127 -19.95 -42.34 18.11
CA MET F 127 -21.33 -42.76 18.30
C MET F 127 -22.24 -41.55 18.32
N ASP F 128 -23.23 -41.54 17.43
CA ASP F 128 -24.26 -40.51 17.38
C ASP F 128 -23.66 -39.10 17.39
N LEU F 129 -22.95 -38.81 16.30
CA LEU F 129 -22.44 -37.47 16.10
C LEU F 129 -23.58 -36.46 16.14
N HIS F 130 -23.31 -35.29 16.74
CA HIS F 130 -24.36 -34.29 16.86
C HIS F 130 -24.86 -33.85 15.50
N ALA F 131 -23.97 -33.67 14.55
CA ALA F 131 -24.33 -33.44 13.17
C ALA F 131 -23.58 -34.45 12.30
N SER F 132 -24.30 -35.10 11.40
CA SER F 132 -23.66 -36.05 10.50
C SER F 132 -22.63 -35.38 9.59
N GLN F 133 -22.78 -34.09 9.32
CA GLN F 133 -21.85 -33.39 8.46
C GLN F 133 -20.45 -33.35 9.05
N ILE F 134 -20.31 -33.64 10.34
CA ILE F 134 -18.98 -33.71 10.95
C ILE F 134 -18.15 -34.80 10.30
N GLN F 135 -18.81 -35.83 9.76
CA GLN F 135 -18.08 -36.85 9.00
C GLN F 135 -17.32 -36.22 7.83
N GLY F 136 -17.87 -35.15 7.25
CA GLY F 136 -17.21 -34.43 6.19
C GLY F 136 -16.09 -33.53 6.65
N PHE F 137 -15.97 -33.28 7.95
CA PHE F 137 -14.85 -32.49 8.46
C PHE F 137 -13.53 -33.23 8.35
N PHE F 138 -13.56 -34.54 8.25
CA PHE F 138 -12.36 -35.36 8.15
C PHE F 138 -12.10 -35.72 6.70
N ASP F 139 -10.83 -36.02 6.41
CA ASP F 139 -10.47 -36.65 5.15
C ASP F 139 -10.17 -38.14 5.31
N ILE F 140 -10.25 -38.66 6.53
CA ILE F 140 -10.06 -40.08 6.81
C ILE F 140 -11.45 -40.70 6.98
N PRO F 141 -11.58 -42.02 6.92
CA PRO F 141 -12.90 -42.62 7.17
C PRO F 141 -13.36 -42.41 8.60
N VAL F 142 -14.65 -42.15 8.75
CA VAL F 142 -15.29 -41.99 10.05
C VAL F 142 -16.49 -42.91 10.10
N ASP F 143 -16.55 -43.76 11.11
CA ASP F 143 -17.69 -44.64 11.34
C ASP F 143 -18.54 -44.04 12.43
N ASN F 144 -19.77 -43.68 12.08
CA ASN F 144 -20.68 -43.00 13.01
C ASN F 144 -21.75 -44.00 13.43
N LEU F 145 -21.52 -44.69 14.54
CA LEU F 145 -22.44 -45.69 15.03
C LEU F 145 -23.67 -45.04 15.64
N TYR F 146 -24.73 -45.82 15.73
CA TYR F 146 -26.00 -45.35 16.26
C TYR F 146 -26.37 -46.17 17.49
N ALA F 147 -26.88 -45.49 18.51
CA ALA F 147 -27.37 -46.19 19.68
C ALA F 147 -28.78 -46.70 19.51
N GLU F 148 -29.41 -46.43 18.37
CA GLU F 148 -30.80 -46.83 18.15
C GLU F 148 -31.07 -48.31 18.40
N PRO F 149 -30.26 -49.26 17.95
CA PRO F 149 -30.54 -50.66 18.31
C PRO F 149 -30.67 -50.89 19.81
N ALA F 150 -29.69 -50.42 20.58
CA ALA F 150 -29.75 -50.57 22.04
C ALA F 150 -30.91 -49.80 22.64
N VAL F 151 -31.25 -48.66 22.06
CA VAL F 151 -32.37 -47.87 22.57
C VAL F 151 -33.68 -48.62 22.39
N LEU F 152 -33.88 -49.20 21.20
CA LEU F 152 -35.09 -49.98 20.94
C LEU F 152 -35.16 -51.19 21.84
N LYS F 153 -34.02 -51.85 22.05
CA LYS F 153 -34.01 -52.99 22.97
C LYS F 153 -34.44 -52.57 24.37
N TRP F 154 -33.90 -51.44 24.86
CA TRP F 154 -34.29 -50.96 26.19
C TRP F 154 -35.77 -50.61 26.23
N ILE F 155 -36.28 -49.94 25.20
CA ILE F 155 -37.68 -49.54 25.19
C ILE F 155 -38.58 -50.77 25.24
N ARG F 156 -38.25 -51.80 24.44
CA ARG F 156 -39.08 -52.99 24.41
C ARG F 156 -39.01 -53.76 25.71
N GLU F 157 -37.84 -53.81 26.35
CA GLU F 157 -37.73 -54.57 27.59
C GLU F 157 -38.03 -53.76 28.83
N ASN F 158 -38.41 -52.49 28.71
CA ASN F 158 -38.61 -51.66 29.89
C ASN F 158 -39.91 -50.89 29.91
N ILE F 159 -40.56 -50.69 28.77
CA ILE F 159 -41.83 -49.96 28.71
C ILE F 159 -42.89 -50.92 28.22
N SER F 160 -43.66 -51.49 29.15
CA SER F 160 -44.63 -52.53 28.79
C SER F 160 -45.69 -52.00 27.84
N GLU F 161 -45.90 -50.69 27.80
CA GLU F 161 -46.91 -50.06 26.95
C GLU F 161 -46.31 -49.50 25.67
N TRP F 162 -45.23 -50.10 25.18
CA TRP F 162 -44.48 -49.50 24.09
C TRP F 162 -45.17 -49.62 22.75
N ARG F 163 -46.17 -50.49 22.63
CA ARG F 163 -46.88 -50.60 21.36
C ARG F 163 -47.86 -49.44 21.15
N ASN F 164 -48.28 -48.79 22.23
CA ASN F 164 -49.17 -47.64 22.14
C ASN F 164 -48.47 -46.34 22.48
N CYS F 165 -47.16 -46.39 22.77
CA CYS F 165 -46.42 -45.24 23.25
C CYS F 165 -46.21 -44.22 22.14
N THR F 166 -45.49 -43.16 22.47
CA THR F 166 -45.19 -42.08 21.54
C THR F 166 -43.71 -41.76 21.60
N ILE F 167 -43.12 -41.44 20.45
CA ILE F 167 -41.72 -41.04 20.38
C ILE F 167 -41.66 -39.56 20.04
N VAL F 168 -41.13 -38.75 20.95
CA VAL F 168 -41.22 -37.30 20.89
C VAL F 168 -39.83 -36.73 20.73
N SER F 169 -39.70 -35.75 19.87
CA SER F 169 -38.44 -35.06 19.74
C SER F 169 -38.46 -33.77 20.58
N PRO F 170 -37.38 -33.45 21.29
CA PRO F 170 -37.39 -32.23 22.10
C PRO F 170 -37.28 -30.96 21.28
N ASP F 171 -36.67 -31.04 20.10
CA ASP F 171 -36.54 -29.88 19.24
C ASP F 171 -36.78 -30.32 17.80
N ALA F 172 -36.74 -29.35 16.89
CA ALA F 172 -36.86 -29.67 15.47
C ALA F 172 -35.70 -30.52 14.97
N GLY F 173 -34.48 -30.24 15.43
CA GLY F 173 -33.31 -30.89 14.86
C GLY F 173 -33.21 -32.37 15.19
N GLY F 174 -34.08 -32.85 16.08
CA GLY F 174 -34.08 -34.25 16.43
C GLY F 174 -35.07 -35.11 15.68
N ALA F 175 -35.65 -34.59 14.59
CA ALA F 175 -36.77 -35.25 13.96
C ALA F 175 -36.40 -36.60 13.37
N LYS F 176 -35.26 -36.68 12.68
CA LYS F 176 -34.91 -37.88 11.94
C LYS F 176 -34.75 -39.09 12.86
N ARG F 177 -34.08 -38.87 13.99
CA ARG F 177 -33.79 -39.97 14.91
C ARG F 177 -35.07 -40.55 15.48
N VAL F 178 -35.99 -39.68 15.91
CA VAL F 178 -37.24 -40.16 16.50
C VAL F 178 -38.10 -40.81 15.43
N THR F 179 -38.08 -40.30 14.21
CA THR F 179 -38.86 -40.92 13.15
C THR F 179 -38.35 -42.33 12.87
N SER F 180 -37.03 -42.51 12.84
CA SER F 180 -36.47 -43.84 12.65
C SER F 180 -36.87 -44.77 13.78
N ILE F 181 -36.79 -44.28 15.01
CA ILE F 181 -37.17 -45.11 16.16
C ILE F 181 -38.62 -45.52 16.07
N ALA F 182 -39.49 -44.56 15.75
CA ALA F 182 -40.92 -44.85 15.63
C ALA F 182 -41.19 -45.85 14.53
N ASP F 183 -40.53 -45.70 13.39
CA ASP F 183 -40.72 -46.64 12.30
C ASP F 183 -40.32 -48.04 12.70
N ARG F 184 -39.16 -48.20 13.35
CA ARG F 184 -38.76 -49.53 13.78
C ARG F 184 -39.66 -50.09 14.87
N LEU F 185 -40.31 -49.24 15.65
CA LEU F 185 -41.26 -49.72 16.65
C LEU F 185 -42.69 -49.76 16.14
N ASN F 186 -42.98 -49.10 15.02
CA ASN F 186 -44.34 -48.95 14.50
C ASN F 186 -45.24 -48.30 15.55
N VAL F 187 -44.90 -47.05 15.88
CA VAL F 187 -45.66 -46.26 16.85
C VAL F 187 -45.85 -44.87 16.28
N ASP F 188 -46.80 -44.15 16.87
CA ASP F 188 -47.01 -42.76 16.51
C ASP F 188 -45.89 -41.91 17.10
N PHE F 189 -45.53 -40.86 16.38
CA PHE F 189 -44.44 -40.00 16.81
C PHE F 189 -44.91 -38.55 16.89
N ALA F 190 -44.79 -37.98 18.08
CA ALA F 190 -45.16 -36.60 18.34
C ALA F 190 -43.96 -35.71 18.09
N LEU F 191 -44.17 -34.40 18.15
CA LEU F 191 -43.08 -33.45 18.08
C LEU F 191 -43.33 -32.29 19.02
N ILE F 192 -42.24 -31.61 19.39
CA ILE F 192 -42.27 -30.50 20.33
C ILE F 192 -41.33 -29.42 19.81
N HIS F 193 -41.77 -28.17 19.87
CA HIS F 193 -40.83 -27.07 19.65
C HIS F 193 -41.33 -25.83 20.35
N LYS F 194 -40.39 -25.02 20.86
CA LYS F 194 -40.76 -23.80 21.56
C LYS F 194 -41.17 -22.74 20.55
N GLU F 195 -41.83 -21.70 21.05
CA GLU F 195 -42.27 -20.60 20.22
C GLU F 195 -41.47 -19.33 20.52
N ASP F 203 -41.20 -18.39 25.30
CA ASP F 203 -41.09 -19.24 26.47
C ASP F 203 -42.08 -20.41 26.41
N ARG F 204 -42.95 -20.38 25.42
CA ARG F 204 -43.96 -21.42 25.24
C ARG F 204 -43.50 -22.42 24.19
N MET F 205 -44.06 -23.63 24.27
CA MET F 205 -43.81 -24.69 23.31
C MET F 205 -45.13 -25.30 22.85
N VAL F 206 -45.11 -25.85 21.65
CA VAL F 206 -46.25 -26.55 21.07
C VAL F 206 -45.85 -28.00 20.84
N LEU F 207 -46.76 -28.90 21.22
CA LEU F 207 -46.64 -30.34 21.02
C LEU F 207 -47.70 -30.78 20.02
N VAL F 208 -47.28 -31.52 19.01
CA VAL F 208 -48.16 -32.03 17.96
C VAL F 208 -48.15 -33.55 18.03
N GLY F 209 -49.32 -34.16 18.11
CA GLY F 209 -49.41 -35.61 18.23
C GLY F 209 -50.12 -35.98 19.52
N ASP F 210 -51.12 -36.84 19.39
CA ASP F 210 -51.95 -37.21 20.53
C ASP F 210 -51.15 -38.00 21.55
N VAL F 211 -51.18 -37.54 22.81
CA VAL F 211 -50.39 -38.14 23.87
C VAL F 211 -51.21 -38.45 25.11
N LYS F 212 -52.48 -38.05 25.16
CA LYS F 212 -53.29 -38.25 26.35
C LYS F 212 -53.41 -39.74 26.67
N ASP F 213 -53.19 -40.07 27.94
CA ASP F 213 -53.17 -41.43 28.46
C ASP F 213 -52.11 -42.29 27.79
N ARG F 214 -51.24 -41.70 26.98
CA ARG F 214 -50.19 -42.41 26.28
C ARG F 214 -48.83 -41.99 26.82
N VAL F 215 -47.95 -42.96 26.99
CA VAL F 215 -46.59 -42.68 27.42
C VAL F 215 -45.86 -41.91 26.33
N ALA F 216 -45.22 -40.81 26.72
CA ALA F 216 -44.35 -40.05 25.83
C ALA F 216 -42.91 -40.49 26.07
N ILE F 217 -42.14 -40.59 25.00
CA ILE F 217 -40.73 -40.94 25.06
C ILE F 217 -39.95 -39.84 24.36
N LEU F 218 -39.32 -38.97 25.13
CA LEU F 218 -38.37 -38.04 24.54
C LEU F 218 -37.11 -38.78 24.14
N VAL F 219 -36.70 -38.58 22.89
CA VAL F 219 -35.48 -39.17 22.37
C VAL F 219 -34.63 -38.03 21.80
N ASP F 220 -33.38 -37.97 22.22
CA ASP F 220 -32.51 -36.90 21.79
C ASP F 220 -31.07 -37.39 21.85
N ASP F 221 -30.18 -36.67 21.17
CA ASP F 221 -28.79 -37.07 21.10
C ASP F 221 -28.00 -36.78 22.38
N MET F 222 -28.22 -35.63 23.03
CA MET F 222 -27.46 -35.36 24.23
C MET F 222 -28.27 -34.48 25.16
N ALA F 223 -27.89 -34.53 26.43
CA ALA F 223 -28.43 -33.61 27.44
C ALA F 223 -27.24 -33.01 28.17
N ASP F 224 -27.02 -31.71 27.99
CA ASP F 224 -25.91 -31.02 28.63
C ASP F 224 -26.37 -30.37 29.92
N THR F 225 -27.25 -29.39 29.81
CA THR F 225 -27.84 -28.71 30.95
C THR F 225 -29.27 -29.16 31.20
N CYS F 226 -29.80 -30.02 30.34
CA CYS F 226 -31.12 -30.61 30.46
C CYS F 226 -32.24 -29.58 30.43
N GLY F 227 -31.96 -28.38 29.92
CA GLY F 227 -33.04 -27.43 29.70
C GLY F 227 -34.00 -27.90 28.63
N THR F 228 -33.48 -28.47 27.55
CA THR F 228 -34.31 -28.91 26.44
C THR F 228 -35.27 -30.00 26.87
N ILE F 229 -34.76 -31.07 27.49
CA ILE F 229 -35.63 -32.17 27.87
C ILE F 229 -36.56 -31.75 28.99
N CYS F 230 -36.13 -30.85 29.88
CA CYS F 230 -37.01 -30.43 30.96
C CYS F 230 -38.18 -29.62 30.45
N HIS F 231 -37.92 -28.68 29.53
CA HIS F 231 -39.03 -27.93 28.92
C HIS F 231 -39.94 -28.87 28.14
N ALA F 232 -39.36 -29.82 27.41
CA ALA F 232 -40.19 -30.76 26.66
C ALA F 232 -41.08 -31.58 27.59
N ALA F 233 -40.53 -32.04 28.73
CA ALA F 233 -41.32 -32.81 29.67
C ALA F 233 -42.42 -31.96 30.30
N ASP F 234 -42.10 -30.69 30.60
CA ASP F 234 -43.13 -29.81 31.11
C ASP F 234 -44.31 -29.71 30.15
N LYS F 235 -44.02 -29.47 28.88
CA LYS F 235 -45.11 -29.39 27.90
C LYS F 235 -45.83 -30.71 27.75
N LEU F 236 -45.10 -31.83 27.76
CA LEU F 236 -45.75 -33.12 27.62
C LEU F 236 -46.73 -33.37 28.76
N LEU F 237 -46.36 -32.94 29.98
CA LEU F 237 -47.30 -33.08 31.08
C LEU F 237 -48.43 -32.06 30.98
N SER F 238 -48.21 -30.94 30.31
CA SER F 238 -49.31 -30.02 30.06
C SER F 238 -50.38 -30.68 29.18
N ALA F 239 -49.96 -31.44 28.19
CA ALA F 239 -50.89 -32.13 27.30
C ALA F 239 -51.42 -33.44 27.87
N GLY F 240 -51.26 -33.64 29.18
CA GLY F 240 -51.91 -34.75 29.84
C GLY F 240 -51.32 -36.12 29.60
N ALA F 241 -50.08 -36.21 29.14
CA ALA F 241 -49.44 -37.51 29.00
C ALA F 241 -49.28 -38.18 30.35
N THR F 242 -49.43 -39.50 30.36
CA THR F 242 -49.44 -40.23 31.63
C THR F 242 -48.03 -40.24 32.26
N ARG F 243 -47.06 -40.80 31.54
CA ARG F 243 -45.69 -40.87 32.01
C ARG F 243 -44.77 -40.35 30.92
N VAL F 244 -43.63 -39.81 31.32
CA VAL F 244 -42.66 -39.21 30.41
C VAL F 244 -41.31 -39.88 30.61
N TYR F 245 -40.68 -40.23 29.51
CA TYR F 245 -39.35 -40.83 29.46
C TYR F 245 -38.43 -39.96 28.62
N ALA F 246 -37.17 -39.90 29.04
CA ALA F 246 -36.14 -39.23 28.25
C ALA F 246 -35.08 -40.27 27.93
N ILE F 247 -34.68 -40.36 26.67
CA ILE F 247 -33.64 -41.28 26.27
C ILE F 247 -32.59 -40.51 25.48
N LEU F 248 -31.33 -40.72 25.84
CA LEU F 248 -30.20 -39.94 25.34
C LEU F 248 -29.00 -40.85 25.14
N THR F 249 -28.22 -40.57 24.10
CA THR F 249 -27.01 -41.36 23.96
C THR F 249 -25.85 -40.74 24.74
N HIS F 250 -25.83 -39.42 24.92
CA HIS F 250 -24.75 -38.77 25.65
C HIS F 250 -25.31 -38.01 26.84
N GLY F 251 -25.04 -38.50 28.04
CA GLY F 251 -25.43 -37.84 29.27
C GLY F 251 -24.36 -36.96 29.86
N ILE F 252 -24.12 -35.79 29.25
CA ILE F 252 -23.07 -34.90 29.77
C ILE F 252 -23.42 -34.44 31.17
N PHE F 253 -24.66 -34.00 31.38
CA PHE F 253 -25.18 -33.66 32.70
C PHE F 253 -24.29 -32.65 33.42
N SER F 254 -24.13 -31.48 32.81
CA SER F 254 -23.26 -30.47 33.39
C SER F 254 -24.08 -29.36 34.03
N GLY F 255 -23.49 -28.71 35.03
CA GLY F 255 -24.12 -27.59 35.69
C GLY F 255 -25.37 -27.95 36.44
N PRO F 256 -26.47 -27.29 36.12
CA PRO F 256 -27.71 -27.48 36.87
C PRO F 256 -28.50 -28.71 36.45
N ALA F 257 -27.88 -29.60 35.69
CA ALA F 257 -28.61 -30.71 35.08
C ALA F 257 -29.21 -31.63 36.13
N ILE F 258 -28.44 -32.01 37.14
CA ILE F 258 -28.92 -33.00 38.10
C ILE F 258 -30.07 -32.45 38.91
N SER F 259 -29.96 -31.19 39.34
CA SER F 259 -31.06 -30.57 40.07
C SER F 259 -32.31 -30.47 39.21
N ARG F 260 -32.14 -30.10 37.94
CA ARG F 260 -33.31 -30.01 37.06
C ARG F 260 -33.98 -31.36 36.87
N ILE F 261 -33.18 -32.42 36.68
CA ILE F 261 -33.76 -33.74 36.50
C ILE F 261 -34.45 -34.21 37.78
N ASN F 262 -33.86 -33.89 38.93
CA ASN F 262 -34.48 -34.26 40.20
C ASN F 262 -35.79 -33.52 40.41
N ASN F 263 -35.86 -32.26 39.99
CA ASN F 263 -37.08 -31.47 40.13
C ASN F 263 -38.05 -31.68 38.98
N ALA F 264 -37.66 -32.41 37.94
CA ALA F 264 -38.52 -32.62 36.80
C ALA F 264 -39.49 -33.76 37.05
N CYS F 265 -40.23 -34.12 36.01
CA CYS F 265 -41.29 -35.13 36.09
C CYS F 265 -41.01 -36.35 35.24
N PHE F 266 -39.75 -36.65 34.96
CA PHE F 266 -39.44 -37.84 34.18
C PHE F 266 -39.71 -39.10 34.98
N GLU F 267 -40.23 -40.13 34.31
CA GLU F 267 -40.25 -41.45 34.93
C GLU F 267 -38.89 -42.10 34.87
N ALA F 268 -38.09 -41.75 33.86
CA ALA F 268 -36.73 -42.22 33.74
C ALA F 268 -35.98 -41.35 32.76
N VAL F 269 -34.70 -41.13 33.04
CA VAL F 269 -33.77 -40.53 32.11
C VAL F 269 -32.74 -41.60 31.80
N VAL F 270 -32.82 -42.17 30.62
CA VAL F 270 -31.95 -43.26 30.19
C VAL F 270 -30.85 -42.66 29.33
N VAL F 271 -29.62 -43.04 29.60
CA VAL F 271 -28.49 -42.58 28.81
C VAL F 271 -27.62 -43.78 28.47
N THR F 272 -26.86 -43.65 27.37
CA THR F 272 -25.89 -44.71 27.04
C THR F 272 -24.56 -44.35 27.70
N ASN F 273 -23.74 -45.34 28.03
CA ASN F 273 -22.49 -45.12 28.74
C ASN F 273 -21.36 -44.68 27.81
N THR F 274 -21.63 -43.72 26.94
CA THR F 274 -20.54 -43.09 26.21
C THR F 274 -19.76 -42.15 27.10
N ILE F 275 -20.36 -41.74 28.21
CA ILE F 275 -19.76 -40.88 29.22
C ILE F 275 -19.93 -41.63 30.53
N PRO F 276 -18.94 -41.62 31.43
CA PRO F 276 -19.13 -42.25 32.73
C PRO F 276 -20.28 -41.60 33.49
N GLN F 277 -21.14 -42.42 34.13
CA GLN F 277 -22.34 -41.84 34.79
C GLN F 277 -22.41 -42.21 36.26
N GLU F 278 -21.46 -43.00 36.78
CA GLU F 278 -21.52 -43.47 38.19
C GLU F 278 -21.77 -42.30 39.14
N ASP F 279 -20.99 -41.22 39.01
CA ASP F 279 -21.12 -40.04 39.87
C ASP F 279 -22.47 -39.37 39.68
N LYS F 280 -22.94 -39.24 38.45
CA LYS F 280 -24.24 -38.63 38.22
C LYS F 280 -25.36 -39.50 38.75
N MET F 281 -25.25 -40.82 38.59
CA MET F 281 -26.26 -41.72 39.13
C MET F 281 -26.26 -41.69 40.66
N LYS F 282 -25.16 -41.27 41.27
CA LYS F 282 -25.14 -41.14 42.72
C LYS F 282 -26.16 -40.11 43.21
N HIS F 283 -26.26 -38.97 42.52
CA HIS F 283 -27.09 -37.86 42.96
C HIS F 283 -28.41 -37.76 42.20
N CYS F 284 -28.76 -38.73 41.37
CA CYS F 284 -30.01 -38.71 40.62
C CYS F 284 -30.49 -40.14 40.47
N SER F 285 -31.58 -40.48 41.15
CA SER F 285 -32.03 -41.86 41.19
C SER F 285 -32.71 -42.28 39.91
N LYS F 286 -33.10 -41.33 39.06
CA LYS F 286 -33.87 -41.65 37.87
C LYS F 286 -33.01 -41.78 36.62
N ILE F 287 -31.69 -41.75 36.75
CA ILE F 287 -30.82 -41.96 35.60
C ILE F 287 -30.53 -43.45 35.47
N GLN F 288 -30.80 -44.01 34.31
CA GLN F 288 -30.47 -45.39 33.97
C GLN F 288 -29.48 -45.38 32.82
N VAL F 289 -28.68 -46.44 32.72
CA VAL F 289 -27.60 -46.49 31.75
C VAL F 289 -27.78 -47.71 30.84
N ILE F 290 -27.76 -47.47 29.53
CA ILE F 290 -27.70 -48.53 28.53
C ILE F 290 -26.24 -48.77 28.19
N ASP F 291 -25.82 -50.03 28.27
CA ASP F 291 -24.49 -50.40 27.83
C ASP F 291 -24.43 -50.40 26.31
N ILE F 292 -23.48 -49.65 25.75
CA ILE F 292 -23.21 -49.69 24.32
C ILE F 292 -21.82 -50.22 24.04
N SER F 293 -21.15 -50.80 25.04
CA SER F 293 -19.81 -51.30 24.83
C SER F 293 -19.78 -52.45 23.83
N MET F 294 -20.88 -53.19 23.69
CA MET F 294 -20.90 -54.26 22.71
C MET F 294 -20.89 -53.71 21.29
N ILE F 295 -21.59 -52.61 21.04
CA ILE F 295 -21.58 -52.00 19.72
C ILE F 295 -20.17 -51.50 19.39
N LEU F 296 -19.52 -50.85 20.34
CA LEU F 296 -18.16 -50.35 20.11
C LEU F 296 -17.19 -51.50 19.90
N ALA F 297 -17.28 -52.54 20.70
CA ALA F 297 -16.41 -53.69 20.52
C ALA F 297 -16.64 -54.36 19.18
N GLU F 298 -17.90 -54.50 18.77
CA GLU F 298 -18.21 -55.10 17.49
C GLU F 298 -17.69 -54.25 16.34
N ALA F 299 -17.80 -52.92 16.45
CA ALA F 299 -17.28 -52.05 15.41
C ALA F 299 -15.76 -52.15 15.32
N ILE F 300 -15.08 -52.18 16.46
CA ILE F 300 -13.62 -52.32 16.45
C ILE F 300 -13.23 -53.63 15.79
N ARG F 301 -13.91 -54.70 16.17
CA ARG F 301 -13.58 -56.02 15.65
C ARG F 301 -13.88 -56.12 14.16
N ARG F 302 -14.97 -55.51 13.70
CA ARG F 302 -15.31 -55.56 12.29
C ARG F 302 -14.40 -54.69 11.44
N THR F 303 -13.97 -53.54 11.95
CA THR F 303 -12.99 -52.76 11.20
C THR F 303 -11.66 -53.50 11.13
N HIS F 304 -11.28 -54.18 12.22
CA HIS F 304 -10.04 -54.93 12.19
C HIS F 304 -10.09 -56.08 11.20
N ASN F 305 -11.19 -56.81 11.17
CA ASN F 305 -11.31 -57.98 10.30
C ASN F 305 -11.79 -57.64 8.91
N GLY F 306 -12.09 -56.37 8.63
CA GLY F 306 -12.56 -56.02 7.32
C GLY F 306 -13.98 -56.41 7.01
N GLU F 307 -14.76 -56.77 8.03
CA GLU F 307 -16.17 -57.08 7.85
C GLU F 307 -17.00 -55.81 7.81
N SER F 308 -18.25 -55.96 7.37
CA SER F 308 -19.12 -54.81 7.22
C SER F 308 -19.45 -54.18 8.57
N VAL F 309 -19.27 -52.87 8.67
CA VAL F 309 -19.60 -52.15 9.90
C VAL F 309 -21.02 -51.62 9.86
N SER F 310 -21.50 -51.31 8.65
CA SER F 310 -22.89 -50.78 8.48
C SER F 310 -23.91 -51.84 8.87
N TYR F 311 -23.46 -53.08 9.06
CA TYR F 311 -24.38 -54.16 9.53
C TYR F 311 -24.93 -53.75 10.89
N LEU F 312 -24.07 -53.18 11.75
CA LEU F 312 -24.48 -52.79 13.12
C LEU F 312 -25.60 -51.75 13.10
N PHE F 313 -25.73 -50.98 12.01
CA PHE F 313 -26.75 -49.94 12.03
C PHE F 313 -28.13 -50.50 12.31
N SER F 314 -28.33 -51.80 12.08
CA SER F 314 -29.66 -52.39 12.22
C SER F 314 -29.70 -53.61 13.13
N HIS F 315 -28.58 -54.02 13.72
CA HIS F 315 -28.54 -55.27 14.48
C HIS F 315 -27.75 -55.09 15.76
N VAL F 316 -28.31 -55.61 16.86
CA VAL F 316 -27.62 -55.65 18.14
C VAL F 316 -26.69 -56.86 18.17
N PRO F 317 -25.38 -56.67 18.41
CA PRO F 317 -24.44 -57.79 18.45
C PRO F 317 -24.52 -58.56 19.76
N PRO G 2 0.96 57.97 -11.86
CA PRO G 2 0.62 56.93 -12.84
C PRO G 2 -0.43 57.37 -13.84
N ASN G 3 -0.16 57.17 -15.11
CA ASN G 3 -1.08 57.56 -16.18
C ASN G 3 -1.73 56.33 -16.79
N ILE G 4 -2.86 56.54 -17.43
CA ILE G 4 -3.59 55.47 -18.09
C ILE G 4 -2.86 55.08 -19.36
N LYS G 5 -2.62 53.79 -19.53
CA LYS G 5 -2.15 53.23 -20.79
C LYS G 5 -3.19 52.23 -21.26
N ILE G 6 -3.68 52.40 -22.48
CA ILE G 6 -4.69 51.52 -23.05
C ILE G 6 -3.99 50.69 -24.12
N PHE G 7 -4.03 49.37 -23.97
CA PHE G 7 -3.47 48.46 -24.95
C PHE G 7 -4.57 47.60 -25.54
N SER G 8 -4.47 47.36 -26.83
CA SER G 8 -5.46 46.56 -27.54
C SER G 8 -4.86 45.20 -27.86
N GLY G 9 -5.65 44.15 -27.67
CA GLY G 9 -5.35 42.89 -28.27
C GLY G 9 -5.81 42.84 -29.71
N SER G 10 -5.64 41.68 -30.33
CA SER G 10 -6.07 41.51 -31.70
C SER G 10 -7.57 41.27 -31.84
N SER G 11 -8.25 40.90 -30.76
CA SER G 11 -9.63 40.43 -30.88
C SER G 11 -10.57 41.55 -31.32
N HIS G 12 -10.54 42.69 -30.65
CA HIS G 12 -11.50 43.77 -30.90
C HIS G 12 -10.74 45.10 -30.94
N GLN G 13 -10.17 45.42 -32.10
CA GLN G 13 -9.40 46.64 -32.22
C GLN G 13 -10.30 47.87 -32.32
N ASP G 14 -11.48 47.73 -32.93
CA ASP G 14 -12.41 48.85 -33.02
C ASP G 14 -12.87 49.31 -31.66
N LEU G 15 -13.22 48.36 -30.79
CA LEU G 15 -13.67 48.71 -29.45
C LEU G 15 -12.57 49.42 -28.68
N SER G 16 -11.33 48.94 -28.79
CA SER G 16 -10.22 49.56 -28.09
C SER G 16 -9.98 50.97 -28.61
N GLN G 17 -10.06 51.16 -29.92
CA GLN G 17 -9.88 52.50 -30.46
C GLN G 17 -10.97 53.44 -29.97
N LYS G 18 -12.22 52.97 -29.93
CA LYS G 18 -13.30 53.80 -29.41
C LYS G 18 -13.05 54.16 -27.95
N ILE G 19 -12.65 53.19 -27.14
CA ILE G 19 -12.40 53.45 -25.73
C ILE G 19 -11.28 54.47 -25.57
N ALA G 20 -10.20 54.32 -26.33
CA ALA G 20 -9.10 55.26 -26.24
C ALA G 20 -9.53 56.66 -26.68
N ASP G 21 -10.40 56.73 -27.70
CA ASP G 21 -10.93 58.02 -28.12
C ASP G 21 -11.70 58.69 -26.99
N ARG G 22 -12.54 57.94 -26.28
CA ARG G 22 -13.36 58.57 -25.26
C ARG G 22 -12.56 58.92 -24.02
N LEU G 23 -11.33 58.44 -23.93
CA LEU G 23 -10.45 58.83 -22.83
C LEU G 23 -9.44 59.89 -23.24
N GLY G 24 -9.48 60.35 -24.49
CA GLY G 24 -8.49 61.30 -24.96
C GLY G 24 -7.08 60.75 -25.01
N LEU G 25 -6.91 59.50 -25.39
CA LEU G 25 -5.61 58.86 -25.41
C LEU G 25 -5.36 58.21 -26.76
N GLU G 26 -4.11 57.85 -26.98
CA GLU G 26 -3.73 57.01 -28.09
C GLU G 26 -3.50 55.59 -27.57
N LEU G 27 -3.84 54.62 -28.39
CA LEU G 27 -3.59 53.23 -28.02
C LEU G 27 -2.11 53.02 -27.79
N GLY G 28 -1.78 52.22 -26.78
CA GLY G 28 -0.40 51.94 -26.48
C GLY G 28 0.28 51.19 -27.61
N LYS G 29 1.57 51.42 -27.75
CA LYS G 29 2.33 50.83 -28.85
C LYS G 29 2.67 49.38 -28.51
N VAL G 30 1.96 48.45 -29.13
CA VAL G 30 2.21 47.04 -28.90
C VAL G 30 2.12 46.30 -30.22
N VAL G 31 3.03 45.36 -30.42
CA VAL G 31 3.02 44.48 -31.59
C VAL G 31 2.56 43.11 -31.12
N THR G 32 1.46 42.64 -31.69
CA THR G 32 0.90 41.33 -31.34
C THR G 32 0.76 40.54 -32.64
N LYS G 33 1.68 39.59 -32.85
CA LYS G 33 1.61 38.78 -34.06
C LYS G 33 1.76 37.31 -33.72
N LYS G 34 1.92 36.48 -34.75
CA LYS G 34 2.18 35.07 -34.58
C LYS G 34 3.51 34.73 -35.23
N PHE G 35 4.32 33.93 -34.55
CA PHE G 35 5.43 33.29 -35.22
C PHE G 35 4.91 32.26 -36.22
N SER G 36 5.83 31.69 -36.99
CA SER G 36 5.44 30.73 -38.02
C SER G 36 4.80 29.50 -37.41
N ASN G 37 5.18 29.14 -36.19
CA ASN G 37 4.67 27.95 -35.53
C ASN G 37 3.42 28.23 -34.72
N GLN G 38 2.67 29.29 -35.03
CA GLN G 38 1.41 29.63 -34.38
C GLN G 38 1.60 30.05 -32.94
N GLU G 39 2.78 30.54 -32.58
CA GLU G 39 3.04 31.00 -31.23
C GLU G 39 2.82 32.50 -31.13
N THR G 40 2.14 32.93 -30.07
CA THR G 40 1.86 34.34 -29.86
C THR G 40 3.14 35.11 -29.58
N CYS G 41 3.35 36.19 -30.31
CA CYS G 41 4.48 37.10 -30.08
C CYS G 41 3.90 38.44 -29.63
N VAL G 42 4.31 38.90 -28.46
CA VAL G 42 3.86 40.17 -27.91
C VAL G 42 5.09 41.01 -27.60
N GLU G 43 5.10 42.25 -28.08
CA GLU G 43 6.17 43.18 -27.79
C GLU G 43 5.56 44.52 -27.42
N ILE G 44 5.73 44.92 -26.17
CA ILE G 44 5.33 46.25 -25.71
C ILE G 44 6.34 47.25 -26.24
N GLY G 45 5.89 48.15 -27.10
CA GLY G 45 6.77 49.10 -27.74
C GLY G 45 7.02 50.38 -26.99
N GLU G 46 6.43 50.53 -25.81
CA GLU G 46 6.66 51.71 -25.00
C GLU G 46 6.80 51.28 -23.55
N SER G 47 7.54 52.07 -22.79
CA SER G 47 7.70 51.80 -21.37
C SER G 47 6.37 51.94 -20.65
N VAL G 48 6.04 50.97 -19.80
CA VAL G 48 4.85 51.03 -18.98
C VAL G 48 5.22 51.13 -17.50
N ARG G 49 6.47 51.46 -17.21
CA ARG G 49 6.96 51.47 -15.84
C ARG G 49 6.20 52.49 -15.01
N GLY G 50 5.58 52.03 -13.92
CA GLY G 50 4.84 52.91 -13.05
C GLY G 50 3.54 53.44 -13.60
N GLU G 51 2.99 52.79 -14.62
CA GLU G 51 1.78 53.26 -15.27
C GLU G 51 0.59 52.39 -14.89
N ASP G 52 -0.60 52.90 -15.19
CA ASP G 52 -1.85 52.20 -14.96
C ASP G 52 -2.31 51.59 -16.28
N VAL G 53 -1.95 50.34 -16.51
CA VAL G 53 -2.13 49.67 -17.79
C VAL G 53 -3.51 49.02 -17.85
N TYR G 54 -4.23 49.26 -18.94
CA TYR G 54 -5.50 48.61 -19.21
C TYR G 54 -5.38 47.89 -20.55
N ILE G 55 -5.63 46.59 -20.55
CA ILE G 55 -5.55 45.79 -21.75
C ILE G 55 -6.96 45.38 -22.14
N VAL G 56 -7.36 45.74 -23.35
CA VAL G 56 -8.70 45.46 -23.85
C VAL G 56 -8.63 44.25 -24.77
N GLN G 57 -9.37 43.20 -24.41
CA GLN G 57 -9.36 41.96 -25.18
C GLN G 57 -10.64 41.22 -24.84
N SER G 58 -11.39 40.84 -25.86
CA SER G 58 -12.66 40.17 -25.62
C SER G 58 -12.57 38.69 -25.97
N GLY G 59 -13.28 37.88 -25.20
CA GLY G 59 -13.29 36.44 -25.41
C GLY G 59 -14.14 36.06 -26.60
N CYS G 60 -13.64 36.39 -27.80
CA CYS G 60 -14.37 36.19 -29.02
C CYS G 60 -13.41 35.67 -30.09
N GLY G 61 -13.94 35.45 -31.28
CA GLY G 61 -13.10 35.01 -32.38
C GLY G 61 -12.46 33.68 -32.07
N GLU G 62 -11.16 33.58 -32.37
CA GLU G 62 -10.35 32.42 -32.01
C GLU G 62 -10.01 32.57 -30.53
N ILE G 63 -10.78 31.88 -29.69
CA ILE G 63 -10.84 32.22 -28.28
C ILE G 63 -9.55 31.88 -27.56
N ASN G 64 -8.98 30.70 -27.82
CA ASN G 64 -7.78 30.32 -27.10
C ASN G 64 -6.60 31.21 -27.49
N ASP G 65 -6.55 31.61 -28.74
CA ASP G 65 -5.48 32.48 -29.21
C ASP G 65 -5.57 33.85 -28.54
N ASN G 66 -6.80 34.39 -28.48
CA ASN G 66 -7.00 35.69 -27.85
C ASN G 66 -6.69 35.63 -26.37
N LEU G 67 -7.10 34.55 -25.69
CA LEU G 67 -6.82 34.43 -24.28
C LEU G 67 -5.33 34.31 -24.01
N MET G 68 -4.62 33.55 -24.84
CA MET G 68 -3.18 33.45 -24.69
C MET G 68 -2.50 34.79 -24.91
N GLU G 69 -2.94 35.54 -25.93
CA GLU G 69 -2.40 36.87 -26.17
C GLU G 69 -2.65 37.77 -24.97
N LEU G 70 -3.86 37.69 -24.39
CA LEU G 70 -4.18 38.52 -23.24
C LEU G 70 -3.30 38.20 -22.05
N LEU G 71 -3.12 36.90 -21.76
CA LEU G 71 -2.29 36.51 -20.63
C LEU G 71 -0.85 36.94 -20.85
N ILE G 72 -0.35 36.78 -22.08
CA ILE G 72 1.03 37.15 -22.37
C ILE G 72 1.23 38.65 -22.24
N MET G 73 0.24 39.45 -22.70
CA MET G 73 0.34 40.90 -22.52
C MET G 73 0.30 41.29 -21.06
N ILE G 74 -0.57 40.66 -20.28
CA ILE G 74 -0.63 40.97 -18.85
C ILE G 74 0.70 40.67 -18.19
N ASN G 75 1.27 39.51 -18.48
CA ASN G 75 2.55 39.16 -17.88
C ASN G 75 3.66 40.09 -18.33
N ALA G 76 3.65 40.48 -19.62
CA ALA G 76 4.65 41.39 -20.12
C ALA G 76 4.59 42.74 -19.41
N CYS G 77 3.38 43.26 -19.20
CA CYS G 77 3.26 44.53 -18.51
C CYS G 77 3.60 44.39 -17.03
N LYS G 78 3.30 43.24 -16.44
CA LYS G 78 3.60 43.04 -15.02
C LYS G 78 5.11 42.98 -14.78
N ILE G 79 5.85 42.24 -15.59
CA ILE G 79 7.30 42.17 -15.38
C ILE G 79 8.03 43.35 -16.03
N ALA G 80 7.30 44.23 -16.70
CA ALA G 80 7.85 45.52 -17.12
C ALA G 80 7.58 46.62 -16.10
N SER G 81 7.17 46.24 -14.89
CA SER G 81 7.07 47.15 -13.74
C SER G 81 5.93 48.15 -13.89
N ALA G 82 4.82 47.74 -14.49
CA ALA G 82 3.62 48.54 -14.43
C ALA G 82 3.11 48.59 -13.01
N SER G 83 2.61 49.75 -12.59
CA SER G 83 2.10 49.87 -11.22
C SER G 83 0.89 48.98 -11.02
N ARG G 84 0.03 48.88 -12.02
CA ARG G 84 -1.21 48.13 -11.91
C ARG G 84 -1.63 47.71 -13.31
N VAL G 85 -2.07 46.46 -13.46
CA VAL G 85 -2.50 45.91 -14.73
C VAL G 85 -3.96 45.49 -14.60
N THR G 86 -4.79 45.99 -15.48
CA THR G 86 -6.22 45.67 -15.50
C THR G 86 -6.55 45.01 -16.83
N ALA G 87 -7.26 43.90 -16.77
CA ALA G 87 -7.74 43.21 -17.95
C ALA G 87 -9.18 43.65 -18.21
N VAL G 88 -9.39 44.35 -19.32
CA VAL G 88 -10.72 44.78 -19.74
C VAL G 88 -11.21 43.71 -20.70
N ILE G 89 -12.13 42.87 -20.23
CA ILE G 89 -12.56 41.68 -20.96
C ILE G 89 -14.05 41.78 -21.20
N PRO G 90 -14.50 42.47 -22.25
CA PRO G 90 -15.94 42.72 -22.41
C PRO G 90 -16.78 41.47 -22.46
N CYS G 91 -16.31 40.42 -23.14
CA CYS G 91 -16.96 39.12 -23.10
C CYS G 91 -16.00 38.12 -22.49
N PHE G 92 -16.35 37.57 -21.34
CA PHE G 92 -15.44 36.72 -20.60
C PHE G 92 -15.34 35.35 -21.24
N PRO G 93 -14.15 34.87 -21.59
CA PRO G 93 -14.04 33.56 -22.22
C PRO G 93 -14.28 32.43 -21.24
N TYR G 94 -14.93 31.38 -21.73
CA TYR G 94 -15.29 30.19 -20.97
C TYR G 94 -16.25 30.48 -19.84
N ALA G 95 -16.97 31.60 -19.91
CA ALA G 95 -17.90 31.96 -18.84
C ALA G 95 -19.01 30.95 -18.69
N ARG G 96 -19.36 30.22 -19.74
CA ARG G 96 -20.42 29.23 -19.64
C ARG G 96 -19.96 27.93 -19.00
N GLN G 97 -18.66 27.76 -18.78
CA GLN G 97 -18.14 26.62 -18.04
C GLN G 97 -18.00 26.96 -16.57
N ASP G 98 -19.11 27.33 -15.94
CA ASP G 98 -19.09 27.83 -14.58
C ASP G 98 -19.47 26.78 -13.54
N LYS G 99 -19.83 25.57 -13.95
CA LYS G 99 -20.31 24.59 -12.98
C LYS G 99 -20.09 23.20 -13.55
N LYS G 100 -20.10 22.21 -12.66
CA LYS G 100 -19.89 20.82 -13.05
C LYS G 100 -21.21 20.12 -13.38
N ASP G 101 -22.13 20.08 -12.42
CA ASP G 101 -23.50 19.64 -12.64
C ASP G 101 -23.55 18.18 -13.13
N LYS G 102 -23.14 17.29 -12.24
CA LYS G 102 -23.27 15.84 -12.44
C LYS G 102 -22.44 15.34 -13.62
N SER G 103 -21.30 15.98 -13.88
CA SER G 103 -20.42 15.57 -14.95
C SER G 103 -18.98 15.76 -14.52
N ARG G 104 -18.09 14.94 -15.07
CA ARG G 104 -16.66 15.07 -14.80
C ARG G 104 -16.08 16.14 -15.70
N ALA G 105 -16.71 17.29 -15.67
CA ALA G 105 -16.36 18.41 -16.52
C ALA G 105 -15.52 19.42 -15.77
N PRO G 106 -14.58 20.05 -16.45
CA PRO G 106 -13.81 21.13 -15.81
C PRO G 106 -14.65 22.38 -15.68
N ILE G 107 -14.41 23.11 -14.60
CA ILE G 107 -14.96 24.44 -14.44
C ILE G 107 -13.95 25.36 -15.10
N SER G 108 -14.06 25.50 -16.42
CA SER G 108 -13.04 26.18 -17.19
C SER G 108 -12.97 27.67 -16.86
N ALA G 109 -14.09 28.26 -16.44
CA ALA G 109 -14.08 29.67 -16.07
C ALA G 109 -13.18 29.90 -14.87
N LYS G 110 -13.20 28.99 -13.90
CA LYS G 110 -12.30 29.10 -12.76
C LYS G 110 -10.85 28.97 -13.20
N LEU G 111 -10.57 28.09 -14.16
CA LEU G 111 -9.22 27.96 -14.68
C LEU G 111 -8.77 29.24 -15.35
N VAL G 112 -9.66 29.87 -16.12
CA VAL G 112 -9.33 31.14 -16.76
C VAL G 112 -9.06 32.22 -15.71
N ALA G 113 -9.87 32.26 -14.66
CA ALA G 113 -9.64 33.22 -13.58
C ALA G 113 -8.28 32.98 -12.92
N ASN G 114 -7.94 31.72 -12.67
CA ASN G 114 -6.64 31.40 -12.07
C ASN G 114 -5.50 31.82 -12.98
N MET G 115 -5.63 31.58 -14.28
CA MET G 115 -4.56 31.97 -15.21
C MET G 115 -4.43 33.47 -15.31
N LEU G 116 -5.54 34.20 -15.27
CA LEU G 116 -5.47 35.66 -15.25
C LEU G 116 -4.80 36.15 -13.99
N SER G 117 -5.09 35.52 -12.86
CA SER G 117 -4.45 35.91 -11.60
C SER G 117 -2.95 35.62 -11.62
N VAL G 118 -2.54 34.46 -12.14
CA VAL G 118 -1.13 34.11 -12.13
C VAL G 118 -0.34 34.86 -13.19
N ALA G 119 -1.00 35.33 -14.25
CA ALA G 119 -0.33 36.21 -15.19
C ALA G 119 -0.02 37.56 -14.57
N GLY G 120 -0.81 37.98 -13.57
CA GLY G 120 -0.49 39.17 -12.82
C GLY G 120 -1.54 40.26 -12.89
N ALA G 121 -2.74 39.93 -13.33
CA ALA G 121 -3.81 40.91 -13.39
C ALA G 121 -4.22 41.30 -11.97
N ASP G 122 -4.37 42.60 -11.74
CA ASP G 122 -4.80 43.12 -10.46
C ASP G 122 -6.27 43.49 -10.44
N HIS G 123 -6.90 43.60 -11.60
CA HIS G 123 -8.25 44.09 -11.70
C HIS G 123 -8.85 43.56 -12.99
N ILE G 124 -10.12 43.18 -12.93
CA ILE G 124 -10.86 42.73 -14.09
C ILE G 124 -12.06 43.64 -14.28
N ILE G 125 -12.23 44.14 -15.49
CA ILE G 125 -13.44 44.83 -15.91
C ILE G 125 -14.11 44.01 -16.99
N THR G 126 -15.36 43.62 -16.77
CA THR G 126 -16.08 42.79 -17.72
C THR G 126 -17.51 43.29 -17.79
N MET G 127 -18.25 42.82 -18.78
CA MET G 127 -19.62 43.27 -19.02
C MET G 127 -20.55 42.07 -19.08
N ASP G 128 -21.57 42.09 -18.22
CA ASP G 128 -22.63 41.08 -18.22
C ASP G 128 -22.06 39.67 -18.20
N LEU G 129 -21.40 39.35 -17.09
CA LEU G 129 -20.92 37.99 -16.87
C LEU G 129 -22.09 37.02 -16.95
N HIS G 130 -21.83 35.85 -17.54
CA HIS G 130 -22.89 34.86 -17.70
C HIS G 130 -23.46 34.45 -16.36
N ALA G 131 -22.60 34.23 -15.38
CA ALA G 131 -23.01 34.02 -14.00
C ALA G 131 -22.28 35.00 -13.12
N SER G 132 -23.00 35.69 -12.24
CA SER G 132 -22.37 36.62 -11.31
C SER G 132 -21.40 35.92 -10.37
N GLN G 133 -21.60 34.63 -10.11
CA GLN G 133 -20.70 33.90 -9.22
C GLN G 133 -19.29 33.83 -9.77
N ILE G 134 -19.09 34.12 -11.05
CA ILE G 134 -17.75 34.15 -11.60
C ILE G 134 -16.92 35.23 -10.92
N GLN G 135 -17.56 36.27 -10.40
CA GLN G 135 -16.84 37.27 -9.62
C GLN G 135 -16.14 36.62 -8.44
N GLY G 136 -16.73 35.58 -7.87
CA GLY G 136 -16.13 34.83 -6.79
C GLY G 136 -15.01 33.91 -7.21
N PHE G 137 -14.85 33.65 -8.51
CA PHE G 137 -13.74 32.83 -8.97
C PHE G 137 -12.40 33.54 -8.81
N PHE G 138 -12.40 34.86 -8.72
CA PHE G 138 -11.19 35.64 -8.56
C PHE G 138 -10.96 35.99 -7.11
N ASP G 139 -9.70 36.26 -6.78
CA ASP G 139 -9.37 36.89 -5.51
C ASP G 139 -9.02 38.37 -5.66
N ILE G 140 -9.05 38.89 -6.88
CA ILE G 140 -8.83 40.30 -7.15
C ILE G 140 -10.18 40.96 -7.36
N PRO G 141 -10.29 42.29 -7.32
CA PRO G 141 -11.59 42.92 -7.60
C PRO G 141 -12.00 42.72 -9.05
N VAL G 142 -13.29 42.49 -9.25
CA VAL G 142 -13.88 42.34 -10.57
C VAL G 142 -15.06 43.29 -10.67
N ASP G 143 -15.06 44.14 -11.68
CA ASP G 143 -16.17 45.05 -11.93
C ASP G 143 -17.00 44.46 -13.06
N ASN G 144 -18.24 44.14 -12.76
CA ASN G 144 -19.14 43.49 -13.71
C ASN G 144 -20.17 44.51 -14.16
N LEU G 145 -19.88 45.19 -15.27
CA LEU G 145 -20.75 46.22 -15.79
C LEU G 145 -21.99 45.60 -16.45
N TYR G 146 -23.02 46.41 -16.59
CA TYR G 146 -24.28 45.97 -17.15
C TYR G 146 -24.59 46.79 -18.39
N ALA G 147 -25.09 46.13 -19.42
CA ALA G 147 -25.51 46.83 -20.62
C ALA G 147 -26.92 47.38 -20.50
N GLU G 148 -27.59 47.13 -19.38
CA GLU G 148 -28.98 47.57 -19.20
C GLU G 148 -29.20 49.04 -19.46
N PRO G 149 -28.37 49.98 -18.98
CA PRO G 149 -28.61 51.39 -19.36
C PRO G 149 -28.68 51.62 -20.86
N ALA G 150 -27.70 51.13 -21.61
CA ALA G 150 -27.69 51.28 -23.04
C ALA G 150 -28.85 50.54 -23.69
N VAL G 151 -29.24 49.40 -23.13
CA VAL G 151 -30.37 48.65 -23.68
C VAL G 151 -31.66 49.43 -23.53
N LEU G 152 -31.89 50.00 -22.36
CA LEU G 152 -33.08 50.82 -22.14
C LEU G 152 -33.09 52.03 -23.05
N LYS G 153 -31.94 52.66 -23.22
CA LYS G 153 -31.85 53.79 -24.13
C LYS G 153 -32.25 53.39 -25.54
N TRP G 154 -31.73 52.25 -26.02
CA TRP G 154 -32.08 51.78 -27.36
C TRP G 154 -33.57 51.46 -27.45
N ILE G 155 -34.12 50.81 -26.44
CA ILE G 155 -35.54 50.45 -26.48
C ILE G 155 -36.40 51.70 -26.56
N ARG G 156 -36.07 52.71 -25.76
CA ARG G 156 -36.87 53.93 -25.74
C ARG G 156 -36.74 54.69 -27.05
N GLU G 157 -35.55 54.72 -27.65
CA GLU G 157 -35.37 55.47 -28.87
C GLU G 157 -35.64 54.67 -30.14
N ASN G 158 -36.06 53.41 -30.03
CA ASN G 158 -36.24 52.59 -31.21
C ASN G 158 -37.57 51.84 -31.28
N ILE G 159 -38.27 51.67 -30.16
CA ILE G 159 -39.54 50.97 -30.15
C ILE G 159 -40.60 51.96 -29.69
N SER G 160 -41.32 52.55 -30.64
CA SER G 160 -42.27 53.60 -30.32
C SER G 160 -43.38 53.10 -29.40
N GLU G 161 -43.63 51.79 -29.38
CA GLU G 161 -44.68 51.19 -28.58
C GLU G 161 -44.14 50.62 -27.27
N TRP G 162 -43.06 51.20 -26.74
CA TRP G 162 -42.36 50.57 -25.62
C TRP G 162 -43.10 50.72 -24.31
N ARG G 163 -44.08 51.61 -24.22
CA ARG G 163 -44.84 51.73 -22.98
C ARG G 163 -45.85 50.60 -22.81
N ASN G 164 -46.25 49.95 -23.90
CA ASN G 164 -47.17 48.82 -23.84
C ASN G 164 -46.48 47.50 -24.16
N CYS G 165 -45.17 47.53 -24.40
CA CYS G 165 -44.44 46.36 -24.86
C CYS G 165 -44.30 45.34 -23.73
N THR G 166 -43.59 44.25 -24.04
CA THR G 166 -43.35 43.17 -23.10
C THR G 166 -41.88 42.81 -23.12
N ILE G 167 -41.33 42.47 -21.95
CA ILE G 167 -39.95 42.04 -21.82
C ILE G 167 -39.95 40.57 -21.48
N VAL G 168 -39.40 39.76 -22.37
CA VAL G 168 -39.54 38.31 -22.31
C VAL G 168 -38.16 37.69 -22.10
N SER G 169 -38.09 36.71 -21.25
CA SER G 169 -36.84 35.98 -21.07
C SER G 169 -36.87 34.70 -21.90
N PRO G 170 -35.77 34.35 -22.58
CA PRO G 170 -35.78 33.13 -23.39
C PRO G 170 -35.74 31.86 -22.57
N ASP G 171 -35.17 31.91 -21.37
CA ASP G 171 -35.09 30.76 -20.51
C ASP G 171 -35.36 31.21 -19.08
N ALA G 172 -35.39 30.24 -18.17
CA ALA G 172 -35.55 30.56 -16.75
C ALA G 172 -34.39 31.38 -16.21
N GLY G 173 -33.16 31.08 -16.63
CA GLY G 173 -32.00 31.69 -16.01
C GLY G 173 -31.86 33.17 -16.34
N GLY G 174 -32.67 33.67 -17.27
CA GLY G 174 -32.62 35.07 -17.61
C GLY G 174 -33.61 35.96 -16.89
N ALA G 175 -34.24 35.45 -15.83
CA ALA G 175 -35.39 36.14 -15.23
C ALA G 175 -34.98 37.48 -14.64
N LYS G 176 -33.87 37.53 -13.91
CA LYS G 176 -33.53 38.72 -13.15
C LYS G 176 -33.30 39.91 -14.06
N ARG G 177 -32.59 39.69 -15.17
CA ARG G 177 -32.24 40.78 -16.08
C ARG G 177 -33.49 41.39 -16.70
N VAL G 178 -34.41 40.54 -17.15
CA VAL G 178 -35.63 41.05 -17.78
C VAL G 178 -36.51 41.73 -16.75
N THR G 179 -36.55 41.21 -15.53
CA THR G 179 -37.35 41.86 -14.50
C THR G 179 -36.82 43.25 -14.19
N SER G 180 -35.49 43.39 -14.12
CA SER G 180 -34.91 44.72 -13.90
C SER G 180 -35.26 45.66 -15.05
N ILE G 181 -35.13 45.17 -16.29
CA ILE G 181 -35.44 46.00 -17.44
C ILE G 181 -36.89 46.44 -17.41
N ALA G 182 -37.80 45.51 -17.12
CA ALA G 182 -39.22 45.83 -17.05
C ALA G 182 -39.51 46.85 -15.96
N ASP G 183 -38.88 46.68 -14.80
CA ASP G 183 -39.10 47.62 -13.71
C ASP G 183 -38.65 49.02 -14.09
N ARG G 184 -37.46 49.14 -14.70
CA ARG G 184 -37.02 50.47 -15.11
C ARG G 184 -37.86 51.05 -16.24
N LEU G 185 -38.50 50.21 -17.05
CA LEU G 185 -39.41 50.71 -18.07
C LEU G 185 -40.85 50.79 -17.61
N ASN G 186 -41.20 50.14 -16.50
CA ASN G 186 -42.58 50.02 -16.04
C ASN G 186 -43.46 49.39 -17.11
N VAL G 187 -43.14 48.13 -17.43
CA VAL G 187 -43.88 47.37 -18.43
C VAL G 187 -44.13 45.97 -17.87
N ASP G 188 -45.08 45.28 -18.49
CA ASP G 188 -45.33 43.90 -18.15
C ASP G 188 -44.21 43.03 -18.70
N PHE G 189 -43.89 41.96 -17.95
CA PHE G 189 -42.82 41.07 -18.35
C PHE G 189 -43.32 39.65 -18.44
N ALA G 190 -43.18 39.07 -19.63
CA ALA G 190 -43.57 37.69 -19.90
C ALA G 190 -42.39 36.78 -19.62
N LEU G 191 -42.64 35.48 -19.69
CA LEU G 191 -41.58 34.49 -19.57
C LEU G 191 -41.82 33.34 -20.52
N ILE G 192 -40.74 32.63 -20.85
CA ILE G 192 -40.76 31.52 -21.80
C ILE G 192 -39.88 30.42 -21.25
N HIS G 193 -40.34 29.18 -21.32
CA HIS G 193 -39.43 28.06 -21.07
C HIS G 193 -39.94 26.83 -21.78
N LYS G 194 -39.00 26.01 -22.27
CA LYS G 194 -39.37 24.79 -22.97
C LYS G 194 -39.85 23.74 -21.98
N GLU G 195 -40.52 22.72 -22.50
CA GLU G 195 -41.02 21.62 -21.69
C GLU G 195 -40.24 20.34 -21.96
N ASP G 203 -39.82 19.40 -26.74
CA ASP G 203 -39.65 20.25 -27.90
C ASP G 203 -40.61 21.42 -27.89
N ARG G 204 -41.52 21.42 -26.91
CA ARG G 204 -42.50 22.48 -26.78
C ARG G 204 -42.06 23.48 -25.71
N MET G 205 -42.58 24.69 -25.80
CA MET G 205 -42.35 25.75 -24.83
C MET G 205 -43.66 26.39 -24.41
N VAL G 206 -43.67 26.95 -23.22
CA VAL G 206 -44.81 27.67 -22.68
C VAL G 206 -44.39 29.12 -22.43
N LEU G 207 -45.26 30.04 -22.85
CA LEU G 207 -45.12 31.47 -22.64
C LEU G 207 -46.20 31.95 -21.69
N VAL G 208 -45.79 32.68 -20.65
CA VAL G 208 -46.69 33.20 -19.64
C VAL G 208 -46.64 34.72 -19.71
N GLY G 209 -47.80 35.35 -19.82
CA GLY G 209 -47.85 36.81 -19.95
C GLY G 209 -48.50 37.19 -21.26
N ASP G 210 -49.48 38.08 -21.17
CA ASP G 210 -50.27 38.47 -22.33
C ASP G 210 -49.41 39.23 -23.32
N VAL G 211 -49.41 38.78 -24.58
CA VAL G 211 -48.56 39.36 -25.62
C VAL G 211 -49.33 39.68 -26.89
N LYS G 212 -50.61 39.31 -26.98
CA LYS G 212 -51.37 39.55 -28.19
C LYS G 212 -51.43 41.04 -28.52
N ASP G 213 -51.18 41.36 -29.79
CA ASP G 213 -51.09 42.72 -30.30
C ASP G 213 -50.04 43.56 -29.60
N ARG G 214 -49.21 42.94 -28.76
CA ARG G 214 -48.17 43.63 -28.01
C ARG G 214 -46.80 43.16 -28.51
N VAL G 215 -45.89 44.12 -28.64
CA VAL G 215 -44.53 43.80 -29.02
C VAL G 215 -43.85 43.01 -27.91
N ALA G 216 -43.23 41.90 -28.28
CA ALA G 216 -42.40 41.13 -27.36
C ALA G 216 -40.95 41.52 -27.56
N ILE G 217 -40.22 41.60 -26.44
CA ILE G 217 -38.80 41.92 -26.46
C ILE G 217 -38.07 40.80 -25.74
N LEU G 218 -37.44 39.92 -26.49
CA LEU G 218 -36.53 38.96 -25.87
C LEU G 218 -35.28 39.67 -25.41
N VAL G 219 -34.91 39.46 -24.15
CA VAL G 219 -33.69 40.01 -23.59
C VAL G 219 -32.90 38.86 -23.00
N ASP G 220 -31.62 38.78 -23.37
CA ASP G 220 -30.80 37.68 -22.90
C ASP G 220 -29.35 38.13 -22.92
N ASP G 221 -28.50 37.38 -22.20
CA ASP G 221 -27.10 37.76 -22.09
C ASP G 221 -26.29 37.44 -23.34
N MET G 222 -26.51 36.31 -23.99
CA MET G 222 -25.70 36.02 -25.17
C MET G 222 -26.50 35.16 -26.13
N ALA G 223 -26.09 35.19 -27.39
CA ALA G 223 -26.60 34.29 -28.41
C ALA G 223 -25.42 33.66 -29.10
N ASP G 224 -25.23 32.36 -28.91
CA ASP G 224 -24.11 31.64 -29.52
C ASP G 224 -24.55 30.99 -30.83
N THR G 225 -25.46 30.04 -30.74
CA THR G 225 -26.02 29.38 -31.90
C THR G 225 -27.43 29.85 -32.21
N CYS G 226 -27.96 30.73 -31.36
CA CYS G 226 -29.26 31.36 -31.53
C CYS G 226 -30.41 30.35 -31.54
N GLY G 227 -30.19 29.15 -31.02
CA GLY G 227 -31.29 28.22 -30.84
C GLY G 227 -32.28 28.71 -29.80
N THR G 228 -31.77 29.27 -28.71
CA THR G 228 -32.64 29.73 -27.62
C THR G 228 -33.56 30.84 -28.09
N ILE G 229 -32.99 31.90 -28.68
CA ILE G 229 -33.83 33.01 -29.10
C ILE G 229 -34.73 32.63 -30.26
N CYS G 230 -34.29 31.72 -31.12
CA CYS G 230 -35.13 31.32 -32.24
C CYS G 230 -36.35 30.53 -31.76
N HIS G 231 -36.14 29.59 -30.84
CA HIS G 231 -37.29 28.88 -30.27
C HIS G 231 -38.21 29.83 -29.52
N ALA G 232 -37.63 30.76 -28.77
CA ALA G 232 -38.45 31.74 -28.06
C ALA G 232 -39.28 32.57 -29.02
N ALA G 233 -38.69 33.02 -30.12
CA ALA G 233 -39.43 33.81 -31.09
C ALA G 233 -40.52 32.99 -31.77
N ASP G 234 -40.23 31.72 -32.06
CA ASP G 234 -41.26 30.84 -32.61
C ASP G 234 -42.47 30.78 -31.69
N LYS G 235 -42.24 30.53 -30.39
CA LYS G 235 -43.36 30.48 -29.46
C LYS G 235 -44.06 31.83 -29.33
N LEU G 236 -43.30 32.92 -29.31
CA LEU G 236 -43.92 34.24 -29.21
C LEU G 236 -44.85 34.49 -30.37
N LEU G 237 -44.45 34.07 -31.57
CA LEU G 237 -45.35 34.22 -32.71
C LEU G 237 -46.51 33.24 -32.65
N SER G 238 -46.33 32.11 -31.98
CA SER G 238 -47.47 31.22 -31.76
C SER G 238 -48.55 31.89 -30.93
N ALA G 239 -48.15 32.66 -29.91
CA ALA G 239 -49.09 33.36 -29.05
C ALA G 239 -49.56 34.69 -29.66
N GLY G 240 -49.35 34.89 -30.96
CA GLY G 240 -49.95 36.01 -31.65
C GLY G 240 -49.34 37.36 -31.37
N ALA G 241 -48.11 37.43 -30.88
CA ALA G 241 -47.46 38.71 -30.70
C ALA G 241 -47.23 39.38 -32.06
N THR G 242 -47.34 40.70 -32.08
CA THR G 242 -47.28 41.42 -33.34
C THR G 242 -45.86 41.41 -33.91
N ARG G 243 -44.90 41.94 -33.17
CA ARG G 243 -43.51 41.96 -33.59
C ARG G 243 -42.64 41.44 -32.46
N VAL G 244 -41.50 40.85 -32.83
CA VAL G 244 -40.59 40.23 -31.88
C VAL G 244 -39.21 40.87 -32.03
N TYR G 245 -38.61 41.21 -30.91
CA TYR G 245 -37.27 41.78 -30.81
C TYR G 245 -36.40 40.89 -29.94
N ALA G 246 -35.13 40.79 -30.32
CA ALA G 246 -34.15 40.10 -29.49
C ALA G 246 -33.06 41.11 -29.14
N ILE G 247 -32.71 41.19 -27.86
CA ILE G 247 -31.66 42.09 -27.41
C ILE G 247 -30.66 41.29 -26.61
N LEU G 248 -29.38 41.46 -26.91
CA LEU G 248 -28.29 40.65 -26.37
C LEU G 248 -27.07 41.54 -26.13
N THR G 249 -26.35 41.24 -25.07
CA THR G 249 -25.11 42.00 -24.88
C THR G 249 -23.95 41.36 -25.62
N HIS G 250 -23.95 40.04 -25.81
CA HIS G 250 -22.86 39.35 -26.49
C HIS G 250 -23.41 38.60 -27.70
N GLY G 251 -23.08 39.09 -28.89
CA GLY G 251 -23.44 38.45 -30.13
C GLY G 251 -22.38 37.53 -30.69
N ILE G 252 -22.18 36.37 -30.08
CA ILE G 252 -21.15 35.45 -30.56
C ILE G 252 -21.45 34.99 -31.97
N PHE G 253 -22.70 34.57 -32.22
CA PHE G 253 -23.17 34.25 -33.57
C PHE G 253 -22.29 33.22 -34.25
N SER G 254 -22.17 32.06 -33.63
CA SER G 254 -21.32 31.02 -34.18
C SER G 254 -22.14 29.92 -34.85
N GLY G 255 -21.53 29.27 -35.83
CA GLY G 255 -22.16 28.16 -36.51
C GLY G 255 -23.38 28.55 -37.30
N PRO G 256 -24.51 27.92 -37.01
CA PRO G 256 -25.72 28.14 -37.82
C PRO G 256 -26.49 29.39 -37.42
N ALA G 257 -25.87 30.27 -36.65
CA ALA G 257 -26.60 31.39 -36.06
C ALA G 257 -27.13 32.33 -37.12
N ILE G 258 -26.31 32.68 -38.11
CA ILE G 258 -26.73 33.69 -39.08
C ILE G 258 -27.87 33.16 -39.94
N SER G 259 -27.78 31.91 -40.37
CA SER G 259 -28.86 31.31 -41.13
C SER G 259 -30.14 31.24 -40.31
N ARG G 260 -30.04 30.86 -39.04
CA ARG G 260 -31.23 30.80 -38.20
C ARG G 260 -31.87 32.17 -38.03
N ILE G 261 -31.06 33.21 -37.82
CA ILE G 261 -31.62 34.55 -37.66
C ILE G 261 -32.24 35.02 -38.95
N ASN G 262 -31.62 34.69 -40.08
CA ASN G 262 -32.19 35.08 -41.37
C ASN G 262 -33.51 34.38 -41.63
N ASN G 263 -33.63 33.12 -41.22
CA ASN G 263 -34.86 32.36 -41.40
C ASN G 263 -35.86 32.59 -40.28
N ALA G 264 -35.49 33.31 -39.23
CA ALA G 264 -36.39 33.54 -38.12
C ALA G 264 -37.32 34.71 -38.41
N CYS G 265 -38.09 35.09 -37.40
CA CYS G 265 -39.11 36.11 -37.52
C CYS G 265 -38.84 37.34 -36.64
N PHE G 266 -37.58 37.62 -36.32
CA PHE G 266 -37.27 38.79 -35.54
C PHE G 266 -37.49 40.06 -36.35
N GLU G 267 -37.99 41.09 -35.69
CA GLU G 267 -37.96 42.42 -36.31
C GLU G 267 -36.58 43.03 -36.20
N ALA G 268 -35.84 42.67 -35.16
CA ALA G 268 -34.46 43.11 -35.00
C ALA G 268 -33.78 42.21 -33.99
N VAL G 269 -32.49 41.96 -34.23
CA VAL G 269 -31.60 41.33 -33.27
C VAL G 269 -30.56 42.38 -32.92
N VAL G 270 -30.67 42.95 -31.74
CA VAL G 270 -29.79 44.01 -31.28
C VAL G 270 -28.75 43.39 -30.38
N VAL G 271 -27.48 43.74 -30.61
CA VAL G 271 -26.40 43.26 -29.78
C VAL G 271 -25.51 44.43 -29.41
N THR G 272 -24.79 44.27 -28.29
CA THR G 272 -23.81 45.32 -27.91
C THR G 272 -22.46 44.92 -28.53
N ASN G 273 -21.61 45.90 -28.83
CA ASN G 273 -20.34 45.65 -29.50
C ASN G 273 -19.26 45.18 -28.53
N THR G 274 -19.58 44.22 -27.67
CA THR G 274 -18.54 43.57 -26.90
C THR G 274 -17.75 42.60 -27.77
N ILE G 275 -18.32 42.21 -28.90
CA ILE G 275 -17.70 41.34 -29.88
C ILE G 275 -17.80 42.09 -31.21
N PRO G 276 -16.79 42.05 -32.06
CA PRO G 276 -16.92 42.69 -33.37
C PRO G 276 -18.05 42.07 -34.18
N GLN G 277 -18.87 42.91 -34.83
CA GLN G 277 -20.06 42.36 -35.54
C GLN G 277 -20.07 42.74 -37.02
N GLU G 278 -19.09 43.49 -37.50
CA GLU G 278 -19.09 43.97 -38.91
C GLU G 278 -19.33 42.80 -39.87
N ASP G 279 -18.58 41.70 -39.72
CA ASP G 279 -18.71 40.53 -40.57
C ASP G 279 -20.08 39.89 -40.44
N LYS G 280 -20.59 39.78 -39.22
CA LYS G 280 -21.92 39.20 -39.03
C LYS G 280 -23.00 40.10 -39.61
N MET G 281 -22.86 41.41 -39.44
CA MET G 281 -23.83 42.34 -40.02
C MET G 281 -23.78 42.30 -41.53
N LYS G 282 -22.67 41.85 -42.11
CA LYS G 282 -22.60 41.72 -43.57
C LYS G 282 -23.62 40.72 -44.08
N HIS G 283 -23.78 39.59 -43.41
CA HIS G 283 -24.62 38.50 -43.88
C HIS G 283 -25.97 38.42 -43.16
N CYS G 284 -26.32 39.41 -42.35
CA CYS G 284 -27.59 39.42 -41.64
C CYS G 284 -28.05 40.86 -41.51
N SER G 285 -29.11 41.23 -42.22
CA SER G 285 -29.51 42.62 -42.28
C SER G 285 -30.23 43.06 -41.01
N LYS G 286 -30.68 42.11 -40.19
CA LYS G 286 -31.48 42.45 -39.03
C LYS G 286 -30.66 42.55 -37.75
N ILE G 287 -29.33 42.49 -37.82
CA ILE G 287 -28.50 42.69 -36.65
C ILE G 287 -28.17 44.17 -36.51
N GLN G 288 -28.48 44.74 -35.35
CA GLN G 288 -28.13 46.10 -35.01
C GLN G 288 -27.18 46.07 -33.82
N VAL G 289 -26.36 47.11 -33.69
CA VAL G 289 -25.31 47.14 -32.69
C VAL G 289 -25.49 48.36 -31.78
N ILE G 290 -25.52 48.13 -30.48
CA ILE G 290 -25.47 49.17 -29.48
C ILE G 290 -24.02 49.40 -29.08
N ASP G 291 -23.57 50.64 -29.15
CA ASP G 291 -22.24 50.97 -28.66
C ASP G 291 -22.24 50.98 -27.13
N ILE G 292 -21.34 50.20 -26.54
CA ILE G 292 -21.10 50.24 -25.11
C ILE G 292 -19.71 50.73 -24.77
N SER G 293 -18.99 51.29 -25.75
CA SER G 293 -17.65 51.76 -25.49
C SER G 293 -17.62 52.90 -24.49
N MET G 294 -18.71 53.67 -24.39
CA MET G 294 -18.74 54.74 -23.41
C MET G 294 -18.79 54.19 -21.99
N ILE G 295 -19.54 53.11 -21.78
CA ILE G 295 -19.58 52.50 -20.45
C ILE G 295 -18.20 51.96 -20.07
N LEU G 296 -17.52 51.30 -21.00
CA LEU G 296 -16.19 50.77 -20.72
C LEU G 296 -15.19 51.89 -20.47
N ALA G 297 -15.23 52.94 -21.28
CA ALA G 297 -14.34 54.07 -21.08
C ALA G 297 -14.60 54.74 -19.73
N GLU G 298 -15.87 54.91 -19.37
CA GLU G 298 -16.22 55.52 -18.10
C GLU G 298 -15.76 54.65 -16.94
N ALA G 299 -15.90 53.33 -17.05
CA ALA G 299 -15.43 52.45 -15.99
C ALA G 299 -13.92 52.51 -15.85
N ILE G 300 -13.19 52.52 -16.97
CA ILE G 300 -11.74 52.62 -16.90
C ILE G 300 -11.34 53.92 -16.23
N ARG G 301 -11.97 55.02 -16.63
CA ARG G 301 -11.63 56.32 -16.10
C ARG G 301 -11.97 56.44 -14.62
N ARG G 302 -13.09 55.85 -14.20
CA ARG G 302 -13.49 55.91 -12.80
C ARG G 302 -12.63 55.02 -11.92
N THR G 303 -12.21 53.85 -12.41
CA THR G 303 -11.28 53.06 -11.63
C THR G 303 -9.93 53.75 -11.52
N HIS G 304 -9.50 54.43 -12.59
CA HIS G 304 -8.24 55.14 -12.51
C HIS G 304 -8.29 56.30 -11.52
N ASN G 305 -9.39 57.06 -11.54
CA ASN G 305 -9.50 58.23 -10.68
C ASN G 305 -10.03 57.90 -9.30
N GLY G 306 -10.37 56.65 -9.03
CA GLY G 306 -10.91 56.30 -7.72
C GLY G 306 -12.33 56.73 -7.48
N GLU G 307 -13.06 57.10 -8.52
CA GLU G 307 -14.46 57.46 -8.40
C GLU G 307 -15.33 56.20 -8.38
N SER G 308 -16.59 56.37 -7.99
CA SER G 308 -17.49 55.24 -7.87
C SER G 308 -17.80 54.63 -9.23
N VAL G 309 -17.64 53.32 -9.33
CA VAL G 309 -17.94 52.60 -10.56
C VAL G 309 -19.38 52.11 -10.57
N SER G 310 -19.91 51.81 -9.38
CA SER G 310 -21.30 51.32 -9.25
C SER G 310 -22.29 52.41 -9.68
N TYR G 311 -21.80 53.63 -9.86
CA TYR G 311 -22.67 54.73 -10.36
C TYR G 311 -23.19 54.33 -11.75
N LEU G 312 -22.31 53.74 -12.56
CA LEU G 312 -22.68 53.36 -13.95
C LEU G 312 -23.83 52.37 -13.97
N PHE G 313 -24.02 51.59 -12.89
CA PHE G 313 -25.07 50.57 -12.95
C PHE G 313 -26.43 51.17 -13.27
N SER G 314 -26.60 52.47 -13.05
CA SER G 314 -27.90 53.09 -13.24
C SER G 314 -27.88 54.32 -14.15
N HIS G 315 -26.73 54.70 -14.70
CA HIS G 315 -26.63 55.95 -15.45
C HIS G 315 -25.81 55.74 -16.71
N VAL G 316 -26.31 56.27 -17.82
CA VAL G 316 -25.58 56.30 -19.08
C VAL G 316 -24.62 57.48 -19.07
N PRO G 317 -23.31 57.27 -19.26
CA PRO G 317 -22.34 58.37 -19.29
C PRO G 317 -22.36 59.14 -20.59
N PRO H 2 -3.10 3.01 -6.66
CA PRO H 2 -3.25 3.88 -7.82
C PRO H 2 -2.71 3.26 -9.09
N ASN H 3 -3.50 3.28 -10.15
CA ASN H 3 -3.11 2.71 -11.43
C ASN H 3 -2.81 3.82 -12.44
N ILE H 4 -2.05 3.47 -13.45
CA ILE H 4 -1.71 4.41 -14.51
C ILE H 4 -2.92 4.64 -15.40
N LYS H 5 -3.25 5.89 -15.65
CA LYS H 5 -4.24 6.28 -16.65
C LYS H 5 -3.52 7.16 -17.66
N ILE H 6 -3.59 6.79 -18.93
CA ILE H 6 -2.95 7.54 -20.00
C ILE H 6 -4.06 8.24 -20.78
N PHE H 7 -4.01 9.56 -20.86
CA PHE H 7 -4.96 10.33 -21.63
C PHE H 7 -4.24 11.05 -22.74
N SER H 8 -4.88 11.12 -23.90
CA SER H 8 -4.32 11.77 -25.07
C SER H 8 -5.04 13.08 -25.31
N GLY H 9 -4.28 14.11 -25.62
CA GLY H 9 -4.85 15.29 -26.22
C GLY H 9 -5.05 15.10 -27.71
N SER H 10 -5.50 16.17 -28.36
CA SER H 10 -5.70 16.11 -29.80
C SER H 10 -4.41 16.28 -30.58
N SER H 11 -3.35 16.78 -29.96
CA SER H 11 -2.16 17.19 -30.72
C SER H 11 -1.46 15.99 -31.36
N HIS H 12 -1.17 14.95 -30.56
CA HIS H 12 -0.37 13.83 -31.04
C HIS H 12 -1.04 12.53 -30.56
N GLN H 13 -2.02 12.05 -31.30
CA GLN H 13 -2.73 10.85 -30.91
C GLN H 13 -1.93 9.59 -31.19
N ASP H 14 -1.11 9.60 -32.26
CA ASP H 14 -0.28 8.45 -32.57
C ASP H 14 0.74 8.20 -31.48
N LEU H 15 1.39 9.25 -30.99
CA LEU H 15 2.37 9.08 -29.93
C LEU H 15 1.73 8.52 -28.67
N SER H 16 0.55 9.04 -28.32
CA SER H 16 -0.15 8.55 -27.14
C SER H 16 -0.54 7.09 -27.29
N GLN H 17 -1.01 6.70 -28.46
CA GLN H 17 -1.36 5.30 -28.68
C GLN H 17 -0.13 4.41 -28.56
N LYS H 18 1.00 4.84 -29.12
CA LYS H 18 2.23 4.08 -28.99
C LYS H 18 2.64 3.93 -27.53
N ILE H 19 2.59 5.03 -26.78
CA ILE H 19 2.96 4.99 -25.37
C ILE H 19 2.05 4.03 -24.60
N ALA H 20 0.75 4.12 -24.85
CA ALA H 20 -0.19 3.22 -24.17
C ALA H 20 0.07 1.78 -24.54
N ASP H 21 0.43 1.52 -25.80
CA ASP H 21 0.78 0.17 -26.21
C ASP H 21 1.97 -0.36 -25.43
N ARG H 22 3.00 0.46 -25.26
CA ARG H 22 4.20 -0.04 -24.61
C ARG H 22 4.02 -0.17 -23.10
N LEU H 23 2.92 0.35 -22.57
CA LEU H 23 2.60 0.16 -21.16
C LEU H 23 1.55 -0.91 -20.94
N GLY H 24 1.07 -1.55 -22.00
CA GLY H 24 0.02 -2.52 -21.87
C GLY H 24 -1.30 -1.95 -21.39
N LEU H 25 -1.66 -0.76 -21.85
CA LEU H 25 -2.86 -0.09 -21.41
C LEU H 25 -3.69 0.36 -22.61
N GLU H 26 -4.93 0.72 -22.33
CA GLU H 26 -5.77 1.41 -23.28
C GLU H 26 -5.80 2.89 -22.93
N LEU H 27 -5.88 3.72 -23.95
CA LEU H 27 -5.99 5.16 -23.72
C LEU H 27 -7.25 5.46 -22.92
N GLY H 28 -7.14 6.40 -22.00
CA GLY H 28 -8.28 6.76 -21.18
C GLY H 28 -9.39 7.36 -22.01
N LYS H 29 -10.61 7.15 -21.56
CA LYS H 29 -11.78 7.60 -22.30
C LYS H 29 -11.99 9.09 -22.07
N VAL H 30 -11.64 9.90 -23.06
CA VAL H 30 -11.82 11.34 -22.96
C VAL H 30 -12.32 11.87 -24.30
N VAL H 31 -13.26 12.79 -24.22
CA VAL H 31 -13.78 13.48 -25.39
C VAL H 31 -13.21 14.90 -25.38
N THR H 32 -12.46 15.25 -26.42
CA THR H 32 -11.86 16.58 -26.55
C THR H 32 -12.32 17.16 -27.87
N LYS H 33 -13.26 18.09 -27.82
CA LYS H 33 -13.74 18.71 -29.04
C LYS H 33 -13.78 20.22 -28.91
N LYS H 34 -14.39 20.89 -29.87
CA LYS H 34 -14.60 22.32 -29.81
C LYS H 34 -16.09 22.61 -29.89
N PHE H 35 -16.56 23.53 -29.06
CA PHE H 35 -17.87 24.10 -29.28
C PHE H 35 -17.86 24.95 -30.54
N SER H 36 -19.04 25.43 -30.92
CA SER H 36 -19.16 26.22 -32.14
C SER H 36 -18.36 27.51 -32.06
N ASN H 37 -18.20 28.04 -30.86
CA ASN H 37 -17.50 29.30 -30.67
C ASN H 37 -16.01 29.11 -30.43
N GLN H 38 -15.43 27.99 -30.87
CA GLN H 38 -14.01 27.71 -30.77
C GLN H 38 -13.54 27.51 -29.33
N GLU H 39 -14.45 27.12 -28.45
CA GLU H 39 -14.09 26.87 -27.06
C GLU H 39 -13.80 25.40 -26.84
N THR H 40 -12.73 25.11 -26.12
CA THR H 40 -12.34 23.73 -25.85
C THR H 40 -13.35 23.06 -24.93
N CYS H 41 -13.82 21.88 -25.33
CA CYS H 41 -14.70 21.06 -24.52
C CYS H 41 -13.95 19.79 -24.17
N VAL H 42 -13.82 19.51 -22.88
CA VAL H 42 -13.13 18.32 -22.40
C VAL H 42 -14.08 17.58 -21.47
N GLU H 43 -14.24 16.29 -21.71
CA GLU H 43 -15.06 15.45 -20.86
C GLU H 43 -14.32 14.15 -20.59
N ILE H 44 -13.93 13.95 -19.34
CA ILE H 44 -13.32 12.69 -18.91
C ILE H 44 -14.43 11.66 -18.81
N GLY H 45 -14.36 10.62 -19.63
CA GLY H 45 -15.39 9.61 -19.69
C GLY H 45 -15.26 8.48 -18.72
N GLU H 46 -14.21 8.48 -17.90
CA GLU H 46 -14.04 7.44 -16.90
C GLU H 46 -13.56 8.08 -15.61
N SER H 47 -13.89 7.45 -14.50
CA SER H 47 -13.45 7.93 -13.20
C SER H 47 -11.93 7.84 -13.10
N VAL H 48 -11.31 8.92 -12.63
CA VAL H 48 -9.88 8.95 -12.39
C VAL H 48 -9.58 9.07 -10.90
N ARG H 49 -10.58 8.83 -10.06
CA ARG H 49 -10.44 9.04 -8.63
C ARG H 49 -9.37 8.13 -8.05
N GLY H 50 -8.37 8.73 -7.42
CA GLY H 50 -7.29 7.96 -6.81
C GLY H 50 -6.34 7.32 -7.79
N GLU H 51 -6.28 7.79 -9.02
CA GLU H 51 -5.45 7.19 -10.05
C GLU H 51 -4.24 8.06 -10.34
N ASP H 52 -3.28 7.47 -11.04
CA ASP H 52 -2.06 8.16 -11.47
C ASP H 52 -2.23 8.55 -12.93
N VAL H 53 -2.69 9.77 -13.16
CA VAL H 53 -3.10 10.23 -14.49
C VAL H 53 -1.90 10.82 -15.21
N TYR H 54 -1.70 10.40 -16.46
CA TYR H 54 -0.69 10.97 -17.34
C TYR H 54 -1.38 11.48 -18.59
N ILE H 55 -1.20 12.76 -18.89
CA ILE H 55 -1.82 13.38 -20.05
C ILE H 55 -0.71 13.67 -21.05
N VAL H 56 -0.85 13.13 -22.26
CA VAL H 56 0.14 13.28 -23.30
C VAL H 56 -0.36 14.35 -24.27
N GLN H 57 0.43 15.41 -24.42
CA GLN H 57 0.05 16.53 -25.28
C GLN H 57 1.34 17.26 -25.64
N SER H 58 1.57 17.48 -26.92
CA SER H 58 2.79 18.13 -27.35
C SER H 58 2.51 19.54 -27.84
N GLY H 59 3.46 20.43 -27.57
CA GLY H 59 3.32 21.82 -27.98
C GLY H 59 3.57 22.00 -29.46
N CYS H 60 2.64 21.51 -30.27
CA CYS H 60 2.77 21.50 -31.71
C CYS H 60 1.43 21.89 -32.32
N GLY H 61 1.40 21.91 -33.65
CA GLY H 61 0.16 22.21 -34.34
C GLY H 61 -0.35 23.59 -33.99
N GLU H 62 -1.64 23.68 -33.72
CA GLU H 62 -2.25 24.91 -33.22
C GLU H 62 -1.94 25.00 -31.74
N ILE H 63 -0.90 25.77 -31.41
CA ILE H 63 -0.24 25.64 -30.12
C ILE H 63 -1.13 26.13 -28.98
N ASN H 64 -1.78 27.27 -29.15
CA ASN H 64 -2.58 27.81 -28.05
C ASN H 64 -3.77 26.90 -27.78
N ASP H 65 -4.34 26.32 -28.82
CA ASP H 65 -5.48 25.43 -28.65
C ASP H 65 -5.06 24.17 -27.90
N ASN H 66 -3.92 23.60 -28.27
CA ASN H 66 -3.43 22.41 -27.60
C ASN H 66 -3.07 22.70 -26.16
N LEU H 67 -2.46 23.85 -25.89
CA LEU H 67 -2.11 24.19 -24.52
C LEU H 67 -3.36 24.39 -23.67
N MET H 68 -4.37 25.04 -24.22
CA MET H 68 -5.61 25.21 -23.48
C MET H 68 -6.27 23.87 -23.20
N GLU H 69 -6.29 22.98 -24.19
CA GLU H 69 -6.82 21.64 -23.98
C GLU H 69 -6.06 20.92 -22.88
N LEU H 70 -4.73 21.04 -22.88
CA LEU H 70 -3.93 20.38 -21.86
C LEU H 70 -4.23 20.92 -20.48
N LEU H 71 -4.30 22.23 -20.34
CA LEU H 71 -4.60 22.82 -19.03
C LEU H 71 -5.98 22.41 -18.55
N ILE H 72 -6.96 22.40 -19.46
CA ILE H 72 -8.31 22.04 -19.09
C ILE H 72 -8.39 20.58 -18.67
N MET H 73 -7.67 19.69 -19.37
CA MET H 73 -7.63 18.29 -18.97
C MET H 73 -6.96 18.12 -17.61
N ILE H 74 -5.86 18.82 -17.38
CA ILE H 74 -5.19 18.73 -16.09
C ILE H 74 -6.13 19.16 -14.97
N ASN H 75 -6.82 20.29 -15.16
CA ASN H 75 -7.72 20.77 -14.13
C ASN H 75 -8.89 19.82 -13.93
N ALA H 76 -9.41 19.24 -15.02
CA ALA H 76 -10.51 18.29 -14.92
C ALA H 76 -10.10 17.07 -14.11
N CYS H 77 -8.90 16.54 -14.36
CA CYS H 77 -8.46 15.38 -13.60
C CYS H 77 -8.14 15.75 -12.16
N LYS H 78 -7.66 16.97 -11.93
CA LYS H 78 -7.34 17.39 -10.57
C LYS H 78 -8.60 17.54 -9.71
N ILE H 79 -9.65 18.17 -10.23
CA ILE H 79 -10.86 18.30 -9.44
C ILE H 79 -11.75 17.08 -9.54
N ALA H 80 -11.36 16.07 -10.31
CA ALA H 80 -11.99 14.77 -10.27
C ALA H 80 -11.27 13.82 -9.31
N SER H 81 -10.40 14.35 -8.46
CA SER H 81 -9.78 13.63 -7.35
C SER H 81 -8.79 12.57 -7.81
N ALA H 82 -8.06 12.86 -8.87
CA ALA H 82 -6.92 12.03 -9.21
C ALA H 82 -5.85 12.19 -8.14
N SER H 83 -5.18 11.08 -7.81
CA SER H 83 -4.14 11.15 -6.79
C SER H 83 -2.98 12.03 -7.25
N ARG H 84 -2.63 11.94 -8.53
CA ARG H 84 -1.50 12.66 -9.07
C ARG H 84 -1.72 12.85 -10.56
N VAL H 85 -1.42 14.05 -11.06
CA VAL H 85 -1.59 14.39 -12.47
C VAL H 85 -0.23 14.79 -13.02
N THR H 86 0.17 14.12 -14.10
CA THR H 86 1.43 14.39 -14.77
C THR H 86 1.16 14.83 -16.19
N ALA H 87 1.79 15.93 -16.60
CA ALA H 87 1.70 16.41 -17.96
C ALA H 87 2.90 15.88 -18.74
N VAL H 88 2.65 15.03 -19.71
CA VAL H 88 3.69 14.51 -20.59
C VAL H 88 3.69 15.40 -21.81
N ILE H 89 4.70 16.28 -21.90
CA ILE H 89 4.73 17.33 -22.92
C ILE H 89 5.99 17.13 -23.74
N PRO H 90 5.96 16.29 -24.77
CA PRO H 90 7.21 15.97 -25.49
C PRO H 90 7.91 17.18 -26.08
N CYS H 91 7.16 18.13 -26.64
CA CYS H 91 7.73 19.40 -27.08
C CYS H 91 7.07 20.51 -26.26
N PHE H 92 7.87 21.21 -25.47
CA PHE H 92 7.32 22.19 -24.54
C PHE H 92 6.92 23.46 -25.28
N PRO H 93 5.68 23.90 -25.16
CA PRO H 93 5.26 25.12 -25.87
C PRO H 93 5.86 26.37 -25.26
N TYR H 94 6.20 27.31 -26.14
CA TYR H 94 6.81 28.59 -25.78
C TYR H 94 8.17 28.44 -25.13
N ALA H 95 8.83 27.30 -25.35
CA ALA H 95 10.13 27.07 -24.72
C ALA H 95 11.18 28.06 -25.20
N ARG H 96 11.02 28.60 -26.41
CA ARG H 96 11.99 29.57 -26.90
C ARG H 96 11.80 30.95 -26.33
N GLN H 97 10.71 31.20 -25.62
CA GLN H 97 10.52 32.46 -24.90
C GLN H 97 11.02 32.34 -23.48
N ASP H 98 12.31 32.04 -23.33
CA ASP H 98 12.88 31.75 -22.02
C ASP H 98 13.63 32.92 -21.42
N LYS H 99 13.75 34.05 -22.11
CA LYS H 99 14.55 35.14 -21.60
C LYS H 99 14.07 36.44 -22.22
N LYS H 100 14.43 37.55 -21.58
CA LYS H 100 14.03 38.87 -22.04
C LYS H 100 15.05 39.48 -22.99
N ASP H 101 16.29 39.63 -22.53
CA ASP H 101 17.43 39.98 -23.38
C ASP H 101 17.21 41.35 -24.05
N LYS H 102 17.18 42.38 -23.21
CA LYS H 102 17.17 43.78 -23.66
C LYS H 102 15.91 44.12 -24.43
N SER H 103 14.79 43.49 -24.09
CA SER H 103 13.51 43.77 -24.74
C SER H 103 12.41 43.69 -23.71
N ARG H 104 11.34 44.44 -23.95
CA ARG H 104 10.16 44.41 -23.08
C ARG H 104 9.28 43.23 -23.48
N ALA H 105 9.92 42.07 -23.54
CA ALA H 105 9.28 40.86 -24.00
C ALA H 105 8.86 40.00 -22.82
N PRO H 106 7.75 39.30 -22.93
CA PRO H 106 7.36 38.36 -21.88
C PRO H 106 8.21 37.10 -21.94
N ILE H 107 8.48 36.56 -20.77
CA ILE H 107 9.09 35.24 -20.66
C ILE H 107 7.92 34.28 -20.68
N SER H 108 7.47 33.94 -21.89
CA SER H 108 6.24 33.18 -22.04
C SER H 108 6.37 31.77 -21.50
N ALA H 109 7.58 31.21 -21.51
CA ALA H 109 7.78 29.87 -20.97
C ALA H 109 7.48 29.84 -19.47
N LYS H 110 7.87 30.90 -18.76
CA LYS H 110 7.55 30.97 -17.34
C LYS H 110 6.04 31.08 -17.13
N LEU H 111 5.36 31.83 -18.00
CA LEU H 111 3.91 31.92 -17.91
C LEU H 111 3.26 30.57 -18.13
N VAL H 112 3.76 29.80 -19.09
CA VAL H 112 3.23 28.46 -19.35
C VAL H 112 3.47 27.56 -18.15
N ALA H 113 4.66 27.66 -17.54
CA ALA H 113 4.92 26.87 -16.34
C ALA H 113 3.97 27.24 -15.21
N ASN H 114 3.72 28.54 -15.03
CA ASN H 114 2.80 28.99 -13.99
C ASN H 114 1.39 28.49 -14.25
N MET H 115 0.95 28.51 -15.50
CA MET H 115 -0.39 28.05 -15.82
C MET H 115 -0.51 26.54 -15.63
N LEU H 116 0.55 25.78 -15.96
CA LEU H 116 0.53 24.35 -15.70
C LEU H 116 0.48 24.07 -14.21
N SER H 117 1.20 24.86 -13.42
CA SER H 117 1.16 24.67 -11.97
C SER H 117 -0.21 25.00 -11.40
N VAL H 118 -0.83 26.08 -11.86
CA VAL H 118 -2.12 26.48 -11.29
C VAL H 118 -3.26 25.61 -11.81
N ALA H 119 -3.11 24.97 -12.97
CA ALA H 119 -4.08 23.98 -13.39
C ALA H 119 -4.04 22.75 -12.50
N GLY H 120 -2.91 22.46 -11.89
CA GLY H 120 -2.83 21.40 -10.90
C GLY H 120 -1.87 20.29 -11.25
N ALA H 121 -0.98 20.51 -12.20
CA ALA H 121 0.00 19.50 -12.55
C ALA H 121 0.98 19.29 -11.40
N ASP H 122 1.25 18.04 -11.07
CA ASP H 122 2.20 17.70 -10.04
C ASP H 122 3.56 17.30 -10.58
N HIS H 123 3.64 16.99 -11.87
CA HIS H 123 4.84 16.46 -12.47
C HIS H 123 4.81 16.76 -13.95
N ILE H 124 5.97 17.11 -14.49
CA ILE H 124 6.14 17.36 -15.91
C ILE H 124 7.17 16.38 -16.44
N ILE H 125 6.83 15.72 -17.54
CA ILE H 125 7.79 14.92 -18.31
C ILE H 125 7.88 15.56 -19.69
N THR H 126 9.09 15.93 -20.07
CA THR H 126 9.33 16.59 -21.34
C THR H 126 10.61 16.04 -21.94
N MET H 127 10.84 16.34 -23.22
CA MET H 127 11.99 15.81 -23.95
C MET H 127 12.77 16.95 -24.57
N ASP H 128 14.06 17.03 -24.23
CA ASP H 128 14.99 17.98 -24.83
C ASP H 128 14.43 19.41 -24.77
N LEU H 129 14.29 19.91 -23.55
CA LEU H 129 13.91 21.30 -23.35
C LEU H 129 14.90 22.21 -24.06
N HIS H 130 14.38 23.29 -24.65
CA HIS H 130 15.24 24.21 -25.39
C HIS H 130 16.30 24.80 -24.49
N ALA H 131 15.94 25.18 -23.28
CA ALA H 131 16.88 25.58 -22.26
C ALA H 131 16.63 24.76 -21.02
N SER H 132 17.68 24.19 -20.44
CA SER H 132 17.53 23.43 -19.21
C SER H 132 17.02 24.30 -18.06
N GLN H 133 17.28 25.60 -18.09
CA GLN H 133 16.82 26.48 -17.03
C GLN H 133 15.30 26.52 -16.93
N ILE H 134 14.59 26.05 -17.95
CA ILE H 134 13.14 25.98 -17.86
C ILE H 134 12.72 25.04 -16.75
N GLN H 135 13.56 24.07 -16.40
CA GLN H 135 13.26 23.22 -15.25
C GLN H 135 13.11 24.06 -13.98
N GLY H 136 13.86 25.16 -13.89
CA GLY H 136 13.74 26.07 -12.77
C GLY H 136 12.52 26.96 -12.81
N PHE H 137 11.82 27.03 -13.94
CA PHE H 137 10.58 27.80 -14.01
C PHE H 137 9.47 27.17 -13.20
N PHE H 138 9.55 25.88 -12.92
CA PHE H 138 8.54 25.17 -12.15
C PHE H 138 8.97 25.04 -10.70
N ASP H 139 7.98 24.87 -9.83
CA ASP H 139 8.24 24.45 -8.47
C ASP H 139 7.91 22.98 -8.23
N ILE H 140 7.43 22.28 -9.25
CA ILE H 140 7.16 20.84 -9.19
C ILE H 140 8.33 20.12 -9.87
N PRO H 141 8.48 18.82 -9.68
CA PRO H 141 9.54 18.11 -10.38
C PRO H 141 9.30 18.08 -11.88
N VAL H 142 10.38 18.23 -12.64
CA VAL H 142 10.34 18.17 -14.10
C VAL H 142 11.41 17.17 -14.54
N ASP H 143 11.02 16.18 -15.32
CA ASP H 143 11.94 15.20 -15.88
C ASP H 143 12.19 15.59 -17.33
N ASN H 144 13.44 15.92 -17.64
CA ASN H 144 13.82 16.39 -18.96
C ASN H 144 14.59 15.28 -19.65
N LEU H 145 13.88 14.45 -20.41
CA LEU H 145 14.49 13.34 -21.11
C LEU H 145 15.30 13.81 -22.30
N TYR H 146 16.22 12.95 -22.75
CA TYR H 146 17.10 13.26 -23.85
C TYR H 146 16.88 12.26 -24.97
N ALA H 147 16.87 12.74 -26.20
CA ALA H 147 16.77 11.86 -27.34
C ALA H 147 18.12 11.28 -27.74
N GLU H 148 19.19 11.68 -27.07
CA GLU H 148 20.53 11.23 -27.43
C GLU H 148 20.68 9.72 -27.55
N PRO H 149 20.16 8.89 -26.63
CA PRO H 149 20.27 7.43 -26.85
C PRO H 149 19.70 6.98 -28.19
N ALA H 150 18.48 7.40 -28.51
CA ALA H 150 17.87 7.03 -29.79
C ALA H 150 18.62 7.63 -30.96
N VAL H 151 19.17 8.83 -30.79
CA VAL H 151 19.92 9.45 -31.86
C VAL H 151 21.18 8.66 -32.17
N LEU H 152 21.92 8.26 -31.13
CA LEU H 152 23.12 7.45 -31.32
C LEU H 152 22.78 6.11 -31.96
N LYS H 153 21.68 5.50 -31.52
CA LYS H 153 21.25 4.25 -32.14
C LYS H 153 21.00 4.44 -33.62
N TRP H 154 20.29 5.50 -34.00
CA TRP H 154 20.03 5.75 -35.41
C TRP H 154 21.32 6.00 -36.18
N ILE H 155 22.24 6.79 -35.61
CA ILE H 155 23.48 7.09 -36.29
C ILE H 155 24.27 5.81 -36.55
N ARG H 156 24.36 4.95 -35.54
CA ARG H 156 25.12 3.71 -35.69
C ARG H 156 24.47 2.77 -36.69
N GLU H 157 23.14 2.70 -36.71
CA GLU H 157 22.49 1.77 -37.62
C GLU H 157 22.18 2.37 -38.98
N ASN H 158 22.56 3.62 -39.25
CA ASN H 158 22.19 4.25 -40.51
C ASN H 158 23.34 4.94 -41.23
N ILE H 159 24.44 5.25 -40.56
CA ILE H 159 25.57 5.91 -41.19
C ILE H 159 26.76 4.96 -41.08
N SER H 160 27.03 4.21 -42.15
CA SER H 160 28.06 3.18 -42.11
C SER H 160 29.44 3.78 -41.83
N GLU H 161 29.62 5.07 -42.12
CA GLU H 161 30.89 5.75 -41.93
C GLU H 161 30.94 6.52 -40.61
N TRP H 162 30.21 6.06 -39.59
CA TRP H 162 30.02 6.87 -38.40
C TRP H 162 31.26 6.90 -37.52
N ARG H 163 32.22 6.00 -37.72
CA ARG H 163 33.43 6.04 -36.91
C ARG H 163 34.38 7.14 -37.35
N ASN H 164 34.26 7.62 -38.60
CA ASN H 164 35.08 8.70 -39.11
C ASN H 164 34.27 9.98 -39.29
N CYS H 165 32.99 9.96 -38.95
CA CYS H 165 32.09 11.08 -39.21
C CYS H 165 32.41 12.26 -38.31
N THR H 166 31.60 13.30 -38.44
CA THR H 166 31.74 14.53 -37.66
C THR H 166 30.39 14.93 -37.10
N ILE H 167 30.39 15.44 -35.88
CA ILE H 167 29.17 15.93 -35.25
C ILE H 167 29.26 17.45 -35.15
N VAL H 168 28.37 18.14 -35.84
CA VAL H 168 28.46 19.58 -36.06
C VAL H 168 27.29 20.25 -35.37
N SER H 169 27.55 21.36 -34.73
CA SER H 169 26.47 22.14 -34.15
C SER H 169 26.10 23.28 -35.10
N PRO H 170 24.81 23.57 -35.29
CA PRO H 170 24.44 24.66 -36.20
C PRO H 170 24.70 26.03 -35.62
N ASP H 171 24.69 26.17 -34.30
CA ASP H 171 24.96 27.45 -33.68
C ASP H 171 25.82 27.20 -32.44
N ALA H 172 26.20 28.31 -31.78
CA ALA H 172 26.96 28.18 -30.54
C ALA H 172 26.16 27.49 -29.45
N GLY H 173 24.86 27.78 -29.34
CA GLY H 173 24.09 27.29 -28.21
C GLY H 173 23.87 25.79 -28.22
N GLY H 174 24.23 25.13 -29.32
CA GLY H 174 24.09 23.69 -29.40
C GLY H 174 25.33 22.89 -29.05
N ALA H 175 26.33 23.53 -28.45
CA ALA H 175 27.63 22.90 -28.29
C ALA H 175 27.57 21.67 -27.38
N LYS H 176 26.87 21.78 -26.25
CA LYS H 176 26.92 20.72 -25.26
C LYS H 176 26.37 19.41 -25.80
N ARG H 177 25.25 19.48 -26.52
CA ARG H 177 24.59 18.29 -27.02
C ARG H 177 25.48 17.55 -28.02
N VAL H 178 26.09 18.29 -28.94
CA VAL H 178 26.94 17.66 -29.94
C VAL H 178 28.20 17.11 -29.31
N THR H 179 28.74 17.81 -28.30
CA THR H 179 29.92 17.28 -27.63
C THR H 179 29.61 15.97 -26.92
N SER H 180 28.44 15.89 -26.27
CA SER H 180 28.05 14.63 -25.63
C SER H 180 27.91 13.53 -26.66
N ILE H 181 27.26 13.82 -27.79
CA ILE H 181 27.08 12.82 -28.84
C ILE H 181 28.43 12.34 -29.35
N ALA H 182 29.34 13.28 -29.62
CA ALA H 182 30.66 12.93 -30.11
C ALA H 182 31.41 12.08 -29.10
N ASP H 183 31.34 12.43 -27.83
CA ASP H 183 32.02 11.65 -26.80
C ASP H 183 31.50 10.23 -26.76
N ARG H 184 30.18 10.05 -26.77
CA ARG H 184 29.64 8.71 -26.76
C ARG H 184 29.94 7.94 -28.04
N LEU H 185 30.15 8.62 -29.16
CA LEU H 185 30.56 7.95 -30.39
C LEU H 185 32.07 7.89 -30.57
N ASN H 186 32.83 8.69 -29.82
CA ASN H 186 34.27 8.82 -30.01
C ASN H 186 34.59 9.26 -31.44
N VAL H 187 34.12 10.46 -31.78
CA VAL H 187 34.34 11.05 -33.09
C VAL H 187 34.76 12.50 -32.90
N ASP H 188 35.33 13.06 -33.95
CA ASP H 188 35.66 14.47 -33.96
C ASP H 188 34.39 15.29 -34.10
N PHE H 189 34.38 16.46 -33.47
CA PHE H 189 33.20 17.31 -33.51
C PHE H 189 33.57 18.70 -34.01
N ALA H 190 32.93 19.10 -35.10
CA ALA H 190 33.12 20.40 -35.70
C ALA H 190 32.14 21.39 -35.08
N LEU H 191 32.29 22.66 -35.45
CA LEU H 191 31.35 23.69 -35.04
C LEU H 191 31.12 24.68 -36.17
N ILE H 192 29.98 25.35 -36.11
CA ILE H 192 29.56 26.31 -37.12
C ILE H 192 28.95 27.51 -36.41
N HIS H 193 29.31 28.71 -36.86
CA HIS H 193 28.55 29.88 -36.42
C HIS H 193 28.67 30.98 -37.46
N LYS H 194 27.60 31.76 -37.61
CA LYS H 194 27.58 32.84 -38.57
C LYS H 194 28.40 34.01 -38.05
N GLU H 195 28.75 34.92 -38.95
CA GLU H 195 29.51 36.11 -38.59
C GLU H 195 28.65 37.36 -38.69
N ASP H 203 26.21 37.61 -42.92
CA ASP H 203 25.59 36.60 -43.77
C ASP H 203 26.51 35.41 -43.99
N ARG H 204 27.75 35.52 -43.51
CA ARG H 204 28.73 34.45 -43.64
C ARG H 204 28.81 33.65 -42.35
N MET H 205 29.28 32.41 -42.48
CA MET H 205 29.52 31.53 -41.35
C MET H 205 30.91 30.91 -41.45
N VAL H 206 31.44 30.53 -40.29
CA VAL H 206 32.73 29.85 -40.19
C VAL H 206 32.50 28.48 -39.58
N LEU H 207 33.13 27.48 -40.18
CA LEU H 207 33.14 26.10 -39.72
C LEU H 207 34.54 25.74 -39.26
N VAL H 208 34.64 25.18 -38.05
CA VAL H 208 35.90 24.78 -37.45
C VAL H 208 35.87 23.27 -37.26
N GLY H 209 36.90 22.60 -37.77
CA GLY H 209 36.94 21.14 -37.69
C GLY H 209 36.99 20.54 -39.08
N ASP H 210 37.95 19.64 -39.29
CA ASP H 210 38.17 19.06 -40.60
C ASP H 210 37.00 18.19 -41.01
N VAL H 211 36.45 18.45 -42.20
CA VAL H 211 35.27 17.75 -42.68
C VAL H 211 35.44 17.21 -44.09
N LYS H 212 36.54 17.53 -44.76
CA LYS H 212 36.72 17.09 -46.15
C LYS H 212 36.69 15.57 -46.24
N ASP H 213 35.93 15.07 -47.22
CA ASP H 213 35.69 13.65 -47.44
C ASP H 213 35.06 12.96 -46.25
N ARG H 214 34.65 13.72 -45.24
CA ARG H 214 34.04 13.19 -44.02
C ARG H 214 32.58 13.63 -43.96
N VAL H 215 31.73 12.69 -43.54
CA VAL H 215 30.32 12.98 -43.36
C VAL H 215 30.16 13.95 -42.20
N ALA H 216 29.40 15.02 -42.43
CA ALA H 216 29.02 15.95 -41.37
C ALA H 216 27.63 15.57 -40.86
N ILE H 217 27.45 15.69 -39.55
CA ILE H 217 26.16 15.41 -38.91
C ILE H 217 25.78 16.65 -38.13
N LEU H 218 24.85 17.43 -38.66
CA LEU H 218 24.26 18.50 -37.87
C LEU H 218 23.34 17.90 -36.81
N VAL H 219 23.54 18.31 -35.57
CA VAL H 219 22.69 17.89 -34.46
C VAL H 219 22.19 19.14 -33.78
N ASP H 220 20.88 19.21 -33.58
CA ASP H 220 20.28 20.39 -32.98
C ASP H 220 18.98 19.99 -32.31
N ASP H 221 18.50 20.86 -31.42
CA ASP H 221 17.28 20.55 -30.67
C ASP H 221 16.01 20.71 -31.49
N MET H 222 15.89 21.73 -32.33
CA MET H 222 14.66 21.86 -33.09
C MET H 222 14.95 22.55 -34.40
N ALA H 223 14.03 22.34 -35.36
CA ALA H 223 14.04 23.06 -36.62
C ALA H 223 12.65 23.63 -36.83
N ASP H 224 12.52 24.95 -36.77
CA ASP H 224 11.22 25.60 -36.94
C ASP H 224 11.05 26.04 -38.40
N THR H 225 11.88 26.96 -38.85
CA THR H 225 11.87 27.43 -40.22
C THR H 225 13.03 26.86 -41.01
N CYS H 226 13.90 26.10 -40.36
CA CYS H 226 15.03 25.42 -40.96
C CYS H 226 16.03 26.37 -41.61
N GLY H 227 16.01 27.65 -41.22
CA GLY H 227 17.05 28.55 -41.67
C GLY H 227 18.40 28.19 -41.09
N THR H 228 18.42 27.81 -39.82
CA THR H 228 19.68 27.50 -39.15
C THR H 228 20.35 26.29 -39.79
N ILE H 229 19.62 25.19 -39.94
CA ILE H 229 20.24 23.99 -40.49
C ILE H 229 20.55 24.18 -41.95
N CYS H 230 19.76 24.95 -42.68
CA CYS H 230 20.04 25.15 -44.09
C CYS H 230 21.31 25.97 -44.30
N HIS H 231 21.49 27.04 -43.52
CA HIS H 231 22.74 27.79 -43.61
C HIS H 231 23.93 26.93 -43.19
N ALA H 232 23.75 26.13 -42.13
CA ALA H 232 24.83 25.26 -41.70
C ALA H 232 25.20 24.26 -42.79
N ALA H 233 24.21 23.67 -43.45
CA ALA H 233 24.50 22.73 -44.52
C ALA H 233 25.17 23.41 -45.71
N ASP H 234 24.75 24.63 -46.03
CA ASP H 234 25.42 25.38 -47.09
C ASP H 234 26.90 25.53 -46.79
N LYS H 235 27.23 25.97 -45.58
CA LYS H 235 28.64 26.13 -45.22
C LYS H 235 29.36 24.80 -45.21
N LEU H 236 28.72 23.74 -44.70
CA LEU H 236 29.38 22.44 -44.67
C LEU H 236 29.73 21.97 -46.08
N LEU H 237 28.85 22.24 -47.04
CA LEU H 237 29.18 21.88 -48.42
C LEU H 237 30.22 22.82 -49.01
N SER H 238 30.31 24.05 -48.49
CA SER H 238 31.40 24.93 -48.92
C SER H 238 32.75 24.34 -48.53
N ALA H 239 32.85 23.75 -47.33
CA ALA H 239 34.08 23.15 -46.86
C ALA H 239 34.30 21.74 -47.40
N GLY H 240 33.57 21.36 -48.44
CA GLY H 240 33.87 20.13 -49.15
C GLY H 240 33.47 18.85 -48.45
N ALA H 241 32.57 18.90 -47.48
CA ALA H 241 32.09 17.67 -46.85
C ALA H 241 31.33 16.83 -47.86
N THR H 242 31.48 15.51 -47.74
CA THR H 242 30.90 14.61 -48.73
C THR H 242 29.38 14.59 -48.65
N ARG H 243 28.84 14.20 -47.50
CA ARG H 243 27.40 14.16 -47.27
C ARG H 243 27.08 14.88 -45.98
N VAL H 244 25.87 15.43 -45.91
CA VAL H 244 25.43 16.22 -44.77
C VAL H 244 24.14 15.61 -44.23
N TYR H 245 24.08 15.46 -42.92
CA TYR H 245 22.93 14.96 -42.18
C TYR H 245 22.48 16.01 -41.17
N ALA H 246 21.17 16.08 -40.98
CA ALA H 246 20.60 16.92 -39.92
C ALA H 246 19.82 16.02 -39.00
N ILE H 247 20.03 16.13 -37.70
CA ILE H 247 19.30 15.34 -36.72
C ILE H 247 18.71 16.28 -35.69
N LEU H 248 17.43 16.11 -35.40
CA LEU H 248 16.65 17.02 -34.57
C LEU H 248 15.68 16.22 -33.71
N THR H 249 15.46 16.69 -32.50
CA THR H 249 14.45 16.02 -31.70
C THR H 249 13.06 16.59 -31.95
N HIS H 250 12.94 17.86 -32.32
CA HIS H 250 11.64 18.47 -32.58
C HIS H 250 11.60 19.01 -34.00
N GLY H 251 10.81 18.36 -34.85
CA GLY H 251 10.59 18.81 -36.20
C GLY H 251 9.36 19.66 -36.38
N ILE H 252 9.40 20.91 -35.92
CA ILE H 252 8.23 21.78 -36.05
C ILE H 252 7.89 22.02 -37.51
N PHE H 253 8.89 22.35 -38.32
CA PHE H 253 8.75 22.46 -39.78
C PHE H 253 7.62 23.40 -40.16
N SER H 254 7.74 24.65 -39.75
CA SER H 254 6.69 25.62 -40.02
C SER H 254 7.12 26.58 -41.12
N GLY H 255 6.14 27.10 -41.84
CA GLY H 255 6.38 28.08 -42.87
C GLY H 255 7.16 27.53 -44.05
N PRO H 256 8.28 28.16 -44.36
CA PRO H 256 9.05 27.78 -45.56
C PRO H 256 9.95 26.58 -45.34
N ALA H 257 9.75 25.85 -44.26
CA ALA H 257 10.70 24.81 -43.88
C ALA H 257 10.77 23.70 -44.92
N ILE H 258 9.61 23.23 -45.40
CA ILE H 258 9.62 22.08 -46.30
C ILE H 258 10.26 22.43 -47.63
N SER H 259 9.96 23.62 -48.16
CA SER H 259 10.60 24.06 -49.39
C SER H 259 12.10 24.20 -49.21
N ARG H 260 12.53 24.77 -48.08
CA ARG H 260 13.96 24.91 -47.84
C ARG H 260 14.66 23.56 -47.77
N ILE H 261 14.04 22.59 -47.08
CA ILE H 261 14.66 21.28 -46.96
C ILE H 261 14.70 20.60 -48.32
N ASN H 262 13.65 20.77 -49.12
CA ASN H 262 13.63 20.19 -50.45
C ASN H 262 14.69 20.79 -51.35
N ASN H 263 14.93 22.10 -51.22
CA ASN H 263 15.94 22.78 -52.01
C ASN H 263 17.33 22.69 -51.40
N ALA H 264 17.46 22.14 -50.20
CA ALA H 264 18.75 22.05 -49.56
C ALA H 264 19.51 20.82 -50.03
N CYS H 265 20.66 20.57 -49.39
CA CYS H 265 21.56 19.50 -49.78
C CYS H 265 21.72 18.43 -48.71
N PHE H 266 20.73 18.26 -47.85
CA PHE H 266 20.83 17.21 -46.83
C PHE H 266 20.71 15.84 -47.47
N GLU H 267 21.49 14.89 -46.95
CA GLU H 267 21.25 13.50 -47.30
C GLU H 267 20.07 12.95 -46.52
N ALA H 268 19.82 13.48 -45.33
CA ALA H 268 18.66 13.13 -44.53
C ALA H 268 18.43 14.18 -43.47
N VAL H 269 17.16 14.43 -43.18
CA VAL H 269 16.75 15.22 -42.03
C VAL H 269 15.99 14.27 -41.13
N VAL H 270 16.60 13.88 -40.03
CA VAL H 270 16.03 12.93 -39.11
C VAL H 270 15.44 13.70 -37.94
N VAL H 271 14.22 13.37 -37.57
CA VAL H 271 13.56 14.00 -36.43
C VAL H 271 12.97 12.93 -35.54
N THR H 272 12.79 13.28 -34.27
CA THR H 272 12.09 12.33 -33.36
C THR H 272 10.60 12.67 -33.40
N ASN H 273 9.73 11.69 -33.17
CA ASN H 273 8.28 11.88 -33.26
C ASN H 273 7.71 12.52 -32.01
N THR H 274 8.34 13.59 -31.51
CA THR H 274 7.69 14.39 -30.47
C THR H 274 6.58 15.24 -31.06
N ILE H 275 6.59 15.43 -32.37
CA ILE H 275 5.59 16.17 -33.12
C ILE H 275 5.15 15.23 -34.24
N PRO H 276 3.87 15.18 -34.57
CA PRO H 276 3.45 14.34 -35.71
C PRO H 276 4.12 14.80 -37.00
N GLN H 277 4.61 13.85 -37.80
CA GLN H 277 5.37 14.26 -39.03
C GLN H 277 4.77 13.66 -40.30
N GLU H 278 3.69 12.88 -40.20
CA GLU H 278 3.11 12.19 -41.39
C GLU H 278 2.87 13.20 -42.52
N ASP H 279 2.24 14.33 -42.23
CA ASP H 279 1.95 15.37 -43.22
C ASP H 279 3.23 15.97 -43.77
N LYS H 280 4.20 16.24 -42.92
CA LYS H 280 5.45 16.80 -43.40
C LYS H 280 6.23 15.79 -44.23
N MET H 281 6.22 14.53 -43.83
CA MET H 281 6.88 13.49 -44.63
C MET H 281 6.19 13.30 -45.96
N LYS H 282 4.92 13.69 -46.08
CA LYS H 282 4.24 13.60 -47.36
C LYS H 282 4.92 14.48 -48.42
N HIS H 283 5.31 15.70 -48.03
CA HIS H 283 5.84 16.68 -48.97
C HIS H 283 7.35 16.83 -48.92
N CYS H 284 8.04 15.95 -48.19
CA CYS H 284 9.50 16.01 -48.10
C CYS H 284 10.02 14.59 -47.97
N SER H 285 10.68 14.09 -49.00
CA SER H 285 11.08 12.68 -49.02
C SER H 285 12.27 12.42 -48.12
N LYS H 286 13.00 13.46 -47.71
CA LYS H 286 14.23 13.27 -46.96
C LYS H 286 14.04 13.39 -45.45
N ILE H 287 12.80 13.48 -44.98
CA ILE H 287 12.55 13.48 -43.55
C ILE H 287 12.36 12.05 -43.06
N GLN H 288 13.15 11.64 -42.08
CA GLN H 288 13.01 10.37 -41.41
C GLN H 288 12.65 10.60 -39.96
N VAL H 289 12.01 9.62 -39.34
CA VAL H 289 11.49 9.77 -37.99
C VAL H 289 12.07 8.69 -37.09
N ILE H 290 12.65 9.12 -35.97
CA ILE H 290 13.07 8.24 -34.89
C ILE H 290 11.92 8.12 -33.90
N ASP H 291 11.52 6.90 -33.58
CA ASP H 291 10.55 6.69 -32.52
C ASP H 291 11.18 6.91 -31.16
N ILE H 292 10.60 7.79 -30.37
CA ILE H 292 11.00 7.97 -28.98
C ILE H 292 9.90 7.58 -28.02
N SER H 293 8.86 6.90 -28.50
CA SER H 293 7.75 6.53 -27.63
C SER H 293 8.20 5.54 -26.56
N MET H 294 9.24 4.77 -26.82
CA MET H 294 9.72 3.84 -25.80
C MET H 294 10.35 4.60 -24.63
N ILE H 295 11.09 5.68 -24.91
CA ILE H 295 11.66 6.47 -23.83
C ILE H 295 10.55 7.11 -22.99
N LEU H 296 9.53 7.65 -23.64
CA LEU H 296 8.43 8.26 -22.90
C LEU H 296 7.66 7.22 -22.08
N ALA H 297 7.40 6.05 -22.67
CA ALA H 297 6.71 5.00 -21.94
C ALA H 297 7.53 4.52 -20.76
N GLU H 298 8.84 4.38 -20.95
CA GLU H 298 9.71 3.95 -19.87
C GLU H 298 9.77 4.99 -18.76
N ALA H 299 9.80 6.28 -19.12
CA ALA H 299 9.80 7.32 -18.10
C ALA H 299 8.49 7.33 -17.32
N ILE H 300 7.36 7.18 -18.01
CA ILE H 300 6.08 7.14 -17.33
C ILE H 300 6.04 5.96 -16.36
N ARG H 301 6.48 4.80 -16.83
CA ARG H 301 6.44 3.60 -16.01
C ARG H 301 7.39 3.69 -14.82
N ARG H 302 8.55 4.30 -15.01
CA ARG H 302 9.50 4.43 -13.91
C ARG H 302 9.07 5.48 -12.90
N THR H 303 8.44 6.56 -13.34
CA THR H 303 7.90 7.50 -12.35
C THR H 303 6.75 6.87 -11.59
N HIS H 304 5.94 6.06 -12.26
CA HIS H 304 4.84 5.40 -11.55
C HIS H 304 5.37 4.41 -10.51
N ASN H 305 6.36 3.61 -10.88
CA ASN H 305 6.87 2.58 -9.98
C ASN H 305 7.93 3.10 -9.03
N GLY H 306 8.31 4.37 -9.12
CA GLY H 306 9.33 4.88 -8.23
C GLY H 306 10.74 4.45 -8.55
N GLU H 307 10.97 3.90 -9.74
CA GLU H 307 12.30 3.53 -10.17
C GLU H 307 13.06 4.74 -10.70
N SER H 308 14.37 4.58 -10.87
CA SER H 308 15.19 5.69 -11.30
C SER H 308 14.87 6.08 -12.74
N VAL H 309 14.64 7.37 -12.96
CA VAL H 309 14.38 7.88 -14.30
C VAL H 309 15.65 8.33 -14.99
N SER H 310 16.63 8.78 -14.19
CA SER H 310 17.93 9.24 -14.74
C SER H 310 18.67 8.07 -15.38
N TYR H 311 18.21 6.85 -15.15
CA TYR H 311 18.81 5.66 -15.81
C TYR H 311 18.68 5.83 -17.32
N LEU H 312 17.53 6.32 -17.76
CA LEU H 312 17.25 6.48 -19.22
C LEU H 312 18.26 7.43 -19.87
N PHE H 313 18.86 8.34 -19.11
CA PHE H 313 19.74 9.31 -19.75
C PHE H 313 20.86 8.62 -20.52
N SER H 314 21.15 7.37 -20.20
CA SER H 314 22.27 6.68 -20.83
C SER H 314 21.91 5.34 -21.45
N HIS H 315 20.65 4.91 -21.41
CA HIS H 315 20.28 3.57 -21.85
C HIS H 315 19.00 3.62 -22.65
N VAL H 316 19.00 2.91 -23.78
CA VAL H 316 17.79 2.72 -24.60
C VAL H 316 16.98 1.59 -24.00
N PRO H 317 15.71 1.82 -23.65
CA PRO H 317 14.86 0.76 -23.10
C PRO H 317 14.34 -0.20 -24.16
N PRO I 2 6.90 58.76 -1.06
CA PRO I 2 7.97 57.81 -0.74
C PRO I 2 9.33 58.28 -1.21
N ASN I 3 10.31 58.23 -0.33
CA ASN I 3 11.67 58.64 -0.64
C ASN I 3 12.59 57.44 -0.74
N ILE I 4 13.70 57.62 -1.44
CA ILE I 4 14.68 56.56 -1.59
C ILE I 4 15.43 56.38 -0.29
N LYS I 5 15.53 55.14 0.17
CA LYS I 5 16.41 54.77 1.27
C LYS I 5 17.39 53.73 0.73
N ILE I 6 18.67 53.99 0.89
CA ILE I 6 19.72 53.09 0.42
C ILE I 6 20.33 52.45 1.66
N PHE I 7 20.29 51.13 1.72
CA PHE I 7 20.89 50.38 2.80
C PHE I 7 22.00 49.50 2.26
N SER I 8 23.08 49.40 3.00
CA SER I 8 24.23 48.60 2.62
C SER I 8 24.28 47.34 3.46
N GLY I 9 24.56 46.23 2.83
CA GLY I 9 24.99 45.05 3.56
C GLY I 9 26.47 45.12 3.87
N SER I 10 26.97 44.06 4.47
CA SER I 10 28.39 44.00 4.80
C SER I 10 29.25 43.65 3.60
N SER I 11 28.69 43.10 2.54
CA SER I 11 29.50 42.52 1.47
C SER I 11 30.30 43.59 0.73
N HIS I 12 29.64 44.66 0.28
CA HIS I 12 30.28 45.66 -0.57
C HIS I 12 29.88 47.05 -0.07
N GLN I 13 30.59 47.54 0.93
CA GLN I 13 30.25 48.84 1.50
C GLN I 13 30.72 49.99 0.62
N ASP I 14 31.84 49.80 -0.08
CA ASP I 14 32.33 50.84 -0.98
C ASP I 14 31.36 51.10 -2.12
N LEU I 15 30.82 50.03 -2.72
CA LEU I 15 29.87 50.20 -3.81
C LEU I 15 28.62 50.92 -3.33
N SER I 16 28.12 50.56 -2.15
CA SER I 16 26.94 51.20 -1.61
C SER I 16 27.19 52.67 -1.34
N GLN I 17 28.36 53.00 -0.79
CA GLN I 17 28.67 54.40 -0.55
C GLN I 17 28.74 55.18 -1.86
N LYS I 18 29.35 54.60 -2.89
CA LYS I 18 29.40 55.26 -4.18
C LYS I 18 28.01 55.49 -4.74
N ILE I 19 27.14 54.47 -4.66
CA ILE I 19 25.79 54.60 -5.17
C ILE I 19 25.04 55.69 -4.42
N ALA I 20 25.16 55.72 -3.10
CA ALA I 20 24.49 56.75 -2.32
C ALA I 20 25.03 58.14 -2.65
N ASP I 21 26.33 58.24 -2.92
CA ASP I 21 26.89 59.51 -3.34
C ASP I 21 26.28 59.98 -4.65
N ARG I 22 26.12 59.09 -5.61
CA ARG I 22 25.62 59.53 -6.91
C ARG I 22 24.12 59.81 -6.88
N LEU I 23 23.45 59.44 -5.79
CA LEU I 23 22.05 59.78 -5.63
C LEU I 23 21.84 60.96 -4.69
N GLY I 24 22.91 61.55 -4.18
CA GLY I 24 22.78 62.64 -3.23
C GLY I 24 22.15 62.23 -1.91
N LEU I 25 22.45 61.04 -1.41
CA LEU I 25 21.85 60.54 -0.19
C LEU I 25 22.93 60.07 0.77
N GLU I 26 22.51 59.84 2.00
CA GLU I 26 23.33 59.16 2.98
C GLU I 26 22.83 57.73 3.11
N LEU I 27 23.76 56.81 3.36
CA LEU I 27 23.38 55.43 3.57
C LEU I 27 22.46 55.32 4.77
N GLY I 28 21.45 54.46 4.65
CA GLY I 28 20.51 54.28 5.74
C GLY I 28 21.19 53.71 6.97
N LYS I 29 20.66 54.07 8.13
CA LYS I 29 21.25 53.68 9.40
C LYS I 29 20.86 52.24 9.71
N VAL I 30 21.79 51.31 9.52
CA VAL I 30 21.55 49.91 9.82
C VAL I 30 22.77 49.32 10.49
N VAL I 31 22.54 48.50 11.49
CA VAL I 31 23.59 47.76 12.18
C VAL I 31 23.49 46.31 11.73
N THR I 32 24.55 45.79 11.12
CA THR I 32 24.60 44.42 10.65
C THR I 32 25.82 43.76 11.28
N LYS I 33 25.60 42.93 12.28
CA LYS I 33 26.71 42.26 12.93
C LYS I 33 26.43 40.77 13.09
N LYS I 34 27.27 40.09 13.84
CA LYS I 34 27.06 38.69 14.18
C LYS I 34 26.98 38.55 15.68
N PHE I 35 26.03 37.75 16.14
CA PHE I 35 26.09 37.29 17.52
C PHE I 35 27.26 36.34 17.70
N SER I 36 27.48 35.93 18.95
CA SER I 36 28.62 35.06 19.25
C SER I 36 28.47 33.71 18.56
N ASN I 37 27.24 33.27 18.34
CA ASN I 37 27.00 31.98 17.72
C ASN I 37 26.91 32.04 16.21
N GLN I 38 27.50 33.05 15.59
CA GLN I 38 27.55 33.20 14.14
C GLN I 38 26.18 33.50 13.54
N GLU I 39 25.26 34.04 14.32
CA GLU I 39 23.94 34.37 13.80
C GLU I 39 23.89 35.83 13.37
N THR I 40 23.28 36.07 12.21
CA THR I 40 23.18 37.42 11.68
C THR I 40 22.25 38.26 12.54
N CYS I 41 22.73 39.44 12.94
CA CYS I 41 21.92 40.42 13.67
C CYS I 41 21.76 41.64 12.78
N VAL I 42 20.52 42.01 12.50
CA VAL I 42 20.21 43.16 11.67
C VAL I 42 19.28 44.07 12.46
N GLU I 43 19.63 45.34 12.54
CA GLU I 43 18.80 46.34 13.20
C GLU I 43 18.71 47.57 12.32
N ILE I 44 17.52 47.84 11.79
CA ILE I 44 17.27 49.07 11.05
C ILE I 44 17.17 50.21 12.05
N GLY I 45 18.10 51.16 11.96
CA GLY I 45 18.17 52.25 12.90
C GLY I 45 17.32 53.45 12.58
N GLU I 46 16.60 53.43 11.48
CA GLU I 46 15.71 54.52 11.12
C GLU I 46 14.42 53.95 10.59
N SER I 47 13.35 54.72 10.75
CA SER I 47 12.05 54.31 10.23
C SER I 47 12.09 54.26 8.71
N VAL I 48 11.57 53.17 8.14
CA VAL I 48 11.45 53.03 6.71
C VAL I 48 9.98 53.00 6.28
N ARG I 49 9.09 53.41 7.17
CA ARG I 49 7.66 53.32 6.91
C ARG I 49 7.27 54.17 5.72
N GLY I 50 6.67 53.54 4.72
CA GLY I 50 6.23 54.24 3.54
C GLY I 50 7.33 54.70 2.63
N GLU I 51 8.52 54.12 2.72
CA GLU I 51 9.66 54.55 1.94
C GLU I 51 9.98 53.55 0.84
N ASP I 52 10.81 53.97 -0.10
CA ASP I 52 11.26 53.13 -1.20
C ASP I 52 12.67 52.64 -0.86
N VAL I 53 12.76 51.45 -0.28
CA VAL I 53 13.99 50.93 0.28
C VAL I 53 14.75 50.16 -0.78
N TYR I 54 16.04 50.45 -0.91
CA TYR I 54 16.95 49.72 -1.78
C TYR I 54 18.07 49.17 -0.93
N ILE I 55 18.26 47.86 -0.97
CA ILE I 55 19.30 47.20 -0.20
C ILE I 55 20.37 46.72 -1.17
N VAL I 56 21.60 47.16 -0.97
CA VAL I 56 22.72 46.81 -1.84
C VAL I 56 23.53 45.72 -1.17
N GLN I 57 23.64 44.59 -1.84
CA GLN I 57 24.36 43.44 -1.29
C GLN I 57 24.75 42.55 -2.46
N SER I 58 26.02 42.22 -2.56
CA SER I 58 26.49 41.42 -3.68
C SER I 58 26.81 39.99 -3.23
N GLY I 59 26.54 39.04 -4.12
CA GLY I 59 26.80 37.65 -3.82
C GLY I 59 28.28 37.32 -3.92
N CYS I 60 29.04 37.82 -2.96
CA CYS I 60 30.49 37.69 -2.95
C CYS I 60 30.94 37.39 -1.54
N GLY I 61 32.25 37.25 -1.38
CA GLY I 61 32.81 37.01 -0.06
C GLY I 61 32.28 35.72 0.53
N GLU I 62 31.90 35.77 1.79
CA GLU I 62 31.23 34.65 2.46
C GLU I 62 29.78 34.67 2.02
N ILE I 63 29.48 33.82 1.04
CA ILE I 63 28.27 34.00 0.24
C ILE I 63 27.01 33.71 1.06
N ASN I 64 27.01 32.62 1.82
CA ASN I 64 25.80 32.27 2.55
C ASN I 64 25.52 33.29 3.64
N ASP I 65 26.56 33.83 4.25
CA ASP I 65 26.38 34.84 5.28
C ASP I 65 25.79 36.12 4.69
N ASN I 66 26.31 36.55 3.54
CA ASN I 66 25.80 37.73 2.88
C ASN I 66 24.37 37.55 2.42
N LEU I 67 24.05 36.36 1.89
CA LEU I 67 22.69 36.12 1.45
C LEU I 67 21.72 36.10 2.62
N MET I 68 22.12 35.51 3.74
CA MET I 68 21.27 35.52 4.92
C MET I 68 21.06 36.94 5.43
N GLU I 69 22.12 37.74 5.46
CA GLU I 69 21.99 39.13 5.85
C GLU I 69 21.04 39.88 4.93
N LEU I 70 21.14 39.63 3.63
CA LEU I 70 20.26 40.30 2.67
C LEU I 70 18.81 39.92 2.90
N LEU I 71 18.53 38.62 3.07
CA LEU I 71 17.17 38.19 3.29
C LEU I 71 16.61 38.76 4.59
N ILE I 72 17.43 38.78 5.63
CA ILE I 72 16.98 39.31 6.92
C ILE I 72 16.70 40.80 6.82
N MET I 73 17.54 41.55 6.10
CA MET I 73 17.28 42.97 5.90
C MET I 73 16.01 43.20 5.09
N ILE I 74 15.79 42.41 4.05
CA ILE I 74 14.58 42.55 3.25
C ILE I 74 13.36 42.32 4.12
N ASN I 75 13.38 41.25 4.90
CA ASN I 75 12.24 40.94 5.75
C ASN I 75 12.03 42.02 6.81
N ALA I 76 13.12 42.54 7.38
CA ALA I 76 13.01 43.59 8.37
C ALA I 76 12.37 44.84 7.79
N CYS I 77 12.76 45.22 6.58
CA CYS I 77 12.16 46.40 5.97
C CYS I 77 10.72 46.13 5.55
N LYS I 78 10.42 44.89 5.16
CA LYS I 78 9.05 44.58 4.75
C LYS I 78 8.08 44.62 5.93
N ILE I 79 8.46 44.04 7.08
CA ILE I 79 7.56 44.10 8.23
C ILE I 79 7.69 45.38 9.01
N ALA I 80 8.58 46.28 8.60
CA ALA I 80 8.61 47.63 9.11
C ALA I 80 7.82 48.59 8.23
N SER I 81 6.99 48.05 7.32
CA SER I 81 6.01 48.81 6.56
C SER I 81 6.65 49.73 5.52
N ALA I 82 7.75 49.27 4.92
CA ALA I 82 8.26 49.95 3.74
C ALA I 82 7.28 49.80 2.60
N SER I 83 7.10 50.87 1.81
CA SER I 83 6.18 50.78 0.69
C SER I 83 6.65 49.76 -0.34
N ARG I 84 7.96 49.70 -0.58
CA ARG I 84 8.51 48.83 -1.59
C ARG I 84 9.95 48.53 -1.22
N VAL I 85 10.36 47.27 -1.36
CA VAL I 85 11.70 46.84 -1.04
C VAL I 85 12.34 46.27 -2.30
N THR I 86 13.50 46.78 -2.65
CA THR I 86 14.24 46.35 -3.83
C THR I 86 15.59 45.80 -3.38
N ALA I 87 15.94 44.63 -3.86
CA ALA I 87 17.25 44.04 -3.61
C ALA I 87 18.17 44.37 -4.77
N VAL I 88 19.19 45.16 -4.51
CA VAL I 88 20.20 45.51 -5.50
C VAL I 88 21.33 44.51 -5.32
N ILE I 89 21.42 43.55 -6.23
CA ILE I 89 22.33 42.41 -6.08
C ILE I 89 23.27 42.40 -7.27
N PRO I 90 24.37 43.16 -7.22
CA PRO I 90 25.21 43.30 -8.42
C PRO I 90 25.75 41.98 -8.95
N CYS I 91 26.15 41.05 -8.08
CA CYS I 91 26.51 39.70 -8.49
C CYS I 91 25.55 38.75 -7.81
N PHE I 92 24.76 38.04 -8.62
CA PHE I 92 23.69 37.21 -8.08
C PHE I 92 24.28 35.92 -7.49
N PRO I 93 24.00 35.59 -6.24
CA PRO I 93 24.56 34.38 -5.65
C PRO I 93 23.89 33.13 -6.20
N TYR I 94 24.69 32.08 -6.37
CA TYR I 94 24.27 30.79 -6.90
C TYR I 94 23.76 30.87 -8.33
N ALA I 95 24.13 31.92 -9.06
CA ALA I 95 23.64 32.08 -10.42
C ALA I 95 24.12 30.96 -11.32
N ARG I 96 25.25 30.32 -11.01
CA ARG I 96 25.73 29.24 -11.85
C ARG I 96 25.01 27.92 -11.59
N GLN I 97 24.19 27.85 -10.56
CA GLN I 97 23.34 26.67 -10.32
C GLN I 97 21.97 26.87 -10.96
N ASP I 98 21.98 27.06 -12.28
CA ASP I 98 20.76 27.40 -12.99
C ASP I 98 20.11 26.23 -13.69
N LYS I 99 20.70 25.05 -13.64
CA LYS I 99 20.15 23.92 -14.39
C LYS I 99 20.61 22.62 -13.74
N LYS I 100 19.88 21.55 -14.06
CA LYS I 100 20.19 20.24 -13.50
C LYS I 100 21.16 19.46 -14.38
N ASP I 101 20.80 19.23 -15.65
CA ASP I 101 21.69 18.69 -16.66
C ASP I 101 22.22 17.31 -16.27
N LYS I 102 21.29 16.35 -16.23
CA LYS I 102 21.60 14.93 -16.05
C LYS I 102 22.23 14.63 -14.69
N SER I 103 21.85 15.40 -13.68
CA SER I 103 22.35 15.19 -12.32
C SER I 103 21.26 15.47 -11.33
N ARG I 104 21.33 14.80 -10.18
CA ARG I 104 20.36 15.01 -9.11
C ARG I 104 20.80 16.24 -8.30
N ALA I 105 21.03 17.32 -9.01
CA ALA I 105 21.54 18.55 -8.44
C ALA I 105 20.42 19.54 -8.21
N PRO I 106 20.50 20.33 -7.16
CA PRO I 106 19.52 21.39 -6.95
C PRO I 106 19.76 22.54 -7.90
N ILE I 107 18.68 23.17 -8.33
CA ILE I 107 18.75 24.42 -9.06
C ILE I 107 18.76 25.49 -7.98
N SER I 108 19.95 25.76 -7.46
CA SER I 108 20.07 26.61 -6.28
C SER I 108 19.69 28.06 -6.58
N ALA I 109 19.85 28.50 -7.83
CA ALA I 109 19.45 29.85 -8.19
C ALA I 109 17.95 30.03 -8.04
N LYS I 110 17.17 29.02 -8.41
CA LYS I 110 15.73 29.09 -8.21
C LYS I 110 15.39 29.14 -6.72
N LEU I 111 16.12 28.39 -5.90
CA LEU I 111 15.90 28.44 -4.47
C LEU I 111 16.20 29.83 -3.91
N VAL I 112 17.28 30.46 -4.38
CA VAL I 112 17.60 31.81 -3.96
C VAL I 112 16.51 32.79 -4.39
N ALA I 113 16.00 32.64 -5.60
CA ALA I 113 14.91 33.50 -6.06
C ALA I 113 13.68 33.31 -5.18
N ASN I 114 13.35 32.07 -4.83
CA ASN I 114 12.20 31.80 -3.98
C ASN I 114 12.38 32.42 -2.60
N MET I 115 13.59 32.31 -2.04
CA MET I 115 13.84 32.89 -0.73
C MET I 115 13.78 34.41 -0.77
N LEU I 116 14.27 35.02 -1.83
CA LEU I 116 14.14 36.47 -1.97
C LEU I 116 12.69 36.89 -2.09
N SER I 117 11.89 36.11 -2.81
CA SER I 117 10.47 36.41 -2.91
C SER I 117 9.76 36.28 -1.57
N VAL I 118 10.05 35.22 -0.82
CA VAL I 118 9.35 35.00 0.43
C VAL I 118 9.84 35.93 1.54
N ALA I 119 11.06 36.44 1.43
CA ALA I 119 11.51 37.48 2.35
C ALA I 119 10.74 38.77 2.13
N GLY I 120 10.25 39.00 0.91
CA GLY I 120 9.38 40.14 0.65
C GLY I 120 9.91 41.12 -0.36
N ALA I 121 10.92 40.73 -1.13
CA ALA I 121 11.44 41.61 -2.16
C ALA I 121 10.41 41.81 -3.26
N ASP I 122 10.22 43.06 -3.67
CA ASP I 122 9.31 43.39 -4.74
C ASP I 122 10.00 43.63 -6.07
N HIS I 123 11.31 43.80 -6.05
CA HIS I 123 12.06 44.17 -7.24
C HIS I 123 13.50 43.74 -7.05
N ILE I 124 14.10 43.24 -8.12
CA ILE I 124 15.49 42.85 -8.12
C ILE I 124 16.20 43.67 -9.18
N ILE I 125 17.32 44.28 -8.81
CA ILE I 125 18.24 44.90 -9.74
C ILE I 125 19.55 44.15 -9.67
N THR I 126 20.01 43.63 -10.80
CA THR I 126 21.23 42.83 -10.85
C THR I 126 21.98 43.21 -12.11
N MET I 127 23.24 42.78 -12.20
CA MET I 127 24.10 43.13 -13.31
C MET I 127 24.68 41.87 -13.94
N ASP I 128 24.44 41.70 -15.24
CA ASP I 128 25.02 40.61 -16.02
C ASP I 128 24.78 39.25 -15.35
N LEU I 129 23.51 38.88 -15.28
CA LEU I 129 23.16 37.56 -14.80
C LEU I 129 23.85 36.50 -15.63
N HIS I 130 24.30 35.42 -14.98
CA HIS I 130 25.01 34.37 -15.67
C HIS I 130 24.16 33.75 -16.77
N ALA I 131 22.89 33.52 -16.49
CA ALA I 131 21.92 33.13 -17.48
C ALA I 131 20.74 34.07 -17.41
N SER I 132 20.31 34.57 -18.57
CA SER I 132 19.15 35.45 -18.59
C SER I 132 17.88 34.75 -18.12
N GLN I 133 17.82 33.43 -18.25
CA GLN I 133 16.64 32.70 -17.82
C GLN I 133 16.40 32.80 -16.32
N ILE I 134 17.40 33.25 -15.56
CA ILE I 134 17.21 33.46 -14.14
C ILE I 134 16.15 34.54 -13.90
N GLN I 135 15.97 35.46 -14.85
CA GLN I 135 14.88 36.42 -14.74
C GLN I 135 13.54 35.72 -14.63
N GLY I 136 13.40 34.56 -15.29
CA GLY I 136 12.19 33.76 -15.19
C GLY I 136 12.04 32.99 -13.90
N PHE I 137 13.10 32.89 -13.10
CA PHE I 137 12.99 32.23 -11.80
C PHE I 137 12.15 33.04 -10.82
N PHE I 138 12.01 34.33 -11.04
CA PHE I 138 11.23 35.21 -10.18
C PHE I 138 9.83 35.41 -10.75
N ASP I 139 8.91 35.76 -9.86
CA ASP I 139 7.61 36.27 -10.28
C ASP I 139 7.49 37.78 -10.11
N ILE I 140 8.54 38.43 -9.59
CA ILE I 140 8.59 39.88 -9.46
C ILE I 140 9.42 40.43 -10.61
N PRO I 141 9.37 41.73 -10.90
CA PRO I 141 10.23 42.27 -11.95
C PRO I 141 11.70 42.19 -11.57
N VAL I 142 12.53 41.87 -12.57
CA VAL I 142 13.97 41.81 -12.40
C VAL I 142 14.60 42.66 -13.50
N ASP I 143 15.43 43.61 -13.12
CA ASP I 143 16.17 44.44 -14.06
C ASP I 143 17.58 43.90 -14.15
N ASN I 144 17.96 43.43 -15.32
CA ASN I 144 19.26 42.81 -15.54
C ASN I 144 20.12 43.79 -16.34
N LEU I 145 20.90 44.61 -15.64
CA LEU I 145 21.74 45.60 -16.28
C LEU I 145 22.94 44.95 -16.93
N TYR I 146 23.55 45.66 -17.86
CA TYR I 146 24.69 45.18 -18.62
C TYR I 146 25.87 46.10 -18.38
N ALA I 147 27.05 45.51 -18.21
CA ALA I 147 28.26 46.31 -18.08
C ALA I 147 28.82 46.71 -19.44
N GLU I 148 28.21 46.27 -20.53
CA GLU I 148 28.73 46.55 -21.86
C GLU I 148 28.99 48.03 -22.13
N PRO I 149 28.12 48.98 -21.77
CA PRO I 149 28.49 50.39 -21.98
C PRO I 149 29.81 50.78 -21.34
N ALA I 150 29.99 50.46 -20.06
CA ALA I 150 31.23 50.78 -19.37
C ALA I 150 32.40 50.00 -19.96
N VAL I 151 32.17 48.78 -20.41
CA VAL I 151 33.24 47.99 -21.00
C VAL I 151 33.72 48.63 -22.29
N LEU I 152 32.79 49.05 -23.15
CA LEU I 152 33.16 49.72 -24.39
C LEU I 152 33.89 51.02 -24.12
N LYS I 153 33.43 51.77 -23.11
CA LYS I 153 34.12 53.00 -22.75
C LYS I 153 35.56 52.71 -22.35
N TRP I 154 35.76 51.68 -21.51
CA TRP I 154 37.12 51.34 -21.10
C TRP I 154 37.96 50.91 -22.29
N ILE I 155 37.39 50.09 -23.18
CA ILE I 155 38.16 49.61 -24.33
C ILE I 155 38.60 50.78 -25.19
N ARG I 156 37.68 51.72 -25.45
CA ARG I 156 38.01 52.85 -26.30
C ARG I 156 39.04 53.76 -25.65
N GLU I 157 38.96 53.96 -24.34
CA GLU I 157 39.90 54.86 -23.69
C GLU I 157 41.16 54.18 -23.19
N ASN I 158 41.34 52.88 -23.44
CA ASN I 158 42.50 52.18 -22.91
C ASN I 158 43.25 51.33 -23.92
N ILE I 159 42.64 50.97 -25.04
CA ILE I 159 43.30 50.16 -26.05
C ILE I 159 43.39 51.00 -27.32
N SER I 160 44.55 51.62 -27.55
CA SER I 160 44.69 52.54 -28.67
C SER I 160 44.47 51.84 -30.00
N GLU I 161 44.64 50.52 -30.05
CA GLU I 161 44.50 49.74 -31.28
C GLU I 161 43.13 49.09 -31.37
N TRP I 162 42.10 49.70 -30.78
CA TRP I 162 40.82 49.02 -30.64
C TRP I 162 40.04 48.95 -31.95
N ARG I 163 40.41 49.73 -32.95
CA ARG I 163 39.71 49.66 -34.23
C ARG I 163 40.13 48.43 -35.03
N ASN I 164 41.30 47.87 -34.75
CA ASN I 164 41.77 46.66 -35.43
C ASN I 164 41.77 45.45 -34.50
N CYS I 165 41.33 45.62 -33.26
CA CYS I 165 41.40 44.59 -32.26
C CYS I 165 40.41 43.46 -32.54
N THR I 166 40.38 42.48 -31.64
CA THR I 166 39.50 41.33 -31.75
C THR I 166 38.79 41.11 -30.43
N ILE I 167 37.53 40.70 -30.49
CA ILE I 167 36.75 40.38 -29.30
C ILE I 167 36.53 38.88 -29.27
N VAL I 168 37.07 38.23 -28.25
CA VAL I 168 37.15 36.77 -28.20
C VAL I 168 36.31 36.27 -27.04
N SER I 169 35.58 35.21 -27.27
CA SER I 169 34.85 34.58 -26.18
C SER I 169 35.64 33.41 -25.62
N PRO I 170 35.70 33.23 -24.31
CA PRO I 170 36.47 32.11 -23.75
C PRO I 170 35.79 30.77 -23.95
N ASP I 171 34.47 30.75 -24.05
CA ASP I 171 33.74 29.50 -24.27
C ASP I 171 32.62 29.77 -25.25
N ALA I 172 31.89 28.71 -25.60
CA ALA I 172 30.73 28.86 -26.47
C ALA I 172 29.65 29.72 -25.84
N GLY I 173 29.41 29.57 -24.53
CA GLY I 173 28.26 30.23 -23.92
C GLY I 173 28.40 31.73 -23.83
N GLY I 174 29.59 32.26 -24.15
CA GLY I 174 29.79 33.69 -24.12
C GLY I 174 29.63 34.39 -25.45
N ALA I 175 29.04 33.72 -26.45
CA ALA I 175 29.06 34.23 -27.81
C ALA I 175 28.28 35.53 -27.95
N LYS I 176 27.09 35.60 -27.35
CA LYS I 176 26.20 36.73 -27.58
C LYS I 176 26.82 38.04 -27.09
N ARG I 177 27.43 38.00 -25.91
CA ARG I 177 28.00 39.20 -25.31
C ARG I 177 29.12 39.77 -26.17
N VAL I 178 30.02 38.90 -26.63
CA VAL I 178 31.15 39.36 -27.43
C VAL I 178 30.67 39.84 -28.79
N THR I 179 29.64 39.18 -29.35
CA THR I 179 29.12 39.64 -30.63
C THR I 179 28.52 41.03 -30.50
N SER I 180 27.80 41.29 -29.42
CA SER I 180 27.25 42.62 -29.20
C SER I 180 28.37 43.65 -29.05
N ILE I 181 29.40 43.31 -28.28
CA ILE I 181 30.52 44.23 -28.09
C ILE I 181 31.19 44.53 -29.42
N ALA I 182 31.44 43.49 -30.22
CA ALA I 182 32.07 43.68 -31.51
C ALA I 182 31.22 44.54 -32.42
N ASP I 183 29.91 44.31 -32.44
CA ASP I 183 29.03 45.09 -33.29
C ASP I 183 29.07 46.57 -32.89
N ARG I 184 29.00 46.86 -31.59
CA ARG I 184 29.07 48.25 -31.17
C ARG I 184 30.43 48.88 -31.42
N LEU I 185 31.49 48.07 -31.47
CA LEU I 185 32.81 48.60 -31.82
C LEU I 185 33.12 48.50 -33.31
N ASN I 186 32.37 47.70 -34.06
CA ASN I 186 32.67 47.40 -35.46
C ASN I 186 34.07 46.82 -35.61
N VAL I 187 34.25 45.64 -35.00
CA VAL I 187 35.52 44.93 -35.05
C VAL I 187 35.23 43.46 -35.36
N ASP I 188 36.27 42.75 -35.78
CA ASP I 188 36.17 41.32 -35.98
C ASP I 188 36.12 40.62 -34.64
N PHE I 189 35.38 39.52 -34.59
CA PHE I 189 35.23 38.78 -33.34
C PHE I 189 35.63 37.34 -33.54
N ALA I 190 36.62 36.90 -32.76
CA ALA I 190 37.11 35.54 -32.78
C ALA I 190 36.32 34.71 -31.79
N LEU I 191 36.58 33.41 -31.79
CA LEU I 191 35.99 32.52 -30.81
C LEU I 191 37.00 31.45 -30.39
N ILE I 192 36.78 30.89 -29.21
CA ILE I 192 37.66 29.89 -28.61
C ILE I 192 36.79 28.82 -27.97
N HIS I 193 37.16 27.56 -28.17
CA HIS I 193 36.54 26.52 -27.37
C HIS I 193 37.47 25.32 -27.29
N LYS I 194 37.46 24.65 -26.14
CA LYS I 194 38.31 23.48 -25.94
C LYS I 194 37.74 22.29 -26.70
N GLU I 195 38.58 21.28 -26.89
CA GLU I 195 38.17 20.06 -27.57
C GLU I 195 38.09 18.89 -26.59
N ASP I 203 42.05 18.51 -23.77
CA ASP I 203 42.94 19.50 -23.16
C ASP I 203 43.34 20.57 -24.16
N ARG I 204 42.96 20.38 -25.41
CA ARG I 204 43.27 21.33 -26.47
C ARG I 204 42.08 22.24 -26.74
N MET I 205 42.37 23.40 -27.30
CA MET I 205 41.35 24.36 -27.72
C MET I 205 41.63 24.84 -29.14
N VAL I 206 40.56 25.26 -29.81
CA VAL I 206 40.63 25.81 -31.15
C VAL I 206 40.14 27.26 -31.11
N LEU I 207 40.88 28.14 -31.77
CA LEU I 207 40.56 29.54 -31.94
C LEU I 207 40.25 29.80 -33.40
N VAL I 208 39.12 30.46 -33.66
CA VAL I 208 38.67 30.78 -35.00
C VAL I 208 38.63 32.30 -35.12
N GLY I 209 39.27 32.83 -36.15
CA GLY I 209 39.34 34.28 -36.31
C GLY I 209 40.78 34.74 -36.29
N ASP I 210 41.15 35.52 -37.30
CA ASP I 210 42.53 35.96 -37.46
C ASP I 210 42.92 36.91 -36.33
N VAL I 211 44.02 36.60 -35.66
CA VAL I 211 44.47 37.36 -34.50
C VAL I 211 45.94 37.75 -34.58
N LYS I 212 46.67 37.28 -35.59
CA LYS I 212 48.09 37.57 -35.68
C LYS I 212 48.34 39.07 -35.77
N ASP I 213 49.28 39.55 -34.97
CA ASP I 213 49.62 40.96 -34.83
C ASP I 213 48.44 41.82 -34.38
N ARG I 214 47.34 41.19 -34.00
CA ARG I 214 46.14 41.89 -33.55
C ARG I 214 45.90 41.60 -32.08
N VAL I 215 45.52 42.65 -31.35
CA VAL I 215 45.18 42.49 -29.94
C VAL I 215 43.92 41.65 -29.81
N ALA I 216 43.98 40.65 -28.94
CA ALA I 216 42.82 39.86 -28.57
C ALA I 216 42.23 40.40 -27.28
N ILE I 217 40.90 40.43 -27.20
CA ILE I 217 40.19 40.87 -26.02
C ILE I 217 39.26 39.76 -25.60
N LEU I 218 39.63 39.01 -24.56
CA LEU I 218 38.69 38.08 -23.97
C LEU I 218 37.63 38.85 -23.20
N VAL I 219 36.38 38.53 -23.47
CA VAL I 219 35.25 39.14 -22.77
C VAL I 219 34.40 38.00 -22.22
N ASP I 220 34.09 38.08 -20.94
CA ASP I 220 33.33 37.01 -20.31
C ASP I 220 32.59 37.58 -19.11
N ASP I 221 31.59 36.85 -18.64
CA ASP I 221 30.77 37.34 -17.53
C ASP I 221 31.46 37.24 -16.18
N MET I 222 32.19 36.16 -15.89
CA MET I 222 32.82 36.07 -14.59
C MET I 222 34.09 35.25 -14.69
N ALA I 223 34.97 35.46 -13.72
CA ALA I 223 36.16 34.64 -13.54
C ALA I 223 36.20 34.19 -12.09
N ASP I 224 36.00 32.90 -11.86
CA ASP I 224 36.01 32.36 -10.50
C ASP I 224 37.38 31.82 -10.15
N THR I 225 37.81 30.78 -10.85
CA THR I 225 39.13 30.20 -10.67
C THR I 225 40.07 30.59 -11.80
N CYS I 226 39.56 31.31 -12.79
CA CYS I 226 40.33 31.83 -13.91
C CYS I 226 40.97 30.73 -14.75
N GLY I 227 40.45 29.50 -14.66
CA GLY I 227 40.90 28.48 -15.59
C GLY I 227 40.47 28.76 -17.01
N THR I 228 39.24 29.23 -17.18
CA THR I 228 38.71 29.49 -18.52
C THR I 228 39.53 30.56 -19.23
N ILE I 229 39.71 31.72 -18.59
CA ILE I 229 40.43 32.80 -19.25
C ILE I 229 41.90 32.46 -19.41
N CYS I 230 42.47 31.69 -18.49
CA CYS I 230 43.88 31.35 -18.62
C CYS I 230 44.11 30.40 -19.79
N HIS I 231 43.26 29.38 -19.95
CA HIS I 231 43.38 28.52 -21.11
C HIS I 231 43.15 29.29 -22.40
N ALA I 232 42.16 30.18 -22.39
CA ALA I 232 41.90 30.99 -23.58
C ALA I 232 43.10 31.85 -23.94
N ALA I 233 43.74 32.47 -22.94
CA ALA I 233 44.92 33.29 -23.21
C ALA I 233 46.08 32.45 -23.71
N ASP I 234 46.25 31.25 -23.15
CA ASP I 234 47.29 30.35 -23.65
C ASP I 234 47.09 30.08 -25.14
N LYS I 235 45.87 29.72 -25.53
CA LYS I 235 45.64 29.47 -26.95
C LYS I 235 45.80 30.72 -27.80
N LEU I 236 45.35 31.87 -27.30
CA LEU I 236 45.51 33.09 -28.06
C LEU I 236 46.97 33.40 -28.32
N LEU I 237 47.83 33.15 -27.33
CA LEU I 237 49.25 33.34 -27.57
C LEU I 237 49.84 32.26 -28.47
N SER I 238 49.22 31.07 -28.49
CA SER I 238 49.65 30.06 -29.46
C SER I 238 49.43 30.55 -30.89
N ALA I 239 48.31 31.24 -31.14
CA ALA I 239 48.00 31.76 -32.46
C ALA I 239 48.69 33.08 -32.75
N GLY I 240 49.70 33.45 -31.97
CA GLY I 240 50.55 34.57 -32.30
C GLY I 240 49.94 35.94 -32.08
N ALA I 241 48.89 36.06 -31.27
CA ALA I 241 48.34 37.37 -30.96
C ALA I 241 49.37 38.20 -30.19
N THR I 242 49.38 39.51 -30.46
CA THR I 242 50.40 40.36 -29.88
C THR I 242 50.19 40.54 -28.37
N ARG I 243 49.04 41.07 -27.99
CA ARG I 243 48.71 41.26 -26.58
C ARG I 243 47.32 40.70 -26.32
N VAL I 244 47.10 40.26 -25.08
CA VAL I 244 45.85 39.63 -24.68
C VAL I 244 45.26 40.40 -23.51
N TYR I 245 43.98 40.67 -23.58
CA TYR I 245 43.19 41.34 -22.56
C TYR I 245 42.06 40.44 -22.11
N ALA I 246 41.75 40.50 -20.81
CA ALA I 246 40.58 39.82 -20.28
C ALA I 246 39.68 40.87 -19.66
N ILE I 247 38.40 40.86 -19.99
CA ILE I 247 37.44 41.79 -19.42
C ILE I 247 36.28 41.00 -18.86
N LEU I 248 35.89 41.32 -17.62
CA LEU I 248 34.93 40.57 -16.84
C LEU I 248 34.07 41.52 -16.03
N THR I 249 32.80 41.17 -15.88
CA THR I 249 31.98 42.02 -15.01
C THR I 249 32.06 41.56 -13.56
N HIS I 250 32.30 40.28 -13.31
CA HIS I 250 32.39 39.77 -11.93
C HIS I 250 33.74 39.12 -11.72
N GLY I 251 34.57 39.76 -10.91
CA GLY I 251 35.87 39.22 -10.53
C GLY I 251 35.85 38.47 -9.22
N ILE I 252 35.28 37.27 -9.18
CA ILE I 252 35.23 36.51 -7.94
C ILE I 252 36.63 36.19 -7.46
N PHE I 253 37.48 35.69 -8.34
CA PHE I 253 38.90 35.47 -8.05
C PHE I 253 39.10 34.61 -6.81
N SER I 254 38.58 33.39 -6.87
CA SER I 254 38.67 32.51 -5.72
C SER I 254 39.71 31.42 -5.96
N GLY I 255 40.29 30.93 -4.87
CA GLY I 255 41.24 29.86 -4.93
C GLY I 255 42.53 30.22 -5.65
N PRO I 256 42.87 29.45 -6.67
CA PRO I 256 44.15 29.65 -7.35
C PRO I 256 44.14 30.77 -8.37
N ALA I 257 43.11 31.61 -8.33
CA ALA I 257 42.91 32.59 -9.40
C ALA I 257 44.05 33.59 -9.46
N ILE I 258 44.48 34.12 -8.32
CA ILE I 258 45.47 35.19 -8.34
C ILE I 258 46.81 34.66 -8.83
N SER I 259 47.21 33.47 -8.37
CA SER I 259 48.44 32.86 -8.85
C SER I 259 48.37 32.59 -10.35
N ARG I 260 47.24 32.10 -10.83
CA ARG I 260 47.11 31.83 -12.26
C ARG I 260 47.22 33.11 -13.08
N ILE I 261 46.58 34.19 -12.62
CA ILE I 261 46.65 35.44 -13.36
C ILE I 261 48.05 36.01 -13.32
N ASN I 262 48.75 35.86 -12.19
CA ASN I 262 50.12 36.33 -12.10
C ASN I 262 51.05 35.54 -13.01
N ASN I 263 50.80 34.24 -13.16
CA ASN I 263 51.61 33.39 -14.03
C ASN I 263 51.14 33.40 -15.47
N ALA I 264 50.01 34.04 -15.76
CA ALA I 264 49.48 34.06 -17.10
C ALA I 264 50.14 35.17 -17.93
N CYS I 265 49.63 35.36 -19.13
CA CYS I 265 50.20 36.30 -20.09
C CYS I 265 49.25 37.44 -20.45
N PHE I 266 48.32 37.79 -19.56
CA PHE I 266 47.43 38.91 -19.82
C PHE I 266 48.17 40.23 -19.79
N GLU I 267 47.81 41.13 -20.68
CA GLU I 267 48.27 42.51 -20.53
C GLU I 267 47.45 43.23 -19.48
N ALA I 268 46.19 42.83 -19.30
CA ALA I 268 45.35 43.37 -18.25
C ALA I 268 44.18 42.43 -18.03
N VAL I 269 43.76 42.33 -16.78
CA VAL I 269 42.51 41.68 -16.41
C VAL I 269 41.64 42.78 -15.81
N VAL I 270 40.64 43.20 -16.57
CA VAL I 270 39.75 44.29 -16.17
C VAL I 270 38.48 43.67 -15.62
N VAL I 271 38.03 44.16 -14.48
CA VAL I 271 36.80 43.68 -13.88
C VAL I 271 35.97 44.88 -13.46
N THR I 272 34.66 44.67 -13.37
CA THR I 272 33.79 45.76 -12.84
C THR I 272 33.66 45.55 -11.33
N ASN I 273 33.45 46.62 -10.57
CA ASN I 273 33.41 46.56 -9.11
C ASN I 273 32.06 46.09 -8.60
N THR I 274 31.51 45.03 -9.18
CA THR I 274 30.36 44.39 -8.57
C THR I 274 30.77 43.60 -7.33
N ILE I 275 32.04 43.28 -7.22
CA ILE I 275 32.64 42.58 -6.09
C ILE I 275 33.79 43.46 -5.63
N PRO I 276 34.02 43.61 -4.33
CA PRO I 276 35.20 44.37 -3.89
C PRO I 276 36.48 43.74 -4.38
N GLN I 277 37.41 44.57 -4.88
CA GLN I 277 38.65 43.99 -5.49
C GLN I 277 39.92 44.52 -4.81
N GLU I 278 39.80 45.42 -3.83
CA GLU I 278 41.00 46.04 -3.20
C GLU I 278 42.01 44.97 -2.78
N ASP I 279 41.56 43.93 -2.08
CA ASP I 279 42.42 42.85 -1.61
C ASP I 279 43.02 42.08 -2.76
N LYS I 280 42.23 41.79 -3.79
CA LYS I 280 42.75 41.07 -4.94
C LYS I 280 43.75 41.93 -5.72
N MET I 281 43.47 43.23 -5.85
CA MET I 281 44.41 44.11 -6.52
C MET I 281 45.70 44.26 -5.74
N LYS I 282 45.66 43.97 -4.44
CA LYS I 282 46.89 44.01 -3.65
C LYS I 282 47.91 42.98 -4.14
N HIS I 283 47.45 41.77 -4.46
CA HIS I 283 48.32 40.67 -4.81
C HIS I 283 48.39 40.39 -6.31
N CYS I 284 47.81 41.25 -7.14
CA CYS I 284 47.84 41.06 -8.59
C CYS I 284 47.87 42.44 -9.23
N SER I 285 49.01 42.78 -9.84
CA SER I 285 49.19 44.13 -10.36
C SER I 285 48.44 44.36 -11.65
N LYS I 286 48.00 43.30 -12.31
CA LYS I 286 47.36 43.44 -13.62
C LYS I 286 45.85 43.47 -13.56
N ILE I 287 45.26 43.54 -12.37
CA ILE I 287 43.81 43.69 -12.26
C ILE I 287 43.46 45.16 -12.24
N GLN I 288 42.58 45.57 -13.14
CA GLN I 288 42.04 46.92 -13.18
C GLN I 288 40.54 46.84 -12.94
N VAL I 289 39.96 47.93 -12.44
CA VAL I 289 38.56 47.94 -12.04
C VAL I 289 37.83 49.03 -12.80
N ILE I 290 36.73 48.65 -13.43
CA ILE I 290 35.77 49.59 -14.02
C ILE I 290 34.70 49.89 -12.99
N ASP I 291 34.47 51.17 -12.74
CA ASP I 291 33.37 51.57 -11.88
C ASP I 291 32.05 51.40 -12.62
N ILE I 292 31.12 50.66 -12.03
CA ILE I 292 29.76 50.56 -12.55
C ILE I 292 28.75 51.13 -11.57
N SER I 293 29.21 51.86 -10.56
CA SER I 293 28.30 52.42 -9.58
C SER I 293 27.36 53.44 -10.20
N MET I 294 27.78 54.10 -11.29
CA MET I 294 26.89 55.05 -11.94
C MET I 294 25.72 54.35 -12.61
N ILE I 295 25.95 53.18 -13.21
CA ILE I 295 24.85 52.44 -13.81
C ILE I 295 23.87 51.99 -12.74
N LEU I 296 24.38 51.48 -11.61
CA LEU I 296 23.49 51.06 -10.53
C LEU I 296 22.72 52.23 -9.95
N ALA I 297 23.38 53.35 -9.73
CA ALA I 297 22.71 54.53 -9.21
C ALA I 297 21.65 55.02 -10.17
N GLU I 298 21.96 55.02 -11.47
CA GLU I 298 21.00 55.47 -12.47
C GLU I 298 19.80 54.53 -12.54
N ALA I 299 20.04 53.22 -12.43
CA ALA I 299 18.93 52.27 -12.43
C ALA I 299 18.05 52.44 -11.19
N ILE I 300 18.66 52.65 -10.03
CA ILE I 300 17.86 52.87 -8.82
C ILE I 300 17.02 54.12 -8.97
N ARG I 301 17.64 55.20 -9.47
CA ARG I 301 16.93 56.46 -9.62
C ARG I 301 15.82 56.38 -10.65
N ARG I 302 16.05 55.65 -11.75
CA ARG I 302 15.04 55.52 -12.78
C ARG I 302 13.89 54.62 -12.35
N THR I 303 14.16 53.56 -11.59
CA THR I 303 13.05 52.77 -11.06
C THR I 303 12.26 53.57 -10.05
N HIS I 304 12.92 54.39 -9.25
CA HIS I 304 12.20 55.21 -8.29
C HIS I 304 11.32 56.23 -8.98
N ASN I 305 11.84 56.90 -10.01
CA ASN I 305 11.08 57.95 -10.68
C ASN I 305 10.18 57.43 -11.79
N GLY I 306 10.18 56.12 -12.05
CA GLY I 306 9.34 55.59 -13.09
C GLY I 306 9.81 55.86 -14.49
N GLU I 307 11.07 56.27 -14.66
CA GLU I 307 11.64 56.49 -15.98
C GLU I 307 12.12 55.17 -16.57
N SER I 308 12.40 55.18 -17.86
CA SER I 308 12.80 53.96 -18.55
C SER I 308 14.17 53.48 -18.06
N VAL I 309 14.23 52.21 -17.71
CA VAL I 309 15.49 51.60 -17.26
C VAL I 309 16.25 50.99 -18.43
N SER I 310 15.49 50.51 -19.44
CA SER I 310 16.10 49.89 -20.64
C SER I 310 16.91 50.92 -21.42
N TYR I 311 16.76 52.20 -21.08
CA TYR I 311 17.58 53.26 -21.72
C TYR I 311 19.05 52.97 -21.43
N LEU I 312 19.35 52.56 -20.20
CA LEU I 312 20.76 52.30 -19.79
C LEU I 312 21.39 51.20 -20.64
N PHE I 313 20.59 50.30 -21.23
CA PHE I 313 21.22 49.21 -21.96
C PHE I 313 22.14 49.71 -23.06
N SER I 314 21.98 50.96 -23.49
CA SER I 314 22.76 51.48 -24.60
C SER I 314 23.47 52.79 -24.31
N HIS I 315 23.36 53.33 -23.10
CA HIS I 315 23.89 54.65 -22.80
C HIS I 315 24.58 54.67 -21.45
N VAL I 316 25.77 55.27 -21.40
CA VAL I 316 26.50 55.50 -20.15
C VAL I 316 25.94 56.76 -19.50
N PRO I 317 25.46 56.68 -18.24
CA PRO I 317 24.95 57.85 -17.55
C PRO I 317 26.05 58.76 -17.02
N PRO J 2 7.16 3.42 0.20
CA PRO J 2 8.20 4.40 0.52
C PRO J 2 9.06 3.97 1.70
N ASN J 3 10.37 4.04 1.54
CA ASN J 3 11.31 3.65 2.57
C ASN J 3 11.98 4.87 3.17
N ILE J 4 12.50 4.71 4.37
CA ILE J 4 13.19 5.79 5.06
C ILE J 4 14.55 6.00 4.41
N LYS J 5 14.87 7.25 4.08
CA LYS J 5 16.21 7.64 3.69
C LYS J 5 16.68 8.69 4.67
N ILE J 6 17.84 8.46 5.29
CA ILE J 6 18.40 9.38 6.26
C ILE J 6 19.60 10.05 5.59
N PHE J 7 19.57 11.37 5.51
CA PHE J 7 20.67 12.13 4.95
C PHE J 7 21.24 13.04 6.03
N SER J 8 22.56 13.17 6.04
CA SER J 8 23.26 13.99 7.01
C SER J 8 23.76 15.26 6.33
N GLY J 9 23.60 16.38 7.01
CA GLY J 9 24.34 17.56 6.65
C GLY J 9 25.73 17.52 7.23
N SER J 10 26.47 18.61 7.02
CA SER J 10 27.81 18.68 7.56
C SER J 10 27.85 19.05 9.04
N SER J 11 26.75 19.59 9.58
CA SER J 11 26.80 20.17 10.92
C SER J 11 27.06 19.12 12.00
N HIS J 12 26.28 18.04 11.99
CA HIS J 12 26.35 17.04 13.06
C HIS J 12 26.32 15.64 12.43
N GLN J 13 27.49 15.17 12.01
CA GLN J 13 27.56 13.87 11.37
C GLN J 13 27.47 12.72 12.36
N ASP J 14 27.98 12.93 13.58
CA ASP J 14 27.90 11.90 14.61
C ASP J 14 26.45 11.62 14.98
N LEU J 15 25.65 12.66 15.17
CA LEU J 15 24.25 12.47 15.51
C LEU J 15 23.51 11.73 14.41
N SER J 16 23.77 12.09 13.16
CA SER J 16 23.12 11.41 12.05
C SER J 16 23.52 9.96 11.97
N GLN J 17 24.80 9.66 12.20
CA GLN J 17 25.22 8.26 12.19
C GLN J 17 24.55 7.47 13.31
N LYS J 18 24.45 8.06 14.50
CA LYS J 18 23.76 7.40 15.59
C LYS J 18 22.30 7.14 15.25
N ILE J 19 21.62 8.14 14.68
CA ILE J 19 20.22 7.98 14.33
C ILE J 19 20.06 6.87 13.30
N ALA J 20 20.92 6.86 12.28
CA ALA J 20 20.84 5.81 11.26
C ALA J 20 21.11 4.44 11.85
N ASP J 21 22.02 4.36 12.81
CA ASP J 21 22.28 3.09 13.49
C ASP J 21 21.03 2.60 14.22
N ARG J 22 20.33 3.49 14.91
CA ARG J 22 19.19 3.02 15.69
C ARG J 22 17.99 2.72 14.82
N LEU J 23 18.05 3.07 13.53
CA LEU J 23 17.00 2.70 12.60
C LEU J 23 17.39 1.52 11.72
N GLY J 24 18.57 0.96 11.92
CA GLY J 24 19.04 -0.11 11.07
C GLY J 24 19.26 0.28 9.63
N LEU J 25 19.77 1.48 9.39
CA LEU J 25 19.96 1.99 8.04
C LEU J 25 21.39 2.49 7.86
N GLU J 26 21.75 2.70 6.61
CA GLU J 26 22.96 3.42 6.26
C GLU J 26 22.60 4.84 5.86
N LEU J 27 23.48 5.78 6.19
CA LEU J 27 23.26 7.15 5.79
C LEU J 27 23.18 7.25 4.27
N GLY J 28 22.27 8.09 3.79
CA GLY J 28 22.13 8.25 2.36
C GLY J 28 23.37 8.84 1.73
N LYS J 29 23.60 8.47 0.48
CA LYS J 29 24.81 8.90 -0.22
C LYS J 29 24.64 10.33 -0.71
N VAL J 30 25.28 11.27 -0.03
CA VAL J 30 25.20 12.67 -0.42
C VAL J 30 26.57 13.29 -0.27
N VAL J 31 26.95 14.12 -1.24
CA VAL J 31 28.18 14.88 -1.20
C VAL J 31 27.82 16.33 -0.91
N THR J 32 28.33 16.85 0.19
CA THR J 32 28.06 18.23 0.60
C THR J 32 29.42 18.92 0.78
N LYS J 33 29.79 19.75 -0.18
CA LYS J 33 31.06 20.46 -0.08
C LYS J 33 30.88 21.93 -0.38
N LYS J 34 31.99 22.64 -0.52
CA LYS J 34 31.97 24.04 -0.92
C LYS J 34 32.77 24.19 -2.21
N PHE J 35 32.24 24.97 -3.14
CA PHE J 35 33.06 25.44 -4.23
C PHE J 35 34.10 26.42 -3.72
N SER J 36 34.99 26.83 -4.61
CA SER J 36 36.07 27.73 -4.23
C SER J 36 35.54 29.07 -3.74
N ASN J 37 34.39 29.49 -4.27
CA ASN J 37 33.81 30.77 -3.92
C ASN J 37 32.87 30.69 -2.73
N GLN J 38 33.02 29.68 -1.87
CA GLN J 38 32.24 29.52 -0.65
C GLN J 38 30.77 29.21 -0.93
N GLU J 39 30.47 28.65 -2.10
CA GLU J 39 29.12 28.28 -2.43
C GLU J 39 28.85 26.82 -2.09
N THR J 40 27.70 26.56 -1.48
CA THR J 40 27.34 25.20 -1.10
C THR J 40 27.09 24.34 -2.33
N CYS J 41 27.73 23.18 -2.38
CA CYS J 41 27.51 22.20 -3.43
C CYS J 41 26.89 20.96 -2.79
N VAL J 42 25.72 20.57 -3.27
CA VAL J 42 25.03 19.40 -2.76
C VAL J 42 24.73 18.47 -3.93
N GLU J 43 25.10 17.21 -3.78
CA GLU J 43 24.81 16.20 -4.79
C GLU J 43 24.25 14.96 -4.11
N ILE J 44 22.99 14.66 -4.37
CA ILE J 44 22.39 13.42 -3.88
C ILE J 44 22.90 12.29 -4.75
N GLY J 45 23.63 11.36 -4.14
CA GLY J 45 24.25 10.29 -4.87
C GLY J 45 23.40 9.06 -5.08
N GLU J 46 22.17 9.06 -4.59
CA GLU J 46 21.27 7.95 -4.79
C GLU J 46 19.88 8.48 -5.10
N SER J 47 19.12 7.70 -5.84
CA SER J 47 17.75 8.07 -6.16
C SER J 47 16.91 8.12 -4.89
N VAL J 48 16.14 9.18 -4.73
CA VAL J 48 15.21 9.32 -3.62
C VAL J 48 13.77 9.31 -4.11
N ARG J 49 13.55 8.89 -5.34
CA ARG J 49 12.23 8.95 -5.96
C ARG J 49 11.24 8.07 -5.20
N GLY J 50 10.17 8.68 -4.73
CA GLY J 50 9.15 7.96 -4.00
C GLY J 50 9.54 7.52 -2.61
N GLU J 51 10.55 8.13 -2.02
CA GLU J 51 11.06 7.72 -0.72
C GLU J 51 10.66 8.73 0.35
N ASP J 52 10.82 8.30 1.60
CA ASP J 52 10.55 9.15 2.76
C ASP J 52 11.88 9.67 3.29
N VAL J 53 12.26 10.86 2.84
CA VAL J 53 13.57 11.43 3.08
C VAL J 53 13.58 12.20 4.40
N TYR J 54 14.57 11.94 5.23
CA TYR J 54 14.80 12.69 6.46
C TYR J 54 16.20 13.27 6.40
N ILE J 55 16.31 14.58 6.53
CA ILE J 55 17.59 15.27 6.50
C ILE J 55 17.89 15.76 7.89
N VAL J 56 19.02 15.35 8.44
CA VAL J 56 19.43 15.71 9.78
C VAL J 56 20.46 16.82 9.69
N GLN J 57 20.15 17.95 10.30
CA GLN J 57 21.02 19.12 10.26
C GLN J 57 20.65 20.00 11.42
N SER J 58 21.63 20.38 12.24
CA SER J 58 21.35 21.18 13.42
C SER J 58 21.85 22.60 13.22
N GLY J 59 21.11 23.55 13.78
CA GLY J 59 21.45 24.95 13.69
C GLY J 59 22.60 25.31 14.60
N CYS J 60 23.79 24.84 14.26
CA CYS J 60 24.97 25.00 15.08
C CYS J 60 26.15 25.32 14.19
N GLY J 61 27.32 25.49 14.79
CA GLY J 61 28.52 25.75 14.03
C GLY J 61 28.39 27.03 13.24
N GLU J 62 28.81 26.97 11.99
CA GLU J 62 28.62 28.08 11.05
C GLU J 62 27.18 28.03 10.57
N ILE J 63 26.34 28.86 11.20
CA ILE J 63 24.90 28.65 11.16
C ILE J 63 24.34 28.92 9.78
N ASN J 64 24.75 30.02 9.14
CA ASN J 64 24.17 30.35 7.84
C ASN J 64 24.56 29.33 6.80
N ASP J 65 25.78 28.81 6.90
CA ASP J 65 26.25 27.81 5.95
C ASP J 65 25.46 26.52 6.11
N ASN J 66 25.24 26.09 7.36
CA ASN J 66 24.47 24.89 7.61
C ASN J 66 23.02 25.05 7.17
N LEU J 67 22.44 26.22 7.41
CA LEU J 67 21.06 26.43 7.00
C LEU J 67 20.94 26.43 5.49
N MET J 68 21.89 27.04 4.80
CA MET J 68 21.87 27.02 3.34
C MET J 68 22.02 25.60 2.80
N GLU J 69 22.92 24.82 3.39
CA GLU J 69 23.07 23.42 3.01
C GLU J 69 21.78 22.66 3.23
N LEU J 70 21.11 22.90 4.35
CA LEU J 70 19.87 22.20 4.64
C LEU J 70 18.79 22.56 3.62
N LEU J 71 18.64 23.84 3.31
CA LEU J 71 17.63 24.25 2.34
C LEU J 71 17.92 23.67 0.97
N ILE J 72 19.20 23.67 0.57
CA ILE J 72 19.58 23.15 -0.72
C ILE J 72 19.32 21.65 -0.80
N MET J 73 19.61 20.91 0.27
CA MET J 73 19.32 19.49 0.31
C MET J 73 17.82 19.23 0.23
N ILE J 74 17.02 20.00 0.97
CA ILE J 74 15.58 19.82 0.93
C ILE J 74 15.06 20.05 -0.48
N ASN J 75 15.51 21.12 -1.12
CA ASN J 75 15.05 21.40 -2.48
C ASN J 75 15.51 20.33 -3.45
N ALA J 76 16.74 19.84 -3.29
CA ALA J 76 17.24 18.79 -4.16
C ALA J 76 16.41 17.52 -4.04
N CYS J 77 16.05 17.14 -2.82
CA CYS J 77 15.23 15.95 -2.66
C CYS J 77 13.81 16.19 -3.14
N LYS J 78 13.30 17.41 -3.00
CA LYS J 78 11.95 17.70 -3.44
C LYS J 78 11.83 17.64 -4.97
N ILE J 79 12.77 18.23 -5.70
CA ILE J 79 12.69 18.16 -7.16
C ILE J 79 13.28 16.89 -7.72
N ALA J 80 13.80 16.01 -6.86
CA ALA J 80 14.14 14.66 -7.25
C ALA J 80 13.01 13.68 -6.97
N SER J 81 11.80 14.19 -6.70
CA SER J 81 10.57 13.41 -6.64
C SER J 81 10.53 12.51 -5.41
N ALA J 82 11.07 12.97 -4.30
CA ALA J 82 10.84 12.29 -3.03
C ALA J 82 9.37 12.41 -2.66
N SER J 83 8.80 11.35 -2.10
CA SER J 83 7.40 11.40 -1.71
C SER J 83 7.18 12.42 -0.61
N ARG J 84 8.11 12.51 0.33
CA ARG J 84 7.97 13.39 1.48
C ARG J 84 9.36 13.71 1.99
N VAL J 85 9.57 14.98 2.33
CA VAL J 85 10.86 15.46 2.84
C VAL J 85 10.64 16.04 4.22
N THR J 86 11.41 15.53 5.19
CA THR J 86 11.34 15.98 6.56
C THR J 86 12.69 16.55 6.97
N ALA J 87 12.68 17.73 7.56
CA ALA J 87 13.88 18.35 8.09
C ALA J 87 13.97 18.03 9.58
N VAL J 88 14.98 17.26 9.95
CA VAL J 88 15.24 16.94 11.34
C VAL J 88 16.26 17.96 11.83
N ILE J 89 15.80 18.92 12.62
CA ILE J 89 16.60 20.08 13.01
C ILE J 89 16.70 20.09 14.53
N PRO J 90 17.64 19.36 15.12
CA PRO J 90 17.64 19.24 16.59
C PRO J 90 17.75 20.56 17.32
N CYS J 91 18.56 21.50 16.83
CA CYS J 91 18.59 22.85 17.36
C CYS J 91 18.17 23.80 16.25
N PHE J 92 17.05 24.49 16.45
CA PHE J 92 16.46 25.30 15.41
C PHE J 92 17.25 26.60 15.25
N PRO J 93 17.73 26.92 14.06
CA PRO J 93 18.50 28.16 13.88
C PRO J 93 17.61 29.39 13.94
N TYR J 94 18.15 30.45 14.55
CA TYR J 94 17.48 31.73 14.72
C TYR J 94 16.24 31.63 15.60
N ALA J 95 16.15 30.59 16.42
CA ALA J 95 14.97 30.40 17.26
C ALA J 95 14.82 31.54 18.27
N ARG J 96 15.91 32.18 18.65
CA ARG J 96 15.81 33.28 19.61
C ARG J 96 15.34 34.58 18.97
N GLN J 97 15.24 34.65 17.65
CA GLN J 97 14.67 35.80 16.97
C GLN J 97 13.18 35.57 16.72
N ASP J 98 12.43 35.37 17.79
CA ASP J 98 11.04 34.99 17.69
C ASP J 98 10.07 36.15 17.88
N LYS J 99 10.57 37.35 18.18
CA LYS J 99 9.66 38.46 18.47
C LYS J 99 10.37 39.77 18.19
N LYS J 100 9.58 40.83 18.02
CA LYS J 100 10.12 42.15 17.73
C LYS J 100 10.39 42.94 19.00
N ASP J 101 9.37 43.16 19.83
CA ASP J 101 9.52 43.70 21.17
C ASP J 101 10.14 45.11 21.14
N LYS J 102 9.38 46.03 20.57
CA LYS J 102 9.70 47.47 20.59
C LYS J 102 10.99 47.78 19.83
N SER J 103 11.29 47.02 18.79
CA SER J 103 12.47 47.25 17.97
C SER J 103 12.13 46.94 16.52
N ARG J 104 12.84 47.63 15.62
CA ARG J 104 12.67 47.40 14.18
C ARG J 104 13.52 46.19 13.78
N ALA J 105 13.31 45.11 14.50
CA ALA J 105 14.09 43.90 14.34
C ALA J 105 13.31 42.89 13.52
N PRO J 106 14.00 42.10 12.71
CA PRO J 106 13.34 41.03 11.98
C PRO J 106 13.03 39.87 12.91
N ILE J 107 11.90 39.23 12.65
CA ILE J 107 11.56 37.96 13.29
C ILE J 107 12.23 36.91 12.42
N SER J 108 13.51 36.66 12.67
CA SER J 108 14.29 35.81 11.78
C SER J 108 13.84 34.37 11.82
N ALA J 109 13.27 33.93 12.95
CA ALA J 109 12.76 32.56 13.02
C ALA J 109 11.62 32.34 12.04
N LYS J 110 10.76 33.33 11.89
CA LYS J 110 9.68 33.24 10.90
C LYS J 110 10.25 33.18 9.49
N LEU J 111 11.31 33.96 9.23
CA LEU J 111 11.95 33.91 7.92
C LEU J 111 12.54 32.53 7.65
N VAL J 112 13.16 31.92 8.66
CA VAL J 112 13.71 30.58 8.50
C VAL J 112 12.59 29.58 8.23
N ALA J 113 11.47 29.71 8.94
CA ALA J 113 10.33 28.82 8.69
C ALA J 113 9.81 28.99 7.27
N ASN J 114 9.72 30.22 6.79
CA ASN J 114 9.27 30.48 5.43
C ASN J 114 10.22 29.88 4.40
N MET J 115 11.52 30.00 4.63
CA MET J 115 12.49 29.44 3.71
C MET J 115 12.45 27.93 3.71
N LEU J 116 12.25 27.31 4.87
CA LEU J 116 12.11 25.87 4.93
C LEU J 116 10.86 25.42 4.19
N SER J 117 9.77 26.18 4.32
CA SER J 117 8.55 25.84 3.61
C SER J 117 8.72 25.97 2.10
N VAL J 118 9.38 27.04 1.64
CA VAL J 118 9.51 27.25 0.20
C VAL J 118 10.57 26.35 -0.42
N ALA J 119 11.53 25.86 0.38
CA ALA J 119 12.44 24.83 -0.12
C ALA J 119 11.71 23.51 -0.37
N GLY J 120 10.62 23.27 0.35
CA GLY J 120 9.79 22.12 0.07
C GLY J 120 9.65 21.13 1.21
N ALA J 121 10.03 21.55 2.42
CA ALA J 121 9.89 20.67 3.57
C ALA J 121 8.42 20.43 3.88
N ASP J 122 8.06 19.18 4.12
CA ASP J 122 6.70 18.82 4.48
C ASP J 122 6.51 18.60 5.96
N HIS J 123 7.61 18.44 6.70
CA HIS J 123 7.55 18.09 8.10
C HIS J 123 8.83 18.55 8.77
N ILE J 124 8.69 19.06 9.99
CA ILE J 124 9.82 19.48 10.78
C ILE J 124 9.83 18.66 12.07
N ILE J 125 10.97 18.08 12.40
CA ILE J 125 11.20 17.47 13.70
C ILE J 125 12.31 18.26 14.38
N THR J 126 12.02 18.77 15.56
CA THR J 126 12.98 19.59 16.30
C THR J 126 12.88 19.23 17.77
N MET J 127 13.85 19.68 18.55
CA MET J 127 13.94 19.34 19.97
C MET J 127 14.02 20.62 20.80
N ASP J 128 13.09 20.77 21.74
CA ASP J 128 13.09 21.87 22.70
C ASP J 128 13.24 23.22 22.01
N LEU J 129 12.24 23.56 21.21
CA LEU J 129 12.18 24.89 20.61
C LEU J 129 12.26 25.96 21.69
N HIS J 130 12.98 27.04 21.39
CA HIS J 130 13.14 28.11 22.37
C HIS J 130 11.80 28.69 22.77
N ALA J 131 10.92 28.91 21.80
CA ALA J 131 9.55 29.28 22.07
C ALA J 131 8.64 28.31 21.35
N SER J 132 7.64 27.78 22.05
CA SER J 132 6.69 26.87 21.41
C SER J 132 5.90 27.55 20.31
N GLN J 133 5.74 28.88 20.36
CA GLN J 133 5.01 29.59 19.33
C GLN J 133 5.67 29.48 17.97
N ILE J 134 6.93 29.06 17.91
CA ILE J 134 7.59 28.85 16.63
C ILE J 134 6.89 27.77 15.85
N GLN J 135 6.22 26.84 16.53
CA GLN J 135 5.41 25.85 15.82
C GLN J 135 4.35 26.52 14.96
N GLY J 136 3.84 27.67 15.41
CA GLY J 136 2.89 28.44 14.64
C GLY J 136 3.49 29.22 13.50
N PHE J 137 4.82 29.34 13.43
CA PHE J 137 5.45 30.01 12.30
C PHE J 137 5.34 29.19 11.02
N PHE J 138 5.11 27.89 11.13
CA PHE J 138 5.00 27.01 9.98
C PHE J 138 3.53 26.77 9.65
N ASP J 139 3.28 26.41 8.39
CA ASP J 139 1.99 25.86 8.00
C ASP J 139 2.03 24.36 7.81
N ILE J 140 3.19 23.74 7.99
CA ILE J 140 3.34 22.28 7.92
C ILE J 140 3.38 21.75 9.34
N PRO J 141 3.20 20.45 9.55
CA PRO J 141 3.31 19.92 10.92
C PRO J 141 4.73 20.03 11.45
N VAL J 142 4.84 20.37 12.73
CA VAL J 142 6.12 20.45 13.42
C VAL J 142 6.02 19.62 14.69
N ASP J 143 6.94 18.68 14.84
CA ASP J 143 7.02 17.86 16.05
C ASP J 143 8.12 18.43 16.94
N ASN J 144 7.75 18.90 18.11
CA ASN J 144 8.68 19.54 19.03
C ASN J 144 8.95 18.59 20.18
N LEU J 145 10.01 17.79 20.06
CA LEU J 145 10.35 16.80 21.07
C LEU J 145 10.95 17.49 22.29
N TYR J 146 10.92 16.76 23.40
CA TYR J 146 11.43 17.27 24.67
C TYR J 146 12.55 16.38 25.15
N ALA J 147 13.59 16.99 25.68
CA ALA J 147 14.69 16.23 26.28
C ALA J 147 14.39 15.83 27.72
N GLU J 148 13.25 16.24 28.26
CA GLU J 148 12.91 15.96 29.65
C GLU J 148 13.02 14.49 30.03
N PRO J 149 12.52 13.52 29.24
CA PRO J 149 12.73 12.12 29.63
C PRO J 149 14.19 11.77 29.87
N ALA J 150 15.06 12.11 28.91
CA ALA J 150 16.48 11.82 29.06
C ALA J 150 17.09 12.61 30.20
N VAL J 151 16.62 13.83 30.44
CA VAL J 151 17.13 14.63 31.54
C VAL J 151 16.81 13.99 32.88
N LEU J 152 15.56 13.55 33.05
CA LEU J 152 15.17 12.88 34.28
C LEU J 152 15.96 11.59 34.48
N LYS J 153 16.16 10.84 33.41
CA LYS J 153 16.97 9.63 33.50
C LYS J 153 18.37 9.96 33.99
N TRP J 154 18.99 10.98 33.41
CA TRP J 154 20.33 11.36 33.86
C TRP J 154 20.34 11.81 35.31
N ILE J 155 19.35 12.61 35.71
CA ILE J 155 19.30 13.09 37.08
C ILE J 155 19.19 11.93 38.05
N ARG J 156 18.33 10.97 37.74
CA ARG J 156 18.13 9.84 38.65
C ARG J 156 19.36 8.95 38.70
N GLU J 157 20.05 8.77 37.58
CA GLU J 157 21.21 7.89 37.59
C GLU J 157 22.51 8.60 37.90
N ASN J 158 22.49 9.90 38.19
CA ASN J 158 23.73 10.63 38.42
C ASN J 158 23.75 11.50 39.66
N ILE J 159 22.61 11.83 40.24
CA ILE J 159 22.55 12.65 41.44
C ILE J 159 21.91 11.80 42.53
N SER J 160 22.75 11.21 43.39
CA SER J 160 22.24 10.29 44.40
C SER J 160 21.28 10.96 45.36
N GLU J 161 21.37 12.28 45.50
CA GLU J 161 20.54 13.05 46.41
C GLU J 161 19.34 13.68 45.70
N TRP J 162 18.85 13.05 44.63
CA TRP J 162 17.87 13.70 43.78
C TRP J 162 16.48 13.75 44.40
N ARG J 163 16.23 12.96 45.46
CA ARG J 163 14.93 13.02 46.11
C ARG J 163 14.78 14.25 46.98
N ASN J 164 15.88 14.84 47.42
CA ASN J 164 15.86 16.04 48.24
C ASN J 164 16.36 17.26 47.47
N CYS J 165 16.71 17.09 46.20
CA CYS J 165 17.33 18.14 45.41
C CYS J 165 16.33 19.24 45.07
N THR J 166 16.79 20.22 44.30
CA THR J 166 15.98 21.36 43.89
C THR J 166 16.16 21.57 42.40
N ILE J 167 15.08 21.95 41.73
CA ILE J 167 15.11 22.25 40.30
C ILE J 167 14.91 23.76 40.13
N VAL J 168 15.92 24.43 39.60
CA VAL J 168 15.98 25.89 39.60
C VAL J 168 15.95 26.37 38.17
N SER J 169 15.20 27.42 37.93
CA SER J 169 15.20 28.03 36.61
C SER J 169 16.14 29.23 36.60
N PRO J 170 16.95 29.42 35.54
CA PRO J 170 17.87 30.57 35.53
C PRO J 170 17.17 31.88 35.30
N ASP J 171 16.03 31.88 34.62
CA ASP J 171 15.29 33.10 34.38
C ASP J 171 13.80 32.80 34.54
N ALA J 172 12.98 33.85 34.40
CA ALA J 172 11.55 33.67 34.46
C ALA J 172 11.03 32.79 33.32
N GLY J 173 11.57 32.94 32.12
CA GLY J 173 11.01 32.27 30.97
C GLY J 173 11.20 30.76 30.98
N GLY J 174 12.00 30.26 31.92
CA GLY J 174 12.22 28.83 32.02
C GLY J 174 11.34 28.11 33.02
N ALA J 175 10.28 28.77 33.51
CA ALA J 175 9.52 28.25 34.63
C ALA J 175 8.83 26.93 34.31
N LYS J 176 8.20 26.84 33.14
CA LYS J 176 7.37 25.69 32.83
C LYS J 176 8.18 24.41 32.80
N ARG J 177 9.36 24.46 32.17
CA ARG J 177 10.18 23.27 32.01
C ARG J 177 10.63 22.73 33.36
N VAL J 178 11.08 23.62 34.24
CA VAL J 178 11.57 23.18 35.54
C VAL J 178 10.40 22.68 36.40
N THR J 179 9.23 23.31 36.27
CA THR J 179 8.08 22.82 37.02
C THR J 179 7.69 21.42 36.59
N SER J 180 7.71 21.16 35.28
CA SER J 180 7.43 19.81 34.80
C SER J 180 8.45 18.82 35.32
N ILE J 181 9.73 19.18 35.28
CA ILE J 181 10.78 18.28 35.76
C ILE J 181 10.57 17.98 37.24
N ALA J 182 10.29 19.02 38.03
CA ALA J 182 10.08 18.85 39.46
C ALA J 182 8.88 17.97 39.73
N ASP J 183 7.79 18.17 39.00
CA ASP J 183 6.60 17.35 39.19
C ASP J 183 6.89 15.89 38.89
N ARG J 184 7.58 15.60 37.79
CA ARG J 184 7.90 14.22 37.50
C ARG J 184 8.89 13.62 38.49
N LEU J 185 9.73 14.43 39.13
CA LEU J 185 10.62 13.94 40.16
C LEU J 185 10.03 14.04 41.57
N ASN J 186 8.96 14.82 41.75
CA ASN J 186 8.39 15.10 43.07
C ASN J 186 9.44 15.71 43.98
N VAL J 187 9.91 16.90 43.59
CA VAL J 187 10.91 17.65 44.34
C VAL J 187 10.46 19.10 44.42
N ASP J 188 11.07 19.83 45.35
CA ASP J 188 10.83 21.25 45.45
C ASP J 188 11.55 21.96 44.32
N PHE J 189 10.95 23.05 43.85
CA PHE J 189 11.52 23.79 42.73
C PHE J 189 11.71 25.26 43.11
N ALA J 190 12.95 25.70 43.04
CA ALA J 190 13.31 27.08 43.33
C ALA J 190 13.22 27.91 42.05
N LEU J 191 13.39 29.21 42.19
CA LEU J 191 13.46 30.09 41.04
C LEU J 191 14.50 31.19 41.26
N ILE J 192 14.98 31.74 40.17
CA ILE J 192 16.01 32.76 40.18
C ILE J 192 15.65 33.82 39.15
N HIS J 193 15.80 35.09 39.51
CA HIS J 193 15.74 36.13 38.49
C HIS J 193 16.53 37.34 38.95
N LYS J 194 17.15 38.03 38.00
CA LYS J 194 17.94 39.21 38.31
C LYS J 194 17.02 40.38 38.61
N GLU J 195 17.58 41.42 39.23
CA GLU J 195 16.83 42.62 39.55
C GLU J 195 17.29 43.79 38.69
N ASP J 203 22.15 44.28 38.65
CA ASP J 203 23.24 43.32 38.65
C ASP J 203 23.03 42.24 39.71
N ARG J 204 21.99 42.41 40.52
CA ARG J 204 21.67 41.46 41.58
C ARG J 204 20.55 40.54 41.12
N MET J 205 20.49 39.36 41.76
CA MET J 205 19.44 38.39 41.53
C MET J 205 18.86 37.91 42.85
N VAL J 206 17.62 37.46 42.79
CA VAL J 206 16.92 36.89 43.93
C VAL J 206 16.57 35.44 43.62
N LEU J 207 16.82 34.58 44.61
CA LEU J 207 16.50 33.16 44.56
C LEU J 207 15.40 32.88 45.59
N VAL J 208 14.35 32.21 45.16
CA VAL J 208 13.22 31.86 46.01
C VAL J 208 13.15 30.34 46.09
N GLY J 209 13.09 29.82 47.31
CA GLY J 209 13.09 28.37 47.49
C GLY J 209 14.30 27.94 48.30
N ASP J 210 14.03 27.15 49.35
CA ASP J 210 15.09 26.74 50.27
C ASP J 210 16.07 25.82 49.56
N VAL J 211 17.36 26.16 49.64
CA VAL J 211 18.41 25.41 48.96
C VAL J 211 19.57 25.04 49.86
N LYS J 212 19.59 25.54 51.11
CA LYS J 212 20.71 25.27 51.99
C LYS J 212 20.88 23.77 52.22
N ASP J 213 22.13 23.31 52.10
CA ASP J 213 22.51 21.91 52.20
C ASP J 213 21.82 21.04 51.16
N ARG J 214 21.12 21.65 50.21
CA ARG J 214 20.41 20.93 49.16
C ARG J 214 21.06 21.21 47.81
N VAL J 215 21.17 20.17 47.00
CA VAL J 215 21.70 20.32 45.66
C VAL J 215 20.73 21.14 44.82
N ALA J 216 21.25 22.16 44.14
CA ALA J 216 20.49 22.92 43.16
C ALA J 216 20.76 22.36 41.77
N ILE J 217 19.72 22.32 40.95
CA ILE J 217 19.81 21.86 39.57
C ILE J 217 19.27 22.97 38.69
N LEU J 218 20.15 23.72 38.06
CA LEU J 218 19.71 24.63 37.01
C LEU J 218 19.29 23.84 35.78
N VAL J 219 18.10 24.13 35.28
CA VAL J 219 17.59 23.52 34.08
C VAL J 219 17.18 24.63 33.14
N ASP J 220 17.65 24.57 31.90
CA ASP J 220 17.37 25.62 30.94
C ASP J 220 17.46 25.03 29.54
N ASP J 221 16.90 25.75 28.57
CA ASP J 221 16.86 25.25 27.20
C ASP J 221 18.21 25.38 26.48
N MET J 222 18.94 26.47 26.66
CA MET J 222 20.20 26.58 25.95
C MET J 222 21.17 27.42 26.76
N ALA J 223 22.45 27.24 26.46
CA ALA J 223 23.51 28.09 27.00
C ALA J 223 24.35 28.55 25.81
N ASP J 224 24.30 29.84 25.51
CA ASP J 224 25.08 30.39 24.38
C ASP J 224 26.39 30.96 24.88
N THR J 225 26.32 32.00 25.69
CA THR J 225 27.49 32.61 26.31
C THR J 225 27.63 32.24 27.77
N CYS J 226 26.65 31.50 28.30
CA CYS J 226 26.65 30.99 29.66
C CYS J 226 26.67 32.09 30.71
N GLY J 227 26.29 33.31 30.33
CA GLY J 227 26.10 34.35 31.33
C GLY J 227 24.94 34.05 32.26
N THR J 228 23.84 33.55 31.70
CA THR J 228 22.65 33.27 32.50
C THR J 228 22.93 32.20 33.56
N ILE J 229 23.47 31.06 33.14
CA ILE J 229 23.70 29.99 34.10
C ILE J 229 24.81 30.36 35.07
N CYS J 230 25.79 31.14 34.63
CA CYS J 230 26.87 31.52 35.55
C CYS J 230 26.37 32.47 36.64
N HIS J 231 25.56 33.46 36.27
CA HIS J 231 24.97 34.32 37.28
C HIS J 231 24.05 33.54 38.21
N ALA J 232 23.27 32.61 37.65
CA ALA J 232 22.40 31.80 38.49
C ALA J 232 23.20 30.95 39.48
N ALA J 233 24.31 30.37 39.03
CA ALA J 233 25.14 29.57 39.92
C ALA J 233 25.79 30.43 40.99
N ASP J 234 26.22 31.64 40.63
CA ASP J 234 26.76 32.55 41.62
C ASP J 234 25.75 32.81 42.72
N LYS J 235 24.51 33.14 42.36
CA LYS J 235 23.50 33.38 43.37
C LYS J 235 23.19 32.13 44.18
N LEU J 236 23.13 30.97 43.52
CA LEU J 236 22.84 29.74 44.24
C LEU J 236 23.90 29.46 45.29
N LEU J 237 25.17 29.75 44.97
CA LEU J 237 26.20 29.57 45.97
C LEU J 237 26.15 30.66 47.04
N SER J 238 25.59 31.84 46.70
CA SER J 238 25.37 32.85 47.73
C SER J 238 24.39 32.34 48.78
N ALA J 239 23.34 31.64 48.36
CA ALA J 239 22.34 31.11 49.27
C ALA J 239 22.76 29.79 49.91
N GLY J 240 24.06 29.46 49.84
CA GLY J 240 24.59 28.35 50.60
C GLY J 240 24.24 26.96 50.09
N ALA J 241 23.85 26.83 48.83
CA ALA J 241 23.61 25.51 48.27
C ALA J 241 24.90 24.71 48.22
N THR J 242 24.78 23.40 48.45
CA THR J 242 25.97 22.56 48.58
C THR J 242 26.66 22.41 47.23
N ARG J 243 25.96 21.84 46.25
CA ARG J 243 26.49 21.65 44.91
C ARG J 243 25.49 22.19 43.90
N VAL J 244 26.01 22.63 42.75
CA VAL J 244 25.21 23.24 41.70
C VAL J 244 25.41 22.46 40.41
N TYR J 245 24.31 22.16 39.74
CA TYR J 245 24.27 21.49 38.45
C TYR J 245 23.58 22.36 37.43
N ALA J 246 24.06 22.31 36.19
CA ALA J 246 23.39 22.96 35.09
C ALA J 246 23.04 21.90 34.07
N ILE J 247 21.79 21.89 33.60
CA ILE J 247 21.35 20.93 32.60
C ILE J 247 20.71 21.70 31.46
N LEU J 248 21.11 21.38 30.23
CA LEU J 248 20.73 22.12 29.04
C LEU J 248 20.52 21.15 27.88
N THR J 249 19.56 21.47 27.03
CA THR J 249 19.40 20.62 25.87
C THR J 249 20.28 21.09 24.72
N HIS J 250 20.60 22.37 24.63
CA HIS J 250 21.44 22.88 23.56
C HIS J 250 22.66 23.58 24.14
N GLY J 251 23.83 22.95 23.96
CA GLY J 251 25.08 23.52 24.38
C GLY J 251 25.81 24.28 23.29
N ILE J 252 25.34 25.47 22.93
CA ILE J 252 25.99 26.24 21.88
C ILE J 252 27.40 26.60 22.27
N PHE J 253 27.59 27.11 23.49
CA PHE J 253 28.91 27.36 24.06
C PHE J 253 29.76 28.24 23.15
N SER J 254 29.28 29.44 22.88
CA SER J 254 29.99 30.34 21.99
C SER J 254 30.69 31.44 22.78
N GLY J 255 31.77 31.95 22.21
CA GLY J 255 32.50 33.05 22.80
C GLY J 255 33.16 32.70 24.11
N PRO J 256 32.82 33.46 25.16
CA PRO J 256 33.50 33.29 26.45
C PRO J 256 32.92 32.17 27.28
N ALA J 257 32.12 31.30 26.67
CA ALA J 257 31.37 30.32 27.43
C ALA J 257 32.29 29.34 28.15
N ILE J 258 33.31 28.82 27.46
CA ILE J 258 34.13 27.78 28.05
C ILE J 258 34.94 28.34 29.22
N SER J 259 35.50 29.54 29.05
CA SER J 259 36.22 30.16 30.15
C SER J 259 35.31 30.42 31.34
N ARG J 260 34.08 30.90 31.08
CA ARG J 260 33.16 31.15 32.18
C ARG J 260 32.81 29.86 32.92
N ILE J 261 32.57 28.78 32.19
CA ILE J 261 32.23 27.51 32.84
C ILE J 261 33.42 26.99 33.62
N ASN J 262 34.62 27.16 33.09
CA ASN J 262 35.82 26.72 33.80
C ASN J 262 36.03 27.52 35.08
N ASN J 263 35.74 28.81 35.04
CA ASN J 263 35.88 29.66 36.21
C ASN J 263 34.66 29.63 37.12
N ALA J 264 33.59 28.97 36.73
CA ALA J 264 32.38 28.93 37.53
C ALA J 264 32.49 27.84 38.58
N CYS J 265 31.38 27.62 39.28
CA CYS J 265 31.31 26.68 40.40
C CYS J 265 30.35 25.52 40.16
N PHE J 266 30.12 25.16 38.90
CA PHE J 266 29.25 24.03 38.62
C PHE J 266 29.92 22.73 39.02
N GLU J 267 29.13 21.80 39.56
CA GLU J 267 29.62 20.44 39.70
C GLU J 267 29.56 19.70 38.38
N ALA J 268 28.63 20.09 37.51
CA ALA J 268 28.55 19.54 36.16
C ALA J 268 27.69 20.44 35.31
N VAL J 269 28.05 20.54 34.05
CA VAL J 269 27.24 21.16 33.02
C VAL J 269 26.88 20.06 32.05
N VAL J 270 25.64 19.61 32.09
CA VAL J 270 25.17 18.51 31.27
C VAL J 270 24.42 19.10 30.09
N VAL J 271 24.72 18.62 28.90
CA VAL J 271 24.03 19.06 27.69
C VAL J 271 23.62 17.85 26.89
N THR J 272 22.59 18.03 26.05
CA THR J 272 22.20 16.93 25.13
C THR J 272 22.96 17.15 23.82
N ASN J 273 23.24 16.07 23.09
CA ASN J 273 24.05 16.14 21.87
C ASN J 273 23.21 16.59 20.67
N THR J 274 22.42 17.64 20.82
CA THR J 274 21.80 18.26 19.66
C THR J 274 22.83 19.06 18.87
N ILE J 275 23.94 19.40 19.51
CA ILE J 275 25.05 20.12 18.92
C ILE J 275 26.28 19.27 19.21
N PRO J 276 27.22 19.15 18.27
CA PRO J 276 28.45 18.41 18.58
C PRO J 276 29.21 19.06 19.72
N GLN J 277 29.71 18.25 20.67
CA GLN J 277 30.36 18.85 21.86
C GLN J 277 31.79 18.35 22.05
N GLU J 278 32.28 17.47 21.18
CA GLU J 278 33.63 16.87 21.36
C GLU J 278 34.68 17.97 21.58
N ASP J 279 34.70 19.00 20.73
CA ASP J 279 35.64 20.10 20.84
C ASP J 279 35.46 20.87 22.13
N LYS J 280 34.22 21.14 22.51
CA LYS J 280 33.97 21.86 23.76
C LYS J 280 34.36 21.02 24.96
N MET J 281 34.08 19.72 24.92
CA MET J 281 34.49 18.85 26.01
C MET J 281 36.00 18.74 26.11
N LYS J 282 36.71 19.03 25.02
CA LYS J 282 38.17 19.03 25.07
C LYS J 282 38.70 20.07 26.05
N HIS J 283 38.12 21.26 26.04
CA HIS J 283 38.61 22.38 26.83
C HIS J 283 37.80 22.66 28.09
N CYS J 284 36.87 21.79 28.45
CA CYS J 284 36.06 21.95 29.64
C CYS J 284 35.75 20.58 30.20
N SER J 285 36.34 20.26 31.36
CA SER J 285 36.22 18.91 31.89
C SER J 285 34.87 18.65 32.52
N LYS J 286 34.10 19.70 32.81
CA LYS J 286 32.85 19.54 33.52
C LYS J 286 31.64 19.48 32.60
N ILE J 287 31.83 19.41 31.29
CA ILE J 287 30.72 19.23 30.37
C ILE J 287 30.47 17.74 30.17
N GLN J 288 29.24 17.31 30.41
CA GLN J 288 28.80 15.95 30.14
C GLN J 288 27.71 15.99 29.08
N VAL J 289 27.54 14.90 28.35
CA VAL J 289 26.63 14.85 27.23
C VAL J 289 25.61 13.74 27.44
N ILE J 290 24.34 14.09 27.32
CA ILE J 290 23.24 13.14 27.27
C ILE J 290 22.96 12.81 25.81
N ASP J 291 22.94 11.53 25.47
CA ASP J 291 22.53 11.12 24.14
C ASP J 291 21.02 11.25 24.00
N ILE J 292 20.59 11.98 22.98
CA ILE J 292 19.18 12.04 22.63
C ILE J 292 18.91 11.45 21.25
N SER J 293 19.89 10.74 20.69
CA SER J 293 19.70 10.18 19.36
C SER J 293 18.61 9.13 19.35
N MET J 294 18.34 8.48 20.49
CA MET J 294 17.26 7.49 20.52
C MET J 294 15.90 8.17 20.39
N ILE J 295 15.73 9.34 21.01
CA ILE J 295 14.47 10.06 20.87
C ILE J 295 14.26 10.50 19.43
N LEU J 296 15.31 11.01 18.79
CA LEU J 296 15.18 11.43 17.40
C LEU J 296 14.91 10.25 16.47
N ALA J 297 15.62 9.13 16.69
CA ALA J 297 15.37 7.95 15.88
C ALA J 297 13.97 7.42 16.07
N GLU J 298 13.48 7.42 17.32
CA GLU J 298 12.13 6.95 17.59
C GLU J 298 11.10 7.87 16.95
N ALA J 299 11.32 9.18 16.98
CA ALA J 299 10.40 10.10 16.35
C ALA J 299 10.38 9.92 14.84
N ILE J 300 11.55 9.74 14.23
CA ILE J 300 11.60 9.50 12.79
C ILE J 300 10.85 8.23 12.44
N ARG J 301 11.08 7.18 13.20
CA ARG J 301 10.45 5.89 12.92
C ARG J 301 8.95 5.94 13.14
N ARG J 302 8.50 6.67 14.16
CA ARG J 302 7.07 6.76 14.43
C ARG J 302 6.35 7.64 13.41
N THR J 303 6.99 8.72 12.94
CA THR J 303 6.37 9.49 11.88
C THR J 303 6.31 8.67 10.59
N HIS J 304 7.34 7.88 10.32
CA HIS J 304 7.30 7.05 9.12
C HIS J 304 6.21 5.99 9.20
N ASN J 305 6.06 5.34 10.34
CA ASN J 305 5.09 4.27 10.47
C ASN J 305 3.70 4.77 10.85
N GLY J 306 3.52 6.06 11.05
CA GLY J 306 2.22 6.57 11.43
C GLY J 306 1.82 6.30 12.85
N GLU J 307 2.75 5.91 13.71
CA GLU J 307 2.47 5.71 15.12
C GLU J 307 2.50 7.04 15.87
N SER J 308 1.99 7.01 17.10
CA SER J 308 1.91 8.23 17.88
C SER J 308 3.29 8.75 18.26
N VAL J 309 3.53 10.02 18.00
CA VAL J 309 4.80 10.66 18.35
C VAL J 309 4.73 11.29 19.73
N SER J 310 3.54 11.74 20.12
CA SER J 310 3.33 12.37 21.45
C SER J 310 3.57 11.35 22.56
N TYR J 311 3.68 10.07 22.20
CA TYR J 311 3.99 9.03 23.21
C TYR J 311 5.36 9.35 23.81
N LEU J 312 6.30 9.78 22.96
CA LEU J 312 7.68 10.07 23.43
C LEU J 312 7.69 11.17 24.49
N PHE J 313 6.68 12.04 24.50
CA PHE J 313 6.75 13.14 25.45
C PHE J 313 6.90 12.66 26.89
N SER J 314 6.54 11.41 27.16
CA SER J 314 6.55 10.90 28.51
C SER J 314 7.34 9.60 28.69
N HIS J 315 7.95 9.06 27.64
CA HIS J 315 8.59 7.75 27.71
C HIS J 315 9.93 7.77 26.99
N VAL J 316 10.94 7.18 27.64
CA VAL J 316 12.25 6.99 27.03
C VAL J 316 12.19 5.72 26.19
N PRO J 317 12.52 5.80 24.89
CA PRO J 317 12.52 4.61 24.02
C PRO J 317 13.74 3.73 24.23
N PRO K 2 -5.44 58.91 -1.32
CA PRO K 2 -6.21 58.03 -0.44
C PRO K 2 -6.50 58.66 0.91
N ASN K 3 -7.76 58.60 1.33
CA ASN K 3 -8.18 59.17 2.59
C ASN K 3 -8.50 58.08 3.59
N ILE K 4 -8.46 58.43 4.87
CA ILE K 4 -8.76 57.49 5.94
C ILE K 4 -10.27 57.24 5.97
N LYS K 5 -10.64 55.97 5.99
CA LYS K 5 -12.02 55.56 6.26
C LYS K 5 -11.99 54.68 7.49
N ILE K 6 -12.78 55.04 8.50
CA ILE K 6 -12.86 54.29 9.74
C ILE K 6 -14.19 53.58 9.75
N PHE K 7 -14.16 52.25 9.86
CA PHE K 7 -15.36 51.45 9.95
C PHE K 7 -15.41 50.74 11.29
N SER K 8 -16.59 50.66 11.87
CA SER K 8 -16.78 50.01 13.15
C SER K 8 -17.48 48.68 12.95
N GLY K 9 -17.01 47.67 13.65
CA GLY K 9 -17.79 46.47 13.81
C GLY K 9 -18.80 46.63 14.92
N SER K 10 -19.53 45.56 15.20
CA SER K 10 -20.51 45.60 16.27
C SER K 10 -19.90 45.45 17.66
N SER K 11 -18.67 44.97 17.76
CA SER K 11 -18.12 44.59 19.06
C SER K 11 -17.94 45.80 19.97
N HIS K 12 -17.27 46.85 19.48
CA HIS K 12 -16.91 48.00 20.32
C HIS K 12 -17.20 49.27 19.54
N GLN K 13 -18.45 49.73 19.59
CA GLN K 13 -18.83 50.92 18.85
C GLN K 13 -18.37 52.19 19.54
N ASP K 14 -18.31 52.19 20.87
CA ASP K 14 -17.83 53.35 21.59
C ASP K 14 -16.37 53.65 21.29
N LEU K 15 -15.53 52.61 21.26
CA LEU K 15 -14.12 52.81 20.95
C LEU K 15 -13.94 53.35 19.54
N SER K 16 -14.70 52.81 18.58
CA SER K 16 -14.60 53.29 17.22
C SER K 16 -15.04 54.75 17.11
N GLN K 17 -16.12 55.12 17.80
CA GLN K 17 -16.55 56.51 17.77
C GLN K 17 -15.49 57.42 18.37
N LYS K 18 -14.88 57.01 19.47
CA LYS K 18 -13.82 57.82 20.06
C LYS K 18 -12.65 57.98 19.10
N ILE K 19 -12.24 56.87 18.45
CA ILE K 19 -11.12 56.94 17.52
C ILE K 19 -11.45 57.88 16.37
N ALA K 20 -12.66 57.77 15.81
CA ALA K 20 -13.06 58.64 14.71
C ALA K 20 -13.09 60.09 15.16
N ASP K 21 -13.52 60.35 16.40
CA ASP K 21 -13.51 61.70 16.92
C ASP K 21 -12.09 62.26 16.96
N ARG K 22 -11.12 61.46 17.42
CA ARG K 22 -9.78 62.00 17.56
C ARG K 22 -9.07 62.14 16.23
N LEU K 23 -9.65 61.59 15.16
CA LEU K 23 -9.12 61.78 13.83
C LEU K 23 -9.88 62.83 13.04
N GLY K 24 -10.90 63.46 13.63
CA GLY K 24 -11.71 64.41 12.90
C GLY K 24 -12.50 63.81 11.77
N LEU K 25 -13.02 62.61 11.95
CA LEU K 25 -13.76 61.92 10.91
C LEU K 25 -15.10 61.45 11.42
N GLU K 26 -15.95 61.05 10.48
CA GLU K 26 -17.17 60.34 10.80
C GLU K 26 -16.96 58.87 10.49
N LEU K 27 -17.60 58.02 11.30
CA LEU K 27 -17.52 56.60 11.05
C LEU K 27 -18.09 56.27 9.68
N GLY K 28 -17.44 55.34 8.98
CA GLY K 28 -17.91 54.96 7.67
C GLY K 28 -19.28 54.32 7.72
N LYS K 29 -20.03 54.51 6.64
CA LYS K 29 -21.40 54.03 6.59
C LYS K 29 -21.42 52.54 6.29
N VAL K 30 -21.67 51.72 7.31
CA VAL K 30 -21.73 50.29 7.14
C VAL K 30 -22.90 49.73 7.95
N VAL K 31 -23.61 48.79 7.36
CA VAL K 31 -24.68 48.08 8.03
C VAL K 31 -24.18 46.68 8.35
N THR K 32 -24.15 46.34 9.64
CA THR K 32 -23.70 45.03 10.08
C THR K 32 -24.82 44.42 10.93
N LYS K 33 -25.55 43.47 10.34
CA LYS K 33 -26.62 42.83 11.07
C LYS K 33 -26.55 41.32 10.95
N LYS K 34 -27.59 40.64 11.40
CA LYS K 34 -27.70 39.20 11.24
C LYS K 34 -28.96 38.88 10.45
N PHE K 35 -28.84 37.95 9.51
CA PHE K 35 -30.03 37.36 8.94
C PHE K 35 -30.73 36.50 10.00
N SER K 36 -31.91 35.99 9.64
CA SER K 36 -32.68 35.19 10.57
C SER K 36 -31.95 33.92 10.97
N ASN K 37 -31.12 33.39 10.07
CA ASN K 37 -30.40 32.16 10.33
C ASN K 37 -29.05 32.38 10.99
N GLN K 38 -28.86 33.50 11.67
CA GLN K 38 -27.63 33.82 12.40
C GLN K 38 -26.45 34.05 11.48
N GLU K 39 -26.68 34.42 10.24
CA GLU K 39 -25.61 34.68 9.31
C GLU K 39 -25.27 36.17 9.28
N THR K 40 -23.98 36.47 9.30
CA THR K 40 -23.54 37.86 9.29
C THR K 40 -23.86 38.52 7.96
N CYS K 41 -24.50 39.69 8.02
CA CYS K 41 -24.77 40.50 6.83
C CYS K 41 -23.99 41.79 6.97
N VAL K 42 -23.15 42.07 5.99
CA VAL K 42 -22.34 43.28 5.97
C VAL K 42 -22.60 44.01 4.67
N GLU K 43 -22.90 45.29 4.77
CA GLU K 43 -23.11 46.12 3.59
C GLU K 43 -22.36 47.43 3.78
N ILE K 44 -21.33 47.65 2.98
CA ILE K 44 -20.62 48.93 2.96
C ILE K 44 -21.49 49.94 2.23
N GLY K 45 -21.92 50.97 2.96
CA GLY K 45 -22.83 51.95 2.40
C GLY K 45 -22.19 53.10 1.68
N GLU K 46 -20.87 53.14 1.59
CA GLU K 46 -20.17 54.18 0.86
C GLU K 46 -19.03 53.55 0.09
N SER K 47 -18.67 54.19 -1.02
CA SER K 47 -17.56 53.74 -1.83
C SER K 47 -16.26 53.85 -1.04
N VAL K 48 -15.46 52.79 -1.07
CA VAL K 48 -14.15 52.79 -0.44
C VAL K 48 -13.05 52.68 -1.49
N ARG K 49 -13.39 52.91 -2.76
CA ARG K 49 -12.46 52.72 -3.85
C ARG K 49 -11.27 53.66 -3.71
N GLY K 50 -10.07 53.08 -3.66
CA GLY K 50 -8.87 53.87 -3.55
C GLY K 50 -8.64 54.53 -2.21
N GLU K 51 -9.30 54.05 -1.16
CA GLU K 51 -9.21 54.67 0.15
C GLU K 51 -8.37 53.81 1.10
N ASP K 52 -8.00 54.41 2.20
CA ASP K 52 -7.22 53.75 3.25
C ASP K 52 -8.19 53.35 4.37
N VAL K 53 -8.68 52.12 4.30
CA VAL K 53 -9.76 51.65 5.16
C VAL K 53 -9.18 51.07 6.45
N TYR K 54 -9.73 51.49 7.58
CA TYR K 54 -9.40 50.94 8.88
C TYR K 54 -10.67 50.40 9.51
N ILE K 55 -10.66 49.12 9.87
CA ILE K 55 -11.82 48.48 10.48
C ILE K 55 -11.48 48.21 11.93
N VAL K 56 -12.30 48.74 12.83
CA VAL K 56 -12.08 48.60 14.27
C VAL K 56 -13.01 47.52 14.78
N GLN K 57 -12.44 46.47 15.36
CA GLN K 57 -13.21 45.34 15.87
C GLN K 57 -12.35 44.63 16.89
N SER K 58 -12.88 44.41 18.08
CA SER K 58 -12.11 43.78 19.14
C SER K 58 -12.59 42.36 19.38
N GLY K 59 -11.64 41.49 19.70
CA GLY K 59 -11.95 40.11 19.98
C GLY K 59 -12.59 39.92 21.34
N CYS K 60 -13.83 40.38 21.46
CA CYS K 60 -14.54 40.38 22.72
C CYS K 60 -15.98 39.97 22.46
N GLY K 61 -16.77 39.94 23.52
CA GLY K 61 -18.18 39.61 23.39
C GLY K 61 -18.36 38.22 22.83
N GLU K 62 -19.26 38.09 21.86
CA GLU K 62 -19.45 36.85 21.12
C GLU K 62 -18.35 36.79 20.08
N ILE K 63 -17.31 36.03 20.40
CA ILE K 63 -16.02 36.19 19.73
C ILE K 63 -16.09 35.69 18.29
N ASN K 64 -16.69 34.53 18.06
CA ASN K 64 -16.71 34.00 16.70
C ASN K 64 -17.54 34.87 15.78
N ASP K 65 -18.63 35.43 16.31
CA ASP K 65 -19.47 36.29 15.51
C ASP K 65 -18.74 37.57 15.13
N ASN K 66 -18.03 38.16 16.09
CA ASN K 66 -17.26 39.37 15.81
C ASN K 66 -16.13 39.10 14.84
N LEU K 67 -15.46 37.96 14.97
CA LEU K 67 -14.39 37.64 14.05
C LEU K 67 -14.91 37.41 12.65
N MET K 68 -16.05 36.74 12.52
CA MET K 68 -16.65 36.55 11.21
C MET K 68 -17.06 37.88 10.59
N GLU K 69 -17.64 38.76 11.38
CA GLU K 69 -17.99 40.08 10.89
C GLU K 69 -16.76 40.84 10.42
N LEU K 70 -15.67 40.74 11.18
CA LEU K 70 -14.43 41.42 10.81
C LEU K 70 -13.89 40.90 9.50
N LEU K 71 -13.83 39.57 9.35
CA LEU K 71 -13.32 38.99 8.12
C LEU K 71 -14.19 39.37 6.92
N ILE K 72 -15.51 39.35 7.12
CA ILE K 72 -16.42 39.69 6.03
C ILE K 72 -16.27 41.15 5.64
N MET K 73 -16.09 42.05 6.62
CA MET K 73 -15.86 43.46 6.30
C MET K 73 -14.55 43.66 5.58
N ILE K 74 -13.50 42.97 6.00
CA ILE K 74 -12.20 43.09 5.33
C ILE K 74 -12.33 42.65 3.88
N ASN K 75 -12.97 41.51 3.65
CA ASN K 75 -13.12 41.01 2.30
C ASN K 75 -13.99 41.93 1.45
N ALA K 76 -15.05 42.49 2.06
CA ALA K 76 -15.91 43.41 1.34
C ALA K 76 -15.14 44.65 0.90
N CYS K 77 -14.31 45.20 1.78
CA CYS K 77 -13.53 46.38 1.40
C CYS K 77 -12.44 46.03 0.40
N LYS K 78 -11.89 44.82 0.49
CA LYS K 78 -10.85 44.43 -0.43
C LYS K 78 -11.38 44.26 -1.85
N ILE K 79 -12.53 43.59 -2.02
CA ILE K 79 -13.07 43.44 -3.36
C ILE K 79 -13.89 44.64 -3.80
N ALA K 80 -14.03 45.65 -2.95
CA ALA K 80 -14.54 46.94 -3.35
C ALA K 80 -13.43 47.91 -3.74
N SER K 81 -12.22 47.40 -3.93
CA SER K 81 -11.09 48.14 -4.51
C SER K 81 -10.56 49.23 -3.56
N ALA K 82 -10.56 48.94 -2.26
CA ALA K 82 -9.84 49.79 -1.34
C ALA K 82 -8.35 49.68 -1.60
N SER K 83 -7.64 50.80 -1.51
CA SER K 83 -6.20 50.75 -1.74
C SER K 83 -5.49 49.90 -0.70
N ARG K 84 -5.94 49.98 0.55
CA ARG K 84 -5.30 49.29 1.65
C ARG K 84 -6.33 49.08 2.75
N VAL K 85 -6.34 47.88 3.33
CA VAL K 85 -7.28 47.53 4.39
C VAL K 85 -6.48 47.17 5.63
N THR K 86 -6.77 47.82 6.74
CA THR K 86 -6.11 47.58 8.00
C THR K 86 -7.15 47.12 9.02
N ALA K 87 -6.84 46.04 9.72
CA ALA K 87 -7.68 45.54 10.80
C ALA K 87 -7.14 46.09 12.11
N VAL K 88 -7.93 46.93 12.76
CA VAL K 88 -7.59 47.47 14.06
C VAL K 88 -8.27 46.56 15.09
N ILE K 89 -7.48 45.72 15.73
CA ILE K 89 -8.00 44.66 16.59
C ILE K 89 -7.45 44.87 17.99
N PRO K 90 -8.08 45.71 18.83
CA PRO K 90 -7.47 46.06 20.11
C PRO K 90 -7.21 44.86 21.01
N CYS K 91 -8.12 43.88 21.05
CA CYS K 91 -7.88 42.62 21.74
C CYS K 91 -7.93 41.50 20.70
N PHE K 92 -6.81 40.83 20.52
CA PHE K 92 -6.70 39.84 19.45
C PHE K 92 -7.43 38.56 19.83
N PRO K 93 -8.36 38.08 19.02
CA PRO K 93 -9.08 36.86 19.38
C PRO K 93 -8.22 35.63 19.23
N TYR K 94 -8.42 34.68 20.16
CA TYR K 94 -7.69 33.43 20.22
C TYR K 94 -6.20 33.62 20.46
N ALA K 95 -5.81 34.76 21.01
CA ALA K 95 -4.40 35.03 21.24
C ALA K 95 -3.79 34.05 22.23
N ARG K 96 -4.59 33.50 23.14
CA ARG K 96 -4.07 32.56 24.10
C ARG K 96 -3.87 31.16 23.54
N GLN K 97 -4.34 30.90 22.32
CA GLN K 97 -4.06 29.64 21.64
C GLN K 97 -2.84 29.78 20.75
N ASP K 98 -1.70 30.11 21.37
CA ASP K 98 -0.50 30.42 20.62
C ASP K 98 0.49 29.28 20.56
N LYS K 99 0.21 28.15 21.21
CA LYS K 99 1.19 27.07 21.26
C LYS K 99 0.46 25.75 21.49
N LYS K 100 1.16 24.66 21.18
CA LYS K 100 0.58 23.33 21.34
C LYS K 100 0.90 22.73 22.70
N ASP K 101 2.19 22.62 23.04
CA ASP K 101 2.64 22.27 24.39
C ASP K 101 2.11 20.91 24.83
N LYS K 102 2.58 19.88 24.14
CA LYS K 102 2.34 18.49 24.50
C LYS K 102 0.87 18.10 24.41
N SER K 103 0.14 18.70 23.49
CA SER K 103 -1.27 18.40 23.29
C SER K 103 -1.59 18.47 21.82
N ARG K 104 -2.58 17.69 21.41
CA ARG K 104 -3.05 17.69 20.02
C ARG K 104 -4.03 18.86 19.84
N ALA K 105 -3.58 20.03 20.24
CA ALA K 105 -4.38 21.23 20.24
C ALA K 105 -4.07 22.08 19.03
N PRO K 106 -5.07 22.75 18.48
CA PRO K 106 -4.80 23.70 17.39
C PRO K 106 -4.16 24.96 17.92
N ILE K 107 -3.28 25.53 17.10
CA ILE K 107 -2.74 26.85 17.36
C ILE K 107 -3.74 27.80 16.69
N SER K 108 -4.80 28.11 17.43
CA SER K 108 -5.92 28.84 16.84
C SER K 108 -5.54 30.26 16.47
N ALA K 109 -4.56 30.85 17.17
CA ALA K 109 -4.11 32.20 16.83
C ALA K 109 -3.51 32.23 15.43
N LYS K 110 -2.75 31.20 15.08
CA LYS K 110 -2.21 31.11 13.73
C LYS K 110 -3.32 30.97 12.70
N LEU K 111 -4.36 30.21 13.03
CA LEU K 111 -5.49 30.08 12.12
C LEU K 111 -6.19 31.42 11.92
N VAL K 112 -6.35 32.19 13.00
CA VAL K 112 -6.95 33.51 12.89
C VAL K 112 -6.09 34.43 12.03
N ALA K 113 -4.76 34.36 12.21
CA ALA K 113 -3.88 35.16 11.37
C ALA K 113 -4.00 34.78 9.91
N ASN K 114 -4.08 33.48 9.62
CA ASN K 114 -4.23 33.02 8.25
C ASN K 114 -5.55 33.49 7.65
N MET K 115 -6.63 33.44 8.43
CA MET K 115 -7.92 33.89 7.92
C MET K 115 -7.93 35.39 7.69
N LEU K 116 -7.28 36.16 8.56
CA LEU K 116 -7.17 37.59 8.33
C LEU K 116 -6.37 37.89 7.07
N SER K 117 -5.31 37.12 6.84
CA SER K 117 -4.51 37.31 5.63
C SER K 117 -5.30 36.95 4.38
N VAL K 118 -6.06 35.86 4.40
CA VAL K 118 -6.78 35.45 3.21
C VAL K 118 -8.03 36.29 2.97
N ALA K 119 -8.57 36.92 4.01
CA ALA K 119 -9.64 37.88 3.80
C ALA K 119 -9.13 39.12 3.08
N GLY K 120 -7.85 39.43 3.22
CA GLY K 120 -7.25 40.51 2.45
C GLY K 120 -6.68 41.64 3.27
N ALA K 121 -6.49 41.43 4.56
CA ALA K 121 -5.91 42.46 5.40
C ALA K 121 -4.46 42.68 5.02
N ASP K 122 -4.08 43.94 4.90
CA ASP K 122 -2.70 44.31 4.58
C ASP K 122 -1.92 44.75 5.80
N HIS K 123 -2.59 45.04 6.90
CA HIS K 123 -1.96 45.61 8.08
C HIS K 123 -2.82 45.29 9.28
N ILE K 124 -2.17 44.97 10.40
CA ILE K 124 -2.84 44.70 11.65
C ILE K 124 -2.32 45.69 12.67
N ILE K 125 -3.23 46.36 13.38
CA ILE K 125 -2.91 47.16 14.55
C ILE K 125 -3.60 46.52 15.74
N THR K 126 -2.82 46.17 16.75
CA THR K 126 -3.35 45.50 17.93
C THR K 126 -2.65 46.08 19.16
N MET K 127 -3.19 45.77 20.33
CA MET K 127 -2.68 46.32 21.58
C MET K 127 -2.36 45.20 22.55
N ASP K 128 -1.11 45.14 23.00
CA ASP K 128 -0.67 44.20 24.03
C ASP K 128 -1.06 42.77 23.68
N LEU K 129 -0.46 42.28 22.60
CA LEU K 129 -0.63 40.88 22.23
C LEU K 129 -0.21 39.98 23.38
N HIS K 130 -0.95 38.89 23.57
CA HIS K 130 -0.65 37.99 24.68
C HIS K 130 0.75 37.43 24.56
N ALA K 131 1.15 37.05 23.35
CA ALA K 131 2.52 36.67 23.07
C ALA K 131 3.00 37.50 21.89
N SER K 132 4.18 38.09 22.02
CA SER K 132 4.75 38.85 20.91
C SER K 132 5.01 38.00 19.68
N GLN K 133 5.22 36.69 19.86
CA GLN K 133 5.48 35.81 18.74
C GLN K 133 4.29 35.73 17.79
N ILE K 134 3.12 36.19 18.22
CA ILE K 134 1.97 36.22 17.32
C ILE K 134 2.24 37.16 16.15
N GLN K 135 3.10 38.16 16.34
CA GLN K 135 3.50 39.00 15.22
C GLN K 135 4.12 38.17 14.11
N GLY K 136 4.81 37.09 14.47
CA GLY K 136 5.37 36.18 13.48
C GLY K 136 4.36 35.26 12.83
N PHE K 137 3.14 35.17 13.35
CA PHE K 137 2.11 34.37 12.70
C PHE K 137 1.65 34.98 11.40
N PHE K 138 1.85 36.28 11.21
CA PHE K 138 1.44 36.97 10.00
C PHE K 138 2.62 37.12 9.05
N ASP K 139 2.30 37.28 7.77
CA ASP K 139 3.28 37.72 6.80
C ASP K 139 3.12 39.17 6.40
N ILE K 140 2.13 39.86 6.96
CA ILE K 140 1.90 41.28 6.75
C ILE K 140 2.46 42.03 7.96
N PRO K 141 2.68 43.34 7.89
CA PRO K 141 3.13 44.07 9.08
C PRO K 141 2.07 44.09 10.17
N VAL K 142 2.52 43.95 11.40
CA VAL K 142 1.67 44.01 12.58
C VAL K 142 2.25 45.01 13.54
N ASP K 143 1.47 46.00 13.94
CA ASP K 143 1.88 46.98 14.93
C ASP K 143 1.27 46.59 16.26
N ASN K 144 2.12 46.28 17.23
CA ASN K 144 1.69 45.81 18.54
C ASN K 144 1.91 46.95 19.54
N LEU K 145 0.87 47.74 19.76
CA LEU K 145 0.95 48.88 20.67
C LEU K 145 0.95 48.41 22.11
N TYR K 146 1.42 49.28 23.00
CA TYR K 146 1.52 48.98 24.41
C TYR K 146 0.68 49.97 25.19
N ALA K 147 -0.02 49.48 26.20
CA ALA K 147 -0.78 50.35 27.08
C ALA K 147 0.08 50.96 28.18
N GLU K 148 1.36 50.59 28.23
CA GLU K 148 2.24 51.06 29.29
C GLU K 148 2.26 52.58 29.46
N PRO K 149 2.34 53.40 28.41
CA PRO K 149 2.27 54.85 28.64
C PRO K 149 1.03 55.28 29.42
N ALA K 150 -0.14 54.84 28.97
CA ALA K 150 -1.38 55.19 29.67
C ALA K 150 -1.42 54.60 31.07
N VAL K 151 -0.84 53.41 31.25
CA VAL K 151 -0.83 52.80 32.57
C VAL K 151 0.02 53.62 33.54
N LEU K 152 1.20 54.04 33.09
CA LEU K 152 2.06 54.87 33.93
C LEU K 152 1.39 56.19 34.26
N LYS K 153 0.72 56.79 33.27
CA LYS K 153 -0.01 58.03 33.52
C LYS K 153 -1.07 57.83 34.60
N TRP K 154 -1.83 56.74 34.50
CA TRP K 154 -2.85 56.47 35.52
C TRP K 154 -2.22 56.25 36.89
N ILE K 155 -1.13 55.49 36.95
CA ILE K 155 -0.49 55.21 38.22
C ILE K 155 -0.02 56.50 38.87
N ARG K 156 0.60 57.38 38.09
CA ARG K 156 1.13 58.62 38.64
C ARG K 156 0.00 59.54 39.08
N GLU K 157 -1.10 59.59 38.34
CA GLU K 157 -2.18 60.50 38.71
C GLU K 157 -3.20 59.88 39.65
N ASN K 158 -3.01 58.63 40.10
CA ASN K 158 -4.02 57.99 40.93
C ASN K 158 -3.48 57.32 42.18
N ILE K 159 -2.19 57.03 42.26
CA ILE K 159 -1.60 56.41 43.43
C ILE K 159 -0.59 57.37 44.01
N SER K 160 -1.00 58.12 45.04
CA SER K 160 -0.15 59.17 45.59
C SER K 160 1.15 58.61 46.15
N GLU K 161 1.18 57.32 46.50
CA GLU K 161 2.34 56.67 47.07
C GLU K 161 3.14 55.90 46.03
N TRP K 162 3.12 56.35 44.78
CA TRP K 162 3.67 55.55 43.69
C TRP K 162 5.19 55.56 43.67
N ARG K 163 5.83 56.47 44.38
CA ARG K 163 7.29 56.48 44.42
C ARG K 163 7.84 55.39 45.33
N ASN K 164 7.04 54.90 46.27
CA ASN K 164 7.45 53.83 47.17
C ASN K 164 6.71 52.53 46.87
N CYS K 165 5.85 52.52 45.86
CA CYS K 165 4.99 51.39 45.57
C CYS K 165 5.79 50.22 45.01
N THR K 166 5.08 49.15 44.67
CA THR K 166 5.67 47.95 44.12
C THR K 166 4.88 47.51 42.89
N ILE K 167 5.58 47.00 41.89
CA ILE K 167 4.97 46.49 40.67
C ILE K 167 5.13 44.98 40.67
N VAL K 168 4.01 44.27 40.72
CA VAL K 168 4.00 42.83 40.95
C VAL K 168 3.44 42.13 39.73
N SER K 169 4.05 41.04 39.36
CA SER K 169 3.52 40.24 38.27
C SER K 169 2.69 39.09 38.84
N PRO K 170 1.53 38.77 38.27
CA PRO K 170 0.73 37.67 38.81
C PRO K 170 1.30 36.30 38.50
N ASP K 171 2.05 36.17 37.41
CA ASP K 171 2.66 34.90 37.06
C ASP K 171 4.06 35.17 36.53
N ALA K 172 4.78 34.09 36.22
CA ALA K 172 6.10 34.24 35.63
C ALA K 172 6.06 34.91 34.27
N GLY K 173 5.06 34.61 33.45
CA GLY K 173 5.06 35.08 32.08
C GLY K 173 4.84 36.57 31.95
N GLY K 174 4.50 37.24 33.05
CA GLY K 174 4.31 38.67 33.03
C GLY K 174 5.50 39.50 33.45
N ALA K 175 6.68 38.88 33.52
CA ALA K 175 7.83 39.54 34.13
C ALA K 175 8.28 40.77 33.35
N LYS K 176 8.35 40.67 32.03
CA LYS K 176 8.93 41.74 31.23
C LYS K 176 8.14 43.03 31.35
N ARG K 177 6.81 42.92 31.29
CA ARG K 177 5.95 44.09 31.33
C ARG K 177 6.10 44.85 32.65
N VAL K 178 6.09 44.11 33.76
CA VAL K 178 6.20 44.76 35.06
C VAL K 178 7.59 45.33 35.26
N THR K 179 8.62 44.66 34.73
CA THR K 179 9.96 45.21 34.85
C THR K 179 10.08 46.52 34.09
N SER K 180 9.50 46.58 32.90
CA SER K 180 9.51 47.83 32.14
C SER K 180 8.78 48.94 32.89
N ILE K 181 7.61 48.61 33.46
CA ILE K 181 6.84 49.60 34.20
C ILE K 181 7.65 50.11 35.39
N ALA K 182 8.26 49.19 36.14
CA ALA K 182 9.05 49.57 37.29
C ALA K 182 10.23 50.45 36.89
N ASP K 183 10.91 50.09 35.80
CA ASP K 183 12.04 50.89 35.36
C ASP K 183 11.61 52.30 35.01
N ARG K 184 10.51 52.45 34.26
CA ARG K 184 10.04 53.79 33.93
C ARG K 184 9.54 54.56 35.14
N LEU K 185 9.10 53.87 36.19
CA LEU K 185 8.71 54.54 37.43
C LEU K 185 9.84 54.63 38.44
N ASN K 186 10.91 53.86 38.26
CA ASN K 186 11.99 53.74 39.24
C ASN K 186 11.44 53.31 40.60
N VAL K 187 10.90 52.10 40.62
CA VAL K 187 10.34 51.50 41.83
C VAL K 187 10.82 50.06 41.93
N ASP K 188 10.69 49.50 43.12
CA ASP K 188 10.99 48.10 43.32
C ASP K 188 9.88 47.25 42.72
N PHE K 189 10.27 46.09 42.20
CA PHE K 189 9.31 45.21 41.56
C PHE K 189 9.35 43.84 42.20
N ALA K 190 8.20 43.41 42.71
CA ALA K 190 8.04 42.11 43.33
C ALA K 190 7.62 41.11 42.28
N LEU K 191 7.56 39.83 42.67
CA LEU K 191 7.04 38.80 41.80
C LEU K 191 6.23 37.79 42.61
N ILE K 192 5.35 37.08 41.90
CA ILE K 192 4.44 36.11 42.51
C ILE K 192 4.37 34.90 41.59
N HIS K 193 4.42 33.71 42.16
CA HIS K 193 4.10 32.53 41.38
C HIS K 193 3.62 31.42 42.30
N LYS K 194 2.66 30.63 41.82
CA LYS K 194 2.12 29.53 42.61
C LYS K 194 3.12 28.38 42.65
N GLU K 195 2.92 27.47 43.60
CA GLU K 195 3.77 26.31 43.75
C GLU K 195 3.03 25.04 43.35
N ASP K 203 -1.38 24.72 45.43
CA ASP K 203 -2.40 25.70 45.76
C ASP K 203 -1.79 26.91 46.45
N ARG K 204 -0.50 26.82 46.77
CA ARG K 204 0.20 27.91 47.43
C ARG K 204 0.99 28.73 46.42
N MET K 205 1.28 29.97 46.79
CA MET K 205 2.09 30.88 45.99
C MET K 205 3.16 31.52 46.85
N VAL K 206 4.25 31.92 46.21
CA VAL K 206 5.36 32.62 46.86
C VAL K 206 5.48 33.99 46.22
N LEU K 207 5.65 35.00 47.07
CA LEU K 207 5.89 36.39 46.69
C LEU K 207 7.29 36.78 47.11
N VAL K 208 8.05 37.34 46.16
CA VAL K 208 9.42 37.78 46.40
C VAL K 208 9.46 39.29 46.22
N GLY K 209 10.01 39.99 47.21
CA GLY K 209 10.05 41.45 47.15
C GLY K 209 9.28 42.04 48.32
N ASP K 210 9.93 42.95 49.03
CA ASP K 210 9.36 43.52 50.24
C ASP K 210 8.14 44.38 49.90
N VAL K 211 7.02 44.09 50.56
CA VAL K 211 5.76 44.76 50.28
C VAL K 211 5.08 45.29 51.53
N LYS K 212 5.60 45.00 52.72
CA LYS K 212 4.96 45.43 53.95
C LYS K 212 4.84 46.94 54.00
N ASP K 213 3.65 47.42 54.36
CA ASP K 213 3.30 48.83 54.40
C ASP K 213 3.45 49.52 53.04
N ARG K 214 3.71 48.76 51.99
CA ARG K 214 3.87 49.29 50.65
C ARG K 214 2.73 48.82 49.76
N VAL K 215 2.25 49.75 48.93
CA VAL K 215 1.21 49.41 47.97
C VAL K 215 1.76 48.45 46.94
N ALA K 216 1.03 47.36 46.70
CA ALA K 216 1.33 46.43 45.62
C ALA K 216 0.48 46.78 44.40
N ILE K 217 1.08 46.68 43.22
CA ILE K 217 0.39 46.93 41.96
C ILE K 217 0.55 45.69 41.10
N LEU K 218 -0.51 44.88 41.02
CA LEU K 218 -0.51 43.80 40.04
C LEU K 218 -0.67 44.39 38.64
N VAL K 219 0.21 43.99 37.74
CA VAL K 219 0.14 44.40 36.35
C VAL K 219 0.14 43.15 35.50
N ASP K 220 -0.81 43.05 34.59
CA ASP K 220 -0.93 41.86 33.77
C ASP K 220 -1.62 42.23 32.47
N ASP K 221 -1.50 41.37 31.47
CA ASP K 221 -2.06 41.65 30.16
C ASP K 221 -3.58 41.47 30.10
N MET K 222 -4.14 40.43 30.73
CA MET K 222 -5.58 40.26 30.64
C MET K 222 -6.08 39.58 31.90
N ALA K 223 -7.37 39.76 32.16
CA ALA K 223 -8.07 39.03 33.20
C ALA K 223 -9.32 38.43 32.58
N ASP K 224 -9.36 37.11 32.47
CA ASP K 224 -10.52 36.43 31.87
C ASP K 224 -11.49 35.99 32.97
N THR K 225 -11.04 35.07 33.81
CA THR K 225 -11.82 34.60 34.94
C THR K 225 -11.34 35.19 36.25
N CYS K 226 -10.26 35.96 36.21
CA CYS K 226 -9.70 36.67 37.36
C CYS K 226 -9.24 35.73 38.45
N GLY K 227 -9.00 34.45 38.14
CA GLY K 227 -8.37 33.58 39.11
C GLY K 227 -6.94 33.98 39.40
N THR K 228 -6.20 34.35 38.35
CA THR K 228 -4.80 34.71 38.52
C THR K 228 -4.64 35.92 39.44
N ILE K 229 -5.35 37.01 39.12
CA ILE K 229 -5.18 38.22 39.92
C ILE K 229 -5.76 38.03 41.31
N CYS K 230 -6.81 37.22 41.46
CA CYS K 230 -7.38 37.02 42.78
C CYS K 230 -6.44 36.23 43.68
N HIS K 231 -5.83 35.17 43.15
CA HIS K 231 -4.84 34.45 43.93
C HIS K 231 -3.64 35.33 44.27
N ALA K 232 -3.20 36.13 43.30
CA ALA K 232 -2.09 37.04 43.55
C ALA K 232 -2.42 38.03 44.66
N ALA K 233 -3.63 38.59 44.63
CA ALA K 233 -4.03 39.54 45.66
C ALA K 233 -4.13 38.87 47.02
N ASP K 234 -4.64 37.64 47.06
CA ASP K 234 -4.69 36.90 48.31
C ASP K 234 -3.29 36.78 48.91
N LYS K 235 -2.31 36.35 48.10
CA LYS K 235 -0.96 36.23 48.63
C LYS K 235 -0.38 37.58 49.02
N LEU K 236 -0.64 38.62 48.23
CA LEU K 236 -0.11 39.93 48.57
C LEU K 236 -0.64 40.39 49.92
N LEU K 237 -1.91 40.11 50.21
CA LEU K 237 -2.42 40.46 51.53
C LEU K 237 -1.89 39.54 52.62
N SER K 238 -1.50 38.31 52.25
CA SER K 238 -0.82 37.45 53.23
C SER K 238 0.50 38.07 53.68
N ALA K 239 1.24 38.68 52.75
CA ALA K 239 2.51 39.31 53.06
C ALA K 239 2.35 40.71 53.62
N GLY K 240 1.15 41.08 54.06
CA GLY K 240 0.96 42.31 54.79
C GLY K 240 1.01 43.59 53.99
N ALA K 241 0.82 43.52 52.67
CA ALA K 241 0.77 44.74 51.88
C ALA K 241 -0.46 45.57 52.27
N THR K 242 -0.30 46.89 52.24
CA THR K 242 -1.35 47.76 52.72
C THR K 242 -2.55 47.76 51.79
N ARG K 243 -2.35 48.14 50.53
CA ARG K 243 -3.40 48.15 49.52
C ARG K 243 -2.91 47.44 48.28
N VAL K 244 -3.85 46.85 47.54
CA VAL K 244 -3.54 46.06 46.35
C VAL K 244 -4.30 46.64 45.17
N TYR K 245 -3.60 46.80 44.05
CA TYR K 245 -4.13 47.29 42.79
C TYR K 245 -3.90 46.24 41.71
N ALA K 246 -4.87 46.13 40.80
CA ALA K 246 -4.71 45.29 39.62
C ALA K 246 -4.86 46.19 38.41
N ILE K 247 -3.92 46.09 37.46
CA ILE K 247 -3.99 46.87 36.24
C ILE K 247 -3.86 45.92 35.07
N LEU K 248 -4.75 46.07 34.09
CA LEU K 248 -4.89 45.15 32.97
C LEU K 248 -5.23 45.92 31.71
N THR K 249 -4.70 45.45 30.59
CA THR K 249 -5.08 46.11 29.35
C THR K 249 -6.36 45.52 28.77
N HIS K 250 -6.64 44.24 29.02
CA HIS K 250 -7.83 43.60 28.48
C HIS K 250 -8.67 43.05 29.62
N GLY K 251 -9.82 43.67 29.87
CA GLY K 251 -10.76 43.21 30.86
C GLY K 251 -11.85 42.33 30.31
N ILE K 252 -11.54 41.08 29.97
CA ILE K 252 -12.54 40.19 29.40
C ILE K 252 -13.65 39.94 30.41
N PHE K 253 -13.29 39.63 31.65
CA PHE K 253 -14.23 39.51 32.76
C PHE K 253 -15.36 38.53 32.43
N SER K 254 -15.00 37.28 32.18
CA SER K 254 -15.99 36.29 31.81
C SER K 254 -16.25 35.34 32.97
N GLY K 255 -17.46 34.79 32.99
CA GLY K 255 -17.83 33.82 33.99
C GLY K 255 -17.86 34.37 35.40
N PRO K 256 -17.11 33.75 36.30
CA PRO K 256 -17.18 34.14 37.71
C PRO K 256 -16.34 35.36 38.05
N ALA K 257 -15.90 36.10 37.03
CA ALA K 257 -14.94 37.16 37.26
C ALA K 257 -15.50 38.27 38.15
N ILE K 258 -16.72 38.71 37.87
CA ILE K 258 -17.25 39.85 38.61
C ILE K 258 -17.47 39.50 40.07
N SER K 259 -18.01 38.31 40.33
CA SER K 259 -18.18 37.88 41.72
C SER K 259 -16.84 37.76 42.43
N ARG K 260 -15.82 37.22 41.75
CA ARG K 260 -14.51 37.10 42.38
C ARG K 260 -13.93 38.46 42.70
N ILE K 261 -14.06 39.43 41.79
CA ILE K 261 -13.51 40.75 42.03
C ILE K 261 -14.27 41.44 43.16
N ASN K 262 -15.59 41.23 43.22
CA ASN K 262 -16.39 41.81 44.29
C ASN K 262 -16.01 41.21 45.65
N ASN K 263 -15.71 39.91 45.68
CA ASN K 263 -15.32 39.25 46.92
C ASN K 263 -13.83 39.37 47.21
N ALA K 264 -13.06 39.93 46.30
CA ALA K 264 -11.62 40.06 46.50
C ALA K 264 -11.30 41.30 47.32
N CYS K 265 -10.01 41.57 47.44
CA CYS K 265 -9.51 42.66 48.28
C CYS K 265 -8.78 43.74 47.49
N PHE K 266 -9.11 43.91 46.21
CA PHE K 266 -8.48 44.96 45.42
C PHE K 266 -8.97 46.33 45.88
N GLU K 267 -8.05 47.29 45.89
CA GLU K 267 -8.47 48.68 46.02
C GLU K 267 -9.02 49.21 44.70
N ALA K 268 -8.52 48.68 43.58
CA ALA K 268 -9.03 49.02 42.27
C ALA K 268 -8.59 47.96 41.27
N VAL K 269 -9.45 47.68 40.31
CA VAL K 269 -9.13 46.89 39.14
C VAL K 269 -9.25 47.83 37.95
N VAL K 270 -8.13 48.24 37.41
CA VAL K 270 -8.08 49.19 36.31
C VAL K 270 -7.88 48.41 35.02
N VAL K 271 -8.68 48.73 34.01
CA VAL K 271 -8.55 48.08 32.72
C VAL K 271 -8.57 49.14 31.64
N THR K 272 -7.97 48.81 30.49
CA THR K 272 -8.05 49.74 29.35
C THR K 272 -9.28 49.36 28.52
N ASN K 273 -9.88 50.33 27.83
CA ASN K 273 -11.13 50.10 27.08
C ASN K 273 -10.86 49.46 25.73
N THR K 274 -10.04 48.41 25.68
CA THR K 274 -9.97 47.62 24.47
C THR K 274 -11.19 46.74 24.32
N ILE K 275 -11.92 46.53 25.41
CA ILE K 275 -13.15 45.76 25.46
C ILE K 275 -14.17 46.68 26.11
N PRO K 276 -15.42 46.72 25.66
CA PRO K 276 -16.43 47.53 26.34
C PRO K 276 -16.61 47.07 27.78
N GLN K 277 -16.69 48.03 28.72
CA GLN K 277 -16.76 47.64 30.16
C GLN K 277 -17.99 48.20 30.85
N GLU K 278 -18.83 48.97 30.15
CA GLU K 278 -20.00 49.63 30.79
C GLU K 278 -20.82 48.61 31.59
N ASP K 279 -21.16 47.47 30.99
CA ASP K 279 -21.94 46.43 31.66
C ASP K 279 -21.19 45.84 32.85
N LYS K 280 -19.90 45.59 32.70
CA LYS K 280 -19.12 45.06 33.81
C LYS K 280 -19.00 46.08 34.93
N MET K 281 -18.81 47.36 34.59
CA MET K 281 -18.73 48.39 35.61
C MET K 281 -20.07 48.57 36.32
N LYS K 282 -21.16 48.14 35.69
CA LYS K 282 -22.46 48.20 36.36
C LYS K 282 -22.48 47.33 37.60
N HIS K 283 -21.92 46.12 37.53
CA HIS K 283 -22.00 45.16 38.60
C HIS K 283 -20.73 45.04 39.42
N CYS K 284 -19.77 45.93 39.22
CA CYS K 284 -18.52 45.90 39.98
C CYS K 284 -18.04 47.34 40.16
N SER K 285 -18.10 47.85 41.38
CA SER K 285 -17.82 49.26 41.61
C SER K 285 -16.33 49.56 41.57
N LYS K 286 -15.48 48.54 41.64
CA LYS K 286 -14.05 48.76 41.73
C LYS K 286 -13.34 48.65 40.39
N ILE K 287 -14.08 48.53 39.29
CA ILE K 287 -13.46 48.54 37.96
C ILE K 287 -13.38 49.96 37.45
N GLN K 288 -12.17 50.39 37.09
CA GLN K 288 -11.94 51.68 36.46
C GLN K 288 -11.39 51.44 35.06
N VAL K 289 -11.59 52.41 34.18
CA VAL K 289 -11.24 52.25 32.78
C VAL K 289 -10.26 53.35 32.36
N ILE K 290 -9.15 52.94 31.77
CA ILE K 290 -8.21 53.85 31.12
C ILE K 290 -8.58 53.94 29.65
N ASP K 291 -8.75 55.16 29.16
CA ASP K 291 -8.95 55.36 27.74
C ASP K 291 -7.65 55.16 26.99
N ILE K 292 -7.66 54.26 26.00
CA ILE K 292 -6.53 54.10 25.10
C ILE K 292 -6.90 54.47 23.67
N SER K 293 -8.05 55.13 23.47
CA SER K 293 -8.46 55.48 22.13
C SER K 293 -7.50 56.48 21.49
N MET K 294 -6.80 57.28 22.30
CA MET K 294 -5.85 58.23 21.72
C MET K 294 -4.65 57.50 21.14
N ILE K 295 -4.19 56.42 21.78
CA ILE K 295 -3.08 55.66 21.24
C ILE K 295 -3.49 55.01 19.92
N LEU K 296 -4.69 54.43 19.87
CA LEU K 296 -5.16 53.81 18.63
C LEU K 296 -5.34 54.84 17.52
N ALA K 297 -5.92 55.99 17.85
CA ALA K 297 -6.09 57.03 16.85
C ALA K 297 -4.75 57.53 16.35
N GLU K 298 -3.78 57.70 17.25
CA GLU K 298 -2.46 58.17 16.85
C GLU K 298 -1.76 57.13 15.98
N ALA K 299 -1.91 55.85 16.31
CA ALA K 299 -1.31 54.81 15.48
C ALA K 299 -1.94 54.76 14.09
N ILE K 300 -3.26 54.90 14.01
CA ILE K 300 -3.93 54.91 12.71
C ILE K 300 -3.43 56.09 11.90
N ARG K 301 -3.35 57.26 12.52
CA ARG K 301 -2.95 58.47 11.82
C ARG K 301 -1.49 58.40 11.38
N ARG K 302 -0.63 57.82 12.21
CA ARG K 302 0.78 57.72 11.85
C ARG K 302 1.03 56.67 10.78
N THR K 303 0.28 55.56 10.78
CA THR K 303 0.43 54.62 9.68
C THR K 303 -0.09 55.23 8.39
N HIS K 304 -1.17 56.02 8.47
CA HIS K 304 -1.66 56.65 7.26
C HIS K 304 -0.68 57.67 6.70
N ASN K 305 -0.08 58.48 7.56
CA ASN K 305 0.83 59.53 7.12
C ASN K 305 2.25 59.05 6.94
N GLY K 306 2.54 57.79 7.24
CA GLY K 306 3.89 57.30 7.09
C GLY K 306 4.86 57.76 8.16
N GLU K 307 4.36 58.30 9.26
CA GLU K 307 5.20 58.71 10.37
C GLU K 307 5.53 57.50 11.25
N SER K 308 6.52 57.69 12.13
CA SER K 308 6.97 56.60 12.97
C SER K 308 5.89 56.19 13.97
N VAL K 309 5.61 54.90 14.03
CA VAL K 309 4.63 54.36 14.97
C VAL K 309 5.30 53.95 16.28
N SER K 310 6.56 53.51 16.18
CA SER K 310 7.32 53.08 17.38
C SER K 310 7.54 54.27 18.33
N TYR K 311 7.26 55.49 17.86
CA TYR K 311 7.36 56.68 18.74
C TYR K 311 6.39 56.50 19.90
N LEU K 312 5.20 55.98 19.62
CA LEU K 312 4.15 55.81 20.65
C LEU K 312 4.61 54.87 21.76
N PHE K 313 5.57 53.97 21.48
CA PHE K 313 5.95 53.02 22.52
C PHE K 313 6.40 53.72 23.79
N SER K 314 6.80 54.98 23.70
CA SER K 314 7.35 55.70 24.84
C SER K 314 6.67 57.03 25.14
N HIS K 315 5.65 57.42 24.37
CA HIS K 315 5.06 58.75 24.52
C HIS K 315 3.55 58.68 24.45
N VAL K 316 2.89 59.38 25.37
CA VAL K 316 1.44 59.52 25.35
C VAL K 316 1.08 60.66 24.39
N PRO K 317 0.24 60.39 23.38
CA PRO K 317 -0.16 61.44 22.42
C PRO K 317 -1.21 62.38 22.99
N PRO L 2 -3.92 4.02 5.64
CA PRO L 2 -4.77 5.04 6.24
C PRO L 2 -6.20 4.56 6.45
N ASN L 3 -6.71 4.76 7.66
CA ASN L 3 -8.05 4.36 8.01
C ASN L 3 -8.97 5.56 8.14
N ILE L 4 -10.27 5.32 8.01
CA ILE L 4 -11.26 6.38 8.12
C ILE L 4 -11.39 6.77 9.59
N LYS L 5 -11.32 8.06 9.86
CA LYS L 5 -11.67 8.62 11.15
C LYS L 5 -12.81 9.60 10.94
N ILE L 6 -13.91 9.41 11.65
CA ILE L 6 -15.08 10.27 11.54
C ILE L 6 -15.13 11.11 12.81
N PHE L 7 -15.11 12.42 12.65
CA PHE L 7 -15.22 13.34 13.78
C PHE L 7 -16.48 14.17 13.62
N SER L 8 -17.15 14.41 14.74
CA SER L 8 -18.38 15.18 14.76
C SER L 8 -18.11 16.55 15.35
N GLY L 9 -18.67 17.58 14.73
CA GLY L 9 -18.79 18.85 15.39
C GLY L 9 -19.99 18.88 16.30
N SER L 10 -20.22 20.04 16.90
CA SER L 10 -21.36 20.18 17.78
C SER L 10 -22.67 20.39 17.03
N SER L 11 -22.63 20.76 15.75
CA SER L 11 -23.83 21.20 15.07
C SER L 11 -24.84 20.06 14.89
N HIS L 12 -24.40 18.91 14.37
CA HIS L 12 -25.30 17.82 14.04
C HIS L 12 -24.68 16.51 14.51
N GLN L 13 -24.88 16.18 15.79
CA GLN L 13 -24.30 14.98 16.34
C GLN L 13 -25.05 13.73 15.93
N ASP L 14 -26.37 13.84 15.74
CA ASP L 14 -27.16 12.70 15.30
C ASP L 14 -26.76 12.25 13.91
N LEU L 15 -26.56 13.20 12.99
CA LEU L 15 -26.15 12.84 11.64
C LEU L 15 -24.80 12.16 11.64
N SER L 16 -23.86 12.68 12.43
CA SER L 16 -22.54 12.07 12.51
C SER L 16 -22.60 10.66 13.08
N GLN L 17 -23.42 10.46 14.11
CA GLN L 17 -23.55 9.12 14.67
C GLN L 17 -24.15 8.16 13.65
N LYS L 18 -25.16 8.61 12.89
CA LYS L 18 -25.73 7.77 11.85
C LYS L 18 -24.69 7.41 10.80
N ILE L 19 -23.91 8.40 10.36
CA ILE L 19 -22.89 8.16 9.35
C ILE L 19 -21.86 7.15 9.85
N ALA L 20 -21.41 7.33 11.09
CA ALA L 20 -20.44 6.41 11.67
C ALA L 20 -21.02 5.01 11.80
N ASP L 21 -22.30 4.90 12.12
CA ASP L 21 -22.95 3.60 12.17
C ASP L 21 -22.93 2.92 10.82
N ARG L 22 -23.23 3.66 9.74
CA ARG L 22 -23.31 3.01 8.44
C ARG L 22 -21.94 2.70 7.88
N LEU L 23 -20.87 3.20 8.51
CA LEU L 23 -19.52 2.84 8.12
C LEU L 23 -18.91 1.80 9.04
N GLY L 24 -19.64 1.33 10.04
CA GLY L 24 -19.08 0.40 11.00
C GLY L 24 -17.96 0.97 11.84
N LEU L 25 -18.07 2.23 12.24
CA LEU L 25 -17.03 2.90 13.00
C LEU L 25 -17.61 3.54 14.25
N GLU L 26 -16.72 3.92 15.15
CA GLU L 26 -17.06 4.77 16.26
C GLU L 26 -16.60 6.19 15.96
N LEU L 27 -17.37 7.15 16.43
CA LEU L 27 -16.98 8.55 16.26
C LEU L 27 -15.63 8.79 16.92
N GLY L 28 -14.81 9.60 16.27
CA GLY L 28 -13.51 9.90 16.81
C GLY L 28 -13.62 10.67 18.12
N LYS L 29 -12.62 10.47 18.98
CA LYS L 29 -12.65 11.06 20.31
C LYS L 29 -12.21 12.52 20.22
N VAL L 30 -13.16 13.44 20.30
CA VAL L 30 -12.85 14.86 20.26
C VAL L 30 -13.70 15.58 21.28
N VAL L 31 -13.09 16.53 21.96
CA VAL L 31 -13.78 17.40 22.90
C VAL L 31 -13.92 18.76 22.25
N THR L 32 -15.15 19.22 22.07
CA THR L 32 -15.45 20.52 21.48
C THR L 32 -16.32 21.29 22.45
N LYS L 33 -15.71 22.25 23.14
CA LYS L 33 -16.47 23.05 24.09
C LYS L 33 -16.19 24.54 23.89
N LYS L 34 -16.66 25.35 24.82
CA LYS L 34 -16.37 26.77 24.82
C LYS L 34 -15.67 27.15 26.11
N PHE L 35 -14.64 27.97 26.00
CA PHE L 35 -14.13 28.63 27.19
C PHE L 35 -15.15 29.64 27.70
N SER L 36 -14.83 30.22 28.86
CA SER L 36 -15.76 31.17 29.47
C SER L 36 -15.96 32.39 28.61
N ASN L 37 -14.96 32.76 27.82
CA ASN L 37 -15.04 33.94 26.98
C ASN L 37 -15.59 33.65 25.59
N GLN L 38 -16.36 32.57 25.43
CA GLN L 38 -17.01 32.21 24.18
C GLN L 38 -16.02 31.80 23.10
N GLU L 39 -14.84 31.34 23.50
CA GLU L 39 -13.85 30.89 22.53
C GLU L 39 -13.94 29.39 22.33
N THR L 40 -13.87 28.95 21.08
CA THR L 40 -13.96 27.53 20.76
C THR L 40 -12.73 26.80 21.26
N CYS L 41 -12.95 25.70 21.99
CA CYS L 41 -11.88 24.82 22.44
C CYS L 41 -12.07 23.49 21.77
N VAL L 42 -11.04 23.03 21.05
CA VAL L 42 -11.08 21.76 20.34
C VAL L 42 -9.89 20.95 20.79
N GLU L 43 -10.12 19.71 21.20
CA GLU L 43 -9.05 18.80 21.58
C GLU L 43 -9.31 17.45 20.94
N ILE L 44 -8.44 17.06 20.01
CA ILE L 44 -8.49 15.73 19.42
C ILE L 44 -7.94 14.74 20.44
N GLY L 45 -8.79 13.83 20.89
CA GLY L 45 -8.42 12.89 21.93
C GLY L 45 -7.75 11.63 21.46
N GLU L 46 -7.55 11.46 20.15
CA GLU L 46 -6.88 10.30 19.62
C GLU L 46 -5.94 10.75 18.52
N SER L 47 -4.88 9.98 18.33
CA SER L 47 -3.94 10.26 17.25
C SER L 47 -4.62 10.09 15.90
N VAL L 48 -4.43 11.06 15.01
CA VAL L 48 -4.93 10.99 13.65
C VAL L 48 -3.79 10.91 12.65
N ARG L 49 -2.59 10.60 13.13
CA ARG L 49 -1.40 10.60 12.29
C ARG L 49 -1.53 9.57 11.18
N GLY L 50 -1.43 10.03 9.93
CA GLY L 50 -1.51 9.15 8.79
C GLY L 50 -2.88 8.59 8.51
N GLU L 51 -3.93 9.22 9.02
CA GLU L 51 -5.28 8.71 8.87
C GLU L 51 -6.06 9.55 7.86
N ASP L 52 -7.21 9.02 7.45
CA ASP L 52 -8.11 9.70 6.53
C ASP L 52 -9.25 10.29 7.34
N VAL L 53 -9.12 11.55 7.73
CA VAL L 53 -10.01 12.19 8.68
C VAL L 53 -11.18 12.82 7.93
N TYR L 54 -12.40 12.57 8.42
CA TYR L 54 -13.61 13.18 7.91
C TYR L 54 -14.29 13.90 9.07
N ILE L 55 -14.52 15.19 8.92
CA ILE L 55 -15.16 15.99 9.95
C ILE L 55 -16.55 16.36 9.46
N VAL L 56 -17.57 15.98 10.22
CA VAL L 56 -18.95 16.23 9.86
C VAL L 56 -19.44 17.44 10.65
N GLN L 57 -19.87 18.47 9.94
CA GLN L 57 -20.32 19.71 10.55
C GLN L 57 -21.20 20.42 9.55
N SER L 58 -22.40 20.79 9.94
CA SER L 58 -23.32 21.43 9.02
C SER L 58 -23.48 22.91 9.35
N GLY L 59 -23.64 23.71 8.30
CA GLY L 59 -23.79 25.15 8.47
C GLY L 59 -25.18 25.51 8.96
N CYS L 60 -25.45 25.18 10.22
CA CYS L 60 -26.76 25.36 10.80
C CYS L 60 -26.58 25.88 12.22
N GLY L 61 -27.71 26.08 12.90
CA GLY L 61 -27.66 26.53 14.28
C GLY L 61 -26.98 27.88 14.39
N GLU L 62 -26.09 28.00 15.37
CA GLU L 62 -25.24 29.18 15.52
C GLU L 62 -24.11 29.05 14.52
N ILE L 63 -24.28 29.73 13.38
CA ILE L 63 -23.51 29.39 12.19
C ILE L 63 -22.05 29.76 12.33
N ASN L 64 -21.76 30.95 12.86
CA ASN L 64 -20.37 31.37 12.96
C ASN L 64 -19.61 30.50 13.95
N ASP L 65 -20.28 30.10 15.02
CA ASP L 65 -19.64 29.24 16.02
C ASP L 65 -19.32 27.88 15.42
N ASN L 66 -20.26 27.31 14.68
CA ASN L 66 -20.04 26.01 14.05
C ASN L 66 -18.94 26.09 13.01
N LEU L 67 -18.92 27.16 12.23
CA LEU L 67 -17.89 27.30 11.22
C LEU L 67 -16.52 27.45 11.86
N MET L 68 -16.43 28.22 12.93
CA MET L 68 -15.15 28.35 13.63
C MET L 68 -14.70 27.02 14.20
N GLU L 69 -15.62 26.27 14.79
CA GLU L 69 -15.29 24.94 15.31
C GLU L 69 -14.80 24.04 14.19
N LEU L 70 -15.44 24.10 13.02
CA LEU L 70 -15.04 23.27 11.90
C LEU L 70 -13.64 23.62 11.42
N LEU L 71 -13.36 24.92 11.28
CA LEU L 71 -12.04 25.34 10.83
C LEU L 71 -10.97 24.94 11.84
N ILE L 72 -11.27 25.10 13.13
CA ILE L 72 -10.31 24.76 14.16
C ILE L 72 -10.04 23.26 14.17
N MET L 73 -11.08 22.44 13.99
CA MET L 73 -10.88 21.00 13.92
C MET L 73 -10.07 20.61 12.70
N ILE L 74 -10.34 21.23 11.55
CA ILE L 74 -9.58 20.93 10.34
C ILE L 74 -8.11 21.25 10.56
N ASN L 75 -7.82 22.43 11.12
CA ASN L 75 -6.45 22.82 11.35
C ASN L 75 -5.77 21.91 12.37
N ALA L 76 -6.50 21.51 13.42
CA ALA L 76 -5.95 20.61 14.41
C ALA L 76 -5.57 19.27 13.80
N CYS L 77 -6.43 18.72 12.95
CA CYS L 77 -6.11 17.45 12.32
C CYS L 77 -4.99 17.60 11.29
N LYS L 78 -4.91 18.76 10.63
CA LYS L 78 -3.87 18.97 9.65
C LYS L 78 -2.49 19.07 10.30
N ILE L 79 -2.36 19.82 11.39
CA ILE L 79 -1.05 19.91 12.04
C ILE L 79 -0.80 18.76 12.99
N ALA L 80 -1.75 17.84 13.14
CA ALA L 80 -1.53 16.58 13.81
C ALA L 80 -1.15 15.48 12.82
N SER L 81 -0.80 15.84 11.58
CA SER L 81 -0.21 14.94 10.59
C SER L 81 -1.20 13.91 10.08
N ALA L 82 -2.47 14.31 9.93
CA ALA L 82 -3.40 13.48 9.20
C ALA L 82 -3.00 13.43 7.74
N SER L 83 -3.15 12.25 7.12
CA SER L 83 -2.78 12.14 5.71
C SER L 83 -3.68 13.01 4.85
N ARG L 84 -4.96 13.08 5.17
CA ARG L 84 -5.93 13.80 4.37
C ARG L 84 -7.08 14.21 5.28
N VAL L 85 -7.54 15.44 5.13
CA VAL L 85 -8.65 15.97 5.92
C VAL L 85 -9.77 16.37 4.99
N THR L 86 -10.96 15.84 5.24
CA THR L 86 -12.14 16.13 4.44
C THR L 86 -13.19 16.77 5.33
N ALA L 87 -13.76 17.87 4.87
CA ALA L 87 -14.84 18.54 5.56
C ALA L 87 -16.15 18.07 4.95
N VAL L 88 -16.95 17.36 5.74
CA VAL L 88 -18.27 16.91 5.33
C VAL L 88 -19.25 17.96 5.83
N ILE L 89 -19.74 18.77 4.92
CA ILE L 89 -20.54 19.95 5.26
C ILE L 89 -21.90 19.81 4.60
N PRO L 90 -22.86 19.11 5.23
CA PRO L 90 -24.12 18.83 4.53
C PRO L 90 -24.86 20.07 4.08
N CYS L 91 -24.90 21.12 4.90
CA CYS L 91 -25.43 22.41 4.48
C CYS L 91 -24.30 23.43 4.53
N PHE L 92 -23.96 23.98 3.38
CA PHE L 92 -22.80 24.85 3.28
C PHE L 92 -23.12 26.23 3.86
N PRO L 93 -22.34 26.72 4.82
CA PRO L 93 -22.64 28.03 5.40
C PRO L 93 -22.31 29.16 4.45
N TYR L 94 -23.15 30.19 4.47
CA TYR L 94 -23.03 31.39 3.64
C TYR L 94 -23.17 31.07 2.15
N ALA L 95 -23.78 29.94 1.82
CA ALA L 95 -23.92 29.56 0.41
C ALA L 95 -24.76 30.56 -0.36
N ARG L 96 -25.67 31.26 0.30
CA ARG L 96 -26.50 32.23 -0.40
C ARG L 96 -25.78 33.54 -0.67
N GLN L 97 -24.60 33.74 -0.10
CA GLN L 97 -23.77 34.91 -0.42
C GLN L 97 -22.80 34.57 -1.55
N ASP L 98 -23.35 34.20 -2.69
CA ASP L 98 -22.54 33.71 -3.80
C ASP L 98 -22.29 34.75 -4.88
N LYS L 99 -22.84 35.94 -4.76
CA LYS L 99 -22.70 36.93 -5.82
C LYS L 99 -22.88 38.32 -5.25
N LYS L 100 -22.39 39.32 -5.99
CA LYS L 100 -22.47 40.70 -5.55
C LYS L 100 -23.75 41.38 -6.05
N ASP L 101 -23.97 41.39 -7.36
CA ASP L 101 -25.23 41.81 -7.97
C ASP L 101 -25.58 43.26 -7.60
N LYS L 102 -24.75 44.17 -8.10
CA LYS L 102 -25.00 45.62 -8.02
C LYS L 102 -25.01 46.13 -6.58
N SER L 103 -24.21 45.51 -5.72
CA SER L 103 -24.11 45.94 -4.33
C SER L 103 -22.68 45.76 -3.87
N ARG L 104 -22.28 46.60 -2.91
CA ARG L 104 -20.94 46.52 -2.32
C ARG L 104 -20.96 45.44 -1.23
N ALA L 105 -21.43 44.27 -1.62
CA ALA L 105 -21.61 43.17 -0.70
C ALA L 105 -20.47 42.19 -0.83
N PRO L 106 -20.07 41.56 0.26
CA PRO L 106 -19.06 40.50 0.18
C PRO L 106 -19.65 39.23 -0.39
N ILE L 107 -18.82 38.52 -1.14
CA ILE L 107 -19.15 37.17 -1.58
C ILE L 107 -18.67 36.27 -0.45
N SER L 108 -19.52 36.13 0.57
CA SER L 108 -19.10 35.46 1.80
C SER L 108 -18.84 33.98 1.58
N ALA L 109 -19.51 33.37 0.59
CA ALA L 109 -19.25 31.97 0.30
C ALA L 109 -17.82 31.75 -0.16
N LYS L 110 -17.31 32.67 -0.98
CA LYS L 110 -15.91 32.59 -1.40
C LYS L 110 -14.97 32.74 -0.21
N LEU L 111 -15.31 33.62 0.72
CA LEU L 111 -14.50 33.78 1.92
C LEU L 111 -14.49 32.50 2.74
N VAL L 112 -15.64 31.85 2.87
CA VAL L 112 -15.72 30.58 3.60
C VAL L 112 -14.87 29.52 2.90
N ALA L 113 -14.94 29.46 1.56
CA ALA L 113 -14.10 28.52 0.83
C ALA L 113 -12.62 28.79 1.06
N ASN L 114 -12.22 30.06 1.05
CA ASN L 114 -10.83 30.41 1.29
C ASN L 114 -10.40 30.01 2.69
N MET L 115 -11.25 30.24 3.68
CA MET L 115 -10.90 29.87 5.05
C MET L 115 -10.81 28.36 5.21
N LEU L 116 -11.69 27.61 4.55
CA LEU L 116 -11.59 26.16 4.59
C LEU L 116 -10.31 25.68 3.94
N SER L 117 -9.92 26.32 2.84
CA SER L 117 -8.67 25.96 2.19
C SER L 117 -7.45 26.27 3.05
N VAL L 118 -7.44 27.43 3.71
CA VAL L 118 -6.28 27.81 4.49
C VAL L 118 -6.22 27.07 5.83
N ALA L 119 -7.37 26.58 6.32
CA ALA L 119 -7.33 25.72 7.48
C ALA L 119 -6.69 24.38 7.16
N GLY L 120 -6.76 23.95 5.90
CA GLY L 120 -6.05 22.77 5.48
C GLY L 120 -6.92 21.66 4.93
N ALA L 121 -8.17 21.96 4.61
CA ALA L 121 -9.05 20.95 4.04
C ALA L 121 -8.57 20.56 2.65
N ASP L 122 -8.54 19.27 2.39
CA ASP L 122 -8.15 18.75 1.09
C ASP L 122 -9.33 18.34 0.23
N HIS L 123 -10.51 18.22 0.84
CA HIS L 123 -11.67 17.70 0.14
C HIS L 123 -12.91 18.20 0.85
N ILE L 124 -13.93 18.55 0.08
CA ILE L 124 -15.21 18.99 0.60
C ILE L 124 -16.27 18.04 0.09
N ILE L 125 -17.10 17.53 0.98
CA ILE L 125 -18.31 16.81 0.63
C ILE L 125 -19.50 17.61 1.14
N THR L 126 -20.39 17.97 0.24
CA THR L 126 -21.55 18.79 0.60
C THR L 126 -22.76 18.26 -0.16
N MET L 127 -23.94 18.71 0.23
CA MET L 127 -25.19 18.23 -0.35
C MET L 127 -26.02 19.40 -0.85
N ASP L 128 -26.36 19.38 -2.13
CA ASP L 128 -27.25 20.35 -2.75
C ASP L 128 -26.79 21.78 -2.45
N LEU L 129 -25.62 22.12 -2.98
CA LEU L 129 -25.14 23.49 -2.90
C LEU L 129 -26.16 24.44 -3.51
N HIS L 130 -26.32 25.61 -2.88
CA HIS L 130 -27.30 26.57 -3.36
C HIS L 130 -27.01 26.98 -4.79
N ALA L 131 -25.75 27.21 -5.10
CA ALA L 131 -25.31 27.44 -6.47
C ALA L 131 -24.17 26.47 -6.77
N SER L 132 -24.25 25.78 -7.90
CA SER L 132 -23.18 24.87 -8.29
C SER L 132 -21.87 25.59 -8.52
N GLN L 133 -21.90 26.88 -8.86
CA GLN L 133 -20.68 27.63 -9.08
C GLN L 133 -19.83 27.73 -7.83
N ILE L 134 -20.39 27.44 -6.65
CA ILE L 134 -19.61 27.43 -5.43
C ILE L 134 -18.52 26.37 -5.51
N GLN L 135 -18.72 25.31 -6.30
CA GLN L 135 -17.66 24.35 -6.51
C GLN L 135 -16.43 25.02 -7.10
N GLY L 136 -16.62 26.05 -7.91
CA GLY L 136 -15.52 26.81 -8.45
C GLY L 136 -14.86 27.77 -7.47
N PHE L 137 -15.47 28.02 -6.32
CA PHE L 137 -14.84 28.85 -5.31
C PHE L 137 -13.64 28.18 -4.67
N PHE L 138 -13.56 26.86 -4.74
CA PHE L 138 -12.46 26.11 -4.16
C PHE L 138 -11.44 25.76 -5.23
N ASP L 139 -10.21 25.52 -4.78
CA ASP L 139 -9.20 24.91 -5.63
C ASP L 139 -8.96 23.44 -5.29
N ILE L 140 -9.68 22.90 -4.31
CA ILE L 140 -9.61 21.50 -3.94
C ILE L 140 -10.84 20.81 -4.54
N PRO L 141 -10.87 19.48 -4.63
CA PRO L 141 -12.08 18.82 -5.13
C PRO L 141 -13.26 19.00 -4.18
N VAL L 142 -14.43 19.20 -4.75
CA VAL L 142 -15.67 19.33 -4.01
C VAL L 142 -16.68 18.36 -4.60
N ASP L 143 -17.24 17.49 -3.77
CA ASP L 143 -18.27 16.56 -4.18
C ASP L 143 -19.61 17.13 -3.74
N ASN L 144 -20.47 17.43 -4.70
CA ASN L 144 -21.76 18.05 -4.44
C ASN L 144 -22.84 17.00 -4.64
N LEU L 145 -23.22 16.33 -3.57
CA LEU L 145 -24.22 15.27 -3.63
C LEU L 145 -25.61 15.87 -3.81
N TYR L 146 -26.53 15.03 -4.28
CA TYR L 146 -27.89 15.44 -4.54
C TYR L 146 -28.83 14.61 -3.69
N ALA L 147 -29.85 15.25 -3.12
CA ALA L 147 -30.86 14.53 -2.38
C ALA L 147 -31.93 13.95 -3.29
N GLU L 148 -31.85 14.19 -4.59
CA GLU L 148 -32.87 13.73 -5.52
C GLU L 148 -33.19 12.25 -5.44
N PRO L 149 -32.21 11.33 -5.34
CA PRO L 149 -32.59 9.91 -5.16
C PRO L 149 -33.50 9.67 -3.97
N ALA L 150 -33.12 10.19 -2.79
CA ALA L 150 -33.95 10.02 -1.61
C ALA L 150 -35.28 10.73 -1.75
N VAL L 151 -35.31 11.87 -2.44
CA VAL L 151 -36.55 12.60 -2.64
C VAL L 151 -37.52 11.78 -3.49
N LEU L 152 -37.02 11.21 -4.58
CA LEU L 152 -37.86 10.38 -5.45
C LEU L 152 -38.36 9.16 -4.69
N LYS L 153 -37.50 8.55 -3.88
CA LYS L 153 -37.93 7.42 -3.08
C LYS L 153 -39.07 7.81 -2.15
N TRP L 154 -38.93 8.95 -1.47
CA TRP L 154 -39.99 9.40 -0.58
C TRP L 154 -41.28 9.68 -1.35
N ILE L 155 -41.17 10.34 -2.51
CA ILE L 155 -42.36 10.67 -3.29
C ILE L 155 -43.09 9.39 -3.69
N ARG L 156 -42.34 8.40 -4.18
CA ARG L 156 -42.96 7.17 -4.63
C ARG L 156 -43.59 6.40 -3.47
N GLU L 157 -42.95 6.39 -2.31
CA GLU L 157 -43.48 5.63 -1.20
C GLU L 157 -44.45 6.41 -0.32
N ASN L 158 -44.76 7.67 -0.66
CA ASN L 158 -45.61 8.48 0.20
C ASN L 158 -46.74 9.20 -0.50
N ILE L 159 -46.68 9.36 -1.82
CA ILE L 159 -47.73 10.04 -2.57
C ILE L 159 -48.31 9.03 -3.53
N SER L 160 -49.44 8.42 -3.16
CA SER L 160 -50.01 7.35 -3.97
C SER L 160 -50.41 7.83 -5.35
N GLU L 161 -50.63 9.13 -5.52
CA GLU L 161 -51.04 9.71 -6.79
C GLU L 161 -49.87 10.31 -7.55
N TRP L 162 -48.67 9.75 -7.37
CA TRP L 162 -47.47 10.40 -7.89
C TRP L 162 -47.32 10.25 -9.40
N ARG L 163 -48.05 9.34 -10.02
CA ARG L 163 -47.96 9.21 -11.47
C ARG L 163 -48.71 10.32 -12.19
N ASN L 164 -49.67 10.95 -11.53
CA ASN L 164 -50.43 12.06 -12.11
C ASN L 164 -50.07 13.39 -11.46
N CYS L 165 -49.14 13.40 -10.52
CA CYS L 165 -48.81 14.57 -9.74
C CYS L 165 -48.09 15.60 -10.58
N THR L 166 -47.70 16.71 -9.93
CA THR L 166 -46.99 17.80 -10.57
C THR L 166 -45.80 18.19 -9.72
N ILE L 167 -44.69 18.54 -10.37
CA ILE L 167 -43.50 19.01 -9.68
C ILE L 167 -43.32 20.49 -9.98
N VAL L 168 -43.41 21.30 -8.93
CA VAL L 168 -43.52 22.75 -9.07
C VAL L 168 -42.27 23.39 -8.46
N SER L 169 -41.76 24.38 -9.13
CA SER L 169 -40.64 25.13 -8.56
C SER L 169 -41.16 26.40 -7.91
N PRO L 170 -40.66 26.77 -6.73
CA PRO L 170 -41.17 28.00 -6.07
C PRO L 170 -40.68 29.26 -6.73
N ASP L 171 -39.53 29.23 -7.39
CA ASP L 171 -39.00 30.40 -8.06
C ASP L 171 -38.39 29.95 -9.39
N ALA L 172 -37.91 30.93 -10.16
CA ALA L 172 -37.23 30.61 -11.40
C ALA L 172 -35.95 29.82 -11.17
N GLY L 173 -35.19 30.15 -10.13
CA GLY L 173 -33.87 29.56 -9.98
C GLY L 173 -33.91 28.08 -9.61
N GLY L 174 -35.09 27.56 -9.32
CA GLY L 174 -35.22 26.15 -9.00
C GLY L 174 -35.61 25.25 -10.15
N ALA L 175 -35.53 25.75 -11.38
CA ALA L 175 -36.10 25.05 -12.53
C ALA L 175 -35.41 23.71 -12.77
N LYS L 176 -34.08 23.71 -12.73
CA LYS L 176 -33.34 22.52 -13.16
C LYS L 176 -33.65 21.32 -12.26
N ARG L 177 -33.70 21.55 -10.95
CA ARG L 177 -33.92 20.47 -10.01
C ARG L 177 -35.28 19.83 -10.21
N VAL L 178 -36.31 20.65 -10.36
CA VAL L 178 -37.66 20.11 -10.53
C VAL L 178 -37.79 19.42 -11.88
N THR L 179 -37.13 19.95 -12.91
CA THR L 179 -37.18 19.29 -14.21
C THR L 179 -36.54 17.91 -14.15
N SER L 180 -35.40 17.80 -13.45
CA SER L 180 -34.78 16.49 -13.28
C SER L 180 -35.69 15.54 -12.53
N ILE L 181 -36.32 16.02 -11.45
CA ILE L 181 -37.22 15.17 -10.68
C ILE L 181 -38.38 14.69 -11.53
N ALA L 182 -38.97 15.61 -12.29
CA ALA L 182 -40.09 15.27 -13.15
C ALA L 182 -39.68 14.25 -14.21
N ASP L 183 -38.50 14.44 -14.81
CA ASP L 183 -38.04 13.50 -15.82
C ASP L 183 -37.86 12.11 -15.23
N ARG L 184 -37.23 12.00 -14.07
CA ARG L 184 -37.08 10.70 -13.46
C ARG L 184 -38.39 10.09 -13.01
N LEU L 185 -39.41 10.90 -12.71
CA LEU L 185 -40.72 10.38 -12.39
C LEU L 185 -41.64 10.28 -13.59
N ASN L 186 -41.30 10.92 -14.71
CA ASN L 186 -42.17 11.01 -15.89
C ASN L 186 -43.53 11.62 -15.51
N VAL L 187 -43.48 12.88 -15.07
CA VAL L 187 -44.67 13.62 -14.68
C VAL L 187 -44.58 15.01 -15.29
N ASP L 188 -45.73 15.68 -15.33
CA ASP L 188 -45.77 17.06 -15.77
C ASP L 188 -45.18 17.95 -14.68
N PHE L 189 -44.52 19.03 -15.11
CA PHE L 189 -43.88 19.93 -14.18
C PHE L 189 -44.38 21.36 -14.39
N ALA L 190 -44.96 21.93 -13.35
CA ALA L 190 -45.45 23.29 -13.36
C ALA L 190 -44.35 24.23 -12.92
N LEU L 191 -44.62 25.52 -13.01
CA LEU L 191 -43.71 26.54 -12.52
C LEU L 191 -44.47 27.68 -11.87
N ILE L 192 -43.79 28.40 -10.99
CA ILE L 192 -44.37 29.51 -10.24
C ILE L 192 -43.35 30.62 -10.18
N HIS L 193 -43.80 31.86 -10.41
CA HIS L 193 -42.94 32.99 -10.09
C HIS L 193 -43.79 34.22 -9.81
N LYS L 194 -43.32 35.05 -8.89
CA LYS L 194 -44.03 36.26 -8.53
C LYS L 194 -43.88 37.31 -9.62
N GLU L 195 -44.76 38.31 -9.58
CA GLU L 195 -44.72 39.40 -10.54
C GLU L 195 -44.26 40.69 -9.88
N ASP L 203 -46.67 41.61 -5.74
CA ASP L 203 -47.18 40.77 -4.67
C ASP L 203 -47.94 39.57 -5.22
N ARG L 204 -48.12 39.56 -6.54
CA ARG L 204 -48.83 38.47 -7.21
C ARG L 204 -47.83 37.50 -7.82
N MET L 205 -48.29 36.27 -8.04
CA MET L 205 -47.52 35.23 -8.70
C MET L 205 -48.35 34.56 -9.78
N VAL L 206 -47.65 34.01 -10.76
CA VAL L 206 -48.27 33.26 -11.85
C VAL L 206 -47.76 31.83 -11.80
N LEU L 207 -48.69 30.88 -11.96
CA LEU L 207 -48.42 29.46 -12.04
C LEU L 207 -48.74 28.98 -13.44
N VAL L 208 -47.81 28.25 -14.04
CA VAL L 208 -47.96 27.71 -15.39
C VAL L 208 -47.93 26.20 -15.29
N GLY L 209 -48.93 25.54 -15.87
CA GLY L 209 -49.01 24.09 -15.76
C GLY L 209 -50.30 23.68 -15.06
N ASP L 210 -51.03 22.77 -15.70
CA ASP L 210 -52.33 22.36 -15.19
C ASP L 210 -52.17 21.60 -13.87
N VAL L 211 -52.90 22.05 -12.85
CA VAL L 211 -52.78 21.48 -11.51
C VAL L 211 -54.13 21.13 -10.91
N LYS L 212 -55.25 21.47 -11.57
CA LYS L 212 -56.56 21.21 -11.00
C LYS L 212 -56.77 19.73 -10.76
N ASP L 213 -57.27 19.40 -9.57
CA ASP L 213 -57.47 18.04 -9.10
C ASP L 213 -56.18 17.22 -9.07
N ARG L 214 -55.04 17.86 -9.29
CA ARG L 214 -53.75 17.20 -9.29
C ARG L 214 -52.91 17.70 -8.12
N VAL L 215 -52.23 16.76 -7.48
CA VAL L 215 -51.33 17.10 -6.38
C VAL L 215 -50.17 17.92 -6.92
N ALA L 216 -49.89 19.04 -6.26
CA ALA L 216 -48.70 19.83 -6.55
C ALA L 216 -47.60 19.47 -5.56
N ILE L 217 -46.36 19.41 -6.05
CA ILE L 217 -45.20 19.11 -5.23
C ILE L 217 -44.22 20.26 -5.41
N LEU L 218 -44.15 21.16 -4.44
CA LEU L 218 -43.08 22.14 -4.43
C LEU L 218 -41.76 21.45 -4.08
N VAL L 219 -40.75 21.68 -4.91
CA VAL L 219 -39.42 21.15 -4.67
C VAL L 219 -38.45 22.32 -4.71
N ASP L 220 -37.63 22.43 -3.68
CA ASP L 220 -36.71 23.56 -3.59
C ASP L 220 -35.51 23.13 -2.76
N ASP L 221 -34.42 23.90 -2.87
CA ASP L 221 -33.21 23.56 -2.15
C ASP L 221 -33.26 23.88 -0.66
N MET L 222 -33.83 25.01 -0.26
CA MET L 222 -33.85 25.30 1.17
C MET L 222 -35.07 26.14 1.50
N ALA L 223 -35.45 26.12 2.76
CA ALA L 223 -36.48 26.99 3.30
C ALA L 223 -35.91 27.65 4.54
N ASP L 224 -35.69 28.96 4.48
CA ASP L 224 -35.12 29.69 5.62
C ASP L 224 -36.24 30.32 6.44
N THR L 225 -36.96 31.26 5.83
CA THR L 225 -38.10 31.89 6.47
C THR L 225 -39.42 31.38 5.91
N CYS L 226 -39.36 30.50 4.92
CA CYS L 226 -40.51 29.85 4.32
C CYS L 226 -41.47 30.83 3.67
N GLY L 227 -41.01 32.04 3.36
CA GLY L 227 -41.84 32.94 2.57
C GLY L 227 -42.05 32.44 1.16
N THR L 228 -40.99 31.90 0.55
CA THR L 228 -41.07 31.43 -0.82
C THR L 228 -42.07 30.29 -0.96
N ILE L 229 -41.93 29.25 -0.14
CA ILE L 229 -42.82 28.11 -0.28
C ILE L 229 -44.23 28.47 0.16
N CYS L 230 -44.38 29.39 1.12
CA CYS L 230 -45.73 29.75 1.54
C CYS L 230 -46.46 30.52 0.45
N HIS L 231 -45.79 31.48 -0.20
CA HIS L 231 -46.41 32.17 -1.32
C HIS L 231 -46.73 31.21 -2.45
N ALA L 232 -45.80 30.28 -2.73
CA ALA L 232 -46.05 29.30 -3.78
C ALA L 232 -47.27 28.44 -3.47
N ALA L 233 -47.40 28.00 -2.22
CA ALA L 233 -48.54 27.19 -1.84
C ALA L 233 -49.84 27.98 -1.92
N ASP L 234 -49.79 29.26 -1.52
CA ASP L 234 -50.97 30.10 -1.66
C ASP L 234 -51.44 30.14 -3.11
N LYS L 235 -50.52 30.41 -4.04
CA LYS L 235 -50.90 30.44 -5.44
C LYS L 235 -51.38 29.08 -5.94
N LEU L 236 -50.72 28.00 -5.51
CA LEU L 236 -51.14 26.68 -5.95
C LEU L 236 -52.56 26.39 -5.51
N LEU L 237 -52.94 26.82 -4.31
CA LEU L 237 -54.32 26.64 -3.88
C LEU L 237 -55.26 27.60 -4.60
N SER L 238 -54.75 28.74 -5.07
CA SER L 238 -55.58 29.60 -5.90
C SER L 238 -55.97 28.91 -7.19
N ALA L 239 -55.05 28.16 -7.79
CA ALA L 239 -55.31 27.44 -9.03
C ALA L 239 -56.01 26.11 -8.80
N GLY L 240 -56.58 25.89 -7.61
CA GLY L 240 -57.44 24.76 -7.39
C GLY L 240 -56.76 23.42 -7.24
N ALA L 241 -55.47 23.38 -6.95
CA ALA L 241 -54.80 22.12 -6.71
C ALA L 241 -55.37 21.45 -5.47
N THR L 242 -55.45 20.12 -5.50
CA THR L 242 -56.10 19.39 -4.43
C THR L 242 -55.27 19.44 -3.15
N ARG L 243 -54.04 18.92 -3.21
CA ARG L 243 -53.14 18.93 -2.07
C ARG L 243 -51.79 19.48 -2.50
N VAL L 244 -51.09 20.09 -1.55
CA VAL L 244 -49.81 20.73 -1.81
C VAL L 244 -48.75 20.13 -0.90
N TYR L 245 -47.60 19.80 -1.47
CA TYR L 245 -46.44 19.27 -0.79
C TYR L 245 -45.25 20.19 -1.00
N ALA L 246 -44.42 20.31 0.03
CA ALA L 246 -43.16 21.01 -0.08
C ALA L 246 -42.05 20.04 0.25
N ILE L 247 -41.03 19.97 -0.60
CA ILE L 247 -39.90 19.09 -0.36
C ILE L 247 -38.63 19.92 -0.45
N LEU L 248 -37.74 19.78 0.53
CA LEU L 248 -36.57 20.61 0.70
C LEU L 248 -35.41 19.75 1.21
N THR L 249 -34.21 20.07 0.76
CA THR L 249 -33.07 19.34 1.30
C THR L 249 -32.55 20.01 2.57
N HIS L 250 -32.70 21.32 2.71
CA HIS L 250 -32.21 22.03 3.89
C HIS L 250 -33.36 22.75 4.57
N GLY L 251 -33.76 22.26 5.74
CA GLY L 251 -34.79 22.89 6.55
C GLY L 251 -34.24 23.83 7.60
N ILE L 252 -33.75 25.00 7.21
CA ILE L 252 -33.20 25.93 8.19
C ILE L 252 -34.27 26.38 9.17
N PHE L 253 -35.44 26.77 8.66
CA PHE L 253 -36.61 27.07 9.49
C PHE L 253 -36.29 28.11 10.55
N SER L 254 -35.88 29.29 10.10
CA SER L 254 -35.51 30.34 11.04
C SER L 254 -36.59 31.41 11.10
N GLY L 255 -36.67 32.07 12.25
CA GLY L 255 -37.59 33.16 12.44
C GLY L 255 -39.04 32.74 12.40
N PRO L 256 -39.82 33.36 11.51
CA PRO L 256 -41.26 33.10 11.48
C PRO L 256 -41.64 31.84 10.73
N ALA L 257 -40.66 30.99 10.45
CA ALA L 257 -40.90 29.85 9.56
C ALA L 257 -41.94 28.89 10.13
N ILE L 258 -41.81 28.54 11.41
CA ILE L 258 -42.69 27.52 11.97
C ILE L 258 -44.14 28.02 12.03
N SER L 259 -44.32 29.28 12.42
CA SER L 259 -45.67 29.84 12.43
C SER L 259 -46.26 29.89 11.02
N ARG L 260 -45.44 30.27 10.03
CA ARG L 260 -45.94 30.32 8.66
C ARG L 260 -46.35 28.94 8.17
N ILE L 261 -45.53 27.92 8.47
CA ILE L 261 -45.86 26.57 8.02
C ILE L 261 -47.12 26.07 8.73
N ASN L 262 -47.26 26.40 10.01
CA ASN L 262 -48.46 26.00 10.75
C ASN L 262 -49.70 26.67 10.20
N ASN L 263 -49.59 27.93 9.78
CA ASN L 263 -50.71 28.66 9.23
C ASN L 263 -50.90 28.43 7.73
N ALA L 264 -49.98 27.71 7.10
CA ALA L 264 -50.07 27.47 5.66
C ALA L 264 -50.98 26.28 5.38
N CYS L 265 -51.02 25.89 4.11
CA CYS L 265 -51.90 24.85 3.63
C CYS L 265 -51.15 23.64 3.09
N PHE L 266 -49.94 23.39 3.54
CA PHE L 266 -49.20 22.22 3.08
C PHE L 266 -49.82 20.94 3.63
N GLU L 267 -49.84 19.91 2.81
CA GLU L 267 -50.15 18.58 3.34
C GLU L 267 -48.93 18.00 4.05
N ALA L 268 -47.74 18.38 3.61
CA ALA L 268 -46.51 17.97 4.27
C ALA L 268 -45.38 18.89 3.83
N VAL L 269 -44.48 19.17 4.76
CA VAL L 269 -43.21 19.82 4.47
C VAL L 269 -42.13 18.79 4.79
N VAL L 270 -41.54 18.22 3.76
CA VAL L 270 -40.54 17.19 3.90
C VAL L 270 -39.16 17.83 3.75
N VAL L 271 -38.26 17.51 4.66
CA VAL L 271 -36.91 18.03 4.60
C VAL L 271 -35.94 16.87 4.81
N THR L 272 -34.72 17.05 4.30
CA THR L 272 -33.67 16.02 4.56
C THR L 272 -32.92 16.45 5.83
N ASN L 273 -32.38 15.49 6.57
CA ASN L 273 -31.73 15.76 7.85
C ASN L 273 -30.30 16.26 7.67
N THR L 274 -30.08 17.22 6.77
CA THR L 274 -28.80 17.90 6.73
C THR L 274 -28.68 18.88 7.89
N ILE L 275 -29.79 19.25 8.48
CA ILE L 275 -29.87 20.12 9.64
C ILE L 275 -30.70 19.36 10.67
N PRO L 276 -30.35 19.42 11.96
CA PRO L 276 -31.20 18.77 12.96
C PRO L 276 -32.60 19.35 12.97
N GLN L 277 -33.63 18.50 13.04
CA GLN L 277 -35.01 19.02 12.93
C GLN L 277 -35.87 18.63 14.15
N GLU L 278 -35.31 17.90 15.11
CA GLU L 278 -36.12 17.41 16.28
C GLU L 278 -36.88 18.57 16.92
N ASP L 279 -36.21 19.68 17.20
CA ASP L 279 -36.82 20.85 17.83
C ASP L 279 -37.89 21.45 16.93
N LYS L 280 -37.61 21.56 15.64
CA LYS L 280 -38.60 22.12 14.73
C LYS L 280 -39.79 21.19 14.58
N MET L 281 -39.56 19.88 14.54
CA MET L 281 -40.67 18.94 14.46
C MET L 281 -41.50 18.95 15.73
N LYS L 282 -40.93 19.43 16.84
CA LYS L 282 -41.70 19.55 18.07
C LYS L 282 -42.86 20.52 17.91
N HIS L 283 -42.62 21.65 17.25
CA HIS L 283 -43.60 22.72 17.14
C HIS L 283 -44.30 22.78 15.79
N CYS L 284 -44.10 21.79 14.93
CA CYS L 284 -44.74 21.76 13.62
C CYS L 284 -45.01 20.31 13.27
N SER L 285 -46.28 19.92 13.25
CA SER L 285 -46.62 18.52 13.06
C SER L 285 -46.47 18.07 11.62
N LYS L 286 -46.39 19.00 10.69
CA LYS L 286 -46.37 18.66 9.28
C LYS L 286 -44.97 18.58 8.69
N ILE L 287 -43.93 18.67 9.52
CA ILE L 287 -42.57 18.49 9.03
C ILE L 287 -42.19 17.02 9.11
N GLN L 288 -41.77 16.46 7.99
CA GLN L 288 -41.24 15.11 7.92
C GLN L 288 -39.78 15.17 7.49
N VAL L 289 -39.02 14.15 7.86
CA VAL L 289 -37.59 14.14 7.63
C VAL L 289 -37.20 12.93 6.80
N ILE L 290 -36.49 13.18 5.71
CA ILE L 290 -35.84 12.13 4.92
C ILE L 290 -34.43 11.94 5.43
N ASP L 291 -34.07 10.71 5.75
CA ASP L 291 -32.69 10.41 6.10
C ASP L 291 -31.81 10.41 4.86
N ILE L 292 -30.75 11.21 4.89
CA ILE L 292 -29.75 11.19 3.84
C ILE L 292 -28.40 10.73 4.36
N SER L 293 -28.36 10.17 5.58
CA SER L 293 -27.09 9.74 6.15
C SER L 293 -26.48 8.60 5.34
N MET L 294 -27.30 7.82 4.64
CA MET L 294 -26.74 6.74 3.83
C MET L 294 -25.98 7.30 2.63
N ILE L 295 -26.49 8.38 2.02
CA ILE L 295 -25.77 8.99 0.91
C ILE L 295 -24.45 9.56 1.37
N LEU L 296 -24.44 10.23 2.53
CA LEU L 296 -23.20 10.79 3.05
C LEU L 296 -22.21 9.70 3.43
N ALA L 297 -22.69 8.63 4.06
CA ALA L 297 -21.81 7.52 4.42
C ALA L 297 -21.24 6.85 3.17
N GLU L 298 -22.08 6.67 2.16
CA GLU L 298 -21.61 6.06 0.93
C GLU L 298 -20.60 6.94 0.22
N ALA L 299 -20.81 8.25 0.22
CA ALA L 299 -19.83 9.15 -0.39
C ALA L 299 -18.51 9.14 0.36
N ILE L 300 -18.55 9.12 1.70
CA ILE L 300 -17.32 9.06 2.48
C ILE L 300 -16.58 7.77 2.16
N ARG L 301 -17.31 6.65 2.14
CA ARG L 301 -16.69 5.36 1.90
C ARG L 301 -16.13 5.25 0.49
N ARG L 302 -16.82 5.81 -0.50
CA ARG L 302 -16.34 5.75 -1.87
C ARG L 302 -15.15 6.67 -2.10
N THR L 303 -15.12 7.85 -1.47
CA THR L 303 -13.91 8.66 -1.58
C THR L 303 -12.74 8.00 -0.90
N HIS L 304 -12.98 7.32 0.23
CA HIS L 304 -11.89 6.64 0.90
C HIS L 304 -11.35 5.49 0.05
N ASN L 305 -12.23 4.70 -0.55
CA ASN L 305 -11.81 3.54 -1.32
C ASN L 305 -11.47 3.86 -2.76
N GLY L 306 -11.62 5.11 -3.18
CA GLY L 306 -11.31 5.46 -4.55
C GLY L 306 -12.33 5.00 -5.57
N GLU L 307 -13.53 4.61 -5.13
CA GLU L 307 -14.59 4.22 -6.03
C GLU L 307 -15.31 5.46 -6.55
N SER L 308 -16.12 5.26 -7.58
CA SER L 308 -16.83 6.37 -8.21
C SER L 308 -17.86 6.96 -7.27
N VAL L 309 -17.82 8.28 -7.11
CA VAL L 309 -18.79 8.98 -6.28
C VAL L 309 -19.99 9.45 -7.08
N SER L 310 -19.74 9.74 -8.37
CA SER L 310 -20.82 10.21 -9.28
C SER L 310 -21.85 9.10 -9.48
N TYR L 311 -21.53 7.87 -9.05
CA TYR L 311 -22.51 6.76 -9.12
C TYR L 311 -23.73 7.13 -8.29
N LEU L 312 -23.49 7.74 -7.12
CA LEU L 312 -24.60 8.10 -6.19
C LEU L 312 -25.57 9.08 -6.85
N PHE L 313 -25.13 9.85 -7.85
CA PHE L 313 -26.04 10.85 -8.39
C PHE L 313 -27.32 10.22 -8.91
N SER L 314 -27.32 8.92 -9.18
CA SER L 314 -28.47 8.26 -9.77
C SER L 314 -28.95 7.03 -9.01
N HIS L 315 -28.31 6.67 -7.89
CA HIS L 315 -28.64 5.43 -7.20
C HIS L 315 -28.69 5.64 -5.71
N VAL L 316 -29.72 5.08 -5.08
CA VAL L 316 -29.84 5.07 -3.61
C VAL L 316 -29.03 3.91 -3.08
N PRO L 317 -28.07 4.15 -2.17
CA PRO L 317 -27.26 3.08 -1.60
C PRO L 317 -28.00 2.29 -0.52
#